data_8P3P
#
_entry.id   8P3P
#
_cell.length_a   1.00
_cell.length_b   1.00
_cell.length_c   1.00
_cell.angle_alpha   90.00
_cell.angle_beta   90.00
_cell.angle_gamma   90.00
#
_symmetry.space_group_name_H-M   'P 1'
#
_entity_poly.entity_id   1
_entity_poly.type   'polypeptide(L)'
_entity_poly.pdbx_seq_one_letter_code
;MTQPMPGKPAEDAENELDIRGLFRTLWAGKLWIIGMGLAFALIALAYTFFARQEWSSTAITDRPTVNMLGGYYSQQQFLR
NLDVRSNMASADQPSVMDEAYKEFVMQLASWDTRREFWLQTDYYKQRMVGNSKADAALLDEMINNIQFIPGDFTRAVNDS
VKLIAETAPDANNLLRQYVAFASQRAASHLNDELKGAWAARTIQMKAQVKRQEEVAKAIYDRRMNSIEQALKIAEQHNIS
RSATDVPAEELPDSEMFLLGRPMLQAELENLQAVGPAFDLDYDQNRAMLNTLNVGPTLDPRFQTYRYLRTPEEPVKRDSP
RRAFLMIMWGIVGGLIGAGVALTRRCSKEFRVPGSHHHHHHHH
;
_entity_poly.pdbx_strand_id   C,H,A,B,D,E,F,G
#
# COMPACT_ATOMS: atom_id res chain seq x y z
N LEU A 17 56.17 29.78 3.79
CA LEU A 17 56.00 31.06 3.12
C LEU A 17 56.18 32.22 4.10
N ASP A 18 56.57 33.37 3.58
CA ASP A 18 56.79 34.58 4.39
C ASP A 18 55.67 35.56 4.08
N ILE A 19 54.60 35.50 4.87
CA ILE A 19 53.47 36.40 4.67
C ILE A 19 53.88 37.84 4.94
N ARG A 20 54.63 38.08 6.02
CA ARG A 20 55.07 39.43 6.34
C ARG A 20 55.97 40.00 5.25
N GLY A 21 56.90 39.18 4.75
CA GLY A 21 57.76 39.64 3.68
C GLY A 21 57.00 39.87 2.38
N LEU A 22 56.05 38.99 2.08
CA LEU A 22 55.28 39.12 0.84
C LEU A 22 54.34 40.32 0.89
N PHE A 23 53.92 40.73 2.09
CA PHE A 23 52.99 41.86 2.21
C PHE A 23 53.63 43.16 1.73
N ARG A 24 54.91 43.36 2.03
CA ARG A 24 55.59 44.59 1.66
C ARG A 24 55.94 44.66 0.18
N THR A 25 55.85 43.54 -0.55
CA THR A 25 56.21 43.55 -1.97
C THR A 25 55.26 44.41 -2.79
N LEU A 26 53.96 44.32 -2.52
CA LEU A 26 52.96 45.04 -3.30
C LEU A 26 52.70 46.45 -2.77
N TRP A 27 53.40 46.87 -1.71
CA TRP A 27 53.17 48.20 -1.16
C TRP A 27 53.57 49.28 -2.15
N ALA A 28 54.69 49.09 -2.85
CA ALA A 28 55.19 50.09 -3.80
C ALA A 28 54.67 49.88 -5.21
N GLY A 29 53.97 48.78 -5.48
CA GLY A 29 53.49 48.51 -6.83
C GLY A 29 52.01 48.82 -7.03
N LYS A 30 51.44 49.63 -6.14
CA LYS A 30 50.01 49.89 -6.18
C LYS A 30 49.59 50.70 -7.40
N LEU A 31 50.49 51.53 -7.94
CA LEU A 31 50.13 52.39 -9.07
C LEU A 31 49.80 51.56 -10.31
N TRP A 32 50.63 50.56 -10.61
CA TRP A 32 50.37 49.67 -11.74
C TRP A 32 49.06 48.92 -11.56
N ILE A 33 48.82 48.44 -10.33
CA ILE A 33 47.58 47.72 -10.04
C ILE A 33 46.38 48.61 -10.30
N ILE A 34 46.42 49.85 -9.80
CA ILE A 34 45.29 50.76 -9.96
C ILE A 34 45.07 51.08 -11.44
N GLY A 35 46.14 51.38 -12.16
CA GLY A 35 46.01 51.73 -13.57
C GLY A 35 45.45 50.59 -14.40
N MET A 36 45.98 49.38 -14.18
CA MET A 36 45.51 48.24 -14.97
C MET A 36 44.10 47.81 -14.57
N GLY A 37 43.73 47.98 -13.29
CA GLY A 37 42.36 47.75 -12.90
C GLY A 37 41.39 48.73 -13.54
N LEU A 38 41.79 50.00 -13.64
CA LEU A 38 40.97 50.98 -14.34
C LEU A 38 40.84 50.62 -15.82
N ALA A 39 41.94 50.18 -16.44
CA ALA A 39 41.87 49.74 -17.82
C ALA A 39 40.92 48.56 -17.99
N PHE A 40 40.97 47.60 -17.06
CA PHE A 40 40.06 46.46 -17.12
C PHE A 40 38.61 46.89 -16.95
N ALA A 41 38.37 47.85 -16.07
CA ALA A 41 37.01 48.37 -15.89
C ALA A 41 36.51 49.06 -17.16
N LEU A 42 37.39 49.82 -17.83
CA LEU A 42 37.00 50.44 -19.08
C LEU A 42 36.70 49.39 -20.16
N ILE A 43 37.50 48.33 -20.21
CA ILE A 43 37.25 47.25 -21.15
C ILE A 43 35.91 46.59 -20.84
N ALA A 44 35.59 46.43 -19.55
CA ALA A 44 34.30 45.87 -19.16
C ALA A 44 33.15 46.76 -19.60
N LEU A 45 33.30 48.07 -19.44
CA LEU A 45 32.28 49.00 -19.91
C LEU A 45 32.09 48.87 -21.42
N ALA A 46 33.20 48.79 -22.17
CA ALA A 46 33.10 48.63 -23.61
C ALA A 46 32.38 47.34 -23.98
N TYR A 47 32.69 46.25 -23.27
CA TYR A 47 32.02 44.98 -23.54
C TYR A 47 30.52 45.06 -23.23
N THR A 48 30.17 45.72 -22.12
CA THR A 48 28.75 45.86 -21.78
C THR A 48 28.01 46.66 -22.84
N PHE A 49 28.63 47.72 -23.35
CA PHE A 49 27.98 48.50 -24.40
C PHE A 49 27.86 47.74 -25.71
N PHE A 50 28.54 46.62 -25.87
CA PHE A 50 28.51 45.84 -27.10
C PHE A 50 27.62 44.61 -27.01
N ALA A 51 26.87 44.45 -25.91
CA ALA A 51 26.09 43.25 -25.68
C ALA A 51 24.59 43.55 -25.76
N ARG A 52 23.81 42.49 -25.92
CA ARG A 52 22.36 42.61 -25.98
C ARG A 52 21.80 42.87 -24.59
N GLN A 53 20.62 43.49 -24.55
CA GLN A 53 20.02 43.90 -23.29
C GLN A 53 19.57 42.70 -22.46
N GLU A 54 18.85 41.76 -23.08
CA GLU A 54 18.45 40.50 -22.44
C GLU A 54 17.62 40.76 -21.19
N TRP A 55 16.44 41.33 -21.40
CA TRP A 55 15.44 41.46 -20.35
C TRP A 55 14.64 40.17 -20.22
N SER A 56 14.10 39.94 -19.02
CA SER A 56 13.44 38.68 -18.70
C SER A 56 12.10 38.95 -18.01
N SER A 57 11.13 38.08 -18.30
CA SER A 57 9.82 38.13 -17.68
C SER A 57 9.40 36.73 -17.25
N THR A 58 8.58 36.65 -16.20
CA THR A 58 8.23 35.39 -15.58
C THR A 58 6.71 35.29 -15.42
N ALA A 59 6.19 34.07 -15.58
CA ALA A 59 4.78 33.78 -15.36
C ALA A 59 4.66 32.48 -14.58
N ILE A 60 3.66 32.42 -13.70
CA ILE A 60 3.38 31.21 -12.92
C ILE A 60 1.91 30.86 -13.11
N THR A 61 1.64 29.62 -13.46
CA THR A 61 0.30 29.18 -13.84
C THR A 61 -0.16 28.04 -12.92
N ASP A 62 -1.45 27.72 -13.04
CA ASP A 62 -2.06 26.63 -12.29
C ASP A 62 -3.23 26.09 -13.09
N ARG A 63 -3.92 25.09 -12.51
CA ARG A 63 -5.03 24.46 -13.21
C ARG A 63 -6.16 25.47 -13.44
N PRO A 64 -6.88 25.35 -14.55
CA PRO A 64 -7.99 26.27 -14.82
C PRO A 64 -9.16 26.01 -13.88
N THR A 65 -10.02 27.01 -13.78
CA THR A 65 -11.25 26.88 -13.02
C THR A 65 -12.31 26.18 -13.88
N VAL A 66 -13.41 25.78 -13.23
CA VAL A 66 -14.49 25.12 -13.95
C VAL A 66 -15.14 26.08 -14.94
N ASN A 67 -15.25 27.36 -14.56
CA ASN A 67 -15.95 28.33 -15.38
C ASN A 67 -15.21 28.68 -16.67
N MET A 68 -13.89 28.52 -16.71
CA MET A 68 -13.11 28.90 -17.87
C MET A 68 -12.92 27.75 -18.85
N LEU A 69 -13.45 26.58 -18.56
CA LEU A 69 -13.48 25.47 -19.50
C LEU A 69 -14.69 25.53 -20.42
N GLY A 70 -15.52 26.56 -20.28
CA GLY A 70 -16.67 26.73 -21.14
C GLY A 70 -17.58 25.54 -21.08
N GLY A 71 -18.13 25.15 -22.24
CA GLY A 71 -18.91 23.94 -22.32
C GLY A 71 -18.07 22.68 -22.27
N TYR A 72 -16.78 22.78 -22.60
CA TYR A 72 -15.95 21.59 -22.76
C TYR A 72 -16.05 20.68 -21.56
N TYR A 73 -15.84 21.25 -20.37
CA TYR A 73 -15.96 20.52 -19.11
C TYR A 73 -17.19 19.61 -19.12
N SER A 74 -18.38 20.22 -19.28
CA SER A 74 -19.60 19.45 -19.24
C SER A 74 -19.56 18.29 -20.23
N GLN A 75 -19.17 18.58 -21.48
CA GLN A 75 -19.09 17.53 -22.49
C GLN A 75 -18.20 16.41 -22.00
N GLN A 76 -17.01 16.74 -21.53
CA GLN A 76 -16.09 15.70 -21.05
C GLN A 76 -16.74 14.90 -19.95
N GLN A 77 -17.39 15.58 -18.99
CA GLN A 77 -18.05 14.88 -17.90
C GLN A 77 -19.03 13.86 -18.46
N PHE A 78 -19.82 14.26 -19.46
CA PHE A 78 -20.78 13.35 -20.06
C PHE A 78 -20.09 12.07 -20.51
N LEU A 79 -18.99 12.21 -21.26
CA LEU A 79 -18.29 11.03 -21.73
C LEU A 79 -17.82 10.18 -20.56
N ARG A 80 -17.29 10.82 -19.52
CA ARG A 80 -16.85 10.08 -18.36
C ARG A 80 -17.99 9.26 -17.77
N ASN A 81 -19.19 9.84 -17.73
CA ASN A 81 -20.35 9.12 -17.24
C ASN A 81 -20.49 7.78 -17.96
N LEU A 82 -20.40 7.80 -19.28
CA LEU A 82 -20.54 6.57 -20.05
C LEU A 82 -19.43 5.59 -19.68
N ASP A 83 -18.20 6.08 -19.54
CA ASP A 83 -17.09 5.20 -19.18
C ASP A 83 -17.29 4.59 -17.80
N VAL A 84 -18.15 5.18 -16.98
CA VAL A 84 -18.50 4.57 -15.70
C VAL A 84 -19.67 3.60 -15.87
N ARG A 85 -20.63 3.94 -16.72
CA ARG A 85 -21.78 3.07 -16.93
C ARG A 85 -21.37 1.75 -17.57
N SER A 86 -20.50 1.81 -18.58
CA SER A 86 -20.02 0.62 -19.26
C SER A 86 -18.50 0.67 -19.32
N ASN A 87 -17.87 -0.50 -19.26
CA ASN A 87 -16.42 -0.64 -19.32
C ASN A 87 -15.76 0.16 -18.20
N MET A 88 -15.96 -0.33 -16.97
CA MET A 88 -15.52 0.35 -15.76
C MET A 88 -14.09 0.86 -15.89
N ALA A 89 -13.92 2.19 -15.83
CA ALA A 89 -12.61 2.79 -15.98
C ALA A 89 -12.40 4.01 -15.09
N SER A 90 -13.28 4.27 -14.12
CA SER A 90 -13.15 5.47 -13.30
C SER A 90 -11.84 5.47 -12.53
N ALA A 91 -11.70 4.53 -11.58
CA ALA A 91 -10.46 4.36 -10.82
C ALA A 91 -9.98 5.69 -10.22
N ASP A 92 -10.93 6.47 -9.71
CA ASP A 92 -10.71 7.82 -9.18
C ASP A 92 -9.68 8.59 -10.03
N GLN A 93 -10.02 8.75 -11.30
CA GLN A 93 -9.14 9.41 -12.25
C GLN A 93 -9.05 10.90 -11.94
N PRO A 94 -7.99 11.57 -12.40
CA PRO A 94 -7.88 13.02 -12.20
C PRO A 94 -9.01 13.77 -12.90
N SER A 95 -9.38 14.92 -12.34
CA SER A 95 -10.50 15.68 -12.84
C SER A 95 -10.22 16.23 -14.25
N VAL A 96 -11.26 16.78 -14.86
CA VAL A 96 -11.13 17.34 -16.20
C VAL A 96 -10.15 18.51 -16.20
N MET A 97 -10.19 19.32 -15.14
CA MET A 97 -9.27 20.45 -15.04
C MET A 97 -7.82 19.98 -14.97
N ASP A 98 -7.57 18.87 -14.27
CA ASP A 98 -6.21 18.33 -14.20
C ASP A 98 -5.72 17.90 -15.57
N GLU A 99 -6.56 17.23 -16.36
CA GLU A 99 -6.15 16.82 -17.70
C GLU A 99 -5.93 18.02 -18.60
N ALA A 100 -6.80 19.03 -18.52
CA ALA A 100 -6.62 20.24 -19.32
C ALA A 100 -5.32 20.93 -18.97
N TYR A 101 -5.01 21.04 -17.68
CA TYR A 101 -3.75 21.67 -17.27
C TYR A 101 -2.55 20.83 -17.67
N LYS A 102 -2.68 19.50 -17.64
CA LYS A 102 -1.59 18.65 -18.10
C LYS A 102 -1.30 18.88 -19.58
N GLU A 103 -2.35 18.99 -20.39
CA GLU A 103 -2.16 19.28 -21.80
C GLU A 103 -1.54 20.66 -22.00
N PHE A 104 -2.00 21.65 -21.21
CA PHE A 104 -1.44 22.99 -21.31
C PHE A 104 0.04 23.01 -20.95
N VAL A 105 0.42 22.28 -19.89
CA VAL A 105 1.82 22.22 -19.49
C VAL A 105 2.65 21.50 -20.54
N MET A 106 2.09 20.45 -21.15
CA MET A 106 2.80 19.77 -22.23
C MET A 106 3.03 20.70 -23.41
N GLN A 107 2.04 21.52 -23.74
CA GLN A 107 2.21 22.47 -24.85
C GLN A 107 3.17 23.58 -24.49
N LEU A 108 3.19 24.02 -23.23
CA LEU A 108 4.02 25.14 -22.82
C LEU A 108 5.50 24.80 -22.95
N ALA A 109 5.90 23.61 -22.54
CA ALA A 109 7.29 23.19 -22.57
C ALA A 109 7.72 22.62 -23.92
N SER A 110 6.81 22.50 -24.87
CA SER A 110 7.12 21.85 -26.13
C SER A 110 8.05 22.72 -26.98
N TRP A 111 9.07 22.08 -27.55
CA TRP A 111 9.97 22.77 -28.48
C TRP A 111 9.23 23.24 -29.72
N ASP A 112 8.32 22.41 -30.24
CA ASP A 112 7.58 22.77 -31.43
C ASP A 112 6.67 23.98 -31.18
N THR A 113 6.08 24.05 -29.99
CA THR A 113 5.23 25.19 -29.66
C THR A 113 6.03 26.49 -29.66
N ARG A 114 7.21 26.48 -29.05
CA ARG A 114 8.04 27.67 -29.05
C ARG A 114 8.47 28.04 -30.46
N ARG A 115 8.85 27.05 -31.27
CA ARG A 115 9.26 27.33 -32.64
C ARG A 115 8.13 27.97 -33.43
N GLU A 116 6.92 27.40 -33.34
CA GLU A 116 5.80 27.93 -34.10
C GLU A 116 5.35 29.28 -33.56
N PHE A 117 5.50 29.52 -32.25
CA PHE A 117 5.17 30.84 -31.71
C PHE A 117 6.14 31.90 -32.23
N TRP A 118 7.43 31.59 -32.22
CA TRP A 118 8.41 32.55 -32.70
C TRP A 118 8.28 32.79 -34.19
N LEU A 119 7.89 31.78 -34.96
CA LEU A 119 7.82 31.93 -36.41
C LEU A 119 6.75 32.91 -36.86
N GLN A 120 5.80 33.28 -35.99
CA GLN A 120 4.71 34.17 -36.37
C GLN A 120 4.58 35.36 -35.43
N THR A 121 5.63 35.69 -34.67
CA THR A 121 5.50 36.62 -33.56
C THR A 121 5.73 38.07 -33.95
N ASP A 122 6.16 38.35 -35.19
CA ASP A 122 6.37 39.71 -35.70
C ASP A 122 7.53 40.40 -34.99
N TYR A 123 8.11 39.72 -33.99
CA TYR A 123 9.34 40.15 -33.35
C TYR A 123 10.55 39.40 -33.89
N TYR A 124 10.33 38.15 -34.31
CA TYR A 124 11.34 37.40 -35.05
C TYR A 124 11.42 37.86 -36.50
N LYS A 125 10.27 38.17 -37.11
CA LYS A 125 10.25 38.57 -38.52
C LYS A 125 11.02 39.85 -38.75
N GLN A 126 11.00 40.77 -37.79
CA GLN A 126 11.76 42.02 -37.95
C GLN A 126 13.25 41.76 -37.96
N ARG A 127 13.71 40.80 -37.15
CA ARG A 127 15.13 40.47 -37.09
C ARG A 127 15.51 39.36 -38.07
N MET A 128 15.12 39.52 -39.33
CA MET A 128 15.46 38.57 -40.38
C MET A 128 16.29 39.29 -41.42
N VAL A 129 17.49 38.75 -41.70
CA VAL A 129 18.39 39.37 -42.66
C VAL A 129 18.25 38.79 -44.06
N GLY A 130 17.38 37.80 -44.24
CA GLY A 130 17.22 37.15 -45.53
C GLY A 130 18.13 35.97 -45.77
N ASN A 131 19.08 35.70 -44.88
CA ASN A 131 19.98 34.57 -45.01
C ASN A 131 19.42 33.40 -44.21
N SER A 132 19.30 32.24 -44.86
CA SER A 132 18.63 31.10 -44.25
C SER A 132 19.38 30.62 -43.01
N LYS A 133 20.71 30.54 -43.08
CA LYS A 133 21.48 30.04 -41.95
C LYS A 133 21.36 30.95 -40.75
N ALA A 134 21.49 32.27 -40.97
CA ALA A 134 21.39 33.22 -39.87
C ALA A 134 19.99 33.22 -39.27
N ASP A 135 18.97 33.14 -40.12
CA ASP A 135 17.60 33.09 -39.63
C ASP A 135 17.36 31.84 -38.79
N ALA A 136 17.88 30.69 -39.24
CA ALA A 136 17.73 29.46 -38.47
C ALA A 136 18.45 29.56 -37.13
N ALA A 137 19.66 30.13 -37.13
CA ALA A 137 20.39 30.28 -35.87
C ALA A 137 19.65 31.19 -34.90
N LEU A 138 19.12 32.30 -35.41
CA LEU A 138 18.37 33.22 -34.54
C LEU A 138 17.10 32.55 -34.01
N LEU A 139 16.41 31.78 -34.86
CA LEU A 139 15.22 31.07 -34.42
C LEU A 139 15.56 30.08 -33.32
N ASP A 140 16.67 29.35 -33.48
CA ASP A 140 17.09 28.41 -32.44
C ASP A 140 17.42 29.13 -31.14
N GLU A 141 18.12 30.27 -31.23
CA GLU A 141 18.46 31.02 -30.03
C GLU A 141 17.21 31.51 -29.31
N MET A 142 16.23 32.03 -30.05
CA MET A 142 15.03 32.54 -29.42
C MET A 142 14.14 31.41 -28.91
N ILE A 143 14.19 30.24 -29.54
CA ILE A 143 13.51 29.07 -28.98
C ILE A 143 14.13 28.72 -27.63
N ASN A 144 15.46 28.75 -27.55
CA ASN A 144 16.13 28.50 -26.28
C ASN A 144 15.89 29.63 -25.27
N ASN A 145 15.46 30.80 -25.72
CA ASN A 145 15.19 31.89 -24.80
C ASN A 145 14.04 31.56 -23.85
N ILE A 146 12.99 30.91 -24.35
CA ILE A 146 11.87 30.53 -23.51
C ILE A 146 12.24 29.28 -22.72
N GLN A 147 12.06 29.34 -21.41
CA GLN A 147 12.40 28.24 -20.52
C GLN A 147 11.20 27.89 -19.65
N PHE A 148 10.98 26.60 -19.44
CA PHE A 148 9.90 26.10 -18.60
C PHE A 148 10.50 25.36 -17.41
N ILE A 149 10.09 25.76 -16.20
CA ILE A 149 10.54 25.15 -14.97
C ILE A 149 9.35 24.44 -14.34
N PRO A 150 9.27 23.12 -14.41
CA PRO A 150 8.17 22.41 -13.75
C PRO A 150 8.27 22.51 -12.24
N GLY A 151 7.11 22.51 -11.60
CA GLY A 151 7.03 22.59 -10.15
C GLY A 151 6.59 21.27 -9.55
N ASP A 152 7.01 21.03 -8.31
CA ASP A 152 6.63 19.85 -7.56
C ASP A 152 5.92 20.31 -6.29
N PHE A 153 4.83 19.64 -5.96
CA PHE A 153 3.95 20.05 -4.87
C PHE A 153 4.58 19.87 -3.50
N THR A 154 5.73 19.19 -3.41
CA THR A 154 6.32 18.91 -2.10
C THR A 154 6.71 20.19 -1.37
N ARG A 155 7.34 21.13 -2.08
CA ARG A 155 7.71 22.42 -1.49
C ARG A 155 6.77 23.54 -1.92
N ALA A 156 5.59 23.20 -2.44
CA ALA A 156 4.57 24.17 -2.82
C ALA A 156 5.10 25.18 -3.83
N VAL A 157 5.73 24.67 -4.89
CA VAL A 157 6.19 25.49 -6.00
C VAL A 157 5.47 25.03 -7.26
N ASN A 158 4.92 25.99 -8.00
CA ASN A 158 4.12 25.71 -9.18
C ASN A 158 4.97 25.82 -10.44
N ASP A 159 4.39 25.37 -11.55
CA ASP A 159 5.07 25.46 -12.84
C ASP A 159 5.26 26.92 -13.23
N SER A 160 6.43 27.24 -13.76
CA SER A 160 6.73 28.60 -14.16
C SER A 160 7.33 28.60 -15.57
N VAL A 161 7.17 29.73 -16.24
CA VAL A 161 7.72 29.93 -17.58
C VAL A 161 8.41 31.29 -17.62
N LYS A 162 9.62 31.33 -18.15
CA LYS A 162 10.42 32.54 -18.24
C LYS A 162 10.74 32.82 -19.70
N LEU A 163 10.55 34.07 -20.12
CA LEU A 163 10.84 34.49 -21.47
C LEU A 163 11.88 35.60 -21.45
N ILE A 164 12.73 35.63 -22.48
CA ILE A 164 13.81 36.59 -22.58
C ILE A 164 13.68 37.32 -23.92
N ALA A 165 13.72 38.65 -23.86
CA ALA A 165 13.64 39.49 -25.04
C ALA A 165 14.70 40.58 -24.94
N GLU A 166 14.65 41.52 -25.88
CA GLU A 166 15.62 42.61 -25.90
C GLU A 166 15.15 43.85 -25.16
N THR A 167 13.86 43.96 -24.85
CA THR A 167 13.34 45.09 -24.10
C THR A 167 12.30 44.58 -23.10
N ALA A 168 12.08 45.37 -22.06
CA ALA A 168 11.09 45.00 -21.04
C ALA A 168 9.67 44.91 -21.60
N PRO A 169 9.16 45.89 -22.36
CA PRO A 169 7.82 45.72 -22.93
C PRO A 169 7.72 44.50 -23.83
N ASP A 170 8.77 44.21 -24.60
CA ASP A 170 8.79 43.00 -25.41
C ASP A 170 8.77 41.76 -24.52
N ALA A 171 9.57 41.75 -23.46
CA ALA A 171 9.61 40.59 -22.57
C ALA A 171 8.26 40.33 -21.93
N ASN A 172 7.49 41.38 -21.66
CA ASN A 172 6.16 41.19 -21.07
C ASN A 172 5.15 40.73 -22.12
N ASN A 173 5.06 41.46 -23.23
CA ASN A 173 4.05 41.18 -24.23
C ASN A 173 4.27 39.81 -24.87
N LEU A 174 5.52 39.47 -25.18
CA LEU A 174 5.80 38.18 -25.81
C LEU A 174 5.47 37.02 -24.87
N LEU A 175 5.74 37.17 -23.58
CA LEU A 175 5.37 36.10 -22.64
C LEU A 175 3.87 35.95 -22.55
N ARG A 176 3.13 37.07 -22.49
CA ARG A 176 1.68 36.97 -22.48
C ARG A 176 1.15 36.28 -23.73
N GLN A 177 1.68 36.68 -24.90
CA GLN A 177 1.24 36.10 -26.16
C GLN A 177 1.58 34.62 -26.23
N TYR A 178 2.76 34.23 -25.73
CA TYR A 178 3.15 32.83 -25.77
C TYR A 178 2.27 31.99 -24.87
N VAL A 179 1.92 32.49 -23.69
CA VAL A 179 1.03 31.74 -22.81
C VAL A 179 -0.33 31.58 -23.47
N ALA A 180 -0.85 32.65 -24.09
CA ALA A 180 -2.12 32.53 -24.81
C ALA A 180 -2.03 31.54 -25.95
N PHE A 181 -0.90 31.55 -26.68
CA PHE A 181 -0.69 30.65 -27.80
C PHE A 181 -0.70 29.20 -27.34
N ALA A 182 0.02 28.90 -26.26
CA ALA A 182 0.06 27.54 -25.73
C ALA A 182 -1.30 27.11 -25.24
N SER A 183 -2.04 28.02 -24.57
CA SER A 183 -3.38 27.68 -24.11
C SER A 183 -4.30 27.37 -25.28
N GLN A 184 -4.22 28.16 -26.35
CA GLN A 184 -5.07 27.91 -27.51
C GLN A 184 -4.73 26.58 -28.16
N ARG A 185 -3.44 26.25 -28.27
CA ARG A 185 -3.06 24.96 -28.82
C ARG A 185 -3.57 23.81 -27.96
N ALA A 186 -3.45 23.95 -26.64
CA ALA A 186 -3.95 22.91 -25.75
C ALA A 186 -5.46 22.76 -25.88
N ALA A 187 -6.18 23.87 -26.00
CA ALA A 187 -7.63 23.80 -26.17
C ALA A 187 -8.01 23.10 -27.46
N SER A 188 -7.30 23.40 -28.55
CA SER A 188 -7.57 22.73 -29.82
C SER A 188 -7.31 21.24 -29.73
N HIS A 189 -6.20 20.86 -29.08
CA HIS A 189 -5.88 19.45 -28.92
C HIS A 189 -6.94 18.74 -28.08
N LEU A 190 -7.41 19.40 -27.02
CA LEU A 190 -8.45 18.81 -26.17
C LEU A 190 -9.75 18.65 -26.94
N ASN A 191 -10.08 19.61 -27.78
CA ASN A 191 -11.28 19.49 -28.61
C ASN A 191 -11.16 18.32 -29.58
N ASP A 192 -9.99 18.15 -30.18
CA ASP A 192 -9.79 17.00 -31.07
C ASP A 192 -9.91 15.69 -30.32
N GLU A 193 -9.35 15.62 -29.11
CA GLU A 193 -9.47 14.43 -28.29
C GLU A 193 -10.93 14.14 -27.94
N LEU A 194 -11.69 15.19 -27.61
CA LEU A 194 -13.10 15.02 -27.31
C LEU A 194 -13.86 14.48 -28.52
N LYS A 195 -13.57 15.02 -29.71
CA LYS A 195 -14.20 14.51 -30.92
C LYS A 195 -13.88 13.04 -31.15
N GLY A 196 -12.62 12.65 -30.97
CA GLY A 196 -12.25 11.26 -31.18
C GLY A 196 -12.94 10.32 -30.20
N ALA A 197 -12.94 10.70 -28.92
CA ALA A 197 -13.61 9.87 -27.91
C ALA A 197 -15.11 9.78 -28.15
N TRP A 198 -15.72 10.91 -28.55
CA TRP A 198 -17.15 10.90 -28.84
C TRP A 198 -17.47 9.99 -30.01
N ALA A 199 -16.66 10.04 -31.06
CA ALA A 199 -16.88 9.17 -32.21
C ALA A 199 -16.74 7.69 -31.83
N ALA A 200 -15.71 7.38 -31.03
CA ALA A 200 -15.53 5.99 -30.61
C ALA A 200 -16.71 5.51 -29.78
N ARG A 201 -17.18 6.35 -28.85
CA ARG A 201 -18.32 5.98 -28.02
C ARG A 201 -19.59 5.80 -28.86
N THR A 202 -19.80 6.67 -29.84
CA THR A 202 -20.96 6.54 -30.71
C THR A 202 -20.90 5.23 -31.50
N ILE A 203 -19.73 4.88 -32.01
CA ILE A 203 -19.58 3.62 -32.75
C ILE A 203 -19.89 2.44 -31.83
N GLN A 204 -19.35 2.46 -30.61
CA GLN A 204 -19.60 1.37 -29.67
C GLN A 204 -21.08 1.24 -29.33
N MET A 205 -21.75 2.38 -29.11
CA MET A 205 -23.17 2.34 -28.78
C MET A 205 -24.00 1.83 -29.95
N LYS A 206 -23.65 2.24 -31.18
CA LYS A 206 -24.36 1.73 -32.34
C LYS A 206 -24.21 0.21 -32.46
N ALA A 207 -22.99 -0.29 -32.24
CA ALA A 207 -22.77 -1.73 -32.30
C ALA A 207 -23.58 -2.45 -31.23
N GLN A 208 -23.61 -1.89 -30.02
CA GLN A 208 -24.36 -2.52 -28.93
C GLN A 208 -25.86 -2.55 -29.24
N VAL A 209 -26.39 -1.45 -29.78
CA VAL A 209 -27.80 -1.41 -30.13
C VAL A 209 -28.12 -2.41 -31.23
N LYS A 210 -27.24 -2.53 -32.22
CA LYS A 210 -27.45 -3.51 -33.28
C LYS A 210 -27.44 -4.94 -32.72
N ARG A 211 -26.52 -5.22 -31.79
CA ARG A 211 -26.49 -6.54 -31.18
C ARG A 211 -27.77 -6.82 -30.39
N GLN A 212 -28.27 -5.82 -29.66
CA GLN A 212 -29.52 -6.00 -28.94
C GLN A 212 -30.68 -6.29 -29.89
N GLU A 213 -30.73 -5.56 -31.00
CA GLU A 213 -31.78 -5.80 -31.99
C GLU A 213 -31.68 -7.21 -32.56
N GLU A 214 -30.46 -7.66 -32.84
CA GLU A 214 -30.27 -9.01 -33.40
C GLU A 214 -30.68 -10.08 -32.39
N VAL A 215 -30.37 -9.88 -31.11
CA VAL A 215 -30.77 -10.84 -30.08
C VAL A 215 -32.29 -10.91 -29.99
N ALA A 216 -32.95 -9.75 -29.99
CA ALA A 216 -34.41 -9.73 -29.92
C ALA A 216 -35.01 -10.39 -31.16
N LYS A 217 -34.41 -10.15 -32.33
CA LYS A 217 -34.91 -10.79 -33.55
C LYS A 217 -34.75 -12.30 -33.48
N ALA A 218 -33.63 -12.79 -32.93
CA ALA A 218 -33.44 -14.22 -32.80
C ALA A 218 -34.49 -14.84 -31.88
N ILE A 219 -34.76 -14.20 -30.75
CA ILE A 219 -35.79 -14.72 -29.83
C ILE A 219 -37.15 -14.71 -30.52
N TYR A 220 -37.47 -13.63 -31.22
CA TYR A 220 -38.75 -13.53 -31.93
C TYR A 220 -38.87 -14.61 -33.00
N ASP A 221 -37.79 -14.87 -33.72
CA ASP A 221 -37.81 -15.92 -34.74
C ASP A 221 -38.01 -17.30 -34.11
N ARG A 222 -37.37 -17.54 -32.96
CA ARG A 222 -37.58 -18.81 -32.27
C ARG A 222 -39.04 -18.98 -31.86
N ARG A 223 -39.64 -17.92 -31.32
CA ARG A 223 -41.05 -18.01 -30.94
C ARG A 223 -41.96 -18.21 -32.15
N MET A 224 -41.66 -17.53 -33.26
CA MET A 224 -42.40 -17.73 -34.49
C MET A 224 -42.32 -19.18 -34.96
N ASN A 225 -41.12 -19.75 -34.92
CA ASN A 225 -40.95 -21.13 -35.36
C ASN A 225 -41.72 -22.09 -34.45
N SER A 226 -41.68 -21.85 -33.15
CA SER A 226 -42.42 -22.71 -32.22
C SER A 226 -43.92 -22.65 -32.49
N ILE A 227 -44.44 -21.44 -32.70
CA ILE A 227 -45.87 -21.31 -32.98
C ILE A 227 -46.24 -21.97 -34.30
N GLU A 228 -45.41 -21.79 -35.34
CA GLU A 228 -45.71 -22.42 -36.62
C GLU A 228 -45.68 -23.93 -36.53
N GLN A 229 -44.69 -24.49 -35.81
CA GLN A 229 -44.63 -25.93 -35.65
C GLN A 229 -45.83 -26.46 -34.88
N ALA A 230 -46.23 -25.76 -33.81
CA ALA A 230 -47.40 -26.18 -33.05
C ALA A 230 -48.64 -26.14 -33.92
N LEU A 231 -48.81 -25.09 -34.71
CA LEU A 231 -49.97 -25.00 -35.60
C LEU A 231 -49.99 -26.12 -36.62
N LYS A 232 -48.83 -26.41 -37.22
CA LYS A 232 -48.76 -27.46 -38.24
C LYS A 232 -49.08 -28.82 -37.64
N ILE A 233 -48.48 -29.15 -36.49
CA ILE A 233 -48.73 -30.45 -35.90
C ILE A 233 -50.17 -30.57 -35.43
N ALA A 234 -50.74 -29.49 -34.90
CA ALA A 234 -52.14 -29.53 -34.46
C ALA A 234 -53.08 -29.75 -35.64
N GLU A 235 -52.87 -29.02 -36.74
CA GLU A 235 -53.76 -29.17 -37.88
C GLU A 235 -53.58 -30.52 -38.56
N GLN A 236 -52.37 -31.10 -38.50
CA GLN A 236 -52.17 -32.41 -39.09
C GLN A 236 -52.79 -33.51 -38.22
N HIS A 237 -52.65 -33.39 -36.89
CA HIS A 237 -53.13 -34.44 -36.00
C HIS A 237 -54.65 -34.41 -35.87
N ASN A 238 -55.24 -33.22 -35.76
CA ASN A 238 -56.66 -33.10 -35.46
C ASN A 238 -57.52 -33.09 -36.72
N ILE A 239 -57.32 -32.13 -37.60
CA ILE A 239 -58.19 -31.99 -38.77
C ILE A 239 -57.97 -33.14 -39.74
N SER A 240 -56.71 -33.45 -40.06
CA SER A 240 -56.42 -34.43 -41.09
C SER A 240 -56.67 -35.86 -40.62
N ARG A 241 -56.26 -36.19 -39.39
CA ARG A 241 -56.28 -37.57 -38.91
C ARG A 241 -57.44 -37.87 -37.97
N SER A 242 -58.37 -36.92 -37.80
CA SER A 242 -59.48 -37.14 -36.90
C SER A 242 -60.68 -36.31 -37.38
N ALA A 243 -61.86 -36.70 -36.90
CA ALA A 243 -63.09 -35.97 -37.21
C ALA A 243 -63.30 -34.76 -36.31
N THR A 244 -62.52 -34.62 -35.24
CA THR A 244 -62.65 -33.47 -34.37
C THR A 244 -62.24 -32.20 -35.10
N ASP A 245 -63.03 -31.14 -34.92
CA ASP A 245 -62.81 -29.88 -35.60
C ASP A 245 -63.50 -28.77 -34.81
N VAL A 246 -63.64 -27.60 -35.44
CA VAL A 246 -64.33 -26.48 -34.77
C VAL A 246 -65.75 -26.83 -34.38
N PRO A 247 -66.58 -27.48 -35.21
CA PRO A 247 -67.97 -27.77 -34.80
C PRO A 247 -68.08 -28.74 -33.63
N ALA A 248 -66.98 -29.19 -33.04
CA ALA A 248 -67.04 -30.06 -31.87
C ALA A 248 -67.47 -29.32 -30.61
N GLU A 249 -67.59 -27.98 -30.67
CA GLU A 249 -68.02 -27.15 -29.55
C GLU A 249 -67.04 -27.24 -28.39
N GLU A 250 -67.48 -26.81 -27.21
CA GLU A 250 -66.63 -26.75 -26.01
C GLU A 250 -65.43 -25.84 -26.22
N LEU A 251 -65.57 -24.83 -27.09
CA LEU A 251 -64.47 -23.92 -27.35
C LEU A 251 -64.03 -23.11 -26.13
N PRO A 252 -64.94 -22.49 -25.34
CA PRO A 252 -64.46 -21.63 -24.25
C PRO A 252 -63.66 -22.35 -23.17
N ASP A 253 -64.22 -23.39 -22.58
CA ASP A 253 -63.60 -24.07 -21.43
C ASP A 253 -63.47 -25.56 -21.73
N SER A 254 -62.35 -25.94 -22.36
CA SER A 254 -62.04 -27.35 -22.55
C SER A 254 -60.55 -27.63 -22.37
N GLU A 255 -59.79 -26.71 -21.77
CA GLU A 255 -58.36 -26.87 -21.56
C GLU A 255 -57.61 -27.07 -22.87
N MET A 256 -57.37 -28.33 -23.23
CA MET A 256 -56.61 -28.64 -24.44
C MET A 256 -57.34 -28.11 -25.67
N PHE A 257 -58.64 -28.36 -25.77
CA PHE A 257 -59.40 -27.91 -26.93
C PHE A 257 -59.55 -26.40 -26.99
N LEU A 258 -59.38 -25.70 -25.87
CA LEU A 258 -59.42 -24.24 -25.89
C LEU A 258 -58.28 -23.68 -26.73
N LEU A 259 -57.08 -24.23 -26.57
CA LEU A 259 -55.91 -23.83 -27.37
C LEU A 259 -55.89 -24.73 -28.59
N GLY A 260 -56.35 -24.20 -29.72
CA GLY A 260 -56.39 -24.98 -30.95
C GLY A 260 -56.01 -24.16 -32.16
N ARG A 261 -56.59 -24.51 -33.32
CA ARG A 261 -56.30 -23.77 -34.54
C ARG A 261 -56.66 -22.29 -34.44
N PRO A 262 -57.84 -21.89 -33.95
CA PRO A 262 -58.12 -20.44 -33.89
C PRO A 262 -57.20 -19.68 -32.96
N MET A 263 -56.97 -20.18 -31.75
CA MET A 263 -56.09 -19.49 -30.80
C MET A 263 -54.67 -19.44 -31.32
N LEU A 264 -54.17 -20.54 -31.89
CA LEU A 264 -52.82 -20.55 -32.42
C LEU A 264 -52.66 -19.60 -33.58
N GLN A 265 -53.65 -19.55 -34.48
CA GLN A 265 -53.59 -18.61 -35.60
C GLN A 265 -53.64 -17.17 -35.12
N ALA A 266 -54.47 -16.88 -34.12
CA ALA A 266 -54.54 -15.53 -33.57
C ALA A 266 -53.23 -15.14 -32.92
N GLU A 267 -52.60 -16.07 -32.19
CA GLU A 267 -51.31 -15.80 -31.58
C GLU A 267 -50.25 -15.54 -32.65
N LEU A 268 -50.27 -16.35 -33.72
CA LEU A 268 -49.31 -16.15 -34.81
C LEU A 268 -49.47 -14.78 -35.44
N GLU A 269 -50.71 -14.38 -35.72
CA GLU A 269 -50.95 -13.07 -36.32
C GLU A 269 -50.54 -11.94 -35.39
N ASN A 270 -50.87 -12.07 -34.10
CA ASN A 270 -50.51 -11.04 -33.14
C ASN A 270 -49.00 -10.89 -33.00
N LEU A 271 -48.27 -12.01 -32.94
CA LEU A 271 -46.82 -11.94 -32.85
C LEU A 271 -46.22 -11.37 -34.13
N GLN A 272 -46.79 -11.72 -35.29
CA GLN A 272 -46.31 -11.14 -36.54
C GLN A 272 -46.52 -9.63 -36.57
N ALA A 273 -47.66 -9.17 -36.07
CA ALA A 273 -47.96 -7.74 -36.11
C ALA A 273 -47.11 -6.96 -35.11
N VAL A 274 -46.96 -7.47 -33.89
CA VAL A 274 -46.27 -6.73 -32.84
C VAL A 274 -44.78 -6.63 -33.16
N GLY A 275 -44.15 -7.75 -33.52
CA GLY A 275 -42.74 -7.76 -33.81
C GLY A 275 -41.92 -8.17 -32.60
N PRO A 276 -40.58 -8.05 -32.71
CA PRO A 276 -39.71 -8.44 -31.61
C PRO A 276 -39.95 -7.58 -30.38
N ALA A 277 -39.71 -8.19 -29.21
CA ALA A 277 -39.92 -7.53 -27.93
C ALA A 277 -38.60 -7.00 -27.39
N PHE A 278 -38.60 -5.75 -26.95
CA PHE A 278 -37.43 -5.08 -26.42
C PHE A 278 -37.65 -4.72 -24.96
N ASP A 279 -36.55 -4.68 -24.21
CA ASP A 279 -36.59 -4.38 -22.79
C ASP A 279 -36.28 -2.90 -22.55
N LEU A 280 -36.23 -2.53 -21.26
CA LEU A 280 -35.93 -1.15 -20.90
C LEU A 280 -34.51 -0.76 -21.27
N ASP A 281 -33.57 -1.71 -21.18
CA ASP A 281 -32.19 -1.41 -21.52
C ASP A 281 -32.05 -0.99 -22.97
N TYR A 282 -32.80 -1.63 -23.88
CA TYR A 282 -32.75 -1.26 -25.28
C TYR A 282 -33.22 0.18 -25.49
N ASP A 283 -34.32 0.56 -24.83
CA ASP A 283 -34.83 1.92 -25.00
C ASP A 283 -33.87 2.94 -24.40
N GLN A 284 -33.27 2.63 -23.25
CA GLN A 284 -32.30 3.54 -22.66
C GLN A 284 -31.08 3.71 -23.58
N ASN A 285 -30.60 2.60 -24.16
CA ASN A 285 -29.49 2.68 -25.09
C ASN A 285 -29.87 3.48 -26.33
N ARG A 286 -31.11 3.32 -26.81
CA ARG A 286 -31.55 4.09 -27.96
C ARG A 286 -31.58 5.58 -27.66
N ALA A 287 -32.08 5.96 -26.48
CA ALA A 287 -32.08 7.37 -26.12
C ALA A 287 -30.67 7.92 -25.98
N MET A 288 -29.77 7.14 -25.37
CA MET A 288 -28.38 7.59 -25.24
C MET A 288 -27.71 7.72 -26.60
N LEU A 289 -28.03 6.82 -27.53
CA LEU A 289 -27.51 6.92 -28.88
C LEU A 289 -28.07 8.14 -29.60
N ASN A 290 -29.33 8.47 -29.34
CA ASN A 290 -29.91 9.69 -29.91
C ASN A 290 -29.17 10.92 -29.41
N THR A 291 -28.86 10.96 -28.12
CA THR A 291 -28.10 12.10 -27.59
C THR A 291 -26.67 12.11 -28.08
N LEU A 292 -26.10 10.93 -28.36
CA LEU A 292 -24.74 10.87 -28.89
C LEU A 292 -24.66 11.28 -30.34
N ASN A 293 -25.74 11.07 -31.11
CA ASN A 293 -25.71 11.34 -32.54
C ASN A 293 -25.72 12.82 -32.86
N VAL A 294 -26.14 13.68 -31.90
CA VAL A 294 -26.16 15.11 -32.17
C VAL A 294 -24.73 15.66 -32.27
N GLY A 295 -23.77 14.96 -31.66
CA GLY A 295 -22.38 15.36 -31.75
C GLY A 295 -22.00 16.34 -30.65
N PRO A 296 -20.72 16.35 -30.29
CA PRO A 296 -20.25 17.31 -29.28
C PRO A 296 -20.25 18.73 -29.82
N THR A 297 -20.44 19.68 -28.92
CA THR A 297 -20.37 21.10 -29.25
C THR A 297 -18.96 21.58 -28.97
N LEU A 298 -18.16 21.74 -30.02
CA LEU A 298 -16.75 22.12 -29.88
C LEU A 298 -16.65 23.64 -29.83
N ASP A 299 -16.48 24.18 -28.63
CA ASP A 299 -16.22 25.61 -28.48
C ASP A 299 -14.73 25.83 -28.39
N PRO A 300 -14.13 26.57 -29.32
CA PRO A 300 -12.70 26.87 -29.19
C PRO A 300 -12.45 27.96 -28.17
N ARG A 301 -11.21 28.43 -28.07
CA ARG A 301 -10.82 29.58 -27.26
C ARG A 301 -11.38 29.52 -25.84
N PHE A 302 -11.31 28.33 -25.23
CA PHE A 302 -11.53 28.19 -23.80
C PHE A 302 -10.19 28.04 -23.11
N GLN A 303 -10.08 28.62 -21.91
CA GLN A 303 -8.80 28.73 -21.24
C GLN A 303 -8.46 27.44 -20.51
N THR A 304 -7.21 27.01 -20.64
CA THR A 304 -6.73 25.78 -20.04
C THR A 304 -5.75 26.02 -18.89
N TYR A 305 -5.73 27.23 -18.36
CA TYR A 305 -4.81 27.59 -17.29
C TYR A 305 -5.40 28.74 -16.50
N ARG A 306 -4.78 29.04 -15.36
CA ARG A 306 -5.07 30.26 -14.62
C ARG A 306 -3.76 30.82 -14.10
N TYR A 307 -3.71 32.14 -13.98
CA TYR A 307 -2.49 32.85 -13.63
C TYR A 307 -2.34 32.93 -12.12
N LEU A 308 -1.25 32.40 -11.60
CA LEU A 308 -0.84 32.69 -10.23
C LEU A 308 0.11 33.86 -10.16
N ARG A 309 0.88 34.08 -11.24
CA ARG A 309 1.71 35.28 -11.39
C ARG A 309 1.66 35.67 -12.86
N THR A 310 0.99 36.78 -13.14
CA THR A 310 0.89 37.29 -14.50
C THR A 310 2.22 37.93 -14.93
N PRO A 311 2.61 37.79 -16.19
CA PRO A 311 3.83 38.47 -16.65
C PRO A 311 3.73 39.98 -16.48
N GLU A 312 4.85 40.59 -16.13
CA GLU A 312 4.94 42.04 -15.97
C GLU A 312 6.27 42.51 -16.56
N GLU A 313 6.34 43.81 -16.81
CA GLU A 313 7.58 44.38 -17.32
C GLU A 313 8.67 44.29 -16.27
N PRO A 314 9.84 43.74 -16.60
CA PRO A 314 10.93 43.68 -15.62
C PRO A 314 11.41 45.08 -15.24
N VAL A 315 11.89 45.20 -14.01
CA VAL A 315 12.38 46.50 -13.54
C VAL A 315 13.87 46.66 -13.85
N LYS A 316 14.63 45.56 -13.87
CA LYS A 316 16.05 45.61 -14.13
C LYS A 316 16.43 44.58 -15.18
N ARG A 317 17.43 44.91 -15.98
CA ARG A 317 17.91 44.00 -17.02
C ARG A 317 18.62 42.80 -16.39
N ASP A 318 18.48 41.64 -17.05
CA ASP A 318 19.19 40.45 -16.60
C ASP A 318 20.66 40.49 -16.99
N SER A 319 20.98 41.10 -18.11
CA SER A 319 22.34 41.21 -18.63
C SER A 319 22.57 42.65 -19.09
N PRO A 320 23.83 43.11 -19.10
CA PRO A 320 25.05 42.43 -18.67
C PRO A 320 25.43 42.72 -17.22
N ARG A 321 24.49 43.22 -16.41
CA ARG A 321 24.68 43.51 -14.99
C ARG A 321 26.02 44.21 -14.73
N ARG A 322 26.14 45.44 -15.23
CA ARG A 322 27.37 46.23 -15.21
C ARG A 322 28.17 46.13 -13.91
N ALA A 323 27.48 46.16 -12.77
CA ALA A 323 28.18 46.17 -11.48
C ALA A 323 29.01 44.90 -11.28
N PHE A 324 28.42 43.74 -11.57
CA PHE A 324 29.12 42.48 -11.40
C PHE A 324 30.33 42.40 -12.34
N LEU A 325 30.15 42.84 -13.59
CA LEU A 325 31.26 42.82 -14.53
C LEU A 325 32.39 43.74 -14.08
N MET A 326 32.04 44.94 -13.61
CA MET A 326 33.04 45.86 -13.09
C MET A 326 33.80 45.21 -11.93
N ILE A 327 33.08 44.61 -10.98
CA ILE A 327 33.73 44.04 -9.82
C ILE A 327 34.66 42.91 -10.22
N MET A 328 34.19 42.01 -11.09
CA MET A 328 34.99 40.85 -11.46
C MET A 328 36.21 41.25 -12.27
N TRP A 329 36.03 42.15 -13.25
CA TRP A 329 37.17 42.57 -14.07
C TRP A 329 38.16 43.38 -13.25
N GLY A 330 37.69 44.20 -12.33
CA GLY A 330 38.60 44.93 -11.46
C GLY A 330 39.38 44.00 -10.55
N ILE A 331 38.73 42.97 -10.02
CA ILE A 331 39.42 42.00 -9.18
C ILE A 331 40.49 41.26 -9.98
N VAL A 332 40.15 40.84 -11.20
CA VAL A 332 41.11 40.14 -12.04
C VAL A 332 42.30 41.05 -12.37
N GLY A 333 42.01 42.30 -12.75
CA GLY A 333 43.07 43.24 -13.06
C GLY A 333 43.97 43.52 -11.87
N GLY A 334 43.37 43.67 -10.69
CA GLY A 334 44.15 43.87 -9.49
C GLY A 334 45.04 42.68 -9.16
N LEU A 335 44.50 41.47 -9.31
CA LEU A 335 45.29 40.27 -9.05
C LEU A 335 46.48 40.17 -10.00
N ILE A 336 46.24 40.38 -11.30
CA ILE A 336 47.33 40.24 -12.26
C ILE A 336 48.33 41.39 -12.10
N GLY A 337 47.85 42.57 -11.72
CA GLY A 337 48.78 43.66 -11.45
C GLY A 337 49.63 43.42 -10.22
N ALA A 338 49.05 42.84 -9.17
CA ALA A 338 49.84 42.47 -8.00
C ALA A 338 50.87 41.42 -8.36
N GLY A 339 50.49 40.44 -9.18
CA GLY A 339 51.46 39.46 -9.64
C GLY A 339 52.59 40.09 -10.43
N VAL A 340 52.26 41.02 -11.33
CA VAL A 340 53.29 41.70 -12.11
C VAL A 340 54.22 42.50 -11.21
N ALA A 341 53.66 43.22 -10.23
CA ALA A 341 54.49 43.99 -9.31
C ALA A 341 55.39 43.07 -8.48
N LEU A 342 54.87 41.92 -8.06
CA LEU A 342 55.69 40.96 -7.33
C LEU A 342 56.83 40.44 -8.19
N THR A 343 56.55 40.15 -9.47
CA THR A 343 57.59 39.65 -10.36
C THR A 343 58.64 40.70 -10.68
N ARG A 344 58.32 41.98 -10.51
CA ARG A 344 59.28 43.05 -10.79
C ARG A 344 60.20 43.35 -9.62
N ARG A 345 59.92 42.79 -8.44
CA ARG A 345 60.77 43.06 -7.28
C ARG A 345 62.16 42.45 -7.47
N CYS A 346 62.24 41.23 -7.97
CA CYS A 346 63.53 40.58 -8.19
C CYS A 346 64.17 40.98 -9.52
N SER A 347 63.47 41.74 -10.36
CA SER A 347 64.05 42.18 -11.62
C SER A 347 65.12 43.24 -11.42
N LYS A 348 65.18 43.85 -10.24
CA LYS A 348 66.18 44.88 -9.95
C LYS A 348 67.34 44.29 -9.16
N LEU B 17 59.00 28.95 -4.38
CA LEU B 17 58.59 29.20 -5.76
C LEU B 17 58.97 30.62 -6.18
N ASP B 18 60.01 30.73 -7.01
CA ASP B 18 60.49 32.02 -7.49
C ASP B 18 59.73 32.40 -8.75
N ILE B 19 58.50 32.89 -8.55
CA ILE B 19 57.68 33.31 -9.68
C ILE B 19 58.26 34.54 -10.35
N ARG B 20 58.98 35.38 -9.59
CA ARG B 20 59.59 36.58 -10.17
C ARG B 20 60.60 36.22 -11.24
N GLY B 21 61.45 35.24 -10.96
CA GLY B 21 62.34 34.72 -12.00
C GLY B 21 61.60 33.99 -13.10
N LEU B 22 60.51 33.32 -12.74
CA LEU B 22 59.73 32.58 -13.74
C LEU B 22 59.15 33.51 -14.79
N PHE B 23 58.74 34.72 -14.37
CA PHE B 23 58.24 35.69 -15.33
C PHE B 23 59.29 36.06 -16.36
N ARG B 24 60.53 36.30 -15.91
CA ARG B 24 61.62 36.60 -16.84
C ARG B 24 61.91 35.40 -17.74
N THR B 25 61.88 34.19 -17.18
CA THR B 25 62.14 32.99 -17.99
C THR B 25 61.11 32.86 -19.11
N LEU B 26 59.82 33.06 -18.79
CA LEU B 26 58.80 32.94 -19.82
C LEU B 26 58.84 34.11 -20.80
N TRP B 27 59.25 35.29 -20.33
CA TRP B 27 59.37 36.44 -21.23
C TRP B 27 60.50 36.22 -22.24
N ALA B 28 61.61 35.62 -21.80
CA ALA B 28 62.75 35.42 -22.69
C ALA B 28 62.42 34.44 -23.81
N GLY B 29 61.70 33.36 -23.50
CA GLY B 29 61.44 32.31 -24.46
C GLY B 29 60.05 32.32 -25.07
N LYS B 30 59.44 33.50 -25.15
CA LYS B 30 58.07 33.60 -25.66
C LYS B 30 57.97 33.22 -27.14
N LEU B 31 59.03 33.47 -27.92
CA LEU B 31 58.98 33.22 -29.35
C LEU B 31 58.78 31.74 -29.65
N TRP B 32 59.52 30.87 -28.95
CA TRP B 32 59.37 29.44 -29.15
C TRP B 32 57.98 28.97 -28.76
N ILE B 33 57.46 29.49 -27.65
CA ILE B 33 56.11 29.11 -27.21
C ILE B 33 55.09 29.49 -28.27
N ILE B 34 55.17 30.72 -28.79
CA ILE B 34 54.22 31.19 -29.78
C ILE B 34 54.32 30.35 -31.05
N GLY B 35 55.54 30.08 -31.51
CA GLY B 35 55.71 29.31 -32.72
C GLY B 35 55.18 27.89 -32.60
N MET B 36 55.48 27.23 -31.49
CA MET B 36 55.00 25.86 -31.32
C MET B 36 53.50 25.81 -31.11
N GLY B 37 52.92 26.82 -30.43
CA GLY B 37 51.47 26.89 -30.33
C GLY B 37 50.81 27.08 -31.68
N LEU B 38 51.40 27.92 -32.54
CA LEU B 38 50.86 28.11 -33.88
C LEU B 38 50.97 26.82 -34.69
N ALA B 39 52.09 26.09 -34.55
CA ALA B 39 52.21 24.81 -35.25
C ALA B 39 51.18 23.81 -34.77
N PHE B 40 50.93 23.77 -33.46
CA PHE B 40 49.90 22.88 -32.93
C PHE B 40 48.52 23.26 -33.44
N ALA B 41 48.25 24.57 -33.52
CA ALA B 41 46.97 25.02 -34.08
C ALA B 41 46.83 24.63 -35.53
N LEU B 42 47.91 24.71 -36.30
CA LEU B 42 47.87 24.29 -37.71
C LEU B 42 47.60 22.80 -37.81
N ILE B 43 48.23 21.99 -36.95
CA ILE B 43 47.97 20.55 -36.93
C ILE B 43 46.51 20.28 -36.60
N ALA B 44 45.96 21.01 -35.63
CA ALA B 44 44.56 20.85 -35.28
C ALA B 44 43.65 21.24 -36.44
N LEU B 45 44.00 22.29 -37.17
CA LEU B 45 43.23 22.68 -38.34
C LEU B 45 43.24 21.58 -39.40
N ALA B 46 44.40 20.99 -39.64
CA ALA B 46 44.48 19.89 -40.60
C ALA B 46 43.64 18.71 -40.16
N TYR B 47 43.70 18.35 -38.87
CA TYR B 47 42.90 17.24 -38.37
C TYR B 47 41.41 17.53 -38.48
N THR B 48 41.01 18.78 -38.20
CA THR B 48 39.62 19.16 -38.31
C THR B 48 39.12 19.04 -39.75
N PHE B 49 39.92 19.51 -40.70
CA PHE B 49 39.52 19.36 -42.11
C PHE B 49 39.68 17.93 -42.61
N PHE B 50 40.35 17.06 -41.87
CA PHE B 50 40.48 15.66 -42.25
C PHE B 50 39.45 14.76 -41.58
N ALA B 51 38.48 15.33 -40.86
CA ALA B 51 37.50 14.57 -40.11
C ALA B 51 36.13 14.61 -40.79
N ARG B 52 35.20 13.86 -40.24
CA ARG B 52 33.85 13.79 -40.77
C ARG B 52 32.97 14.90 -40.19
N GLN B 53 31.90 15.23 -40.91
CA GLN B 53 31.08 16.38 -40.57
C GLN B 53 30.30 16.16 -39.28
N GLU B 54 29.61 15.03 -39.17
CA GLU B 54 28.93 14.60 -37.94
C GLU B 54 27.93 15.66 -37.45
N TRP B 55 26.89 15.86 -38.25
CA TRP B 55 25.75 16.66 -37.84
C TRP B 55 24.73 15.78 -37.11
N SER B 56 23.92 16.40 -36.26
CA SER B 56 23.00 15.65 -35.42
C SER B 56 21.67 16.38 -35.31
N SER B 57 20.59 15.60 -35.21
CA SER B 57 19.25 16.11 -35.03
C SER B 57 18.53 15.32 -33.94
N THR B 58 17.56 15.96 -33.31
CA THR B 58 16.88 15.41 -32.14
C THR B 58 15.37 15.45 -32.34
N ALA B 59 14.69 14.45 -31.78
CA ALA B 59 13.24 14.38 -31.77
C ALA B 59 12.77 13.95 -30.39
N ILE B 60 11.63 14.50 -29.97
CA ILE B 60 11.03 14.16 -28.69
C ILE B 60 9.58 13.77 -28.92
N THR B 61 9.18 12.61 -28.40
CA THR B 61 7.88 12.03 -28.66
C THR B 61 7.11 11.79 -27.37
N ASP B 62 5.82 11.54 -27.51
CA ASP B 62 4.95 11.22 -26.39
C ASP B 62 3.88 10.24 -26.86
N ARG B 63 2.99 9.86 -25.94
CA ARG B 63 1.95 8.90 -26.26
C ARG B 63 1.02 9.45 -27.33
N PRO B 64 0.51 8.60 -28.21
CA PRO B 64 -0.43 9.08 -29.24
C PRO B 64 -1.77 9.42 -28.64
N THR B 65 -2.64 9.96 -29.49
CA THR B 65 -3.99 10.32 -29.10
C THR B 65 -5.00 9.38 -29.76
N VAL B 66 -6.21 9.39 -29.22
CA VAL B 66 -7.28 8.54 -29.75
C VAL B 66 -7.55 8.85 -31.21
N ASN B 67 -7.36 10.11 -31.61
CA ASN B 67 -7.73 10.51 -32.96
C ASN B 67 -6.86 9.85 -34.02
N MET B 68 -5.56 9.72 -33.76
CA MET B 68 -4.67 9.13 -34.76
C MET B 68 -4.37 7.65 -34.51
N LEU B 69 -5.14 7.00 -33.63
CA LEU B 69 -5.14 5.54 -33.54
C LEU B 69 -6.09 4.90 -34.54
N GLY B 70 -6.70 5.71 -35.41
CA GLY B 70 -7.57 5.20 -36.45
C GLY B 70 -8.72 4.42 -35.85
N GLY B 71 -9.12 3.37 -36.57
CA GLY B 71 -10.07 2.43 -36.00
C GLY B 71 -9.48 1.54 -34.94
N TYR B 72 -8.15 1.41 -34.91
CA TYR B 72 -7.52 0.41 -34.06
C TYR B 72 -8.00 0.53 -32.62
N TYR B 73 -7.96 1.74 -32.07
CA TYR B 73 -8.43 2.00 -30.72
C TYR B 73 -9.75 1.30 -30.45
N SER B 74 -10.77 1.63 -31.26
CA SER B 74 -12.10 1.06 -31.06
C SER B 74 -12.02 -0.46 -31.01
N GLN B 75 -11.36 -1.06 -32.01
CA GLN B 75 -11.22 -2.51 -32.04
C GLN B 75 -10.65 -3.02 -30.74
N GLN B 76 -9.53 -2.44 -30.31
CA GLN B 76 -8.90 -2.88 -29.07
C GLN B 76 -9.87 -2.76 -27.91
N GLN B 77 -10.57 -1.62 -27.84
CA GLN B 77 -11.52 -1.43 -26.75
C GLN B 77 -12.56 -2.54 -26.74
N PHE B 78 -13.07 -2.90 -27.93
CA PHE B 78 -14.03 -3.98 -28.00
C PHE B 78 -13.48 -5.23 -27.34
N LEU B 79 -12.26 -5.62 -27.69
CA LEU B 79 -11.68 -6.82 -27.11
C LEU B 79 -11.57 -6.69 -25.59
N ARG B 80 -11.19 -5.49 -25.12
CA ARG B 80 -11.06 -5.30 -23.69
C ARG B 80 -12.38 -5.54 -22.98
N ASN B 81 -13.50 -5.14 -23.60
CA ASN B 81 -14.80 -5.45 -23.02
C ASN B 81 -14.99 -6.95 -22.90
N LEU B 82 -14.66 -7.68 -23.97
CA LEU B 82 -14.76 -9.13 -23.91
C LEU B 82 -13.82 -9.71 -22.87
N ASP B 83 -12.81 -8.96 -22.46
CA ASP B 83 -11.86 -9.42 -21.45
C ASP B 83 -12.26 -9.04 -20.03
N VAL B 84 -13.29 -8.22 -19.85
CA VAL B 84 -13.74 -7.88 -18.51
C VAL B 84 -15.05 -8.58 -18.13
N ARG B 85 -15.83 -9.05 -19.12
CA ARG B 85 -16.90 -10.00 -18.83
C ARG B 85 -16.35 -11.35 -18.43
N SER B 86 -15.24 -11.77 -19.03
CA SER B 86 -14.61 -13.05 -18.74
C SER B 86 -13.18 -12.82 -18.28
N ASN B 87 -12.80 -13.47 -17.17
CA ASN B 87 -11.49 -13.36 -16.54
C ASN B 87 -11.30 -12.02 -15.84
N MET B 88 -12.26 -11.10 -16.04
CA MET B 88 -12.30 -9.77 -15.44
C MET B 88 -11.16 -8.87 -15.90
N ALA B 89 -10.23 -9.37 -16.72
CA ALA B 89 -9.02 -8.65 -17.08
C ALA B 89 -8.38 -7.99 -15.86
N SER B 90 -8.07 -6.71 -15.98
CA SER B 90 -7.57 -5.91 -14.87
C SER B 90 -8.31 -4.58 -14.87
N ALA B 91 -8.88 -4.21 -13.71
CA ALA B 91 -9.57 -2.93 -13.61
C ALA B 91 -8.61 -1.77 -13.80
N ASP B 92 -7.41 -1.86 -13.24
CA ASP B 92 -6.39 -0.83 -13.36
C ASP B 92 -5.32 -1.34 -14.31
N GLN B 93 -5.50 -1.05 -15.60
CA GLN B 93 -4.57 -1.45 -16.63
C GLN B 93 -4.21 -0.26 -17.51
N PRO B 94 -3.04 -0.28 -18.13
CA PRO B 94 -2.65 0.83 -19.00
C PRO B 94 -3.60 0.99 -20.17
N SER B 95 -3.77 2.23 -20.61
CA SER B 95 -4.72 2.53 -21.68
C SER B 95 -4.18 2.03 -23.02
N VAL B 96 -5.04 2.10 -24.04
CA VAL B 96 -4.65 1.64 -25.37
C VAL B 96 -3.50 2.47 -25.92
N MET B 97 -3.58 3.79 -25.76
CA MET B 97 -2.49 4.65 -26.22
C MET B 97 -1.20 4.38 -25.46
N ASP B 98 -1.31 4.01 -24.18
CA ASP B 98 -0.11 3.67 -23.40
C ASP B 98 0.58 2.44 -24.00
N GLU B 99 -0.19 1.40 -24.33
CA GLU B 99 0.40 0.21 -24.93
C GLU B 99 0.97 0.51 -26.31
N ALA B 100 0.26 1.32 -27.10
CA ALA B 100 0.77 1.69 -28.41
C ALA B 100 2.09 2.44 -28.30
N TYR B 101 2.18 3.38 -27.37
CA TYR B 101 3.42 4.12 -27.19
C TYR B 101 4.53 3.23 -26.64
N LYS B 102 4.18 2.26 -25.78
CA LYS B 102 5.20 1.32 -25.31
C LYS B 102 5.77 0.52 -26.46
N GLU B 103 4.91 0.04 -27.36
CA GLU B 103 5.41 -0.68 -28.53
C GLU B 103 6.24 0.23 -29.43
N PHE B 104 5.81 1.48 -29.59
CA PHE B 104 6.57 2.42 -30.41
C PHE B 104 7.95 2.67 -29.83
N VAL B 105 8.05 2.84 -28.51
CA VAL B 105 9.33 3.06 -27.86
C VAL B 105 10.22 1.83 -28.02
N MET B 106 9.64 0.64 -27.84
CA MET B 106 10.41 -0.59 -28.02
C MET B 106 10.95 -0.71 -29.44
N GLN B 107 10.15 -0.31 -30.43
CA GLN B 107 10.63 -0.32 -31.81
C GLN B 107 11.70 0.75 -32.02
N LEU B 108 11.55 1.91 -31.38
CA LEU B 108 12.53 2.99 -31.53
C LEU B 108 13.90 2.56 -31.02
N ALA B 109 13.94 1.95 -29.84
CA ALA B 109 15.20 1.56 -29.23
C ALA B 109 15.77 0.26 -29.78
N SER B 110 15.04 -0.44 -30.64
CA SER B 110 15.47 -1.76 -31.07
C SER B 110 16.65 -1.67 -32.04
N TRP B 111 17.65 -2.52 -31.81
CA TRP B 111 18.79 -2.60 -32.73
C TRP B 111 18.36 -3.07 -34.11
N ASP B 112 17.44 -4.04 -34.15
CA ASP B 112 16.98 -4.56 -35.43
C ASP B 112 16.30 -3.50 -36.26
N THR B 113 15.50 -2.64 -35.62
CA THR B 113 14.82 -1.57 -36.34
C THR B 113 15.83 -0.64 -37.01
N ARG B 114 16.86 -0.23 -36.27
CA ARG B 114 17.89 0.63 -36.84
C ARG B 114 18.62 -0.08 -37.97
N ARG B 115 18.90 -1.36 -37.80
CA ARG B 115 19.60 -2.11 -38.85
C ARG B 115 18.79 -2.12 -40.15
N GLU B 116 17.51 -2.50 -40.07
CA GLU B 116 16.68 -2.54 -41.27
C GLU B 116 16.50 -1.15 -41.86
N PHE B 117 16.30 -0.14 -41.01
CA PHE B 117 16.13 1.22 -41.51
C PHE B 117 17.35 1.66 -42.30
N TRP B 118 18.54 1.45 -41.75
CA TRP B 118 19.75 1.83 -42.47
C TRP B 118 19.92 1.00 -43.73
N LEU B 119 19.52 -0.26 -43.71
CA LEU B 119 19.63 -1.10 -44.90
C LEU B 119 18.75 -0.60 -46.03
N GLN B 120 17.57 -0.07 -45.70
CA GLN B 120 16.62 0.34 -46.73
C GLN B 120 16.80 1.79 -47.19
N THR B 121 17.77 2.52 -46.65
CA THR B 121 17.97 3.92 -47.03
C THR B 121 19.00 4.04 -48.15
N ASP B 122 18.84 5.07 -48.96
CA ASP B 122 19.83 5.37 -49.99
C ASP B 122 21.09 6.00 -49.40
N TYR B 123 20.99 6.57 -48.19
CA TYR B 123 22.15 7.13 -47.53
C TYR B 123 23.21 6.07 -47.29
N TYR B 124 22.79 4.88 -46.84
CA TYR B 124 23.72 3.78 -46.66
C TYR B 124 24.12 3.14 -47.98
N LYS B 125 23.18 3.03 -48.92
CA LYS B 125 23.47 2.38 -50.19
C LYS B 125 24.53 3.15 -50.97
N GLN B 126 24.46 4.48 -50.97
CA GLN B 126 25.45 5.26 -51.70
C GLN B 126 26.83 5.20 -51.07
N ARG B 127 26.91 4.85 -49.79
CA ARG B 127 28.19 4.76 -49.10
C ARG B 127 28.78 3.36 -49.11
N MET B 128 28.10 2.40 -49.74
CA MET B 128 28.64 1.05 -49.84
C MET B 128 29.78 1.02 -50.86
N VAL B 129 30.83 0.25 -50.53
CA VAL B 129 32.01 0.15 -51.38
C VAL B 129 32.11 -1.18 -52.08
N GLY B 130 31.19 -2.12 -51.82
CA GLY B 130 31.22 -3.42 -52.44
C GLY B 130 32.00 -4.47 -51.68
N ASN B 131 32.71 -4.10 -50.63
CA ASN B 131 33.44 -5.04 -49.79
C ASN B 131 32.57 -5.42 -48.59
N SER B 132 32.36 -6.72 -48.39
CA SER B 132 31.41 -7.17 -47.38
C SER B 132 31.83 -6.73 -45.98
N LYS B 133 33.12 -6.87 -45.66
CA LYS B 133 33.58 -6.48 -44.34
C LYS B 133 33.45 -4.98 -44.12
N ALA B 134 33.84 -4.17 -45.10
CA ALA B 134 33.71 -2.73 -44.98
C ALA B 134 32.25 -2.30 -44.89
N ASP B 135 31.39 -2.93 -45.69
CA ASP B 135 29.96 -2.60 -45.64
C ASP B 135 29.37 -2.96 -44.28
N ALA B 136 29.75 -4.11 -43.72
CA ALA B 136 29.25 -4.49 -42.41
C ALA B 136 29.75 -3.54 -41.34
N ALA B 137 31.02 -3.12 -41.42
CA ALA B 137 31.55 -2.16 -40.45
C ALA B 137 30.82 -0.83 -40.55
N LEU B 138 30.56 -0.37 -41.77
CA LEU B 138 29.82 0.89 -41.95
C LEU B 138 28.41 0.78 -41.40
N LEU B 139 27.74 -0.34 -41.66
CA LEU B 139 26.39 -0.53 -41.14
C LEU B 139 26.38 -0.53 -39.63
N ASP B 140 27.35 -1.22 -39.01
CA ASP B 140 27.44 -1.23 -37.56
C ASP B 140 27.72 0.16 -37.01
N GLU B 141 28.57 0.93 -37.69
CA GLU B 141 28.86 2.29 -37.25
C GLU B 141 27.64 3.18 -37.31
N MET B 142 26.85 3.06 -38.39
CA MET B 142 25.67 3.90 -38.53
C MET B 142 24.51 3.45 -37.65
N ILE B 143 24.48 2.18 -37.24
CA ILE B 143 23.45 1.74 -36.30
C ILE B 143 23.63 2.47 -34.98
N ASN B 144 24.86 2.63 -34.52
CA ASN B 144 25.14 3.36 -33.30
C ASN B 144 24.91 4.86 -33.44
N ASN B 145 24.74 5.36 -34.65
CA ASN B 145 24.48 6.79 -34.86
C ASN B 145 23.08 7.19 -34.42
N ILE B 146 22.19 6.25 -34.17
CA ILE B 146 20.86 6.52 -33.65
C ILE B 146 20.84 6.15 -32.17
N GLN B 147 20.63 7.13 -31.31
CA GLN B 147 20.66 6.93 -29.87
C GLN B 147 19.31 7.28 -29.28
N PHE B 148 18.74 6.36 -28.52
CA PHE B 148 17.46 6.57 -27.85
C PHE B 148 17.72 6.80 -26.36
N ILE B 149 17.24 7.92 -25.86
CA ILE B 149 17.37 8.29 -24.45
C ILE B 149 15.98 8.21 -23.81
N PRO B 150 15.71 7.21 -22.98
CA PRO B 150 14.40 7.11 -22.35
C PRO B 150 14.14 8.26 -21.39
N GLY B 151 12.89 8.68 -21.31
CA GLY B 151 12.51 9.78 -20.46
C GLY B 151 12.27 9.35 -19.02
N ASP B 152 12.15 10.35 -18.15
CA ASP B 152 11.86 10.14 -16.73
C ASP B 152 10.71 11.04 -16.33
N PHE B 153 9.59 10.44 -15.94
CA PHE B 153 8.41 11.22 -15.57
C PHE B 153 8.61 11.97 -14.26
N THR B 154 9.51 11.47 -13.40
CA THR B 154 9.78 12.17 -12.14
C THR B 154 10.38 13.55 -12.39
N ARG B 155 11.30 13.65 -13.35
CA ARG B 155 11.92 14.91 -13.71
C ARG B 155 11.15 15.63 -14.83
N ALA B 156 10.00 15.11 -15.24
CA ALA B 156 9.19 15.70 -16.30
C ALA B 156 9.99 15.83 -17.61
N VAL B 157 10.77 14.81 -17.92
CA VAL B 157 11.53 14.74 -19.16
C VAL B 157 11.03 13.54 -19.96
N ASN B 158 10.84 13.74 -21.25
CA ASN B 158 10.25 12.74 -22.13
C ASN B 158 11.32 11.97 -22.89
N ASP B 159 10.90 10.90 -23.55
CA ASP B 159 11.81 10.10 -24.36
C ASP B 159 12.28 10.91 -25.56
N SER B 160 13.54 10.71 -25.92
CA SER B 160 14.12 11.43 -27.05
C SER B 160 14.92 10.47 -27.91
N VAL B 161 15.10 10.84 -29.18
CA VAL B 161 15.90 10.08 -30.11
C VAL B 161 16.78 11.04 -30.90
N LYS B 162 18.05 10.71 -31.04
CA LYS B 162 19.02 11.55 -31.73
C LYS B 162 19.65 10.76 -32.87
N LEU B 163 19.73 11.40 -34.04
CA LEU B 163 20.30 10.79 -35.22
C LEU B 163 21.48 11.62 -35.71
N ILE B 164 22.55 10.94 -36.11
CA ILE B 164 23.78 11.58 -36.57
C ILE B 164 24.03 11.19 -38.02
N ALA B 165 24.21 12.19 -38.87
CA ALA B 165 24.53 11.97 -40.27
C ALA B 165 25.69 12.86 -40.69
N GLU B 166 26.00 12.89 -41.99
CA GLU B 166 27.10 13.69 -42.49
C GLU B 166 26.69 15.08 -42.95
N THR B 167 25.39 15.39 -42.96
CA THR B 167 24.92 16.69 -43.40
C THR B 167 23.64 17.02 -42.64
N ALA B 168 23.40 18.32 -42.44
CA ALA B 168 22.22 18.74 -41.68
C ALA B 168 20.91 18.34 -42.35
N PRO B 169 20.69 18.57 -43.65
CA PRO B 169 19.47 18.04 -44.27
C PRO B 169 19.35 16.54 -44.14
N ASP B 170 20.47 15.82 -44.25
CA ASP B 170 20.44 14.37 -44.03
C ASP B 170 20.05 14.04 -42.60
N ALA B 171 20.64 14.75 -41.62
CA ALA B 171 20.32 14.48 -40.23
C ALA B 171 18.85 14.73 -39.92
N ASN B 172 18.23 15.67 -40.63
CA ASN B 172 16.81 15.94 -40.42
C ASN B 172 15.93 14.89 -41.12
N ASN B 173 16.16 14.69 -42.42
CA ASN B 173 15.32 13.78 -43.19
C ASN B 173 15.42 12.35 -42.69
N LEU B 174 16.63 11.89 -42.38
CA LEU B 174 16.81 10.53 -41.91
C LEU B 174 16.12 10.31 -40.57
N LEU B 175 16.19 11.29 -39.67
CA LEU B 175 15.51 11.14 -38.39
C LEU B 175 13.99 11.09 -38.58
N ARG B 176 13.45 11.95 -39.44
CA ARG B 176 12.01 11.91 -39.71
C ARG B 176 11.61 10.55 -40.28
N GLN B 177 12.38 10.06 -41.26
CA GLN B 177 12.08 8.78 -41.88
C GLN B 177 12.20 7.63 -40.89
N TYR B 178 13.17 7.69 -39.99
CA TYR B 178 13.35 6.63 -39.01
C TYR B 178 12.21 6.61 -38.00
N VAL B 179 11.75 7.79 -37.57
CA VAL B 179 10.61 7.82 -36.66
C VAL B 179 9.37 7.27 -37.35
N ALA B 180 9.16 7.62 -38.62
CA ALA B 180 8.04 7.06 -39.36
C ALA B 180 8.18 5.54 -39.50
N PHE B 181 9.40 5.06 -39.75
CA PHE B 181 9.66 3.63 -39.89
C PHE B 181 9.33 2.89 -38.61
N ALA B 182 9.80 3.40 -37.47
CA ALA B 182 9.51 2.76 -36.19
C ALA B 182 8.03 2.79 -35.87
N SER B 183 7.35 3.90 -36.18
CA SER B 183 5.91 3.96 -35.96
C SER B 183 5.17 2.94 -36.81
N GLN B 184 5.57 2.78 -38.07
CA GLN B 184 4.92 1.81 -38.94
C GLN B 184 5.14 0.40 -38.44
N ARG B 185 6.36 0.08 -37.99
CA ARG B 185 6.62 -1.25 -37.46
C ARG B 185 5.80 -1.50 -36.21
N ALA B 186 5.70 -0.51 -35.33
CA ALA B 186 4.89 -0.67 -34.12
C ALA B 186 3.42 -0.87 -34.46
N ALA B 187 2.92 -0.14 -35.44
CA ALA B 187 1.53 -0.30 -35.86
C ALA B 187 1.29 -1.70 -36.42
N SER B 188 2.22 -2.21 -37.23
CA SER B 188 2.08 -3.56 -37.76
C SER B 188 2.08 -4.59 -36.66
N HIS B 189 2.98 -4.44 -35.68
CA HIS B 189 3.02 -5.40 -34.57
C HIS B 189 1.73 -5.34 -33.75
N LEU B 190 1.21 -4.13 -33.52
CA LEU B 190 -0.04 -4.01 -32.77
C LEU B 190 -1.20 -4.63 -33.52
N ASN B 191 -1.23 -4.48 -34.85
CA ASN B 191 -2.28 -5.12 -35.64
C ASN B 191 -2.18 -6.63 -35.54
N ASP B 192 -0.96 -7.18 -35.60
CA ASP B 192 -0.79 -8.62 -35.47
C ASP B 192 -1.26 -9.11 -34.10
N GLU B 193 -0.92 -8.38 -33.04
CA GLU B 193 -1.36 -8.76 -31.70
C GLU B 193 -2.88 -8.72 -31.59
N LEU B 194 -3.50 -7.69 -32.17
CA LEU B 194 -4.95 -7.58 -32.14
C LEU B 194 -5.60 -8.74 -32.89
N LYS B 195 -5.05 -9.10 -34.05
CA LYS B 195 -5.59 -10.22 -34.81
C LYS B 195 -5.48 -11.52 -34.02
N GLY B 196 -4.33 -11.75 -33.37
CA GLY B 196 -4.18 -12.96 -32.58
C GLY B 196 -5.15 -13.03 -31.42
N ALA B 197 -5.30 -11.93 -30.70
CA ALA B 197 -6.23 -11.90 -29.58
C ALA B 197 -7.67 -12.09 -30.06
N TRP B 198 -8.01 -11.50 -31.21
CA TRP B 198 -9.34 -11.68 -31.78
C TRP B 198 -9.61 -13.13 -32.13
N ALA B 199 -8.62 -13.81 -32.72
CA ALA B 199 -8.78 -15.23 -33.04
C ALA B 199 -8.97 -16.06 -31.78
N ALA B 200 -8.19 -15.77 -30.74
CA ALA B 200 -8.37 -16.51 -29.49
C ALA B 200 -9.75 -16.28 -28.91
N ARG B 201 -10.23 -15.02 -28.93
CA ARG B 201 -11.55 -14.73 -28.40
C ARG B 201 -12.65 -15.43 -29.17
N THR B 202 -12.56 -15.44 -30.51
CA THR B 202 -13.62 -16.09 -31.27
C THR B 202 -13.59 -17.60 -31.09
N ILE B 203 -12.40 -18.20 -30.92
CA ILE B 203 -12.34 -19.63 -30.64
C ILE B 203 -13.00 -19.93 -29.31
N GLN B 204 -12.70 -19.13 -28.29
CA GLN B 204 -13.28 -19.34 -26.97
C GLN B 204 -14.80 -19.18 -27.01
N MET B 205 -15.28 -18.16 -27.71
CA MET B 205 -16.73 -17.93 -27.79
C MET B 205 -17.43 -19.06 -28.54
N LYS B 206 -16.81 -19.57 -29.60
CA LYS B 206 -17.39 -20.71 -30.31
C LYS B 206 -17.49 -21.92 -29.40
N ALA B 207 -16.45 -22.19 -28.61
CA ALA B 207 -16.50 -23.31 -27.68
C ALA B 207 -17.59 -23.12 -26.64
N GLN B 208 -17.73 -21.90 -26.12
CA GLN B 208 -18.75 -21.63 -25.11
C GLN B 208 -20.16 -21.82 -25.68
N VAL B 209 -20.38 -21.35 -26.91
CA VAL B 209 -21.69 -21.52 -27.54
C VAL B 209 -21.99 -23.00 -27.76
N LYS B 210 -20.99 -23.77 -28.19
CA LYS B 210 -21.17 -25.20 -28.37
C LYS B 210 -21.56 -25.87 -27.05
N ARG B 211 -20.88 -25.49 -25.95
CA ARG B 211 -21.21 -26.07 -24.65
C ARG B 211 -22.63 -25.71 -24.23
N GLN B 212 -23.05 -24.47 -24.47
CA GLN B 212 -24.40 -24.06 -24.12
C GLN B 212 -25.44 -24.86 -24.90
N GLU B 213 -25.19 -25.06 -26.20
CA GLU B 213 -26.09 -25.86 -27.01
C GLU B 213 -26.18 -27.30 -26.49
N GLU B 214 -25.03 -27.88 -26.12
CA GLU B 214 -25.03 -29.23 -25.59
C GLU B 214 -25.82 -29.34 -24.30
N VAL B 215 -25.65 -28.36 -23.40
CA VAL B 215 -26.39 -28.37 -22.13
C VAL B 215 -27.88 -28.27 -22.39
N ALA B 216 -28.29 -27.36 -23.29
CA ALA B 216 -29.71 -27.21 -23.59
C ALA B 216 -30.28 -28.49 -24.18
N LYS B 217 -29.53 -29.15 -25.08
CA LYS B 217 -30.01 -30.39 -25.65
C LYS B 217 -30.14 -31.48 -24.59
N ALA B 218 -29.20 -31.55 -23.66
CA ALA B 218 -29.29 -32.54 -22.59
C ALA B 218 -30.53 -32.32 -21.73
N ILE B 219 -30.80 -31.06 -21.37
CA ILE B 219 -31.99 -30.76 -20.57
C ILE B 219 -33.25 -31.12 -21.35
N TYR B 220 -33.29 -30.77 -22.64
CA TYR B 220 -34.45 -31.08 -23.46
C TYR B 220 -34.69 -32.58 -23.56
N ASP B 221 -33.63 -33.36 -23.73
CA ASP B 221 -33.77 -34.81 -23.80
C ASP B 221 -34.26 -35.38 -22.48
N ARG B 222 -33.74 -34.87 -21.36
CA ARG B 222 -34.22 -35.34 -20.07
C ARG B 222 -35.70 -35.06 -19.90
N ARG B 223 -36.15 -33.86 -20.29
CA ARG B 223 -37.58 -33.54 -20.17
C ARG B 223 -38.41 -34.40 -21.11
N MET B 224 -37.92 -34.67 -22.32
CA MET B 224 -38.57 -35.61 -23.22
C MET B 224 -38.80 -36.95 -22.55
N ASN B 225 -37.74 -37.51 -21.98
CA ASN B 225 -37.85 -38.83 -21.35
C ASN B 225 -38.82 -38.80 -20.18
N SER B 226 -38.75 -37.75 -19.36
CA SER B 226 -39.66 -37.65 -18.22
C SER B 226 -41.11 -37.57 -18.68
N ILE B 227 -41.40 -36.78 -19.72
CA ILE B 227 -42.76 -36.66 -20.23
C ILE B 227 -43.24 -38.00 -20.76
N GLU B 228 -42.38 -38.72 -21.51
CA GLU B 228 -42.78 -40.01 -22.05
C GLU B 228 -43.09 -41.01 -20.95
N GLN B 229 -42.23 -41.07 -19.93
CA GLN B 229 -42.47 -42.00 -18.83
C GLN B 229 -43.74 -41.64 -18.06
N ALA B 230 -43.97 -40.35 -17.83
CA ALA B 230 -45.18 -39.93 -17.15
C ALA B 230 -46.42 -40.28 -17.96
N LEU B 231 -46.36 -40.11 -19.27
CA LEU B 231 -47.49 -40.48 -20.13
C LEU B 231 -47.76 -41.98 -20.07
N LYS B 232 -46.69 -42.79 -20.12
CA LYS B 232 -46.88 -44.23 -20.03
C LYS B 232 -47.49 -44.64 -18.70
N ILE B 233 -47.01 -44.05 -17.61
CA ILE B 233 -47.54 -44.38 -16.29
C ILE B 233 -49.00 -43.96 -16.18
N ALA B 234 -49.34 -42.78 -16.70
CA ALA B 234 -50.72 -42.31 -16.65
C ALA B 234 -51.64 -43.22 -17.46
N GLU B 235 -51.18 -43.67 -18.63
CA GLU B 235 -51.99 -44.58 -19.42
C GLU B 235 -52.10 -45.95 -18.75
N GLN B 236 -51.11 -46.32 -17.93
CA GLN B 236 -51.18 -47.59 -17.22
C GLN B 236 -52.20 -47.53 -16.09
N HIS B 237 -52.30 -46.39 -15.41
CA HIS B 237 -53.22 -46.23 -14.29
C HIS B 237 -54.51 -45.53 -14.69
N ASN B 238 -54.76 -45.38 -16.00
CA ASN B 238 -55.98 -44.78 -16.51
C ASN B 238 -56.28 -43.41 -15.88
N ILE B 239 -55.24 -42.62 -15.64
CA ILE B 239 -55.42 -41.26 -15.12
C ILE B 239 -55.71 -40.38 -16.35
N SER B 240 -56.99 -40.27 -16.68
CA SER B 240 -57.43 -39.45 -17.81
C SER B 240 -58.26 -38.26 -17.37
N ARG B 241 -58.20 -37.91 -16.08
CA ARG B 241 -58.98 -36.79 -15.56
C ARG B 241 -58.53 -35.44 -16.10
N SER B 242 -57.36 -35.39 -16.75
CA SER B 242 -56.78 -34.20 -17.38
C SER B 242 -56.41 -33.12 -16.38
N ALA B 243 -56.59 -33.36 -15.07
CA ALA B 243 -56.28 -32.36 -14.07
C ALA B 243 -56.20 -33.03 -12.70
N THR B 244 -55.07 -32.87 -12.03
CA THR B 244 -54.90 -33.33 -10.66
C THR B 244 -54.27 -32.29 -9.74
N ASP B 245 -53.56 -31.31 -10.29
CA ASP B 245 -52.93 -30.25 -9.50
C ASP B 245 -53.23 -28.90 -10.14
N VAL B 246 -53.29 -27.87 -9.30
CA VAL B 246 -53.55 -26.51 -9.75
C VAL B 246 -52.36 -25.87 -10.47
N PRO B 247 -51.09 -26.15 -10.12
CA PRO B 247 -50.00 -25.46 -10.83
C PRO B 247 -49.93 -25.85 -12.30
N ALA B 248 -49.18 -25.05 -13.05
CA ALA B 248 -49.06 -25.21 -14.50
C ALA B 248 -48.08 -26.34 -14.83
N GLU B 249 -47.66 -26.41 -16.09
CA GLU B 249 -46.78 -27.47 -16.54
C GLU B 249 -45.40 -27.41 -15.89
N GLU B 250 -45.07 -26.32 -15.21
CA GLU B 250 -43.74 -26.17 -14.61
C GLU B 250 -43.61 -26.99 -13.34
N LEU B 251 -43.91 -28.28 -13.44
CA LEU B 251 -43.80 -29.29 -12.41
C LEU B 251 -42.46 -30.01 -12.50
N PRO B 252 -41.95 -30.54 -11.39
CA PRO B 252 -40.75 -31.37 -11.46
C PRO B 252 -41.01 -32.63 -12.26
N ASP B 253 -39.94 -33.14 -12.87
CA ASP B 253 -40.07 -34.32 -13.74
C ASP B 253 -40.65 -35.51 -13.02
N SER B 254 -40.41 -35.61 -11.70
CA SER B 254 -40.97 -36.72 -10.93
C SER B 254 -42.45 -36.53 -10.61
N GLU B 255 -42.96 -35.31 -10.73
CA GLU B 255 -44.36 -35.01 -10.42
C GLU B 255 -45.20 -34.77 -11.66
N MET B 256 -44.67 -35.07 -12.85
CA MET B 256 -45.41 -34.83 -14.08
C MET B 256 -46.56 -35.81 -14.28
N PHE B 257 -46.64 -36.86 -13.46
CA PHE B 257 -47.73 -37.82 -13.60
C PHE B 257 -49.08 -37.23 -13.19
N LEU B 258 -49.09 -36.11 -12.46
CA LEU B 258 -50.34 -35.53 -12.01
C LEU B 258 -51.00 -34.73 -13.14
N LEU B 259 -51.11 -35.35 -14.30
CA LEU B 259 -51.79 -34.78 -15.45
C LEU B 259 -52.38 -35.92 -16.26
N GLY B 260 -53.53 -35.66 -16.87
CA GLY B 260 -54.20 -36.69 -17.64
C GLY B 260 -53.46 -37.01 -18.93
N ARG B 261 -53.90 -38.10 -19.55
CA ARG B 261 -53.37 -38.46 -20.86
C ARG B 261 -53.52 -37.33 -21.88
N PRO B 262 -54.68 -36.66 -22.01
CA PRO B 262 -54.74 -35.54 -22.96
C PRO B 262 -53.80 -34.40 -22.62
N MET B 263 -53.72 -34.01 -21.36
CA MET B 263 -52.82 -32.92 -20.98
C MET B 263 -51.37 -33.29 -21.18
N LEU B 264 -50.99 -34.53 -20.82
CA LEU B 264 -49.61 -34.97 -21.02
C LEU B 264 -49.26 -35.03 -22.50
N GLN B 265 -50.18 -35.52 -23.33
CA GLN B 265 -49.93 -35.56 -24.77
C GLN B 265 -49.81 -34.14 -25.34
N ALA B 266 -50.65 -33.22 -24.88
CA ALA B 266 -50.57 -31.84 -25.33
C ALA B 266 -49.23 -31.21 -24.94
N GLU B 267 -48.78 -31.48 -23.71
CA GLU B 267 -47.48 -30.97 -23.28
C GLU B 267 -46.35 -31.58 -24.09
N LEU B 268 -46.45 -32.87 -24.40
CA LEU B 268 -45.44 -33.52 -25.23
C LEU B 268 -45.37 -32.87 -26.60
N GLU B 269 -46.52 -32.64 -27.23
CA GLU B 269 -46.54 -32.01 -28.54
C GLU B 269 -46.02 -30.58 -28.49
N ASN B 270 -46.41 -29.82 -27.45
CA ASN B 270 -45.93 -28.45 -27.30
C ASN B 270 -44.42 -28.40 -27.15
N LEU B 271 -43.86 -29.31 -26.34
CA LEU B 271 -42.42 -29.28 -26.13
C LEU B 271 -41.65 -29.82 -27.33
N GLN B 272 -42.26 -30.73 -28.10
CA GLN B 272 -41.65 -31.13 -29.36
C GLN B 272 -41.61 -29.96 -30.33
N ALA B 273 -42.69 -29.16 -30.37
CA ALA B 273 -42.69 -27.98 -31.24
C ALA B 273 -41.68 -26.94 -30.79
N VAL B 274 -41.60 -26.68 -29.48
CA VAL B 274 -40.73 -25.62 -28.98
C VAL B 274 -39.26 -25.99 -29.20
N GLY B 275 -38.89 -27.23 -28.86
CA GLY B 275 -37.51 -27.65 -28.95
C GLY B 275 -36.72 -27.24 -27.73
N PRO B 276 -35.39 -27.36 -27.80
CA PRO B 276 -34.56 -26.96 -26.66
C PRO B 276 -34.73 -25.50 -26.32
N ALA B 277 -34.69 -25.19 -25.03
CA ALA B 277 -34.90 -23.83 -24.54
C ALA B 277 -33.56 -23.18 -24.25
N PHE B 278 -33.36 -21.98 -24.78
CA PHE B 278 -32.14 -21.21 -24.59
C PHE B 278 -32.45 -19.94 -23.81
N ASP B 279 -31.54 -19.57 -22.92
CA ASP B 279 -31.70 -18.35 -22.15
C ASP B 279 -31.19 -17.15 -22.95
N LEU B 280 -31.30 -15.96 -22.35
CA LEU B 280 -30.82 -14.75 -23.01
C LEU B 280 -29.32 -14.77 -23.20
N ASP B 281 -28.59 -15.43 -22.30
CA ASP B 281 -27.14 -15.50 -22.42
C ASP B 281 -26.72 -16.18 -23.71
N TYR B 282 -27.43 -17.24 -24.11
CA TYR B 282 -27.09 -17.92 -25.35
C TYR B 282 -27.25 -17.01 -26.56
N ASP B 283 -28.35 -16.26 -26.61
CA ASP B 283 -28.58 -15.37 -27.75
C ASP B 283 -27.56 -14.23 -27.77
N GLN B 284 -27.23 -13.68 -26.61
CA GLN B 284 -26.21 -12.63 -26.55
C GLN B 284 -24.86 -13.18 -27.00
N ASN B 285 -24.52 -14.40 -26.59
CA ASN B 285 -23.28 -15.03 -27.03
C ASN B 285 -23.29 -15.26 -28.53
N ARG B 286 -24.43 -15.66 -29.09
CA ARG B 286 -24.53 -15.84 -30.53
C ARG B 286 -24.32 -14.54 -31.28
N ALA B 287 -24.91 -13.45 -30.79
CA ALA B 287 -24.72 -12.15 -31.44
C ALA B 287 -23.26 -11.71 -31.36
N MET B 288 -22.63 -11.86 -30.20
CA MET B 288 -21.23 -11.50 -30.06
C MET B 288 -20.34 -12.39 -30.93
N LEU B 289 -20.72 -13.65 -31.09
CA LEU B 289 -19.96 -14.55 -31.94
C LEU B 289 -20.08 -14.17 -33.40
N ASN B 290 -21.26 -13.70 -33.82
CA ASN B 290 -21.39 -13.17 -35.18
C ASN B 290 -20.51 -11.95 -35.38
N THR B 291 -20.50 -11.06 -34.38
CA THR B 291 -19.63 -9.88 -34.46
C THR B 291 -18.17 -10.27 -34.56
N LEU B 292 -17.75 -11.25 -33.76
CA LEU B 292 -16.37 -11.73 -33.82
C LEU B 292 -16.06 -12.38 -35.16
N ASN B 293 -16.99 -13.17 -35.68
CA ASN B 293 -16.80 -13.84 -36.96
C ASN B 293 -16.73 -12.85 -38.12
N VAL B 294 -17.29 -11.65 -37.95
CA VAL B 294 -17.11 -10.61 -38.96
C VAL B 294 -15.63 -10.33 -39.17
N GLY B 295 -14.86 -10.27 -38.08
CA GLY B 295 -13.43 -10.11 -38.15
C GLY B 295 -12.99 -8.68 -37.88
N PRO B 296 -11.78 -8.51 -37.37
CA PRO B 296 -11.27 -7.16 -37.10
C PRO B 296 -10.84 -6.47 -38.38
N THR B 297 -11.05 -5.16 -38.42
CA THR B 297 -10.61 -4.33 -39.54
C THR B 297 -9.22 -3.78 -39.19
N LEU B 298 -8.20 -4.31 -39.84
CA LEU B 298 -6.82 -3.97 -39.54
C LEU B 298 -6.42 -2.72 -40.31
N ASP B 299 -6.32 -1.59 -39.61
CA ASP B 299 -5.87 -0.35 -40.22
C ASP B 299 -4.35 -0.28 -40.16
N PRO B 300 -3.66 -0.26 -41.29
CA PRO B 300 -2.18 -0.18 -41.27
C PRO B 300 -1.62 1.23 -41.37
N ARG B 301 -2.45 2.26 -41.32
CA ARG B 301 -2.03 3.64 -41.53
C ARG B 301 -2.32 4.51 -40.31
N PHE B 302 -2.03 4.01 -39.12
CA PHE B 302 -2.16 4.80 -37.90
C PHE B 302 -0.81 4.88 -37.21
N GLN B 303 -0.54 6.03 -36.59
CA GLN B 303 0.73 6.28 -35.94
C GLN B 303 0.58 6.13 -34.44
N THR B 304 1.69 5.78 -33.78
CA THR B 304 1.70 5.40 -32.38
C THR B 304 2.51 6.38 -31.53
N TYR B 305 2.56 7.64 -31.93
CA TYR B 305 3.34 8.64 -31.23
C TYR B 305 2.80 10.02 -31.57
N ARG B 306 3.21 11.01 -30.78
CA ARG B 306 2.99 12.41 -31.10
C ARG B 306 4.31 13.16 -30.92
N TYR B 307 4.49 14.19 -31.75
CA TYR B 307 5.74 14.93 -31.78
C TYR B 307 5.70 16.07 -30.77
N LEU B 308 6.41 15.90 -29.65
CA LEU B 308 6.66 17.03 -28.77
C LEU B 308 7.74 17.95 -29.32
N ARG B 309 8.72 17.38 -30.01
CA ARG B 309 9.75 18.15 -30.71
C ARG B 309 10.04 17.43 -32.02
N THR B 310 9.63 18.04 -33.14
CA THR B 310 9.88 17.49 -34.45
C THR B 310 11.34 17.68 -34.84
N PRO B 311 11.96 16.73 -35.55
CA PRO B 311 13.33 16.94 -36.02
C PRO B 311 13.44 18.16 -36.91
N GLU B 312 14.55 18.88 -36.78
CA GLU B 312 14.83 20.05 -37.60
C GLU B 312 16.30 20.03 -37.99
N GLU B 313 16.63 20.80 -39.01
CA GLU B 313 18.01 20.88 -39.48
C GLU B 313 18.88 21.52 -38.41
N PRO B 314 19.98 20.88 -38.01
CA PRO B 314 20.87 21.50 -37.03
C PRO B 314 21.54 22.74 -37.58
N VAL B 315 21.89 23.65 -36.67
CA VAL B 315 22.50 24.93 -37.05
C VAL B 315 24.00 24.84 -36.93
N LYS B 316 24.50 24.00 -36.03
CA LYS B 316 25.93 23.89 -35.78
C LYS B 316 26.37 22.43 -35.79
N ARG B 317 27.63 22.23 -36.16
CA ARG B 317 28.20 20.89 -36.22
C ARG B 317 28.39 20.33 -34.81
N ASP B 318 28.21 19.02 -34.69
CA ASP B 318 28.53 18.35 -33.42
C ASP B 318 30.02 18.20 -33.22
N SER B 319 30.74 17.81 -34.27
CA SER B 319 32.19 17.58 -34.21
C SER B 319 32.75 17.47 -35.62
N PRO B 320 33.92 18.06 -35.91
CA PRO B 320 34.81 18.80 -34.99
C PRO B 320 34.32 20.19 -34.68
N ARG B 321 34.54 20.67 -33.45
CA ARG B 321 34.12 22.02 -33.09
C ARG B 321 35.02 23.08 -33.70
N ARG B 322 36.29 22.76 -33.95
CA ARG B 322 37.31 23.64 -34.50
C ARG B 322 37.54 24.90 -33.67
N ALA B 323 36.92 24.98 -32.50
CA ALA B 323 37.18 26.06 -31.55
C ALA B 323 37.74 25.55 -30.24
N PHE B 324 37.08 24.58 -29.62
CA PHE B 324 37.62 23.97 -28.40
C PHE B 324 38.92 23.22 -28.69
N LEU B 325 38.98 22.53 -29.83
CA LEU B 325 40.22 21.86 -30.21
C LEU B 325 41.36 22.85 -30.37
N MET B 326 41.11 23.98 -31.04
CA MET B 326 42.12 25.02 -31.15
C MET B 326 42.57 25.48 -29.77
N ILE B 327 41.62 25.74 -28.88
CA ILE B 327 41.94 26.30 -27.58
C ILE B 327 42.83 25.34 -26.79
N MET B 328 42.38 24.10 -26.67
CA MET B 328 43.12 23.13 -25.82
C MET B 328 44.46 22.77 -26.48
N TRP B 329 44.51 22.55 -27.80
CA TRP B 329 45.79 22.34 -28.46
C TRP B 329 46.73 23.51 -28.21
N GLY B 330 46.21 24.73 -28.25
CA GLY B 330 47.05 25.89 -28.01
C GLY B 330 47.58 25.94 -26.59
N ILE B 331 46.73 25.62 -25.61
CA ILE B 331 47.21 25.65 -24.22
C ILE B 331 48.23 24.53 -23.98
N VAL B 332 48.02 23.36 -24.58
CA VAL B 332 48.99 22.28 -24.44
C VAL B 332 50.33 22.70 -25.04
N GLY B 333 50.29 23.25 -26.26
CA GLY B 333 51.52 23.71 -26.90
C GLY B 333 52.19 24.81 -26.11
N GLY B 334 51.40 25.71 -25.52
CA GLY B 334 51.98 26.78 -24.73
C GLY B 334 52.67 26.29 -23.47
N LEU B 335 52.05 25.34 -22.76
CA LEU B 335 52.69 24.79 -21.58
C LEU B 335 53.96 24.03 -21.94
N ILE B 336 53.93 23.25 -23.02
CA ILE B 336 55.13 22.51 -23.40
C ILE B 336 56.23 23.48 -23.85
N GLY B 337 55.87 24.54 -24.56
CA GLY B 337 56.86 25.53 -24.95
C GLY B 337 57.43 26.29 -23.78
N ALA B 338 56.60 26.58 -22.77
CA ALA B 338 57.11 27.21 -21.56
C ALA B 338 58.10 26.30 -20.85
N GLY B 339 57.78 25.00 -20.76
CA GLY B 339 58.72 24.06 -20.18
C GLY B 339 60.03 23.99 -20.97
N VAL B 340 59.93 23.98 -22.30
CA VAL B 340 61.12 23.93 -23.14
C VAL B 340 61.98 25.17 -22.93
N ALA B 341 61.34 26.35 -22.87
CA ALA B 341 62.08 27.58 -22.65
C ALA B 341 62.73 27.60 -21.28
N LEU B 342 62.03 27.11 -20.27
CA LEU B 342 62.62 27.03 -18.93
C LEU B 342 63.84 26.11 -18.93
N THR B 343 63.74 24.95 -19.57
CA THR B 343 64.88 24.04 -19.64
C THR B 343 66.04 24.68 -20.41
N ARG B 344 65.75 25.38 -21.50
CA ARG B 344 66.80 26.03 -22.28
C ARG B 344 67.51 27.11 -21.46
N ARG B 345 66.75 27.92 -20.72
CA ARG B 345 67.37 28.96 -19.92
C ARG B 345 68.15 28.37 -18.75
N CYS B 346 67.67 27.27 -18.17
CA CYS B 346 68.41 26.61 -17.11
C CYS B 346 69.73 26.03 -17.63
N SER B 347 69.70 25.45 -18.84
CA SER B 347 70.91 24.90 -19.43
C SER B 347 71.93 25.97 -19.79
N LYS B 348 71.49 27.21 -20.00
CA LYS B 348 72.40 28.30 -20.34
C LYS B 348 73.24 28.71 -19.14
N LEU C 17 56.65 22.56 18.36
CA LEU C 17 56.44 23.22 19.65
C LEU C 17 57.21 22.51 20.76
N ASP C 18 57.53 23.25 21.82
CA ASP C 18 58.27 22.73 22.96
C ASP C 18 57.32 22.65 24.15
N ILE C 19 56.69 21.48 24.30
CA ILE C 19 55.75 21.28 25.41
C ILE C 19 56.47 21.34 26.74
N ARG C 20 57.63 20.70 26.84
CA ARG C 20 58.39 20.71 28.09
C ARG C 20 58.82 22.12 28.46
N GLY C 21 59.30 22.88 27.47
CA GLY C 21 59.69 24.26 27.74
C GLY C 21 58.51 25.15 28.09
N LEU C 22 57.38 24.94 27.40
CA LEU C 22 56.20 25.76 27.67
C LEU C 22 55.59 25.44 29.03
N PHE C 23 55.79 24.22 29.53
CA PHE C 23 55.20 23.83 30.82
C PHE C 23 55.79 24.65 31.95
N ARG C 24 57.09 24.93 31.92
CA ARG C 24 57.75 25.67 32.98
C ARG C 24 57.45 27.15 32.96
N THR C 25 56.87 27.67 31.87
CA THR C 25 56.59 29.11 31.78
C THR C 25 55.54 29.54 32.80
N LEU C 26 54.48 28.76 32.96
CA LEU C 26 53.38 29.11 33.86
C LEU C 26 53.61 28.66 35.29
N TRP C 27 54.75 28.03 35.60
CA TRP C 27 55.01 27.56 36.95
C TRP C 27 55.14 28.73 37.93
N ALA C 28 55.80 29.81 37.51
CA ALA C 28 56.01 30.97 38.38
C ALA C 28 54.92 32.02 38.26
N GLY C 29 53.99 31.86 37.31
CA GLY C 29 52.95 32.86 37.11
C GLY C 29 51.61 32.46 37.69
N LYS C 30 51.62 31.50 38.62
CA LYS C 30 50.36 30.97 39.15
C LYS C 30 49.61 31.98 40.01
N LEU C 31 50.33 32.92 40.63
CA LEU C 31 49.67 33.88 41.53
C LEU C 31 48.71 34.79 40.76
N TRP C 32 49.16 35.31 39.61
CA TRP C 32 48.29 36.13 38.79
C TRP C 32 47.08 35.36 38.31
N ILE C 33 47.30 34.10 37.90
CA ILE C 33 46.21 33.26 37.43
C ILE C 33 45.17 33.08 38.54
N ILE C 34 45.62 32.77 39.75
CA ILE C 34 44.71 32.53 40.86
C ILE C 34 43.94 33.80 41.20
N GLY C 35 44.64 34.93 41.28
CA GLY C 35 43.99 36.19 41.62
C GLY C 35 42.95 36.60 40.60
N MET C 36 43.30 36.51 39.31
CA MET C 36 42.36 36.92 38.28
C MET C 36 41.20 35.94 38.14
N GLY C 37 41.44 34.64 38.39
CA GLY C 37 40.35 33.70 38.44
C GLY C 37 39.38 33.97 39.57
N LEU C 38 39.91 34.35 40.74
CA LEU C 38 39.05 34.73 41.85
C LEU C 38 38.25 35.99 41.51
N ALA C 39 38.89 36.95 40.84
CA ALA C 39 38.16 38.15 40.40
C ALA C 39 37.05 37.79 39.43
N PHE C 40 37.33 36.88 38.49
CA PHE C 40 36.31 36.45 37.54
C PHE C 40 35.15 35.75 38.25
N ALA C 41 35.47 34.93 39.26
CA ALA C 41 34.42 34.26 40.03
C ALA C 41 33.56 35.27 40.79
N LEU C 42 34.19 36.31 41.35
CA LEU C 42 33.42 37.35 42.02
C LEU C 42 32.52 38.10 41.04
N ILE C 43 33.03 38.37 39.84
CA ILE C 43 32.22 39.02 38.81
C ILE C 43 31.05 38.12 38.43
N ALA C 44 31.29 36.81 38.35
CA ALA C 44 30.21 35.86 38.06
C ALA C 44 29.15 35.87 39.15
N LEU C 45 29.57 35.92 40.41
CA LEU C 45 28.62 36.01 41.51
C LEU C 45 27.79 37.29 41.40
N ALA C 46 28.45 38.41 41.10
CA ALA C 46 27.73 39.67 40.94
C ALA C 46 26.70 39.59 39.80
N TYR C 47 27.09 38.96 38.68
CA TYR C 47 26.17 38.82 37.57
C TYR C 47 25.00 37.93 37.93
N THR C 48 25.25 36.83 38.67
CA THR C 48 24.16 35.95 39.08
C THR C 48 23.19 36.67 40.00
N PHE C 49 23.70 37.50 40.91
CA PHE C 49 22.81 38.26 41.79
C PHE C 49 22.02 39.33 41.05
N PHE C 50 22.37 39.64 39.81
CA PHE C 50 21.69 40.67 39.03
C PHE C 50 20.73 40.10 38.00
N ALA C 51 20.50 38.79 38.00
CA ALA C 51 19.70 38.14 36.99
C ALA C 51 18.38 37.63 37.56
N ARG C 52 17.44 37.34 36.68
CA ARG C 52 16.14 36.81 37.08
C ARG C 52 16.28 35.34 37.46
N GLN C 53 15.34 34.89 38.30
CA GLN C 53 15.41 33.52 38.84
C GLN C 53 15.16 32.48 37.76
N GLU C 54 14.10 32.66 36.96
CA GLU C 54 13.80 31.80 35.82
C GLU C 54 13.63 30.34 36.26
N TRP C 55 12.58 30.11 37.04
CA TRP C 55 12.17 28.75 37.38
C TRP C 55 11.29 28.18 36.28
N SER C 56 11.28 26.85 36.16
CA SER C 56 10.61 26.17 35.07
C SER C 56 9.76 25.01 35.59
N SER C 57 8.63 24.79 34.92
CA SER C 57 7.73 23.70 35.24
C SER C 57 7.30 23.00 33.95
N THR C 58 7.00 21.71 34.05
CA THR C 58 6.73 20.88 32.89
C THR C 58 5.44 20.09 33.09
N ALA C 59 4.71 19.91 32.00
CA ALA C 59 3.49 19.10 31.98
C ALA C 59 3.49 18.22 30.74
N ILE C 60 2.96 17.01 30.89
CA ILE C 60 2.84 16.07 29.77
C ILE C 60 1.40 15.60 29.71
N THR C 61 0.79 15.69 28.54
CA THR C 61 -0.63 15.44 28.36
C THR C 61 -0.85 14.30 27.35
N ASP C 62 -2.11 13.85 27.28
CA ASP C 62 -2.52 12.81 26.35
C ASP C 62 -3.99 13.01 26.01
N ARG C 63 -4.52 12.11 25.19
CA ARG C 63 -5.91 12.22 24.78
C ARG C 63 -6.84 12.06 25.98
N PRO C 64 -7.98 12.76 25.98
CA PRO C 64 -8.92 12.63 27.10
C PRO C 64 -9.61 11.28 27.08
N THR C 65 -10.17 10.93 28.24
CA THR C 65 -10.97 9.73 28.36
C THR C 65 -12.39 9.99 27.87
N VAL C 66 -13.15 8.91 27.69
CA VAL C 66 -14.54 9.05 27.24
C VAL C 66 -15.37 9.77 28.30
N ASN C 67 -15.09 9.51 29.58
CA ASN C 67 -15.90 10.05 30.66
C ASN C 67 -15.72 11.56 30.84
N MET C 68 -14.59 12.13 30.43
CA MET C 68 -14.32 13.54 30.63
C MET C 68 -14.76 14.40 29.45
N LEU C 69 -15.31 13.78 28.40
CA LEU C 69 -15.93 14.53 27.31
C LEU C 69 -17.38 14.86 27.59
N GLY C 70 -17.89 14.49 28.77
CA GLY C 70 -19.25 14.82 29.14
C GLY C 70 -20.24 14.27 28.15
N GLY C 71 -21.28 15.07 27.86
CA GLY C 71 -22.21 14.70 26.82
C GLY C 71 -21.66 14.88 25.43
N TYR C 72 -20.63 15.72 25.27
CA TYR C 72 -20.17 16.10 23.94
C TYR C 72 -19.89 14.88 23.09
N TYR C 73 -19.11 13.94 23.62
CA TYR C 73 -18.82 12.68 22.94
C TYR C 73 -20.07 12.10 22.29
N SER C 74 -21.09 11.81 23.11
CA SER C 74 -22.29 11.20 22.59
C SER C 74 -22.86 12.01 21.44
N GLN C 75 -23.00 13.33 21.63
CA GLN C 75 -23.53 14.17 20.57
C GLN C 75 -22.73 13.99 19.30
N GLN C 76 -21.40 14.08 19.40
CA GLN C 76 -20.57 13.93 18.21
C GLN C 76 -20.81 12.58 17.57
N GLN C 77 -20.87 11.52 18.38
CA GLN C 77 -21.12 10.19 17.83
C GLN C 77 -22.40 10.19 17.01
N PHE C 78 -23.46 10.82 17.54
CA PHE C 78 -24.72 10.88 16.83
C PHE C 78 -24.51 11.45 15.43
N LEU C 79 -23.83 12.59 15.34
CA LEU C 79 -23.60 13.20 14.04
C LEU C 79 -22.84 12.25 13.14
N ARG C 80 -21.81 11.59 13.68
CA ARG C 80 -21.05 10.65 12.88
C ARG C 80 -21.96 9.56 12.31
N ASN C 81 -22.91 9.09 13.11
CA ASN C 81 -23.86 8.09 12.64
C ASN C 81 -24.52 8.56 11.34
N LEU C 82 -24.99 9.80 11.32
CA LEU C 82 -25.65 10.32 10.13
C LEU C 82 -24.67 10.35 8.96
N ASP C 83 -23.43 10.78 9.21
CA ASP C 83 -22.44 10.83 8.13
C ASP C 83 -22.14 9.43 7.59
N VAL C 84 -22.45 8.39 8.35
CA VAL C 84 -22.34 7.03 7.84
C VAL C 84 -23.61 6.61 7.11
N ARG C 85 -24.76 7.02 7.62
CA ARG C 85 -26.02 6.65 6.99
C ARG C 85 -26.16 7.27 5.60
N SER C 86 -25.80 8.55 5.47
CA SER C 86 -25.86 9.25 4.20
C SER C 86 -24.53 9.94 3.96
N ASN C 87 -24.14 10.04 2.68
CA ASN C 87 -22.90 10.67 2.27
C ASN C 87 -21.70 10.01 2.95
N MET C 88 -21.43 8.76 2.52
CA MET C 88 -20.42 7.91 3.12
C MET C 88 -19.11 8.66 3.35
N ALA C 89 -18.72 8.81 4.61
CA ALA C 89 -17.51 9.55 4.95
C ALA C 89 -16.74 8.94 6.12
N SER C 90 -17.07 7.73 6.54
CA SER C 90 -16.40 7.15 7.71
C SER C 90 -14.91 6.99 7.48
N ALA C 91 -14.54 6.10 6.54
CA ALA C 91 -13.14 5.91 6.15
C ALA C 91 -12.24 5.68 7.36
N ASP C 92 -12.74 4.91 8.32
CA ASP C 92 -12.09 4.65 9.61
C ASP C 92 -11.40 5.91 10.16
N GLN C 93 -12.21 6.94 10.36
CA GLN C 93 -11.72 8.22 10.82
C GLN C 93 -11.26 8.12 12.28
N PRO C 94 -10.39 9.04 12.72
CA PRO C 94 -9.97 9.04 14.12
C PRO C 94 -11.15 9.28 15.06
N SER C 95 -11.04 8.74 16.27
CA SER C 95 -12.11 8.80 17.23
C SER C 95 -12.37 10.24 17.69
N VAL C 96 -13.47 10.42 18.43
CA VAL C 96 -13.81 11.74 18.93
C VAL C 96 -12.75 12.25 19.89
N MET C 97 -12.20 11.35 20.71
CA MET C 97 -11.14 11.75 21.63
C MET C 97 -9.91 12.24 20.89
N ASP C 98 -9.57 11.60 19.77
CA ASP C 98 -8.43 12.04 18.97
C ASP C 98 -8.64 13.45 18.44
N GLU C 99 -9.84 13.75 17.94
CA GLU C 99 -10.11 15.10 17.43
C GLU C 99 -10.09 16.13 18.56
N ALA C 100 -10.66 15.78 19.71
CA ALA C 100 -10.64 16.70 20.85
C ALA C 100 -9.21 16.99 21.28
N TYR C 101 -8.37 15.95 21.35
CA TYR C 101 -6.97 16.16 21.73
C TYR C 101 -6.21 16.94 20.67
N LYS C 102 -6.54 16.73 19.39
CA LYS C 102 -5.91 17.52 18.34
C LYS C 102 -6.24 18.99 18.48
N GLU C 103 -7.49 19.31 18.78
CA GLU C 103 -7.87 20.70 19.01
C GLU C 103 -7.17 21.26 20.24
N PHE C 104 -7.08 20.45 21.31
CA PHE C 104 -6.40 20.90 22.52
C PHE C 104 -4.92 21.18 22.25
N VAL C 105 -4.26 20.32 21.48
CA VAL C 105 -2.85 20.52 21.16
C VAL C 105 -2.68 21.75 20.28
N MET C 106 -3.61 21.97 19.35
CA MET C 106 -3.56 23.18 18.52
C MET C 106 -3.69 24.43 19.38
N GLN C 107 -4.58 24.40 20.37
CA GLN C 107 -4.74 25.56 21.25
C GLN C 107 -3.53 25.74 22.16
N LEU C 108 -2.91 24.65 22.60
CA LEU C 108 -1.81 24.73 23.54
C LEU C 108 -0.60 25.43 22.93
N ALA C 109 -0.28 25.10 21.68
CA ALA C 109 0.87 25.66 21.00
C ALA C 109 0.59 27.00 20.34
N SER C 110 -0.64 27.48 20.38
CA SER C 110 -1.01 28.69 19.67
C SER C 110 -0.39 29.93 20.33
N TRP C 111 0.17 30.81 19.50
CA TRP C 111 0.69 32.08 19.99
C TRP C 111 -0.42 32.94 20.57
N ASP C 112 -1.58 32.96 19.93
CA ASP C 112 -2.69 33.77 20.41
C ASP C 112 -3.18 33.28 21.77
N THR C 113 -3.19 31.96 21.97
CA THR C 113 -3.62 31.43 23.26
C THR C 113 -2.69 31.88 24.38
N ARG C 114 -1.38 31.82 24.15
CA ARG C 114 -0.43 32.26 25.16
C ARG C 114 -0.58 33.76 25.42
N ARG C 115 -0.76 34.55 24.36
CA ARG C 115 -0.92 35.99 24.53
C ARG C 115 -2.16 36.30 25.37
N GLU C 116 -3.29 35.67 25.05
CA GLU C 116 -4.52 35.94 25.77
C GLU C 116 -4.47 35.40 27.19
N PHE C 117 -3.74 34.30 27.42
CA PHE C 117 -3.58 33.79 28.78
C PHE C 117 -2.76 34.76 29.62
N TRP C 118 -1.65 35.26 29.07
CA TRP C 118 -0.82 36.19 29.82
C TRP C 118 -1.53 37.51 30.06
N LEU C 119 -2.38 37.95 29.13
CA LEU C 119 -3.02 39.26 29.26
C LEU C 119 -4.00 39.32 30.44
N GLN C 120 -4.42 38.16 30.99
CA GLN C 120 -5.40 38.15 32.07
C GLN C 120 -4.91 37.35 33.27
N THR C 121 -3.60 37.13 33.40
CA THR C 121 -3.09 36.16 34.36
C THR C 121 -2.80 36.74 35.74
N ASP C 122 -2.90 38.07 35.91
CA ASP C 122 -2.69 38.75 37.19
C ASP C 122 -1.25 38.65 37.65
N TYR C 123 -0.42 37.92 36.89
CA TYR C 123 1.02 37.88 37.08
C TYR C 123 1.73 38.80 36.10
N TYR C 124 1.15 38.98 34.91
CA TYR C 124 1.61 39.99 33.97
C TYR C 124 1.14 41.38 34.38
N LYS C 125 -0.08 41.49 34.90
CA LYS C 125 -0.63 42.79 35.28
C LYS C 125 0.18 43.45 36.38
N GLN C 126 0.72 42.66 37.31
CA GLN C 126 1.54 43.23 38.38
C GLN C 126 2.83 43.83 37.83
N ARG C 127 3.41 43.20 36.81
CA ARG C 127 4.65 43.69 36.22
C ARG C 127 4.37 44.63 35.04
N MET C 128 3.52 45.63 35.25
CA MET C 128 3.22 46.63 34.25
C MET C 128 3.64 48.00 34.77
N VAL C 129 4.50 48.68 34.01
CA VAL C 129 5.00 49.98 34.42
C VAL C 129 4.19 51.13 33.86
N GLY C 130 3.17 50.84 33.06
CA GLY C 130 2.37 51.88 32.44
C GLY C 130 2.88 52.37 31.10
N ASN C 131 4.06 51.92 30.66
CA ASN C 131 4.61 52.30 29.37
C ASN C 131 4.25 51.24 28.34
N SER C 132 3.67 51.67 27.23
CA SER C 132 3.14 50.73 26.24
C SER C 132 4.25 49.87 25.64
N LYS C 133 5.39 50.47 25.31
CA LYS C 133 6.47 49.73 24.68
C LYS C 133 7.04 48.68 25.62
N ALA C 134 7.29 49.05 26.88
CA ALA C 134 7.81 48.10 27.85
C ALA C 134 6.81 46.98 28.13
N ASP C 135 5.53 47.32 28.24
CA ASP C 135 4.51 46.31 28.46
C ASP C 135 4.44 45.33 27.29
N ALA C 136 4.52 45.84 26.06
CA ALA C 136 4.51 44.97 24.90
C ALA C 136 5.73 44.07 24.87
N ALA C 137 6.90 44.61 25.20
CA ALA C 137 8.11 43.80 25.21
C ALA C 137 8.02 42.70 26.26
N LEU C 138 7.52 43.04 27.46
CA LEU C 138 7.38 42.03 28.51
C LEU C 138 6.36 40.96 28.11
N LEU C 139 5.25 41.38 27.48
CA LEU C 139 4.26 40.42 27.02
C LEU C 139 4.86 39.47 26.00
N ASP C 140 5.66 40.00 25.07
CA ASP C 140 6.31 39.14 24.08
C ASP C 140 7.27 38.17 24.74
N GLU C 141 8.05 38.64 25.72
CA GLU C 141 8.99 37.77 26.41
C GLU C 141 8.27 36.65 27.14
N MET C 142 7.17 36.97 27.83
CA MET C 142 6.45 35.95 28.57
C MET C 142 5.68 35.01 27.65
N ILE C 143 5.26 35.49 26.48
CA ILE C 143 4.70 34.59 25.47
C ILE C 143 5.76 33.59 25.03
N ASN C 144 6.98 34.07 24.80
CA ASN C 144 8.07 33.17 24.45
C ASN C 144 8.48 32.27 25.61
N ASN C 145 8.11 32.61 26.84
CA ASN C 145 8.44 31.77 27.98
C ASN C 145 7.76 30.40 27.89
N ILE C 146 6.51 30.36 27.44
CA ILE C 146 5.79 29.10 27.30
C ILE C 146 6.25 28.41 26.01
N GLN C 147 6.65 27.16 26.13
CA GLN C 147 7.15 26.38 25.00
C GLN C 147 6.39 25.07 24.90
N PHE C 148 6.07 24.67 23.67
CA PHE C 148 5.38 23.42 23.41
C PHE C 148 6.28 22.52 22.59
N ILE C 149 6.49 21.30 23.07
CA ILE C 149 7.32 20.30 22.41
C ILE C 149 6.40 19.17 21.95
N PRO C 150 6.08 19.08 20.67
CA PRO C 150 5.25 17.96 20.19
C PRO C 150 6.00 16.64 20.30
N GLY C 151 5.24 15.58 20.53
CA GLY C 151 5.79 14.25 20.64
C GLY C 151 5.43 13.39 19.45
N ASP C 152 6.29 12.43 19.15
CA ASP C 152 6.08 11.47 18.08
C ASP C 152 6.05 10.08 18.68
N PHE C 153 5.10 9.26 18.24
CA PHE C 153 4.85 7.95 18.83
C PHE C 153 5.97 6.95 18.55
N THR C 154 6.91 7.27 17.66
CA THR C 154 7.94 6.30 17.29
C THR C 154 8.82 5.93 18.49
N ARG C 155 9.23 6.92 19.28
CA ARG C 155 10.03 6.66 20.48
C ARG C 155 9.21 6.77 21.75
N ALA C 156 7.88 6.72 21.64
CA ALA C 156 6.98 6.74 22.79
C ALA C 156 7.19 7.97 23.66
N VAL C 157 7.22 9.14 23.02
CA VAL C 157 7.30 10.42 23.71
C VAL C 157 6.04 11.21 23.38
N ASN C 158 5.40 11.75 24.42
CA ASN C 158 4.15 12.46 24.29
C ASN C 158 4.39 13.96 24.21
N ASP C 159 3.33 14.69 23.86
CA ASP C 159 3.40 16.14 23.80
C ASP C 159 3.65 16.71 25.19
N SER C 160 4.52 17.71 25.27
CA SER C 160 4.87 18.33 26.54
C SER C 160 4.79 19.85 26.41
N VAL C 161 4.56 20.50 27.54
CA VAL C 161 4.53 21.96 27.61
C VAL C 161 5.34 22.41 28.80
N LYS C 162 6.20 23.39 28.60
CA LYS C 162 7.08 23.92 29.64
C LYS C 162 6.80 25.40 29.82
N LEU C 163 6.65 25.81 31.08
CA LEU C 163 6.41 27.20 31.42
C LEU C 163 7.53 27.72 32.30
N ILE C 164 7.86 28.99 32.14
CA ILE C 164 8.94 29.63 32.88
C ILE C 164 8.38 30.86 33.60
N ALA C 165 8.67 30.95 34.89
CA ALA C 165 8.24 32.08 35.73
C ALA C 165 9.41 32.53 36.59
N GLU C 166 9.14 33.44 37.51
CA GLU C 166 10.17 33.97 38.39
C GLU C 166 10.28 33.21 39.71
N THR C 167 9.29 32.41 40.07
CA THR C 167 9.33 31.62 41.29
C THR C 167 8.73 30.24 41.00
N ALA C 168 9.12 29.28 41.84
CA ALA C 168 8.60 27.92 41.68
C ALA C 168 7.09 27.83 41.86
N PRO C 169 6.48 28.40 42.91
CA PRO C 169 5.02 28.35 42.99
C PRO C 169 4.34 29.01 41.80
N ASP C 170 4.90 30.11 41.31
CA ASP C 170 4.37 30.73 40.10
C ASP C 170 4.52 29.80 38.90
N ALA C 171 5.67 29.17 38.75
CA ALA C 171 5.89 28.28 37.62
C ALA C 171 4.91 27.11 37.63
N ASN C 172 4.52 26.64 38.82
CA ASN C 172 3.55 25.55 38.90
C ASN C 172 2.14 26.04 38.63
N ASN C 173 1.71 27.08 39.35
CA ASN C 173 0.33 27.54 39.25
C ASN C 173 0.03 28.08 37.86
N LEU C 174 0.96 28.84 37.28
CA LEU C 174 0.72 29.41 35.95
C LEU C 174 0.62 28.31 34.89
N LEU C 175 1.44 27.26 35.00
CA LEU C 175 1.33 26.17 34.04
C LEU C 175 0.00 25.44 34.18
N ARG C 176 -0.44 25.20 35.42
CA ARG C 176 -1.75 24.58 35.61
C ARG C 176 -2.86 25.43 35.02
N GLN C 177 -2.81 26.74 35.29
CA GLN C 177 -3.84 27.64 34.79
C GLN C 177 -3.81 27.71 33.26
N TYR C 178 -2.62 27.71 32.66
CA TYR C 178 -2.53 27.77 31.21
C TYR C 178 -3.08 26.51 30.57
N VAL C 179 -2.80 25.34 31.15
CA VAL C 179 -3.34 24.11 30.60
C VAL C 179 -4.87 24.13 30.69
N ALA C 180 -5.41 24.59 31.83
CA ALA C 180 -6.86 24.70 31.96
C ALA C 180 -7.43 25.68 30.95
N PHE C 181 -6.73 26.80 30.73
CA PHE C 181 -7.17 27.81 29.79
C PHE C 181 -7.24 27.26 28.37
N ALA C 182 -6.19 26.55 27.96
CA ALA C 182 -6.16 25.96 26.62
C ALA C 182 -7.24 24.90 26.47
N SER C 183 -7.46 24.09 27.52
CA SER C 183 -8.51 23.08 27.45
C SER C 183 -9.87 23.72 27.31
N GLN C 184 -10.12 24.81 28.05
CA GLN C 184 -11.41 25.49 27.95
C GLN C 184 -11.61 26.09 26.57
N ARG C 185 -10.57 26.69 26.00
CA ARG C 185 -10.68 27.23 24.66
C ARG C 185 -10.96 26.13 23.64
N ALA C 186 -10.28 24.99 23.77
CA ALA C 186 -10.52 23.89 22.85
C ALA C 186 -11.95 23.36 23.00
N ALA C 187 -12.45 23.28 24.22
CA ALA C 187 -13.82 22.83 24.44
C ALA C 187 -14.82 23.77 23.81
N SER C 188 -14.60 25.08 23.95
CA SER C 188 -15.50 26.06 23.33
C SER C 188 -15.48 25.94 21.81
N HIS C 189 -14.28 25.78 21.23
CA HIS C 189 -14.17 25.63 19.79
C HIS C 189 -14.87 24.36 19.32
N LEU C 190 -14.73 23.27 20.07
CA LEU C 190 -15.40 22.01 19.70
C LEU C 190 -16.91 22.16 19.79
N ASN C 191 -17.40 22.88 20.78
CA ASN C 191 -18.84 23.12 20.88
C ASN C 191 -19.34 23.94 19.70
N ASP C 192 -18.58 24.95 19.29
CA ASP C 192 -18.97 25.73 18.12
C ASP C 192 -18.99 24.87 16.86
N GLU C 193 -17.98 24.00 16.71
CA GLU C 193 -17.95 23.09 15.57
C GLU C 193 -19.15 22.15 15.57
N LEU C 194 -19.51 21.64 16.76
CA LEU C 194 -20.67 20.77 16.87
C LEU C 194 -21.94 21.51 16.48
N LYS C 195 -22.10 22.76 16.92
CA LYS C 195 -23.26 23.54 16.53
C LYS C 195 -23.32 23.74 15.02
N GLY C 196 -22.19 24.06 14.40
CA GLY C 196 -22.18 24.26 12.96
C GLY C 196 -22.55 23.01 12.19
N ALA C 197 -21.94 21.88 12.58
CA ALA C 197 -22.25 20.62 11.91
C ALA C 197 -23.70 20.21 12.11
N TRP C 198 -24.22 20.42 13.33
CA TRP C 198 -25.61 20.09 13.59
C TRP C 198 -26.55 20.94 12.74
N ALA C 199 -26.27 22.23 12.62
CA ALA C 199 -27.10 23.09 11.79
C ALA C 199 -27.06 22.66 10.32
N ALA C 200 -25.86 22.34 9.82
CA ALA C 200 -25.76 21.90 8.44
C ALA C 200 -26.54 20.61 8.21
N ARG C 201 -26.42 19.66 9.14
CA ARG C 201 -27.15 18.40 9.00
C ARG C 201 -28.66 18.61 9.07
N THR C 202 -29.11 19.51 9.94
CA THR C 202 -30.54 19.81 10.02
C THR C 202 -31.04 20.42 8.72
N ILE C 203 -30.27 21.33 8.14
CA ILE C 203 -30.67 21.94 6.86
C ILE C 203 -30.75 20.87 5.78
N GLN C 204 -29.75 19.99 5.72
CA GLN C 204 -29.77 18.93 4.71
C GLN C 204 -30.96 18.00 4.88
N MET C 205 -31.27 17.63 6.12
CA MET C 205 -32.40 16.74 6.36
C MET C 205 -33.72 17.41 6.01
N LYS C 206 -33.86 18.71 6.33
CA LYS C 206 -35.07 19.42 5.95
C LYS C 206 -35.24 19.45 4.43
N ALA C 207 -34.15 19.70 3.70
CA ALA C 207 -34.22 19.71 2.24
C ALA C 207 -34.61 18.34 1.71
N GLN C 208 -34.03 17.27 2.28
CA GLN C 208 -34.35 15.93 1.83
C GLN C 208 -35.82 15.59 2.08
N VAL C 209 -36.34 15.96 3.26
CA VAL C 209 -37.73 15.69 3.57
C VAL C 209 -38.65 16.46 2.63
N LYS C 210 -38.31 17.72 2.32
CA LYS C 210 -39.11 18.50 1.39
C LYS C 210 -39.10 17.86 0.00
N ARG C 211 -37.94 17.37 -0.45
CA ARG C 211 -37.87 16.70 -1.74
C ARG C 211 -38.73 15.43 -1.75
N GLN C 212 -38.69 14.66 -0.67
CA GLN C 212 -39.53 13.47 -0.59
C GLN C 212 -41.02 13.83 -0.66
N GLU C 213 -41.41 14.88 0.05
CA GLU C 213 -42.80 15.33 0.00
C GLU C 213 -43.19 15.75 -1.41
N GLU C 214 -42.30 16.47 -2.10
CA GLU C 214 -42.60 16.92 -3.46
C GLU C 214 -42.72 15.74 -4.42
N VAL C 215 -41.86 14.72 -4.26
CA VAL C 215 -41.95 13.54 -5.11
C VAL C 215 -43.28 12.82 -4.88
N ALA C 216 -43.67 12.65 -3.62
CA ALA C 216 -44.93 12.00 -3.31
C ALA C 216 -46.10 12.81 -3.86
N LYS C 217 -46.03 14.14 -3.76
CA LYS C 217 -47.09 14.97 -4.31
C LYS C 217 -47.18 14.84 -5.82
N ALA C 218 -46.04 14.75 -6.51
CA ALA C 218 -46.05 14.57 -7.95
C ALA C 218 -46.70 13.25 -8.33
N ILE C 219 -46.35 12.18 -7.64
CA ILE C 219 -46.97 10.87 -7.94
C ILE C 219 -48.47 10.93 -7.67
N TYR C 220 -48.87 11.55 -6.56
CA TYR C 220 -50.29 11.66 -6.23
C TYR C 220 -51.03 12.48 -7.28
N ASP C 221 -50.42 13.55 -7.76
CA ASP C 221 -51.05 14.36 -8.80
C ASP C 221 -51.19 13.59 -10.10
N ARG C 222 -50.18 12.78 -10.45
CA ARG C 222 -50.29 11.96 -11.64
C ARG C 222 -51.44 10.96 -11.52
N ARG C 223 -51.58 10.32 -10.35
CA ARG C 223 -52.68 9.39 -10.16
C ARG C 223 -54.03 10.09 -10.21
N MET C 224 -54.12 11.28 -9.61
CA MET C 224 -55.34 12.08 -9.68
C MET C 224 -55.71 12.40 -11.12
N ASN C 225 -54.72 12.81 -11.92
CA ASN C 225 -54.99 13.14 -13.31
C ASN C 225 -55.45 11.91 -14.09
N SER C 226 -54.82 10.77 -13.84
CA SER C 226 -55.23 9.54 -14.53
C SER C 226 -56.68 9.17 -14.18
N ILE C 227 -57.03 9.26 -12.89
CA ILE C 227 -58.39 8.94 -12.49
C ILE C 227 -59.39 9.92 -13.09
N GLU C 228 -59.06 11.22 -13.09
CA GLU C 228 -59.97 12.20 -13.67
C GLU C 228 -60.17 11.98 -15.16
N GLN C 229 -59.08 11.69 -15.88
CA GLN C 229 -59.21 11.43 -17.31
C GLN C 229 -60.03 10.18 -17.58
N ALA C 230 -59.82 9.12 -16.81
CA ALA C 230 -60.61 7.91 -16.98
C ALA C 230 -62.08 8.18 -16.71
N LEU C 231 -62.39 8.93 -15.66
CA LEU C 231 -63.77 9.27 -15.36
C LEU C 231 -64.41 10.08 -16.47
N LYS C 232 -63.69 11.08 -16.99
CA LYS C 232 -64.23 11.93 -18.04
C LYS C 232 -64.50 11.12 -19.30
N ILE C 233 -63.54 10.30 -19.73
CA ILE C 233 -63.72 9.54 -20.95
C ILE C 233 -64.83 8.50 -20.78
N ALA C 234 -64.93 7.89 -19.60
CA ALA C 234 -65.98 6.91 -19.37
C ALA C 234 -67.36 7.57 -19.42
N GLU C 235 -67.52 8.72 -18.76
CA GLU C 235 -68.82 9.38 -18.75
C GLU C 235 -69.18 9.93 -20.11
N GLN C 236 -68.17 10.33 -20.92
CA GLN C 236 -68.47 10.82 -22.25
C GLN C 236 -68.84 9.67 -23.19
N HIS C 237 -68.14 8.54 -23.08
CA HIS C 237 -68.35 7.43 -24.01
C HIS C 237 -69.65 6.69 -23.68
N ASN C 238 -69.93 6.45 -22.40
CA ASN C 238 -71.05 5.61 -22.00
C ASN C 238 -72.34 6.40 -21.85
N ILE C 239 -72.37 7.38 -20.95
CA ILE C 239 -73.62 8.08 -20.67
C ILE C 239 -74.03 8.95 -21.85
N SER C 240 -73.09 9.72 -22.40
CA SER C 240 -73.44 10.68 -23.44
C SER C 240 -73.70 10.02 -24.79
N ARG C 241 -72.88 9.05 -25.17
CA ARG C 241 -72.93 8.47 -26.51
C ARG C 241 -73.61 7.11 -26.56
N SER C 242 -74.20 6.67 -25.46
CA SER C 242 -74.86 5.37 -25.43
C SER C 242 -75.98 5.39 -24.41
N ALA C 243 -76.90 4.43 -24.55
CA ALA C 243 -78.00 4.28 -23.60
C ALA C 243 -77.60 3.49 -22.36
N THR C 244 -76.43 2.86 -22.35
CA THR C 244 -75.98 2.12 -21.19
C THR C 244 -75.71 3.07 -20.03
N ASP C 245 -76.16 2.68 -18.84
CA ASP C 245 -76.03 3.51 -17.65
C ASP C 245 -76.13 2.61 -16.43
N VAL C 246 -76.31 3.24 -15.25
CA VAL C 246 -76.46 2.45 -14.02
C VAL C 246 -77.62 1.48 -14.08
N PRO C 247 -78.82 1.84 -14.56
CA PRO C 247 -79.93 0.86 -14.57
C PRO C 247 -79.70 -0.34 -15.49
N ALA C 248 -78.54 -0.46 -16.13
CA ALA C 248 -78.26 -1.63 -16.95
C ALA C 248 -77.98 -2.88 -16.13
N GLU C 249 -77.88 -2.74 -14.80
CA GLU C 249 -77.65 -3.86 -13.88
C GLU C 249 -76.30 -4.51 -14.13
N GLU C 250 -76.12 -5.73 -13.62
CA GLU C 250 -74.85 -6.46 -13.70
C GLU C 250 -73.71 -5.68 -13.05
N LEU C 251 -74.04 -4.86 -12.04
CA LEU C 251 -73.01 -4.08 -11.36
C LEU C 251 -71.97 -4.93 -10.64
N PRO C 252 -72.34 -5.96 -9.84
CA PRO C 252 -71.31 -6.67 -9.07
C PRO C 252 -70.25 -7.38 -9.92
N ASP C 253 -70.68 -8.26 -10.83
CA ASP C 253 -69.76 -9.11 -11.59
C ASP C 253 -70.02 -8.92 -13.09
N SER C 254 -69.36 -7.92 -13.68
CA SER C 254 -69.40 -7.75 -15.13
C SER C 254 -68.05 -7.33 -15.69
N GLU C 255 -66.96 -7.47 -14.92
CA GLU C 255 -65.62 -7.09 -15.36
C GLU C 255 -65.55 -5.61 -15.72
N MET C 256 -65.69 -5.31 -17.01
CA MET C 256 -65.59 -3.93 -17.48
C MET C 256 -66.66 -3.06 -16.83
N PHE C 257 -67.91 -3.54 -16.83
CA PHE C 257 -69.00 -2.75 -16.26
C PHE C 257 -68.90 -2.61 -14.74
N LEU C 258 -68.16 -3.50 -14.08
CA LEU C 258 -67.96 -3.35 -12.64
C LEU C 258 -67.20 -2.07 -12.32
N LEU C 259 -66.16 -1.77 -13.10
CA LEU C 259 -65.39 -0.53 -12.93
C LEU C 259 -66.03 0.51 -13.84
N GLY C 260 -66.83 1.39 -13.25
CA GLY C 260 -67.52 2.41 -14.03
C GLY C 260 -67.56 3.74 -13.31
N ARG C 261 -68.62 4.52 -13.56
CA ARG C 261 -68.76 5.81 -12.91
C ARG C 261 -68.78 5.71 -11.38
N PRO C 262 -69.56 4.82 -10.75
CA PRO C 262 -69.54 4.79 -9.28
C PRO C 262 -68.19 4.41 -8.70
N MET C 263 -67.56 3.35 -9.22
CA MET C 263 -66.27 2.92 -8.70
C MET C 263 -65.20 3.98 -8.93
N LEU C 264 -65.20 4.60 -10.12
CA LEU C 264 -64.21 5.63 -10.40
C LEU C 264 -64.40 6.85 -9.51
N GLN C 265 -65.66 7.26 -9.28
CA GLN C 265 -65.92 8.39 -8.39
C GLN C 265 -65.51 8.06 -6.96
N ALA C 266 -65.79 6.85 -6.50
CA ALA C 266 -65.38 6.45 -5.15
C ALA C 266 -63.87 6.44 -5.02
N GLU C 267 -63.17 5.94 -6.03
CA GLU C 267 -61.71 5.96 -6.01
C GLU C 267 -61.17 7.38 -5.99
N LEU C 268 -61.78 8.27 -6.79
CA LEU C 268 -61.37 9.66 -6.80
C LEU C 268 -61.53 10.30 -5.43
N GLU C 269 -62.68 10.08 -4.80
CA GLU C 269 -62.94 10.66 -3.48
C GLU C 269 -61.98 10.08 -2.44
N ASN C 270 -61.75 8.77 -2.48
CA ASN C 270 -60.85 8.14 -1.53
C ASN C 270 -59.42 8.65 -1.66
N LEU C 271 -58.94 8.79 -2.90
CA LEU C 271 -57.60 9.32 -3.11
C LEU C 271 -57.50 10.78 -2.69
N GLN C 272 -58.56 11.56 -2.94
CA GLN C 272 -58.57 12.95 -2.48
C GLN C 272 -58.51 13.04 -0.97
N ALA C 273 -59.24 12.15 -0.28
CA ALA C 273 -59.27 12.20 1.18
C ALA C 273 -57.96 11.72 1.79
N VAL C 274 -57.40 10.62 1.27
CA VAL C 274 -56.22 10.04 1.89
C VAL C 274 -55.01 10.95 1.69
N GLY C 275 -54.79 11.43 0.47
CA GLY C 275 -53.65 12.27 0.17
C GLY C 275 -52.48 11.48 -0.36
N PRO C 276 -51.33 12.14 -0.51
CA PRO C 276 -50.15 11.46 -1.05
C PRO C 276 -49.69 10.33 -0.14
N ALA C 277 -49.09 9.31 -0.76
CA ALA C 277 -48.62 8.13 -0.06
C ALA C 277 -47.12 8.23 0.22
N PHE C 278 -46.74 7.96 1.45
CA PHE C 278 -45.35 8.02 1.88
C PHE C 278 -44.87 6.64 2.31
N ASP C 279 -43.57 6.42 2.14
CA ASP C 279 -42.96 5.14 2.46
C ASP C 279 -42.33 5.19 3.86
N LEU C 280 -41.67 4.08 4.23
CA LEU C 280 -41.02 4.01 5.53
C LEU C 280 -39.84 4.97 5.63
N ASP C 281 -39.13 5.18 4.52
CA ASP C 281 -37.99 6.09 4.54
C ASP C 281 -38.42 7.50 4.90
N TYR C 282 -39.57 7.95 4.41
CA TYR C 282 -40.06 9.28 4.74
C TYR C 282 -40.33 9.41 6.24
N ASP C 283 -40.95 8.40 6.84
CA ASP C 283 -41.25 8.47 8.27
C ASP C 283 -39.97 8.42 9.10
N GLN C 284 -39.01 7.59 8.69
CA GLN C 284 -37.73 7.56 9.41
C GLN C 284 -37.01 8.89 9.31
N ASN C 285 -37.02 9.51 8.13
CA ASN C 285 -36.41 10.83 7.98
C ASN C 285 -37.13 11.87 8.81
N ARG C 286 -38.47 11.77 8.90
CA ARG C 286 -39.22 12.71 9.72
C ARG C 286 -38.87 12.57 11.19
N ALA C 287 -38.75 11.33 11.68
CA ALA C 287 -38.35 11.13 13.06
C ALA C 287 -36.94 11.64 13.33
N MET C 288 -36.02 11.39 12.40
CA MET C 288 -34.66 11.89 12.58
C MET C 288 -34.61 13.41 12.56
N LEU C 289 -35.44 14.03 11.72
CA LEU C 289 -35.53 15.48 11.70
C LEU C 289 -36.12 16.01 12.99
N ASN C 290 -37.08 15.29 13.56
CA ASN C 290 -37.63 15.69 14.86
C ASN C 290 -36.55 15.65 15.93
N THR C 291 -35.72 14.61 15.93
CA THR C 291 -34.63 14.55 16.91
C THR C 291 -33.56 15.60 16.63
N LEU C 292 -33.37 15.97 15.37
CA LEU C 292 -32.39 17.00 15.03
C LEU C 292 -32.87 18.39 15.40
N ASN C 293 -34.19 18.63 15.39
CA ASN C 293 -34.73 19.96 15.63
C ASN C 293 -34.62 20.38 17.08
N VAL C 294 -34.44 19.43 18.01
CA VAL C 294 -34.33 19.80 19.42
C VAL C 294 -33.01 20.52 19.68
N GLY C 295 -32.01 20.31 18.82
CA GLY C 295 -30.74 20.98 18.94
C GLY C 295 -29.77 20.26 19.84
N PRO C 296 -28.48 20.46 19.61
CA PRO C 296 -27.48 19.83 20.47
C PRO C 296 -27.47 20.45 21.86
N THR C 297 -27.09 19.65 22.85
CA THR C 297 -26.93 20.11 24.22
C THR C 297 -25.46 20.47 24.42
N LEU C 298 -25.18 21.77 24.40
CA LEU C 298 -23.80 22.27 24.51
C LEU C 298 -23.43 22.41 25.98
N ASP C 299 -22.68 21.45 26.50
CA ASP C 299 -22.14 21.55 27.84
C ASP C 299 -20.74 22.11 27.77
N PRO C 300 -20.47 23.26 28.37
CA PRO C 300 -19.09 23.77 28.39
C PRO C 300 -18.26 23.05 29.43
N ARG C 301 -17.03 23.52 29.65
CA ARG C 301 -16.14 23.05 30.71
C ARG C 301 -16.06 21.52 30.78
N PHE C 302 -15.93 20.89 29.62
CA PHE C 302 -15.55 19.49 29.54
C PHE C 302 -14.09 19.40 29.15
N GLN C 303 -13.39 18.42 29.71
CA GLN C 303 -11.95 18.34 29.58
C GLN C 303 -11.56 17.70 28.25
N THR C 304 -10.56 18.29 27.58
CA THR C 304 -10.09 17.82 26.29
C THR C 304 -8.70 17.22 26.36
N TYR C 305 -8.24 16.85 27.55
CA TYR C 305 -6.91 16.31 27.74
C TYR C 305 -6.91 15.45 29.00
N ARG C 306 -5.82 14.71 29.18
CA ARG C 306 -5.56 14.04 30.45
C ARG C 306 -4.08 14.15 30.76
N TYR C 307 -3.77 14.20 32.04
CA TYR C 307 -2.41 14.45 32.51
C TYR C 307 -1.63 13.14 32.58
N LEU C 308 -0.52 13.07 31.85
CA LEU C 308 0.47 12.03 32.08
C LEU C 308 1.55 12.48 33.05
N ARG C 309 1.81 13.79 33.10
CA ARG C 309 2.68 14.38 34.10
C ARG C 309 2.09 15.73 34.47
N THR C 310 1.56 15.82 35.70
CA THR C 310 0.98 17.05 36.19
C THR C 310 2.09 18.05 36.55
N PRO C 311 1.89 19.34 36.33
CA PRO C 311 2.89 20.33 36.75
C PRO C 311 3.12 20.28 38.25
N GLU C 312 4.38 20.47 38.64
CA GLU C 312 4.78 20.51 40.03
C GLU C 312 5.79 21.62 40.24
N GLU C 313 5.98 22.02 41.49
CA GLU C 313 6.95 23.04 41.81
C GLU C 313 8.36 22.53 41.53
N PRO C 314 9.15 23.25 40.75
CA PRO C 314 10.53 22.81 40.50
C PRO C 314 11.36 22.82 41.78
N VAL C 315 12.33 21.91 41.83
CA VAL C 315 13.19 21.80 43.01
C VAL C 315 14.40 22.71 42.88
N LYS C 316 14.88 22.93 41.66
CA LYS C 316 16.04 23.76 41.43
C LYS C 316 15.77 24.76 40.31
N ARG C 317 16.37 25.94 40.44
CA ARG C 317 16.21 26.99 39.44
C ARG C 317 16.89 26.60 38.13
N ASP C 318 16.30 27.03 37.01
CA ASP C 318 16.92 26.80 35.71
C ASP C 318 18.07 27.76 35.46
N SER C 319 17.99 28.98 35.99
CA SER C 319 19.00 30.00 35.83
C SER C 319 19.25 30.66 37.18
N PRO C 320 20.44 31.23 37.39
CA PRO C 320 21.60 31.29 36.49
C PRO C 320 22.60 30.15 36.72
N ARG C 321 22.19 29.08 37.40
CA ARG C 321 23.01 27.90 37.67
C ARG C 321 24.43 28.28 38.11
N ARG C 322 24.53 28.90 39.28
CA ARG C 322 25.77 29.46 39.81
C ARG C 322 27.01 28.61 39.58
N ALA C 323 26.89 27.29 39.75
CA ALA C 323 28.06 26.42 39.65
C ALA C 323 28.66 26.46 38.25
N PHE C 324 27.82 26.37 37.22
CA PHE C 324 28.31 26.38 35.86
C PHE C 324 28.97 27.72 35.53
N LEU C 325 28.36 28.82 35.97
CA LEU C 325 28.94 30.13 35.72
C LEU C 325 30.29 30.28 36.42
N MET C 326 30.38 29.82 37.67
CA MET C 326 31.65 29.85 38.37
C MET C 326 32.71 29.05 37.62
N ILE C 327 32.37 27.83 37.19
CA ILE C 327 33.35 26.98 36.51
C ILE C 327 33.81 27.64 35.22
N MET C 328 32.87 28.14 34.42
CA MET C 328 33.22 28.70 33.11
C MET C 328 34.03 29.98 33.27
N TRP C 329 33.62 30.87 34.16
CA TRP C 329 34.35 32.13 34.34
C TRP C 329 35.72 31.89 34.95
N GLY C 330 35.83 30.92 35.87
CA GLY C 330 37.13 30.59 36.42
C GLY C 330 38.05 29.99 35.37
N ILE C 331 37.52 29.14 34.49
CA ILE C 331 38.33 28.57 33.42
C ILE C 331 38.82 29.67 32.48
N VAL C 332 37.93 30.59 32.12
CA VAL C 332 38.31 31.69 31.22
C VAL C 332 39.38 32.56 31.89
N GLY C 333 39.18 32.91 33.16
CA GLY C 333 40.16 33.71 33.86
C GLY C 333 41.50 33.02 33.99
N GLY C 334 41.49 31.72 34.27
CA GLY C 334 42.74 30.98 34.33
C GLY C 334 43.46 30.93 33.00
N LEU C 335 42.71 30.74 31.91
CA LEU C 335 43.32 30.71 30.59
C LEU C 335 43.95 32.05 30.24
N ILE C 336 43.23 33.15 30.47
CA ILE C 336 43.77 34.45 30.12
C ILE C 336 44.92 34.83 31.04
N GLY C 337 44.86 34.40 32.31
CA GLY C 337 45.98 34.64 33.21
C GLY C 337 47.23 33.86 32.81
N ALA C 338 47.05 32.61 32.38
CA ALA C 338 48.18 31.84 31.88
C ALA C 338 48.77 32.49 30.63
N GLY C 339 47.92 32.99 29.74
CA GLY C 339 48.42 33.71 28.58
C GLY C 339 49.20 34.96 28.96
N VAL C 340 48.69 35.72 29.94
CA VAL C 340 49.38 36.92 30.40
C VAL C 340 50.73 36.56 31.00
N ALA C 341 50.77 35.51 31.83
CA ALA C 341 52.03 35.09 32.44
C ALA C 341 53.02 34.63 31.39
N LEU C 342 52.54 33.92 30.37
CA LEU C 342 53.42 33.50 29.27
C LEU C 342 53.98 34.71 28.52
N THR C 343 53.14 35.72 28.28
CA THR C 343 53.60 36.91 27.58
C THR C 343 54.59 37.73 28.40
N ARG C 344 54.59 37.57 29.72
CA ARG C 344 55.50 38.32 30.58
C ARG C 344 56.87 37.66 30.71
N ARG C 345 57.02 36.43 30.23
CA ARG C 345 58.32 35.75 30.34
C ARG C 345 59.38 36.43 29.48
N CYS C 346 59.02 36.81 28.25
CA CYS C 346 59.96 37.48 27.37
C CYS C 346 60.04 38.98 27.62
N SER C 347 59.19 39.53 28.48
CA SER C 347 59.25 40.95 28.79
C SER C 347 60.46 41.32 29.62
N LYS C 348 61.13 40.33 30.23
CA LYS C 348 62.31 40.58 31.03
C LYS C 348 63.58 40.28 30.26
N LEU D 17 55.58 31.05 16.89
CA LEU D 17 54.67 32.16 17.20
C LEU D 17 55.07 32.83 18.50
N ASP D 18 55.66 34.03 18.40
CA ASP D 18 56.12 34.78 19.57
C ASP D 18 54.96 35.65 20.07
N ILE D 19 54.04 35.01 20.79
CA ILE D 19 52.90 35.72 21.35
C ILE D 19 53.34 36.69 22.44
N ARG D 20 54.45 36.38 23.13
CA ARG D 20 54.94 37.26 24.18
C ARG D 20 55.33 38.62 23.61
N GLY D 21 56.04 38.63 22.48
CA GLY D 21 56.30 39.88 21.80
C GLY D 21 55.06 40.50 21.21
N LEU D 22 54.12 39.67 20.75
CA LEU D 22 52.88 40.18 20.17
C LEU D 22 52.08 40.98 21.19
N PHE D 23 52.10 40.55 22.45
CA PHE D 23 51.40 41.30 23.49
C PHE D 23 51.97 42.71 23.63
N ARG D 24 53.31 42.83 23.62
CA ARG D 24 53.93 44.15 23.71
C ARG D 24 53.61 44.97 22.45
N THR D 25 53.61 44.33 21.29
CA THR D 25 53.30 45.06 20.05
C THR D 25 51.89 45.63 20.10
N LEU D 26 50.91 44.84 20.56
CA LEU D 26 49.54 45.33 20.62
C LEU D 26 49.36 46.34 21.75
N TRP D 27 50.12 46.21 22.83
CA TRP D 27 50.05 47.19 23.91
C TRP D 27 50.59 48.55 23.46
N ALA D 28 51.66 48.55 22.67
CA ALA D 28 52.27 49.80 22.24
C ALA D 28 51.34 50.59 21.32
N GLY D 29 50.64 49.90 20.42
CA GLY D 29 49.83 50.58 19.42
C GLY D 29 48.33 50.56 19.70
N LYS D 30 47.95 50.49 20.97
CA LYS D 30 46.54 50.39 21.32
C LYS D 30 45.76 51.65 20.94
N LEU D 31 46.41 52.82 20.98
CA LEU D 31 45.72 54.07 20.72
C LEU D 31 45.17 54.12 19.30
N TRP D 32 45.97 53.71 18.32
CA TRP D 32 45.51 53.70 16.93
C TRP D 32 44.36 52.73 16.75
N ILE D 33 44.45 51.55 17.38
CA ILE D 33 43.38 50.56 17.28
C ILE D 33 42.08 51.13 17.83
N ILE D 34 42.15 51.76 19.02
CA ILE D 34 40.95 52.31 19.64
C ILE D 34 40.36 53.42 18.78
N GLY D 35 41.21 54.32 18.27
CA GLY D 35 40.73 55.42 17.46
C GLY D 35 40.06 54.95 16.18
N MET D 36 40.68 54.00 15.48
CA MET D 36 40.10 53.52 14.24
C MET D 36 38.84 52.70 14.49
N GLY D 37 38.78 51.94 15.59
CA GLY D 37 37.55 51.26 15.95
C GLY D 37 36.42 52.23 16.24
N LEU D 38 36.73 53.33 16.94
CA LEU D 38 35.70 54.35 17.20
C LEU D 38 35.24 55.00 15.91
N ALA D 39 36.18 55.27 14.99
CA ALA D 39 35.78 55.83 13.70
C ALA D 39 34.88 54.88 12.92
N PHE D 40 35.21 53.58 12.95
CA PHE D 40 34.37 52.59 12.28
C PHE D 40 33.00 52.52 12.92
N ALA D 41 32.93 52.60 14.25
CA ALA D 41 31.64 52.62 14.94
C ALA D 41 30.83 53.85 14.55
N LEU D 42 31.48 55.00 14.42
CA LEU D 42 30.78 56.21 13.99
C LEU D 42 30.24 56.06 12.57
N ILE D 43 31.04 55.45 11.68
CA ILE D 43 30.57 55.20 10.32
C ILE D 43 29.36 54.27 10.34
N ALA D 44 29.40 53.24 11.17
CA ALA D 44 28.28 52.33 11.29
C ALA D 44 27.04 53.04 11.83
N LEU D 45 27.23 53.94 12.79
CA LEU D 45 26.11 54.73 13.30
C LEU D 45 25.48 55.58 12.21
N ALA D 46 26.32 56.22 11.39
CA ALA D 46 25.80 57.02 10.29
C ALA D 46 25.03 56.16 9.29
N TYR D 47 25.58 54.98 8.96
CA TYR D 47 24.88 54.09 8.03
C TYR D 47 23.56 53.61 8.60
N THR D 48 23.53 53.31 9.91
CA THR D 48 22.31 52.87 10.55
C THR D 48 21.24 53.96 10.50
N PHE D 49 21.62 55.20 10.80
CA PHE D 49 20.65 56.29 10.71
C PHE D 49 20.34 56.68 9.27
N PHE D 50 21.10 56.20 8.29
CA PHE D 50 20.82 56.46 6.89
C PHE D 50 20.03 55.34 6.22
N ALA D 51 19.57 54.35 6.98
CA ALA D 51 18.89 53.20 6.42
C ALA D 51 17.40 53.26 6.73
N ARG D 52 16.66 52.29 6.18
CA ARG D 52 15.22 52.20 6.36
C ARG D 52 14.88 51.42 7.63
N GLN D 53 13.67 51.67 8.15
CA GLN D 53 13.29 51.13 9.45
C GLN D 53 13.10 49.62 9.40
N GLU D 54 12.34 49.13 8.42
CA GLU D 54 12.18 47.69 8.16
C GLU D 54 11.68 46.94 9.39
N TRP D 55 10.44 47.26 9.77
CA TRP D 55 9.74 46.49 10.79
C TRP D 55 8.99 45.33 10.13
N SER D 56 8.74 44.28 10.92
CA SER D 56 8.14 43.07 10.37
C SER D 56 7.13 42.49 11.34
N SER D 57 6.08 41.88 10.79
CA SER D 57 5.05 41.21 11.56
C SER D 57 4.73 39.85 10.94
N THR D 58 4.25 38.93 11.77
CA THR D 58 4.04 37.55 11.38
C THR D 58 2.62 37.11 11.70
N ALA D 59 2.08 36.24 10.86
CA ALA D 59 0.78 35.61 11.07
C ALA D 59 0.88 34.13 10.76
N ILE D 60 0.14 33.33 11.52
CA ILE D 60 0.09 31.89 11.33
C ILE D 60 -1.37 31.46 11.23
N THR D 61 -1.69 30.72 10.18
CA THR D 61 -3.07 30.36 9.85
C THR D 61 -3.23 28.86 9.78
N ASP D 62 -4.49 28.42 9.77
CA ASP D 62 -4.84 27.02 9.66
C ASP D 62 -6.16 26.91 8.90
N ARG D 63 -6.63 25.68 8.71
CA ARG D 63 -7.85 25.44 7.97
C ARG D 63 -9.05 26.07 8.67
N PRO D 64 -10.01 26.58 7.92
CA PRO D 64 -11.20 27.17 8.54
C PRO D 64 -12.09 26.10 9.15
N THR D 65 -13.13 26.55 9.84
CA THR D 65 -14.10 25.68 10.46
C THR D 65 -15.44 25.77 9.73
N VAL D 66 -16.30 24.79 9.99
CA VAL D 66 -17.61 24.75 9.35
C VAL D 66 -18.42 26.00 9.71
N ASN D 67 -18.18 26.58 10.88
CA ASN D 67 -19.02 27.69 11.33
C ASN D 67 -18.81 28.94 10.48
N MET D 68 -17.57 29.24 10.10
CA MET D 68 -17.31 30.45 9.33
C MET D 68 -17.20 30.19 7.83
N LEU D 69 -17.62 29.02 7.36
CA LEU D 69 -17.83 28.80 5.93
C LEU D 69 -19.21 29.26 5.48
N GLY D 70 -19.98 29.87 6.38
CA GLY D 70 -21.28 30.41 6.03
C GLY D 70 -22.19 29.32 5.49
N GLY D 71 -23.02 29.69 4.52
CA GLY D 71 -23.78 28.69 3.81
C GLY D 71 -22.96 27.89 2.84
N TYR D 72 -21.79 28.39 2.44
CA TYR D 72 -21.03 27.79 1.35
C TYR D 72 -20.83 26.30 1.58
N TYR D 73 -20.35 25.94 2.78
CA TYR D 73 -20.15 24.54 3.14
C TYR D 73 -21.34 23.70 2.72
N SER D 74 -22.53 24.04 3.23
CA SER D 74 -23.72 23.24 2.93
C SER D 74 -23.89 23.10 1.42
N GLN D 75 -23.83 24.21 0.69
CA GLN D 75 -23.97 24.16 -0.76
C GLN D 75 -23.00 23.17 -1.35
N GLN D 76 -21.72 23.30 -0.99
CA GLN D 76 -20.71 22.40 -1.53
C GLN D 76 -21.06 20.95 -1.20
N GLN D 77 -21.46 20.71 0.05
CA GLN D 77 -21.81 19.35 0.44
C GLN D 77 -22.92 18.81 -0.45
N PHE D 78 -23.94 19.64 -0.72
CA PHE D 78 -25.01 19.21 -1.60
C PHE D 78 -24.45 18.71 -2.92
N LEU D 79 -23.58 19.50 -3.54
CA LEU D 79 -23.02 19.09 -4.82
C LEU D 79 -22.26 17.78 -4.69
N ARG D 80 -21.52 17.63 -3.58
CA ARG D 80 -20.76 16.40 -3.40
C ARG D 80 -21.67 15.19 -3.37
N ASN D 81 -22.87 15.33 -2.77
CA ASN D 81 -23.83 14.23 -2.81
C ASN D 81 -24.21 13.91 -4.25
N LEU D 82 -24.49 14.94 -5.04
CA LEU D 82 -24.80 14.71 -6.44
C LEU D 82 -23.63 14.10 -7.18
N ASP D 83 -22.42 14.21 -6.64
CA ASP D 83 -21.23 13.65 -7.26
C ASP D 83 -20.92 12.23 -6.79
N VAL D 84 -21.62 11.72 -5.78
CA VAL D 84 -21.40 10.35 -5.34
C VAL D 84 -22.52 9.41 -5.78
N ARG D 85 -23.71 9.93 -6.09
CA ARG D 85 -24.70 9.14 -6.81
C ARG D 85 -24.27 8.87 -8.24
N SER D 86 -23.61 9.83 -8.87
CA SER D 86 -23.14 9.71 -10.24
C SER D 86 -21.63 9.91 -10.29
N ASN D 87 -20.93 9.00 -10.98
CA ASN D 87 -19.48 8.97 -11.12
C ASN D 87 -18.80 8.54 -9.83
N MET D 88 -19.58 8.42 -8.75
CA MET D 88 -19.14 7.99 -7.42
C MET D 88 -18.16 8.96 -6.77
N ALA D 89 -17.77 10.03 -7.46
CA ALA D 89 -16.72 10.93 -6.99
C ALA D 89 -15.53 10.17 -6.45
N SER D 90 -15.07 10.51 -5.25
CA SER D 90 -14.03 9.78 -4.55
C SER D 90 -14.46 9.61 -3.10
N ALA D 91 -14.42 8.36 -2.61
CA ALA D 91 -14.77 8.11 -1.22
C ALA D 91 -13.80 8.79 -0.27
N ASP D 92 -12.51 8.76 -0.59
CA ASP D 92 -11.48 9.39 0.23
C ASP D 92 -11.01 10.64 -0.49
N GLN D 93 -11.67 11.76 -0.19
CA GLN D 93 -11.34 13.04 -0.78
C GLN D 93 -11.19 14.10 0.30
N PRO D 94 -10.42 15.15 0.04
CA PRO D 94 -10.26 16.21 1.05
C PRO D 94 -11.57 16.89 1.37
N SER D 95 -11.70 17.32 2.63
CA SER D 95 -12.94 17.94 3.08
C SER D 95 -13.11 19.32 2.46
N VAL D 96 -14.30 19.91 2.69
CA VAL D 96 -14.59 21.22 2.14
C VAL D 96 -13.66 22.27 2.72
N MET D 97 -13.44 22.23 4.03
CA MET D 97 -12.51 23.17 4.66
C MET D 97 -11.10 22.99 4.15
N ASP D 98 -10.71 21.75 3.83
CA ASP D 98 -9.38 21.51 3.27
C ASP D 98 -9.22 22.21 1.93
N GLU D 99 -10.23 22.10 1.05
CA GLU D 99 -10.15 22.77 -0.23
C GLU D 99 -10.18 24.29 -0.07
N ALA D 100 -11.00 24.79 0.84
CA ALA D 100 -11.05 26.22 1.09
C ALA D 100 -9.70 26.74 1.57
N TYR D 101 -9.06 26.01 2.49
CA TYR D 101 -7.76 26.43 2.97
C TYR D 101 -6.69 26.31 1.89
N LYS D 102 -6.80 25.30 1.03
CA LYS D 102 -5.86 25.20 -0.09
C LYS D 102 -5.96 26.40 -1.00
N GLU D 103 -7.19 26.82 -1.31
CA GLU D 103 -7.37 28.01 -2.14
C GLU D 103 -6.85 29.26 -1.42
N PHE D 104 -7.09 29.34 -0.11
CA PHE D 104 -6.60 30.49 0.66
C PHE D 104 -5.08 30.56 0.64
N VAL D 105 -4.41 29.42 0.80
CA VAL D 105 -2.96 29.38 0.78
C VAL D 105 -2.44 29.77 -0.60
N MET D 106 -3.09 29.26 -1.65
CA MET D 106 -2.69 29.62 -3.01
C MET D 106 -2.83 31.12 -3.25
N GLN D 107 -3.89 31.72 -2.72
CA GLN D 107 -4.05 33.17 -2.84
C GLN D 107 -3.00 33.91 -2.00
N LEU D 108 -2.67 33.38 -0.83
CA LEU D 108 -1.68 34.02 0.04
C LEU D 108 -0.31 34.08 -0.64
N ALA D 109 0.10 32.97 -1.23
CA ALA D 109 1.43 32.90 -1.84
C ALA D 109 1.49 33.51 -3.24
N SER D 110 0.36 33.92 -3.80
CA SER D 110 0.33 34.37 -5.18
C SER D 110 0.99 35.74 -5.33
N TRP D 111 1.83 35.86 -6.36
CA TRP D 111 2.45 37.15 -6.67
C TRP D 111 1.40 38.18 -7.08
N ASP D 112 0.40 37.75 -7.85
CA ASP D 112 -0.64 38.67 -8.29
C ASP D 112 -1.42 39.24 -7.12
N THR D 113 -1.71 38.41 -6.12
CA THR D 113 -2.45 38.89 -4.95
C THR D 113 -1.67 40.00 -4.24
N ARG D 114 -0.37 39.79 -4.03
CA ARG D 114 0.45 40.81 -3.40
C ARG D 114 0.50 42.07 -4.24
N ARG D 115 0.61 41.92 -5.56
CA ARG D 115 0.66 43.08 -6.44
C ARG D 115 -0.62 43.92 -6.31
N GLU D 116 -1.78 43.28 -6.44
CA GLU D 116 -3.04 44.03 -6.34
C GLU D 116 -3.22 44.62 -4.94
N PHE D 117 -2.86 43.87 -3.90
CA PHE D 117 -2.99 44.38 -2.55
C PHE D 117 -2.17 45.64 -2.36
N TRP D 118 -0.90 45.61 -2.78
CA TRP D 118 -0.07 46.80 -2.66
C TRP D 118 -0.59 47.93 -3.52
N LEU D 119 -1.16 47.62 -4.69
CA LEU D 119 -1.70 48.67 -5.54
C LEU D 119 -2.88 49.38 -4.90
N GLN D 120 -3.70 48.64 -4.15
CA GLN D 120 -4.91 49.23 -3.58
C GLN D 120 -4.70 49.85 -2.20
N THR D 121 -3.49 49.83 -1.66
CA THR D 121 -3.23 50.39 -0.34
C THR D 121 -2.77 51.84 -0.43
N ASP D 122 -3.08 52.61 0.60
CA ASP D 122 -2.58 53.98 0.69
C ASP D 122 -1.11 54.02 1.07
N TYR D 123 -0.59 52.94 1.67
CA TYR D 123 0.82 52.88 2.01
C TYR D 123 1.69 52.99 0.75
N TYR D 124 1.30 52.30 -0.32
CA TYR D 124 2.03 52.41 -1.58
C TYR D 124 1.71 53.72 -2.30
N LYS D 125 0.46 54.17 -2.24
CA LYS D 125 0.07 55.38 -2.96
C LYS D 125 0.81 56.60 -2.42
N GLN D 126 0.97 56.69 -1.10
CA GLN D 126 1.68 57.83 -0.53
C GLN D 126 3.16 57.83 -0.85
N ARG D 127 3.72 56.67 -1.19
CA ARG D 127 5.13 56.57 -1.51
C ARG D 127 5.41 56.68 -3.01
N MET D 128 4.39 56.88 -3.83
CA MET D 128 4.59 57.07 -5.26
C MET D 128 5.17 58.45 -5.52
N VAL D 129 6.11 58.52 -6.48
CA VAL D 129 6.79 59.76 -6.81
C VAL D 129 6.35 60.31 -8.15
N GLY D 130 5.49 59.62 -8.89
CA GLY D 130 5.03 60.06 -10.18
C GLY D 130 5.87 59.59 -11.35
N ASN D 131 7.00 58.97 -11.11
CA ASN D 131 7.85 58.42 -12.16
C ASN D 131 7.52 56.94 -12.35
N SER D 132 7.20 56.55 -13.58
CA SER D 132 6.71 55.20 -13.82
C SER D 132 7.75 54.15 -13.46
N LYS D 133 9.00 54.37 -13.83
CA LYS D 133 10.04 53.40 -13.52
C LYS D 133 10.27 53.29 -12.01
N ALA D 134 10.34 54.42 -11.32
CA ALA D 134 10.52 54.39 -9.87
C ALA D 134 9.33 53.75 -9.17
N ASP D 135 8.12 54.07 -9.63
CA ASP D 135 6.93 53.46 -9.03
C ASP D 135 6.92 51.95 -9.25
N ALA D 136 7.29 51.49 -10.44
CA ALA D 136 7.34 50.06 -10.70
C ALA D 136 8.39 49.38 -9.84
N ALA D 137 9.56 50.02 -9.69
CA ALA D 137 10.61 49.45 -8.84
C ALA D 137 10.14 49.37 -7.39
N LEU D 138 9.47 50.41 -6.90
CA LEU D 138 8.95 50.39 -5.53
C LEU D 138 7.91 49.30 -5.35
N LEU D 139 7.01 49.15 -6.33
CA LEU D 139 6.00 48.11 -6.24
C LEU D 139 6.63 46.73 -6.22
N ASP D 140 7.64 46.50 -7.07
CA ASP D 140 8.33 45.22 -7.07
C ASP D 140 9.04 44.98 -5.76
N GLU D 141 9.65 46.02 -5.18
CA GLU D 141 10.33 45.87 -3.90
C GLU D 141 9.36 45.51 -2.79
N MET D 142 8.18 46.14 -2.77
CA MET D 142 7.22 45.86 -1.72
C MET D 142 6.47 44.55 -1.92
N ILE D 143 6.40 44.05 -3.15
CA ILE D 143 5.81 42.73 -3.37
C ILE D 143 6.65 41.67 -2.66
N ASN D 144 7.98 41.79 -2.75
CA ASN D 144 8.87 40.86 -2.07
C ASN D 144 8.86 41.03 -0.55
N ASN D 145 8.27 42.11 -0.04
CA ASN D 145 8.20 42.32 1.40
C ASN D 145 7.20 41.39 2.08
N ILE D 146 6.36 40.70 1.32
CA ILE D 146 5.44 39.71 1.86
C ILE D 146 5.99 38.33 1.52
N GLN D 147 6.33 37.55 2.53
CA GLN D 147 6.93 36.25 2.36
C GLN D 147 6.04 35.18 2.97
N PHE D 148 5.69 34.17 2.18
CA PHE D 148 4.87 33.06 2.65
C PHE D 148 5.78 31.84 2.85
N ILE D 149 5.75 31.29 4.05
CA ILE D 149 6.52 30.11 4.41
C ILE D 149 5.54 28.95 4.60
N PRO D 150 5.49 27.99 3.68
CA PRO D 150 4.57 26.86 3.85
C PRO D 150 4.94 26.00 5.05
N GLY D 151 3.93 25.45 5.70
CA GLY D 151 4.14 24.62 6.87
C GLY D 151 4.46 23.18 6.51
N ASP D 152 4.89 22.44 7.53
CA ASP D 152 5.20 21.01 7.40
C ASP D 152 4.49 20.27 8.52
N PHE D 153 3.57 19.39 8.14
CA PHE D 153 2.80 18.64 9.14
C PHE D 153 3.66 17.61 9.86
N THR D 154 4.75 17.15 9.21
CA THR D 154 5.62 16.19 9.86
C THR D 154 6.29 16.80 11.09
N ARG D 155 6.73 18.04 11.00
CA ARG D 155 7.33 18.76 12.12
C ARG D 155 6.32 19.51 12.95
N ALA D 156 5.02 19.36 12.65
CA ALA D 156 3.95 20.06 13.38
C ALA D 156 4.13 21.57 13.33
N VAL D 157 4.52 22.08 12.17
CA VAL D 157 4.65 23.52 11.94
C VAL D 157 3.67 23.91 10.85
N ASN D 158 2.99 25.04 11.06
CA ASN D 158 1.92 25.49 10.19
C ASN D 158 2.43 26.55 9.21
N ASP D 159 1.59 26.87 8.23
CA ASP D 159 1.92 27.90 7.26
C ASP D 159 1.97 29.26 7.94
N SER D 160 2.91 30.09 7.50
CA SER D 160 3.07 31.42 8.08
C SER D 160 3.25 32.43 6.97
N VAL D 161 2.94 33.69 7.29
CA VAL D 161 3.14 34.80 6.37
C VAL D 161 3.74 35.97 7.14
N LYS D 162 4.76 36.58 6.55
CA LYS D 162 5.47 37.69 7.17
C LYS D 162 5.41 38.91 6.27
N LEU D 163 5.10 40.06 6.86
CA LEU D 163 5.00 41.31 6.13
C LEU D 163 5.99 42.31 6.71
N ILE D 164 6.65 43.06 5.82
CA ILE D 164 7.66 44.04 6.22
C ILE D 164 7.21 45.42 5.76
N ALA D 165 7.18 46.37 6.69
CA ALA D 165 6.83 47.74 6.39
C ALA D 165 7.84 48.69 7.04
N GLU D 166 7.57 49.99 6.98
CA GLU D 166 8.48 50.98 7.55
C GLU D 166 8.15 51.36 8.99
N THR D 167 7.04 50.85 9.53
CA THR D 167 6.65 51.18 10.89
C THR D 167 5.89 50.00 11.48
N ALA D 168 5.99 49.84 12.81
CA ALA D 168 5.33 48.71 13.46
C ALA D 168 3.81 48.74 13.31
N PRO D 169 3.10 49.84 13.56
CA PRO D 169 1.66 49.85 13.27
C PRO D 169 1.36 49.54 11.82
N ASP D 170 2.18 50.04 10.89
CA ASP D 170 2.00 49.69 9.50
C ASP D 170 2.21 48.20 9.26
N ALA D 171 3.26 47.63 9.86
CA ALA D 171 3.53 46.21 9.67
C ALA D 171 2.39 45.35 10.21
N ASN D 172 1.69 45.82 11.24
CA ASN D 172 0.57 45.07 11.78
C ASN D 172 -0.68 45.24 10.92
N ASN D 173 -1.07 46.49 10.65
CA ASN D 173 -2.29 46.76 9.91
C ASN D 173 -2.23 46.21 8.50
N LEU D 174 -1.10 46.39 7.81
CA LEU D 174 -0.98 45.91 6.45
C LEU D 174 -1.06 44.38 6.39
N LEU D 175 -0.45 43.69 7.35
CA LEU D 175 -0.54 42.23 7.36
C LEU D 175 -1.98 41.78 7.60
N ARG D 176 -2.68 42.42 8.54
CA ARG D 176 -4.08 42.07 8.76
C ARG D 176 -4.91 42.28 7.51
N GLN D 177 -4.72 43.44 6.86
CA GLN D 177 -5.48 43.76 5.65
C GLN D 177 -5.14 42.80 4.51
N TYR D 178 -3.88 42.40 4.40
CA TYR D 178 -3.49 41.48 3.34
C TYR D 178 -4.08 40.09 3.55
N VAL D 179 -4.11 39.63 4.81
CA VAL D 179 -4.73 38.34 5.08
C VAL D 179 -6.23 38.40 4.76
N ALA D 180 -6.89 39.49 5.13
CA ALA D 180 -8.29 39.65 4.77
C ALA D 180 -8.49 39.69 3.27
N PHE D 181 -7.59 40.37 2.55
CA PHE D 181 -7.65 40.47 1.10
C PHE D 181 -7.54 39.10 0.45
N ALA D 182 -6.56 38.31 0.89
CA ALA D 182 -6.37 36.97 0.33
C ALA D 182 -7.56 36.08 0.65
N SER D 183 -8.10 36.18 1.87
CA SER D 183 -9.27 35.39 2.21
C SER D 183 -10.47 35.76 1.34
N GLN D 184 -10.67 37.06 1.09
CA GLN D 184 -11.78 37.48 0.25
C GLN D 184 -11.62 36.99 -1.17
N ARG D 185 -10.39 37.06 -1.72
CA ARG D 185 -10.16 36.55 -3.06
C ARG D 185 -10.40 35.05 -3.13
N ALA D 186 -9.95 34.30 -2.13
CA ALA D 186 -10.19 32.87 -2.11
C ALA D 186 -11.68 32.55 -2.03
N ALA D 187 -12.42 33.30 -1.22
CA ALA D 187 -13.86 33.09 -1.12
C ALA D 187 -14.55 33.37 -2.46
N SER D 188 -14.14 34.44 -3.14
CA SER D 188 -14.73 34.73 -4.45
C SER D 188 -14.43 33.63 -5.45
N HIS D 189 -13.20 33.13 -5.46
CA HIS D 189 -12.85 32.05 -6.39
C HIS D 189 -13.64 30.78 -6.07
N LEU D 190 -13.80 30.47 -4.78
CA LEU D 190 -14.58 29.29 -4.40
C LEU D 190 -16.04 29.44 -4.81
N ASN D 191 -16.59 30.64 -4.67
CA ASN D 191 -17.97 30.86 -5.10
C ASN D 191 -18.10 30.67 -6.60
N ASP D 192 -17.13 31.18 -7.38
CA ASP D 192 -17.17 30.99 -8.82
C ASP D 192 -17.10 29.51 -9.19
N GLU D 193 -16.22 28.76 -8.52
CA GLU D 193 -16.11 27.33 -8.79
C GLU D 193 -17.41 26.61 -8.46
N LEU D 194 -18.02 26.97 -7.33
CA LEU D 194 -19.29 26.36 -6.95
C LEU D 194 -20.38 26.66 -7.98
N LYS D 195 -20.44 27.90 -8.45
CA LYS D 195 -21.43 28.26 -9.45
C LYS D 195 -21.22 27.47 -10.74
N GLY D 196 -19.96 27.33 -11.18
CA GLY D 196 -19.70 26.57 -12.39
C GLY D 196 -20.09 25.11 -12.25
N ALA D 197 -19.72 24.49 -11.13
CA ALA D 197 -20.08 23.09 -10.90
C ALA D 197 -21.59 22.93 -10.81
N TRP D 198 -22.28 23.88 -10.19
CA TRP D 198 -23.74 23.83 -10.11
C TRP D 198 -24.37 23.90 -11.49
N ALA D 199 -23.85 24.78 -12.35
CA ALA D 199 -24.38 24.87 -13.72
C ALA D 199 -24.15 23.56 -14.48
N ALA D 200 -22.97 22.98 -14.33
CA ALA D 200 -22.72 21.70 -15.00
C ALA D 200 -23.67 20.62 -14.50
N ARG D 201 -23.89 20.56 -13.18
CA ARG D 201 -24.79 19.56 -12.61
C ARG D 201 -26.21 19.74 -13.11
N THR D 202 -26.70 20.99 -13.16
CA THR D 202 -28.07 21.18 -13.60
C THR D 202 -28.23 20.89 -15.09
N ILE D 203 -27.20 21.17 -15.90
CA ILE D 203 -27.27 20.81 -17.32
C ILE D 203 -27.35 19.29 -17.46
N GLN D 204 -26.51 18.57 -16.72
CA GLN D 204 -26.51 17.12 -16.79
C GLN D 204 -27.85 16.54 -16.34
N MET D 205 -28.41 17.08 -15.25
CA MET D 205 -29.68 16.58 -14.75
C MET D 205 -30.81 16.86 -15.74
N LYS D 206 -30.81 18.02 -16.37
CA LYS D 206 -31.81 18.32 -17.39
C LYS D 206 -31.72 17.34 -18.54
N ALA D 207 -30.50 17.03 -19.00
CA ALA D 207 -30.35 16.06 -20.07
C ALA D 207 -30.85 14.68 -19.66
N GLN D 208 -30.54 14.27 -18.43
CA GLN D 208 -30.98 12.96 -17.95
C GLN D 208 -32.50 12.88 -17.87
N VAL D 209 -33.15 13.94 -17.39
CA VAL D 209 -34.60 13.95 -17.31
C VAL D 209 -35.22 13.89 -18.71
N LYS D 210 -34.64 14.62 -19.66
CA LYS D 210 -35.12 14.57 -21.03
C LYS D 210 -35.02 13.15 -21.59
N ARG D 211 -33.89 12.48 -21.34
CA ARG D 211 -33.73 11.11 -21.82
C ARG D 211 -34.75 10.17 -21.19
N GLN D 212 -35.02 10.33 -19.89
CA GLN D 212 -36.00 9.50 -19.23
C GLN D 212 -37.39 9.70 -19.82
N GLU D 213 -37.75 10.96 -20.08
CA GLU D 213 -39.04 11.25 -20.71
C GLU D 213 -39.14 10.61 -22.09
N GLU D 214 -38.05 10.69 -22.87
CA GLU D 214 -38.06 10.08 -24.20
C GLU D 214 -38.23 8.58 -24.13
N VAL D 215 -37.54 7.93 -23.19
CA VAL D 215 -37.66 6.47 -23.04
C VAL D 215 -39.08 6.10 -22.65
N ALA D 216 -39.67 6.83 -21.70
CA ALA D 216 -41.04 6.54 -21.28
C ALA D 216 -42.01 6.71 -22.43
N LYS D 217 -41.83 7.77 -23.23
CA LYS D 217 -42.72 7.97 -24.37
C LYS D 217 -42.57 6.86 -25.40
N ALA D 218 -41.35 6.39 -25.63
CA ALA D 218 -41.15 5.29 -26.57
C ALA D 218 -41.85 4.02 -26.10
N ILE D 219 -41.72 3.70 -24.81
CA ILE D 219 -42.39 2.52 -24.27
C ILE D 219 -43.91 2.67 -24.39
N TYR D 220 -44.42 3.85 -24.06
CA TYR D 220 -45.86 4.09 -24.15
C TYR D 220 -46.36 3.94 -25.58
N ASP D 221 -45.63 4.46 -26.55
CA ASP D 221 -46.03 4.33 -27.95
C ASP D 221 -46.00 2.88 -28.40
N ARG D 222 -44.98 2.12 -27.98
CA ARG D 222 -44.94 0.71 -28.33
C ARG D 222 -46.14 -0.04 -27.75
N ARG D 223 -46.50 0.25 -26.51
CA ARG D 223 -47.67 -0.41 -25.91
C ARG D 223 -48.96 0.01 -26.59
N MET D 224 -49.07 1.29 -26.98
CA MET D 224 -50.20 1.75 -27.79
C MET D 224 -50.35 0.92 -29.05
N ASN D 225 -49.25 0.78 -29.80
CA ASN D 225 -49.30 0.04 -31.06
C ASN D 225 -49.67 -1.41 -30.83
N SER D 226 -49.10 -2.03 -29.78
CA SER D 226 -49.40 -3.43 -29.50
C SER D 226 -50.88 -3.61 -29.16
N ILE D 227 -51.43 -2.70 -28.35
CA ILE D 227 -52.83 -2.79 -27.97
C ILE D 227 -53.71 -2.63 -29.21
N GLU D 228 -53.38 -1.67 -30.08
CA GLU D 228 -54.19 -1.47 -31.28
C GLU D 228 -54.17 -2.69 -32.18
N GLN D 229 -52.99 -3.28 -32.40
CA GLN D 229 -52.90 -4.45 -33.24
C GLN D 229 -53.64 -5.64 -32.63
N ALA D 230 -53.52 -5.82 -31.32
CA ALA D 230 -54.24 -6.90 -30.66
C ALA D 230 -55.75 -6.70 -30.79
N LEU D 231 -56.22 -5.47 -30.65
CA LEU D 231 -57.65 -5.20 -30.79
C LEU D 231 -58.12 -5.51 -32.21
N LYS D 232 -57.34 -5.10 -33.22
CA LYS D 232 -57.71 -5.38 -34.59
C LYS D 232 -57.75 -6.89 -34.86
N ILE D 233 -56.76 -7.63 -34.35
CA ILE D 233 -56.73 -9.07 -34.55
C ILE D 233 -57.92 -9.73 -33.86
N ALA D 234 -58.24 -9.28 -32.64
CA ALA D 234 -59.37 -9.85 -31.92
C ALA D 234 -60.68 -9.59 -32.63
N GLU D 235 -60.85 -8.38 -33.19
CA GLU D 235 -62.06 -8.09 -33.94
C GLU D 235 -62.10 -8.87 -35.24
N GLN D 236 -60.93 -9.24 -35.79
CA GLN D 236 -60.91 -10.03 -37.01
C GLN D 236 -61.33 -11.47 -36.74
N HIS D 237 -60.94 -12.01 -35.59
CA HIS D 237 -61.26 -13.40 -35.24
C HIS D 237 -62.46 -13.50 -34.30
N ASN D 238 -63.21 -12.41 -34.13
CA ASN D 238 -64.41 -12.39 -33.31
C ASN D 238 -64.18 -12.95 -31.90
N ILE D 239 -63.02 -12.66 -31.32
CA ILE D 239 -62.72 -13.07 -29.95
C ILE D 239 -63.35 -12.00 -29.05
N SER D 240 -64.62 -12.22 -28.69
CA SER D 240 -65.34 -11.29 -27.83
C SER D 240 -65.69 -11.93 -26.49
N ARG D 241 -65.04 -13.04 -26.14
CA ARG D 241 -65.32 -13.73 -24.88
C ARG D 241 -64.92 -12.92 -23.66
N SER D 242 -64.14 -11.84 -23.84
CA SER D 242 -63.69 -10.92 -22.80
C SER D 242 -62.76 -11.58 -21.80
N ALA D 243 -62.41 -12.86 -21.97
CA ALA D 243 -61.52 -13.54 -21.04
C ALA D 243 -61.00 -14.81 -21.69
N THR D 244 -59.67 -14.93 -21.74
CA THR D 244 -59.03 -16.16 -22.20
C THR D 244 -57.91 -16.62 -21.28
N ASP D 245 -57.33 -15.75 -20.47
CA ASP D 245 -56.27 -16.10 -19.55
C ASP D 245 -56.57 -15.52 -18.17
N VAL D 246 -56.10 -16.20 -17.14
CA VAL D 246 -56.29 -15.77 -15.76
C VAL D 246 -55.42 -14.57 -15.38
N PRO D 247 -54.19 -14.38 -15.89
CA PRO D 247 -53.41 -13.23 -15.44
C PRO D 247 -54.03 -11.90 -15.85
N ALA D 248 -53.55 -10.84 -15.24
CA ALA D 248 -54.09 -9.50 -15.43
C ALA D 248 -53.54 -8.90 -16.73
N GLU D 249 -53.72 -7.59 -16.90
CA GLU D 249 -53.29 -6.91 -18.13
C GLU D 249 -51.79 -6.92 -18.32
N GLU D 250 -51.02 -7.30 -17.30
CA GLU D 250 -49.57 -7.28 -17.40
C GLU D 250 -49.04 -8.45 -18.21
N LEU D 251 -49.57 -8.62 -19.42
CA LEU D 251 -49.21 -9.62 -20.41
C LEU D 251 -48.17 -9.04 -21.38
N PRO D 252 -47.34 -9.88 -21.98
CA PRO D 252 -46.45 -9.40 -23.02
C PRO D 252 -47.22 -8.91 -24.24
N ASP D 253 -46.62 -7.95 -24.95
CA ASP D 253 -47.30 -7.33 -26.08
C ASP D 253 -47.71 -8.35 -27.14
N SER D 254 -46.96 -9.45 -27.26
CA SER D 254 -47.32 -10.49 -28.21
C SER D 254 -48.47 -11.37 -27.74
N GLU D 255 -48.78 -11.36 -26.45
CA GLU D 255 -49.84 -12.19 -25.89
C GLU D 255 -51.06 -11.38 -25.51
N MET D 256 -51.15 -10.12 -25.92
CA MET D 256 -52.28 -9.28 -25.56
C MET D 256 -53.56 -9.67 -26.30
N PHE D 257 -53.46 -10.53 -27.30
CA PHE D 257 -54.66 -10.97 -28.03
C PHE D 257 -55.57 -11.85 -27.19
N LEU D 258 -55.09 -12.38 -26.07
CA LEU D 258 -55.93 -13.27 -25.26
C LEU D 258 -56.85 -12.44 -24.37
N LEU D 259 -57.55 -11.49 -24.98
CA LEU D 259 -58.53 -10.66 -24.30
C LEU D 259 -59.61 -10.29 -25.32
N GLY D 260 -60.84 -10.18 -24.85
CA GLY D 260 -61.93 -9.86 -25.74
C GLY D 260 -61.87 -8.42 -26.22
N ARG D 261 -62.70 -8.14 -27.21
CA ARG D 261 -62.85 -6.76 -27.68
C ARG D 261 -63.23 -5.80 -26.56
N PRO D 262 -64.20 -6.09 -25.68
CA PRO D 262 -64.47 -5.15 -24.59
C PRO D 262 -63.29 -4.96 -23.66
N MET D 263 -62.62 -6.04 -23.26
CA MET D 263 -61.47 -5.90 -22.36
C MET D 263 -60.33 -5.16 -23.01
N LEU D 264 -60.05 -5.45 -24.29
CA LEU D 264 -58.98 -4.75 -24.99
C LEU D 264 -59.31 -3.27 -25.14
N GLN D 265 -60.56 -2.94 -25.46
CA GLN D 265 -60.95 -1.53 -25.56
C GLN D 265 -60.85 -0.83 -24.21
N ALA D 266 -61.24 -1.51 -23.14
CA ALA D 266 -61.13 -0.93 -21.81
C ALA D 266 -59.66 -0.68 -21.44
N GLU D 267 -58.78 -1.63 -21.77
CA GLU D 267 -57.36 -1.44 -21.51
C GLU D 267 -56.80 -0.29 -22.34
N LEU D 268 -57.24 -0.17 -23.60
CA LEU D 268 -56.81 0.93 -24.44
C LEU D 268 -57.21 2.27 -23.84
N GLU D 269 -58.47 2.39 -23.39
CA GLU D 269 -58.93 3.63 -22.79
C GLU D 269 -58.20 3.92 -21.49
N ASN D 270 -57.98 2.90 -20.66
CA ASN D 270 -57.26 3.09 -19.41
C ASN D 270 -55.84 3.58 -19.65
N LEU D 271 -55.15 2.99 -20.63
CA LEU D 271 -53.77 3.39 -20.89
C LEU D 271 -53.70 4.75 -21.57
N GLN D 272 -54.72 5.10 -22.36
CA GLN D 272 -54.78 6.47 -22.89
C GLN D 272 -54.95 7.48 -21.76
N ALA D 273 -55.79 7.14 -20.77
CA ALA D 273 -55.96 8.03 -19.63
C ALA D 273 -54.70 8.15 -18.80
N VAL D 274 -54.02 7.02 -18.54
CA VAL D 274 -52.85 7.03 -17.66
C VAL D 274 -51.71 7.79 -18.31
N GLY D 275 -51.44 7.52 -19.59
CA GLY D 275 -50.33 8.13 -20.27
C GLY D 275 -49.03 7.39 -20.01
N PRO D 276 -47.90 7.99 -20.38
CA PRO D 276 -46.61 7.34 -20.14
C PRO D 276 -46.37 7.10 -18.66
N ALA D 277 -45.74 5.98 -18.35
CA ALA D 277 -45.48 5.57 -16.97
C ALA D 277 -44.06 5.93 -16.59
N PHE D 278 -43.91 6.60 -15.46
CA PHE D 278 -42.61 7.00 -14.94
C PHE D 278 -42.34 6.30 -13.62
N ASP D 279 -41.09 5.90 -13.42
CA ASP D 279 -40.70 5.25 -12.18
C ASP D 279 -40.38 6.30 -11.11
N LEU D 280 -40.02 5.83 -9.92
CA LEU D 280 -39.67 6.73 -8.83
C LEU D 280 -38.42 7.53 -9.15
N ASP D 281 -37.50 6.95 -9.92
CA ASP D 281 -36.27 7.65 -10.27
C ASP D 281 -36.55 8.93 -11.04
N TYR D 282 -37.54 8.89 -11.94
CA TYR D 282 -37.88 10.09 -12.70
C TYR D 282 -38.38 11.21 -11.80
N ASP D 283 -39.25 10.87 -10.84
CA ASP D 283 -39.78 11.89 -9.94
C ASP D 283 -38.69 12.44 -9.02
N GLN D 284 -37.82 11.57 -8.53
CA GLN D 284 -36.70 12.05 -7.70
C GLN D 284 -35.78 12.96 -8.50
N ASN D 285 -35.52 12.61 -9.76
CA ASN D 285 -34.71 13.46 -10.62
C ASN D 285 -35.39 14.79 -10.87
N ARG D 286 -36.71 14.79 -11.05
CA ARG D 286 -37.43 16.04 -11.23
C ARG D 286 -37.34 16.93 -10.01
N ALA D 287 -37.47 16.34 -8.82
CA ALA D 287 -37.36 17.14 -7.59
C ALA D 287 -35.96 17.71 -7.44
N MET D 288 -34.93 16.90 -7.69
CA MET D 288 -33.56 17.39 -7.60
C MET D 288 -33.29 18.45 -8.66
N LEU D 289 -33.91 18.32 -9.83
CA LEU D 289 -33.74 19.32 -10.88
C LEU D 289 -34.41 20.64 -10.50
N ASN D 290 -35.56 20.57 -9.82
CA ASN D 290 -36.15 21.80 -9.29
C ASN D 290 -35.25 22.45 -8.27
N THR D 291 -34.66 21.64 -7.38
CA THR D 291 -33.73 22.19 -6.39
C THR D 291 -32.53 22.84 -7.06
N LEU D 292 -31.99 22.20 -8.09
CA LEU D 292 -30.86 22.78 -8.83
C LEU D 292 -31.26 24.06 -9.55
N ASN D 293 -32.45 24.07 -10.15
CA ASN D 293 -32.93 25.25 -10.86
C ASN D 293 -33.19 26.42 -9.92
N VAL D 294 -33.42 26.15 -8.64
CA VAL D 294 -33.51 27.23 -7.66
C VAL D 294 -32.23 28.06 -7.68
N GLY D 295 -31.08 27.39 -7.75
CA GLY D 295 -29.81 28.06 -7.87
C GLY D 295 -29.06 28.13 -6.55
N PRO D 296 -27.74 28.19 -6.61
CA PRO D 296 -26.94 28.29 -5.39
C PRO D 296 -26.98 29.69 -4.81
N THR D 297 -26.96 29.76 -3.48
CA THR D 297 -26.90 31.04 -2.78
C THR D 297 -25.43 31.35 -2.50
N LEU D 298 -24.88 32.31 -3.22
CA LEU D 298 -23.46 32.63 -3.15
C LEU D 298 -23.23 33.61 -2.02
N ASP D 299 -22.65 33.13 -0.92
CA ASP D 299 -22.30 33.98 0.20
C ASP D 299 -20.91 34.57 -0.01
N PRO D 300 -20.76 35.88 -0.15
CA PRO D 300 -19.43 36.48 -0.36
C PRO D 300 -18.73 36.93 0.91
N ARG D 301 -19.27 36.63 2.09
CA ARG D 301 -18.75 37.13 3.36
C ARG D 301 -18.35 35.99 4.29
N PHE D 302 -17.67 34.98 3.76
CA PHE D 302 -17.14 33.90 4.58
C PHE D 302 -15.63 33.84 4.42
N GLN D 303 -14.94 33.49 5.49
CA GLN D 303 -13.49 33.45 5.51
C GLN D 303 -13.01 32.01 5.40
N THR D 304 -11.80 31.85 4.85
CA THR D 304 -11.27 30.55 4.49
C THR D 304 -10.02 30.20 5.30
N TYR D 305 -9.93 30.72 6.53
CA TYR D 305 -8.76 30.49 7.37
C TYR D 305 -9.16 30.71 8.82
N ARG D 306 -8.29 30.25 9.72
CA ARG D 306 -8.38 30.59 11.13
C ARG D 306 -7.02 31.04 11.62
N TYR D 307 -7.03 31.96 12.58
CA TYR D 307 -5.80 32.58 13.07
C TYR D 307 -5.22 31.76 14.20
N LEU D 308 -4.14 31.02 13.92
CA LEU D 308 -3.35 30.44 14.99
C LEU D 308 -2.47 31.47 15.68
N ARG D 309 -1.98 32.44 14.91
CA ARG D 309 -1.24 33.57 15.46
C ARG D 309 -1.65 34.81 14.68
N THR D 310 -2.39 35.71 15.35
CA THR D 310 -2.81 36.95 14.73
C THR D 310 -1.64 37.93 14.63
N PRO D 311 -1.56 38.73 13.57
CA PRO D 311 -0.50 39.74 13.50
C PRO D 311 -0.57 40.71 14.67
N GLU D 312 0.60 41.12 15.16
CA GLU D 312 0.71 42.08 16.24
C GLU D 312 1.84 43.04 15.93
N GLU D 313 1.83 44.18 16.61
CA GLU D 313 2.87 45.18 16.41
C GLU D 313 4.21 44.64 16.89
N PRO D 314 5.25 44.66 16.05
CA PRO D 314 6.56 44.20 16.50
C PRO D 314 7.14 45.09 17.58
N VAL D 315 7.99 44.50 18.42
CA VAL D 315 8.57 45.21 19.54
C VAL D 315 9.96 45.72 19.17
N LYS D 316 10.64 45.04 18.26
CA LYS D 316 12.00 45.38 17.88
C LYS D 316 12.14 45.43 16.36
N ARG D 317 13.07 46.27 15.92
CA ARG D 317 13.33 46.43 14.49
C ARG D 317 13.99 45.18 13.92
N ASP D 318 13.67 44.87 12.67
CA ASP D 318 14.37 43.79 11.98
C ASP D 318 15.76 44.21 11.54
N SER D 319 15.89 45.43 10.99
CA SER D 319 17.16 45.94 10.50
C SER D 319 17.05 47.44 10.27
N PRO D 320 18.07 48.23 10.61
CA PRO D 320 19.38 47.85 11.16
C PRO D 320 19.30 47.49 12.65
N ARG D 321 20.10 46.53 13.08
CA ARG D 321 20.11 46.15 14.50
C ARG D 321 20.83 47.17 15.35
N ARG D 322 21.80 47.89 14.79
CA ARG D 322 22.63 48.90 15.45
C ARG D 322 23.39 48.36 16.64
N ALA D 323 23.36 47.05 16.87
CA ALA D 323 24.17 46.40 17.89
C ALA D 323 25.14 45.39 17.30
N PHE D 324 24.64 44.46 16.49
CA PHE D 324 25.54 43.53 15.80
C PHE D 324 26.45 44.25 14.82
N LEU D 325 25.91 45.25 14.11
CA LEU D 325 26.72 46.04 13.20
C LEU D 325 27.85 46.74 13.95
N MET D 326 27.53 47.36 15.09
CA MET D 326 28.56 47.97 15.92
C MET D 326 29.62 46.95 16.31
N ILE D 327 29.19 45.78 16.76
CA ILE D 327 30.13 44.78 17.26
C ILE D 327 31.09 44.34 16.16
N MET D 328 30.53 43.93 15.02
CA MET D 328 31.40 43.38 13.95
C MET D 328 32.24 44.50 13.32
N TRP D 329 31.69 45.69 13.08
CA TRP D 329 32.51 46.80 12.61
C TRP D 329 33.65 47.07 13.58
N GLY D 330 33.39 47.01 14.88
CA GLY D 330 34.42 47.25 15.86
C GLY D 330 35.51 46.18 15.83
N ILE D 331 35.11 44.91 15.69
CA ILE D 331 36.13 43.86 15.65
C ILE D 331 36.95 43.95 14.36
N VAL D 332 36.31 44.30 13.25
CA VAL D 332 37.05 44.47 11.99
C VAL D 332 38.06 45.61 12.13
N GLY D 333 37.61 46.75 12.66
CA GLY D 333 38.51 47.86 12.87
C GLY D 333 39.62 47.54 13.83
N GLY D 334 39.32 46.77 14.88
CA GLY D 334 40.35 46.38 15.83
C GLY D 334 41.41 45.48 15.23
N LEU D 335 41.00 44.50 14.43
CA LEU D 335 41.98 43.63 13.79
C LEU D 335 42.83 44.40 12.79
N ILE D 336 42.21 45.30 12.02
CA ILE D 336 42.99 46.08 11.05
C ILE D 336 43.95 47.03 11.77
N GLY D 337 43.50 47.63 12.88
CA GLY D 337 44.38 48.48 13.65
C GLY D 337 45.52 47.73 14.29
N ALA D 338 45.26 46.50 14.76
CA ALA D 338 46.33 45.67 15.30
C ALA D 338 47.36 45.34 14.22
N GLY D 339 46.89 45.01 13.02
CA GLY D 339 47.82 44.80 11.91
C GLY D 339 48.63 46.03 11.57
N VAL D 340 47.98 47.20 11.57
CA VAL D 340 48.68 48.44 11.28
C VAL D 340 49.74 48.73 12.34
N ALA D 341 49.40 48.53 13.61
CA ALA D 341 50.35 48.75 14.69
C ALA D 341 51.52 47.78 14.59
N LEU D 342 51.24 46.52 14.26
CA LEU D 342 52.32 45.55 14.08
C LEU D 342 53.25 45.96 12.96
N THR D 343 52.69 46.39 11.82
CA THR D 343 53.52 46.84 10.72
C THR D 343 54.34 48.08 11.10
N ARG D 344 53.73 49.01 11.83
CA ARG D 344 54.45 50.21 12.25
C ARG D 344 55.61 49.87 13.18
N ARG D 345 55.38 48.96 14.13
CA ARG D 345 56.45 48.59 15.05
C ARG D 345 57.55 47.80 14.33
N CYS D 346 57.17 46.96 13.36
CA CYS D 346 58.17 46.25 12.57
C CYS D 346 59.02 47.21 11.76
N SER D 347 58.39 48.23 11.18
CA SER D 347 59.13 49.22 10.39
C SER D 347 60.07 50.07 11.24
N LYS D 348 59.80 50.19 12.53
CA LYS D 348 60.64 50.97 13.41
C LYS D 348 61.97 50.28 13.67
N LEU E 17 62.02 8.86 11.41
CA LEU E 17 62.49 7.68 12.13
C LEU E 17 63.52 6.92 11.29
N ASP E 18 64.38 6.17 11.97
CA ASP E 18 65.44 5.39 11.34
C ASP E 18 65.08 3.91 11.45
N ILE E 19 64.38 3.40 10.43
CA ILE E 19 63.98 1.99 10.44
C ILE E 19 65.20 1.09 10.38
N ARG E 20 66.16 1.42 9.52
CA ARG E 20 67.37 0.59 9.41
C ARG E 20 68.15 0.58 10.71
N GLY E 21 68.29 1.74 11.36
CA GLY E 21 68.98 1.79 12.63
C GLY E 21 68.22 1.07 13.73
N LEU E 22 66.89 1.21 13.75
CA LEU E 22 66.10 0.56 14.78
C LEU E 22 66.07 -0.96 14.60
N PHE E 23 66.25 -1.44 13.37
CA PHE E 23 66.22 -2.88 13.12
C PHE E 23 67.36 -3.61 13.84
N ARG E 24 68.54 -3.00 13.85
CA ARG E 24 69.71 -3.62 14.47
C ARG E 24 69.68 -3.59 15.98
N THR E 25 68.79 -2.79 16.58
CA THR E 25 68.75 -2.69 18.04
C THR E 25 68.32 -4.00 18.69
N LEU E 26 67.32 -4.67 18.13
CA LEU E 26 66.78 -5.89 18.71
C LEU E 26 67.51 -7.15 18.23
N TRP E 27 68.55 -7.00 17.40
CA TRP E 27 69.27 -8.17 16.91
C TRP E 27 69.99 -8.89 18.05
N ALA E 28 70.59 -8.14 18.97
CA ALA E 28 71.34 -8.72 20.07
C ALA E 28 70.50 -8.97 21.32
N GLY E 29 69.24 -8.51 21.34
CA GLY E 29 68.40 -8.67 22.51
C GLY E 29 67.38 -9.77 22.38
N LYS E 30 67.63 -10.71 21.46
CA LYS E 30 66.64 -11.76 21.19
C LYS E 30 66.50 -12.75 22.34
N LEU E 31 67.57 -12.94 23.13
CA LEU E 31 67.53 -13.92 24.20
C LEU E 31 66.50 -13.53 25.27
N TRP E 32 66.50 -12.26 25.68
CA TRP E 32 65.52 -11.79 26.65
C TRP E 32 64.11 -11.93 26.11
N ILE E 33 63.92 -11.59 24.84
CA ILE E 33 62.60 -11.69 24.22
C ILE E 33 62.12 -13.14 24.25
N ILE E 34 62.98 -14.08 23.88
CA ILE E 34 62.60 -15.49 23.85
C ILE E 34 62.27 -15.99 25.25
N GLY E 35 63.13 -15.66 26.22
CA GLY E 35 62.90 -16.13 27.58
C GLY E 35 61.61 -15.59 28.17
N MET E 36 61.36 -14.29 28.00
CA MET E 36 60.15 -13.70 28.57
C MET E 36 58.90 -14.14 27.82
N GLY E 37 59.00 -14.40 26.52
CA GLY E 37 57.89 -14.98 25.80
C GLY E 37 57.56 -16.38 26.28
N LEU E 38 58.58 -17.18 26.55
CA LEU E 38 58.35 -18.51 27.12
C LEU E 38 57.71 -18.41 28.49
N ALA E 39 58.16 -17.45 29.31
CA ALA E 39 57.53 -17.24 30.62
C ALA E 39 56.06 -16.85 30.47
N PHE E 40 55.76 -15.97 29.51
CA PHE E 40 54.38 -15.57 29.27
C PHE E 40 53.53 -16.76 28.80
N ALA E 41 54.10 -17.62 27.97
CA ALA E 41 53.38 -18.81 27.52
C ALA E 41 53.11 -19.76 28.68
N LEU E 42 54.08 -19.91 29.60
CA LEU E 42 53.86 -20.73 30.78
C LEU E 42 52.77 -20.14 31.66
N ILE E 43 52.77 -18.82 31.82
CA ILE E 43 51.71 -18.15 32.59
C ILE E 43 50.36 -18.38 31.93
N ALA E 44 50.31 -18.34 30.60
CA ALA E 44 49.07 -18.61 29.88
C ALA E 44 48.60 -20.03 30.12
N LEU E 45 49.51 -21.00 30.09
CA LEU E 45 49.14 -22.38 30.39
C LEU E 45 48.57 -22.50 31.79
N ALA E 46 49.22 -21.85 32.76
CA ALA E 46 48.72 -21.88 34.13
C ALA E 46 47.33 -21.28 34.23
N TYR E 47 47.09 -20.17 33.54
CA TYR E 47 45.77 -19.55 33.55
C TYR E 47 44.73 -20.45 32.91
N THR E 48 45.08 -21.12 31.81
CA THR E 48 44.14 -22.02 31.16
C THR E 48 43.78 -23.19 32.07
N PHE E 49 44.76 -23.72 32.79
CA PHE E 49 44.47 -24.82 33.72
C PHE E 49 43.63 -24.38 34.91
N PHE E 50 43.47 -23.07 35.14
CA PHE E 50 42.72 -22.54 36.26
C PHE E 50 41.33 -22.05 35.87
N ALA E 51 40.90 -22.30 34.63
CA ALA E 51 39.64 -21.76 34.13
C ALA E 51 38.63 -22.88 33.88
N ARG E 52 37.37 -22.49 33.80
CA ARG E 52 36.30 -23.43 33.52
C ARG E 52 36.33 -23.87 32.07
N GLN E 53 35.77 -25.05 31.81
CA GLN E 53 35.83 -25.64 30.47
C GLN E 53 34.98 -24.85 29.49
N GLU E 54 33.73 -24.57 29.84
CA GLU E 54 32.83 -23.74 29.04
C GLU E 54 32.62 -24.34 27.65
N TRP E 55 31.98 -25.51 27.63
CA TRP E 55 31.52 -26.11 26.40
C TRP E 55 30.17 -25.54 25.99
N SER E 56 29.90 -25.56 24.68
CA SER E 56 28.72 -24.90 24.12
C SER E 56 27.99 -25.84 23.17
N SER E 57 26.67 -25.72 23.16
CA SER E 57 25.81 -26.48 22.27
C SER E 57 24.77 -25.55 21.65
N THR E 58 24.32 -25.90 20.44
CA THR E 58 23.45 -25.04 19.66
C THR E 58 22.24 -25.82 19.14
N ALA E 59 21.10 -25.15 19.09
CA ALA E 59 19.87 -25.72 18.53
C ALA E 59 19.20 -24.68 17.65
N ILE E 60 18.58 -25.15 16.56
CA ILE E 60 17.84 -24.27 15.65
C ILE E 60 16.46 -24.86 15.47
N THR E 61 15.43 -24.04 15.66
CA THR E 61 14.05 -24.48 15.69
C THR E 61 13.23 -23.77 14.60
N ASP E 62 12.01 -24.27 14.40
CA ASP E 62 11.08 -23.69 13.45
C ASP E 62 9.66 -23.99 13.92
N ARG E 63 8.68 -23.54 13.13
CA ARG E 63 7.29 -23.72 13.50
C ARG E 63 6.94 -25.21 13.54
N PRO E 64 6.06 -25.62 14.45
CA PRO E 64 5.66 -27.03 14.52
C PRO E 64 4.81 -27.43 13.32
N THR E 65 4.75 -28.74 13.10
CA THR E 65 3.88 -29.29 12.08
C THR E 65 2.45 -29.41 12.61
N VAL E 66 1.51 -29.67 11.70
CA VAL E 66 0.12 -29.82 12.10
C VAL E 66 -0.06 -31.05 12.98
N ASN E 67 0.69 -32.12 12.69
CA ASN E 67 0.52 -33.37 13.40
C ASN E 67 1.01 -33.32 14.85
N MET E 68 1.94 -32.43 15.16
CA MET E 68 2.50 -32.37 16.51
C MET E 68 1.76 -31.40 17.42
N LEU E 69 0.72 -30.74 16.92
CA LEU E 69 -0.17 -29.93 17.74
C LEU E 69 -1.28 -30.75 18.36
N GLY E 70 -1.30 -32.05 18.11
CA GLY E 70 -2.30 -32.93 18.70
C GLY E 70 -3.69 -32.49 18.34
N GLY E 71 -4.60 -32.58 19.31
CA GLY E 71 -5.93 -32.06 19.12
C GLY E 71 -6.00 -30.55 19.17
N TYR E 72 -5.01 -29.91 19.80
CA TYR E 72 -5.10 -28.47 20.06
C TYR E 72 -5.43 -27.71 18.79
N TYR E 73 -4.66 -27.95 17.73
CA TYR E 73 -4.89 -27.34 16.43
C TYR E 73 -6.38 -27.32 16.09
N SER E 74 -6.99 -28.51 16.02
CA SER E 74 -8.39 -28.60 15.64
C SER E 74 -9.25 -27.71 16.53
N GLN E 75 -9.07 -27.81 17.85
CA GLN E 75 -9.84 -26.99 18.76
C GLN E 75 -9.70 -25.52 18.42
N GLN E 76 -8.46 -25.07 18.25
CA GLN E 76 -8.24 -23.66 17.92
C GLN E 76 -8.96 -23.30 16.64
N GLN E 77 -8.85 -24.16 15.62
CA GLN E 77 -9.53 -23.90 14.36
C GLN E 77 -11.02 -23.68 14.59
N PHE E 78 -11.62 -24.54 15.42
CA PHE E 78 -13.04 -24.41 15.71
C PHE E 78 -13.35 -23.00 16.21
N LEU E 79 -12.58 -22.53 17.19
CA LEU E 79 -12.83 -21.20 17.73
C LEU E 79 -12.70 -20.16 16.64
N ARG E 80 -11.66 -20.29 15.80
CA ARG E 80 -11.48 -19.34 14.71
C ARG E 80 -12.72 -19.30 13.82
N ASN E 81 -13.31 -20.47 13.55
CA ASN E 81 -14.52 -20.52 12.75
C ASN E 81 -15.58 -19.57 13.32
N LEU E 82 -15.80 -19.63 14.63
CA LEU E 82 -16.79 -18.77 15.25
C LEU E 82 -16.42 -17.30 15.07
N ASP E 83 -15.13 -16.98 15.25
CA ASP E 83 -14.70 -15.59 15.09
C ASP E 83 -14.89 -15.11 13.66
N VAL E 84 -15.03 -16.03 12.71
CA VAL E 84 -15.38 -15.64 11.34
C VAL E 84 -16.88 -15.55 11.17
N ARG E 85 -17.63 -16.45 11.80
CA ARG E 85 -19.08 -16.43 11.67
C ARG E 85 -19.68 -15.17 12.29
N SER E 86 -19.20 -14.79 13.47
CA SER E 86 -19.67 -13.59 14.15
C SER E 86 -18.47 -12.75 14.57
N ASN E 87 -18.65 -11.43 14.56
CA ASN E 87 -17.61 -10.49 14.94
C ASN E 87 -16.37 -10.67 14.07
N MET E 88 -16.53 -10.29 12.79
CA MET E 88 -15.51 -10.49 11.76
C MET E 88 -14.13 -10.09 12.26
N ALA E 89 -13.22 -11.06 12.33
CA ALA E 89 -11.87 -10.80 12.83
C ALA E 89 -10.80 -11.60 12.11
N SER E 90 -11.11 -12.23 10.99
CA SER E 90 -10.12 -13.07 10.30
C SER E 90 -8.92 -12.26 9.85
N ALA E 91 -9.14 -11.35 8.90
CA ALA E 91 -8.10 -10.43 8.43
C ALA E 91 -6.82 -11.18 8.06
N ASP E 92 -6.99 -12.33 7.41
CA ASP E 92 -5.90 -13.24 7.05
C ASP E 92 -4.85 -13.34 8.16
N GLN E 93 -5.31 -13.76 9.33
CA GLN E 93 -4.46 -13.85 10.50
C GLN E 93 -3.45 -14.99 10.33
N PRO E 94 -2.34 -14.95 11.07
CA PRO E 94 -1.37 -16.05 11.01
C PRO E 94 -1.98 -17.36 11.49
N SER E 95 -1.46 -18.46 10.95
CA SER E 95 -2.00 -19.77 11.23
C SER E 95 -1.79 -20.16 12.70
N VAL E 96 -2.42 -21.26 13.10
CA VAL E 96 -2.30 -21.73 14.47
C VAL E 96 -0.86 -22.11 14.78
N MET E 97 -0.18 -22.71 13.81
CA MET E 97 1.22 -23.08 14.00
C MET E 97 2.09 -21.85 14.24
N ASP E 98 1.81 -20.75 13.53
CA ASP E 98 2.57 -19.52 13.73
C ASP E 98 2.39 -18.99 15.14
N GLU E 99 1.16 -19.00 15.66
CA GLU E 99 0.94 -18.52 17.03
C GLU E 99 1.60 -19.44 18.05
N ALA E 100 1.53 -20.75 17.84
CA ALA E 100 2.18 -21.68 18.75
C ALA E 100 3.69 -21.46 18.76
N TYR E 101 4.29 -21.28 17.59
CA TYR E 101 5.73 -21.02 17.52
C TYR E 101 6.09 -19.67 18.12
N LYS E 102 5.22 -18.67 17.96
CA LYS E 102 5.47 -17.39 18.60
C LYS E 102 5.49 -17.51 20.12
N GLU E 103 4.55 -18.27 20.67
CA GLU E 103 4.54 -18.50 22.11
C GLU E 103 5.78 -19.28 22.54
N PHE E 104 6.18 -20.28 21.75
CA PHE E 104 7.37 -21.05 22.08
C PHE E 104 8.63 -20.18 22.06
N VAL E 105 8.74 -19.29 21.07
CA VAL E 105 9.89 -18.39 21.00
C VAL E 105 9.87 -17.41 22.15
N MET E 106 8.69 -16.93 22.54
CA MET E 106 8.59 -16.04 23.70
C MET E 106 9.05 -16.75 24.97
N GLN E 107 8.67 -18.02 25.12
CA GLN E 107 9.11 -18.78 26.30
C GLN E 107 10.59 -19.08 26.26
N LEU E 108 11.14 -19.33 25.08
CA LEU E 108 12.54 -19.73 24.96
C LEU E 108 13.47 -18.60 25.40
N ALA E 109 13.17 -17.37 25.00
CA ALA E 109 14.01 -16.23 25.31
C ALA E 109 13.71 -15.61 26.67
N SER E 110 12.71 -16.12 27.38
CA SER E 110 12.29 -15.51 28.63
C SER E 110 13.32 -15.73 29.73
N TRP E 111 13.62 -14.67 30.47
CA TRP E 111 14.51 -14.77 31.63
C TRP E 111 13.92 -15.68 32.70
N ASP E 112 12.61 -15.57 32.93
CA ASP E 112 11.97 -16.39 33.95
C ASP E 112 12.02 -17.87 33.59
N THR E 113 11.87 -18.18 32.30
CA THR E 113 11.95 -19.58 31.87
C THR E 113 13.32 -20.16 32.15
N ARG E 114 14.38 -19.42 31.83
CA ARG E 114 15.73 -19.90 32.10
C ARG E 114 15.95 -20.06 33.60
N ARG E 115 15.48 -19.10 34.40
CA ARG E 115 15.66 -19.19 35.84
C ARG E 115 14.96 -20.42 36.41
N GLU E 116 13.71 -20.66 36.00
CA GLU E 116 12.97 -21.80 36.51
C GLU E 116 13.53 -23.11 35.99
N PHE E 117 14.08 -23.12 34.77
CA PHE E 117 14.71 -24.34 34.27
C PHE E 117 15.97 -24.67 35.07
N TRP E 118 16.80 -23.67 35.34
CA TRP E 118 18.02 -23.92 36.10
C TRP E 118 17.71 -24.30 37.54
N LEU E 119 16.64 -23.76 38.12
CA LEU E 119 16.34 -24.03 39.52
C LEU E 119 15.98 -25.49 39.79
N GLN E 120 15.65 -26.27 38.75
CA GLN E 120 15.23 -27.66 38.94
C GLN E 120 16.04 -28.62 38.08
N THR E 121 17.21 -28.22 37.61
CA THR E 121 17.91 -28.97 36.57
C THR E 121 18.85 -30.04 37.11
N ASP E 122 19.06 -30.10 38.43
CA ASP E 122 19.90 -31.12 39.08
C ASP E 122 21.37 -30.95 38.71
N TYR E 123 21.66 -30.00 37.82
CA TYR E 123 23.01 -29.57 37.51
C TYR E 123 23.40 -28.31 38.26
N TYR E 124 22.40 -27.45 38.53
CA TYR E 124 22.58 -26.31 39.42
C TYR E 124 22.58 -26.74 40.88
N LYS E 125 21.72 -27.71 41.23
CA LYS E 125 21.61 -28.14 42.61
C LYS E 125 22.91 -28.76 43.12
N GLN E 126 23.66 -29.45 42.25
CA GLN E 126 24.92 -30.02 42.68
C GLN E 126 25.95 -28.93 43.00
N ARG E 127 25.92 -27.83 42.27
CA ARG E 127 26.86 -26.74 42.50
C ARG E 127 26.27 -25.70 43.45
N MET E 128 25.78 -26.15 44.60
CA MET E 128 25.25 -25.26 45.63
C MET E 128 26.09 -25.43 46.89
N VAL E 129 26.65 -24.32 47.38
CA VAL E 129 27.50 -24.37 48.57
C VAL E 129 26.73 -24.08 49.84
N GLY E 130 25.44 -23.81 49.76
CA GLY E 130 24.64 -23.47 50.91
C GLY E 130 24.60 -22.01 51.27
N ASN E 131 25.39 -21.17 50.60
CA ASN E 131 25.40 -19.73 50.84
C ASN E 131 24.46 -19.05 49.86
N SER E 132 23.55 -18.24 50.38
CA SER E 132 22.50 -17.65 49.54
C SER E 132 23.09 -16.74 48.47
N LYS E 133 24.06 -15.91 48.84
CA LYS E 133 24.63 -14.96 47.89
C LYS E 133 25.36 -15.68 46.76
N ALA E 134 26.17 -16.69 47.10
CA ALA E 134 26.89 -17.43 46.08
C ALA E 134 25.93 -18.21 45.18
N ASP E 135 24.90 -18.80 45.76
CA ASP E 135 23.91 -19.52 44.97
C ASP E 135 23.19 -18.58 44.00
N ALA E 136 22.83 -17.39 44.47
CA ALA E 136 22.17 -16.42 43.61
C ALA E 136 23.09 -15.98 42.47
N ALA E 137 24.37 -15.74 42.80
CA ALA E 137 25.32 -15.34 41.75
C ALA E 137 25.49 -16.44 40.71
N LEU E 138 25.61 -17.68 41.16
CA LEU E 138 25.76 -18.79 40.22
C LEU E 138 24.50 -18.95 39.36
N LEU E 139 23.32 -18.80 39.98
CA LEU E 139 22.08 -18.88 39.22
C LEU E 139 22.02 -17.80 38.16
N ASP E 140 22.42 -16.58 38.51
CA ASP E 140 22.44 -15.49 37.52
C ASP E 140 23.41 -15.79 36.39
N GLU E 141 24.60 -16.30 36.73
CA GLU E 141 25.58 -16.63 35.69
C GLU E 141 25.05 -17.69 34.75
N MET E 142 24.42 -18.73 35.29
CA MET E 142 23.93 -19.81 34.43
C MET E 142 22.69 -19.38 33.65
N ILE E 143 21.90 -18.44 34.18
CA ILE E 143 20.82 -17.85 33.39
C ILE E 143 21.41 -17.11 32.20
N ASN E 144 22.48 -16.35 32.43
CA ASN E 144 23.15 -15.66 31.33
C ASN E 144 23.86 -16.63 30.39
N ASN E 145 24.10 -17.87 30.81
CA ASN E 145 24.73 -18.84 29.94
C ASN E 145 23.86 -19.17 28.73
N ILE E 146 22.55 -19.30 28.93
CA ILE E 146 21.64 -19.57 27.83
C ILE E 146 21.38 -18.29 27.04
N GLN E 147 21.58 -18.34 25.73
CA GLN E 147 21.41 -17.19 24.86
C GLN E 147 20.47 -17.54 23.72
N PHE E 148 19.60 -16.60 23.38
CA PHE E 148 18.66 -16.77 22.27
C PHE E 148 18.97 -15.73 21.21
N ILE E 149 19.15 -16.20 19.98
CA ILE E 149 19.43 -15.35 18.83
C ILE E 149 18.23 -15.42 17.89
N PRO E 150 17.39 -14.41 17.84
CA PRO E 150 16.27 -14.43 16.89
C PRO E 150 16.75 -14.34 15.46
N GLY E 151 16.00 -14.97 14.57
CA GLY E 151 16.32 -14.96 13.15
C GLY E 151 15.34 -14.11 12.36
N ASP E 152 15.83 -13.58 11.25
CA ASP E 152 15.02 -12.79 10.34
C ASP E 152 15.03 -13.48 8.98
N PHE E 153 13.85 -13.55 8.37
CA PHE E 153 13.67 -14.32 7.14
C PHE E 153 14.37 -13.71 5.94
N THR E 154 14.88 -12.48 6.05
CA THR E 154 15.46 -11.81 4.89
C THR E 154 16.70 -12.53 4.37
N ARG E 155 17.58 -12.98 5.26
CA ARG E 155 18.73 -13.77 4.87
C ARG E 155 18.54 -15.26 5.14
N ALA E 156 17.29 -15.68 5.38
CA ALA E 156 16.96 -17.09 5.59
C ALA E 156 17.74 -17.68 6.78
N VAL E 157 17.69 -16.97 7.91
CA VAL E 157 18.27 -17.43 9.15
C VAL E 157 17.16 -17.60 10.17
N ASN E 158 17.14 -18.75 10.84
CA ASN E 158 16.08 -19.08 11.77
C ASN E 158 16.52 -18.79 13.21
N ASP E 159 15.55 -18.84 14.12
CA ASP E 159 15.83 -18.63 15.53
C ASP E 159 16.74 -19.73 16.06
N SER E 160 17.72 -19.35 16.87
CA SER E 160 18.67 -20.30 17.42
C SER E 160 18.80 -20.06 18.93
N VAL E 161 19.18 -21.12 19.63
CA VAL E 161 19.42 -21.06 21.07
C VAL E 161 20.74 -21.76 21.37
N LYS E 162 21.58 -21.13 22.17
CA LYS E 162 22.89 -21.66 22.53
C LYS E 162 22.97 -21.80 24.04
N LEU E 163 23.45 -22.96 24.49
CA LEU E 163 23.61 -23.23 25.90
C LEU E 163 25.08 -23.52 26.20
N ILE E 164 25.52 -23.13 27.40
CA ILE E 164 26.90 -23.29 27.83
C ILE E 164 26.92 -24.05 29.14
N ALA E 165 27.73 -25.10 29.19
CA ALA E 165 27.89 -25.92 30.39
C ALA E 165 29.37 -26.17 30.61
N GLU E 166 29.67 -27.04 31.58
CA GLU E 166 31.05 -27.35 31.90
C GLU E 166 31.58 -28.58 31.17
N THR E 167 30.71 -29.39 30.59
CA THR E 167 31.13 -30.55 29.82
C THR E 167 30.25 -30.67 28.58
N ALA E 168 30.78 -31.36 27.57
CA ALA E 168 30.02 -31.56 26.33
C ALA E 168 28.74 -32.36 26.55
N PRO E 169 28.74 -33.50 27.23
CA PRO E 169 27.46 -34.19 27.47
C PRO E 169 26.46 -33.33 28.23
N ASP E 170 26.94 -32.54 29.19
CA ASP E 170 26.06 -31.61 29.89
C ASP E 170 25.53 -30.55 28.93
N ALA E 171 26.39 -29.99 28.09
CA ALA E 171 25.95 -28.97 27.15
C ALA E 171 24.89 -29.49 26.20
N ASN E 172 24.96 -30.77 25.83
CA ASN E 172 23.95 -31.35 24.95
C ASN E 172 22.66 -31.64 25.70
N ASN E 173 22.76 -32.37 26.81
CA ASN E 173 21.57 -32.80 27.53
C ASN E 173 20.80 -31.62 28.10
N LEU E 174 21.51 -30.64 28.66
CA LEU E 174 20.83 -29.47 29.24
C LEU E 174 20.11 -28.66 28.17
N LEU E 175 20.71 -28.52 26.98
CA LEU E 175 20.02 -27.80 25.91
C LEU E 175 18.77 -28.55 25.46
N ARG E 176 18.86 -29.88 25.32
CA ARG E 176 17.68 -30.65 24.97
C ARG E 176 16.58 -30.49 26.01
N GLN E 177 16.95 -30.59 27.30
CA GLN E 177 15.98 -30.47 28.37
C GLN E 177 15.37 -29.07 28.41
N TYR E 178 16.18 -28.04 28.17
CA TYR E 178 15.66 -26.68 28.19
C TYR E 178 14.69 -26.44 27.05
N VAL E 179 14.98 -26.97 25.86
CA VAL E 179 14.05 -26.81 24.75
C VAL E 179 12.74 -27.52 25.06
N ALA E 180 12.82 -28.73 25.64
CA ALA E 180 11.60 -29.43 26.03
C ALA E 180 10.83 -28.66 27.09
N PHE E 181 11.55 -28.07 28.05
CA PHE E 181 10.93 -27.30 29.11
C PHE E 181 10.18 -26.10 28.56
N ALA E 182 10.82 -25.35 27.66
CA ALA E 182 10.18 -24.19 27.05
C ALA E 182 8.98 -24.60 26.22
N SER E 183 9.09 -25.71 25.48
CA SER E 183 7.95 -26.19 24.70
C SER E 183 6.78 -26.56 25.60
N GLN E 184 7.06 -27.23 26.71
CA GLN E 184 5.99 -27.61 27.62
C GLN E 184 5.33 -26.39 28.24
N ARG E 185 6.12 -25.38 28.61
CA ARG E 185 5.54 -24.15 29.14
C ARG E 185 4.67 -23.45 28.11
N ALA E 186 5.14 -23.40 26.86
CA ALA E 186 4.36 -22.78 25.80
C ALA E 186 3.06 -23.54 25.57
N ALA E 187 3.11 -24.87 25.60
CA ALA E 187 1.90 -25.67 25.43
C ALA E 187 0.90 -25.42 26.55
N SER E 188 1.39 -25.34 27.79
CA SER E 188 0.49 -25.05 28.91
C SER E 188 -0.15 -23.68 28.77
N HIS E 189 0.64 -22.67 28.37
CA HIS E 189 0.10 -21.34 28.18
C HIS E 189 -0.94 -21.32 27.07
N LEU E 190 -0.68 -22.04 25.98
CA LEU E 190 -1.64 -22.10 24.87
C LEU E 190 -2.92 -22.79 25.31
N ASN E 191 -2.82 -23.83 26.12
CA ASN E 191 -4.01 -24.49 26.64
C ASN E 191 -4.83 -23.55 27.52
N ASP E 192 -4.15 -22.77 28.37
CA ASP E 192 -4.86 -21.79 29.19
C ASP E 192 -5.55 -20.74 28.33
N GLU E 193 -4.87 -20.27 27.28
CA GLU E 193 -5.48 -19.31 26.36
C GLU E 193 -6.70 -19.90 25.67
N LEU E 194 -6.61 -21.17 25.26
CA LEU E 194 -7.74 -21.83 24.63
C LEU E 194 -8.92 -21.93 25.59
N LYS E 195 -8.65 -22.28 26.86
CA LYS E 195 -9.72 -22.32 27.84
C LYS E 195 -10.37 -20.97 28.02
N GLY E 196 -9.58 -19.91 28.11
CA GLY E 196 -10.15 -18.58 28.29
C GLY E 196 -11.01 -18.16 27.12
N ALA E 197 -10.50 -18.36 25.90
CA ALA E 197 -11.27 -18.00 24.71
C ALA E 197 -12.54 -18.82 24.60
N TRP E 198 -12.46 -20.12 24.92
CA TRP E 198 -13.64 -20.97 24.88
C TRP E 198 -14.69 -20.50 25.87
N ALA E 199 -14.27 -20.15 27.08
CA ALA E 199 -15.22 -19.66 28.08
C ALA E 199 -15.87 -18.36 27.63
N ALA E 200 -15.07 -17.44 27.07
CA ALA E 200 -15.65 -16.18 26.60
C ALA E 200 -16.66 -16.42 25.48
N ARG E 201 -16.32 -17.30 24.54
CA ARG E 201 -17.24 -17.60 23.45
C ARG E 201 -18.52 -18.26 23.95
N THR E 202 -18.40 -19.16 24.93
CA THR E 202 -19.58 -19.79 25.51
C THR E 202 -20.48 -18.76 26.18
N ILE E 203 -19.89 -17.83 26.92
CA ILE E 203 -20.68 -16.78 27.57
C ILE E 203 -21.39 -15.94 26.52
N GLN E 204 -20.68 -15.55 25.46
CA GLN E 204 -21.29 -14.74 24.41
C GLN E 204 -22.44 -15.47 23.73
N MET E 205 -22.26 -16.76 23.45
CA MET E 205 -23.31 -17.53 22.79
C MET E 205 -24.52 -17.69 23.71
N LYS E 206 -24.29 -17.91 25.01
CA LYS E 206 -25.41 -18.00 25.94
C LYS E 206 -26.20 -16.69 25.98
N ALA E 207 -25.49 -15.57 26.00
CA ALA E 207 -26.17 -14.27 26.01
C ALA E 207 -26.98 -14.08 24.73
N GLN E 208 -26.40 -14.45 23.57
CA GLN E 208 -27.10 -14.31 22.31
C GLN E 208 -28.36 -15.17 22.26
N VAL E 209 -28.26 -16.42 22.75
CA VAL E 209 -29.41 -17.30 22.76
C VAL E 209 -30.50 -16.75 23.68
N LYS E 210 -30.11 -16.22 24.84
CA LYS E 210 -31.09 -15.63 25.75
C LYS E 210 -31.78 -14.42 25.10
N ARG E 211 -31.02 -13.59 24.39
CA ARG E 211 -31.62 -12.45 23.70
C ARG E 211 -32.60 -12.91 22.62
N GLN E 212 -32.24 -13.96 21.88
CA GLN E 212 -33.15 -14.49 20.87
C GLN E 212 -34.45 -15.00 21.51
N GLU E 213 -34.32 -15.71 22.63
CA GLU E 213 -35.50 -16.19 23.34
C GLU E 213 -36.37 -15.04 23.80
N GLU E 214 -35.75 -13.98 24.32
CA GLU E 214 -36.51 -12.83 24.80
C GLU E 214 -37.22 -12.12 23.66
N VAL E 215 -36.57 -12.00 22.50
CA VAL E 215 -37.21 -11.39 21.34
C VAL E 215 -38.42 -12.21 20.89
N ALA E 216 -38.25 -13.53 20.82
CA ALA E 216 -39.36 -14.39 20.43
C ALA E 216 -40.50 -14.30 21.44
N LYS E 217 -40.17 -14.23 22.74
CA LYS E 217 -41.20 -14.09 23.76
C LYS E 217 -41.94 -12.77 23.63
N ALA E 218 -41.23 -11.69 23.30
CA ALA E 218 -41.88 -10.40 23.11
C ALA E 218 -42.85 -10.45 21.93
N ILE E 219 -42.43 -11.04 20.82
CA ILE E 219 -43.32 -11.15 19.66
C ILE E 219 -44.54 -12.00 20.00
N TYR E 220 -44.32 -13.11 20.71
CA TYR E 220 -45.42 -13.98 21.10
C TYR E 220 -46.39 -13.27 22.03
N ASP E 221 -45.87 -12.47 22.96
CA ASP E 221 -46.73 -11.72 23.86
C ASP E 221 -47.54 -10.67 23.11
N ARG E 222 -46.92 -10.02 22.11
CA ARG E 222 -47.66 -9.06 21.31
C ARG E 222 -48.81 -9.74 20.55
N ARG E 223 -48.54 -10.91 19.98
CA ARG E 223 -49.60 -11.63 19.27
C ARG E 223 -50.70 -12.07 20.23
N MET E 224 -50.32 -12.54 21.42
CA MET E 224 -51.31 -12.90 22.44
C MET E 224 -52.19 -11.72 22.80
N ASN E 225 -51.58 -10.55 23.01
CA ASN E 225 -52.35 -9.37 23.35
C ASN E 225 -53.30 -8.97 22.23
N SER E 226 -52.83 -9.05 20.99
CA SER E 226 -53.69 -8.71 19.86
C SER E 226 -54.89 -9.65 19.78
N ILE E 227 -54.65 -10.96 19.96
CA ILE E 227 -55.75 -11.91 19.91
C ILE E 227 -56.72 -11.69 21.05
N GLU E 228 -56.22 -11.43 22.26
CA GLU E 228 -57.10 -11.19 23.40
C GLU E 228 -57.94 -9.94 23.20
N GLN E 229 -57.33 -8.87 22.69
CA GLN E 229 -58.09 -7.64 22.44
C GLN E 229 -59.15 -7.86 21.37
N ALA E 230 -58.80 -8.57 20.30
CA ALA E 230 -59.79 -8.86 19.26
C ALA E 230 -60.94 -9.68 19.82
N LEU E 231 -60.64 -10.68 20.63
CA LEU E 231 -61.69 -11.51 21.23
C LEU E 231 -62.60 -10.67 22.13
N LYS E 232 -62.00 -9.81 22.96
CA LYS E 232 -62.80 -9.00 23.88
C LYS E 232 -63.70 -8.04 23.12
N ILE E 233 -63.15 -7.34 22.12
CA ILE E 233 -63.97 -6.38 21.38
C ILE E 233 -65.05 -7.09 20.59
N ALA E 234 -64.75 -8.26 20.03
CA ALA E 234 -65.75 -9.01 19.28
C ALA E 234 -66.89 -9.46 20.19
N GLU E 235 -66.55 -9.99 21.37
CA GLU E 235 -67.59 -10.49 22.26
C GLU E 235 -68.41 -9.36 22.86
N GLN E 236 -67.80 -8.18 23.05
CA GLN E 236 -68.58 -7.05 23.55
C GLN E 236 -69.44 -6.42 22.47
N HIS E 237 -68.96 -6.40 21.23
CA HIS E 237 -69.71 -5.77 20.14
C HIS E 237 -70.87 -6.65 19.69
N ASN E 238 -70.64 -7.95 19.55
CA ASN E 238 -71.61 -8.85 18.96
C ASN E 238 -72.57 -9.44 19.99
N ILE E 239 -72.04 -10.18 20.96
CA ILE E 239 -72.90 -10.87 21.92
C ILE E 239 -73.61 -9.88 22.83
N SER E 240 -72.87 -8.92 23.37
CA SER E 240 -73.43 -8.02 24.37
C SER E 240 -74.36 -6.98 23.75
N ARG E 241 -73.96 -6.39 22.62
CA ARG E 241 -74.67 -5.25 22.06
C ARG E 241 -75.53 -5.62 20.86
N SER E 242 -75.68 -6.91 20.55
CA SER E 242 -76.48 -7.31 19.41
C SER E 242 -77.04 -8.71 19.65
N ALA E 243 -78.09 -9.04 18.90
CA ALA E 243 -78.69 -10.35 18.98
C ALA E 243 -77.96 -11.40 18.15
N THR E 244 -77.02 -10.99 17.30
CA THR E 244 -76.26 -11.93 16.50
C THR E 244 -75.35 -12.78 17.39
N ASP E 245 -75.32 -14.08 17.12
CA ASP E 245 -74.55 -15.03 17.93
C ASP E 245 -74.27 -16.26 17.09
N VAL E 246 -73.85 -17.33 17.74
CA VAL E 246 -73.58 -18.59 17.03
C VAL E 246 -74.79 -19.11 16.29
N PRO E 247 -76.01 -19.13 16.86
CA PRO E 247 -77.16 -19.68 16.12
C PRO E 247 -77.56 -18.87 14.89
N ALA E 248 -76.82 -17.81 14.54
CA ALA E 248 -77.11 -17.07 13.32
C ALA E 248 -76.72 -17.82 12.06
N GLU E 249 -76.05 -18.97 12.19
CA GLU E 249 -75.64 -19.81 11.06
C GLU E 249 -74.66 -19.09 10.16
N GLU E 250 -74.49 -19.60 8.94
CA GLU E 250 -73.52 -19.07 7.97
C GLU E 250 -72.10 -19.12 8.53
N LEU E 251 -71.82 -20.08 9.41
CA LEU E 251 -70.49 -20.21 9.99
C LEU E 251 -69.40 -20.51 8.96
N PRO E 252 -69.57 -21.48 8.03
CA PRO E 252 -68.44 -21.82 7.14
C PRO E 252 -67.98 -20.69 6.24
N ASP E 253 -68.89 -20.12 5.45
CA ASP E 253 -68.55 -19.13 4.42
C ASP E 253 -69.38 -17.87 4.63
N SER E 254 -68.87 -16.96 5.48
CA SER E 254 -69.49 -15.65 5.63
C SER E 254 -68.45 -14.54 5.78
N GLU E 255 -67.19 -14.80 5.44
CA GLU E 255 -66.11 -13.82 5.54
C GLU E 255 -65.95 -13.32 6.97
N MET E 256 -66.57 -12.19 7.28
CA MET E 256 -66.44 -11.59 8.60
C MET E 256 -66.98 -12.53 9.67
N PHE E 257 -68.17 -13.10 9.45
CA PHE E 257 -68.76 -13.99 10.44
C PHE E 257 -68.01 -15.31 10.58
N LEU E 258 -67.22 -15.68 9.58
CA LEU E 258 -66.41 -16.89 9.70
C LEU E 258 -65.38 -16.74 10.82
N LEU E 259 -64.73 -15.59 10.90
CA LEU E 259 -63.76 -15.30 11.97
C LEU E 259 -64.55 -14.65 13.10
N GLY E 260 -64.86 -15.42 14.12
CA GLY E 260 -65.63 -14.91 15.25
C GLY E 260 -65.14 -15.44 16.57
N ARG E 261 -66.05 -15.58 17.54
CA ARG E 261 -65.68 -16.11 18.84
C ARG E 261 -65.07 -17.51 18.77
N PRO E 262 -65.65 -18.48 18.06
CA PRO E 262 -65.01 -19.81 18.05
C PRO E 262 -63.63 -19.82 17.42
N MET E 263 -63.47 -19.19 16.25
CA MET E 263 -62.17 -19.17 15.59
C MET E 263 -61.14 -18.42 16.42
N LEU E 264 -61.53 -17.28 17.00
CA LEU E 264 -60.60 -16.52 17.83
C LEU E 264 -60.19 -17.30 19.06
N GLN E 265 -61.14 -17.98 19.71
CA GLN E 265 -60.80 -18.79 20.88
C GLN E 265 -59.89 -19.94 20.51
N ALA E 266 -60.15 -20.59 19.38
CA ALA E 266 -59.29 -21.68 18.93
C ALA E 266 -57.89 -21.18 18.63
N GLU E 267 -57.77 -20.01 17.99
CA GLU E 267 -56.46 -19.44 17.71
C GLU E 267 -55.73 -19.10 19.02
N LEU E 268 -56.46 -18.54 19.99
CA LEU E 268 -55.85 -18.23 21.27
C LEU E 268 -55.32 -19.48 21.95
N GLU E 269 -56.12 -20.54 21.97
CA GLU E 269 -55.69 -21.79 22.60
C GLU E 269 -54.49 -22.39 21.87
N ASN E 270 -54.53 -22.38 20.54
CA ASN E 270 -53.43 -22.94 19.76
C ASN E 270 -52.13 -22.17 19.99
N LEU E 271 -52.21 -20.84 20.01
CA LEU E 271 -51.01 -20.04 20.27
C LEU E 271 -50.50 -20.25 21.68
N GLN E 272 -51.41 -20.39 22.65
CA GLN E 272 -50.99 -20.67 24.02
C GLN E 272 -50.29 -22.01 24.12
N ALA E 273 -50.79 -23.02 23.41
CA ALA E 273 -50.19 -24.35 23.48
C ALA E 273 -48.85 -24.41 22.76
N VAL E 274 -48.75 -23.82 21.57
CA VAL E 274 -47.54 -23.94 20.77
C VAL E 274 -46.39 -23.18 21.43
N GLY E 275 -46.64 -21.93 21.84
CA GLY E 275 -45.61 -21.12 22.44
C GLY E 275 -44.93 -20.22 21.43
N PRO E 276 -43.85 -19.55 21.85
CA PRO E 276 -43.13 -18.65 20.95
C PRO E 276 -42.54 -19.38 19.76
N ALA E 277 -42.44 -18.67 18.64
CA ALA E 277 -41.93 -19.22 17.39
C ALA E 277 -40.47 -18.85 17.21
N PHE E 278 -39.64 -19.83 16.89
CA PHE E 278 -38.21 -19.65 16.69
C PHE E 278 -37.84 -19.96 15.24
N ASP E 279 -36.79 -19.29 14.77
CA ASP E 279 -36.32 -19.46 13.41
C ASP E 279 -35.16 -20.45 13.36
N LEU E 280 -34.61 -20.63 12.15
CA LEU E 280 -33.49 -21.55 11.96
C LEU E 280 -32.24 -21.06 12.68
N ASP E 281 -32.04 -19.74 12.74
CA ASP E 281 -30.86 -19.20 13.41
C ASP E 281 -30.85 -19.57 14.88
N TYR E 282 -32.01 -19.56 15.54
CA TYR E 282 -32.08 -19.94 16.94
C TYR E 282 -31.66 -21.39 17.15
N ASP E 283 -32.14 -22.29 16.28
CA ASP E 283 -31.79 -23.70 16.43
C ASP E 283 -30.31 -23.93 16.14
N GLN E 284 -29.76 -23.24 15.14
CA GLN E 284 -28.33 -23.37 14.87
C GLN E 284 -27.51 -22.86 16.04
N ASN E 285 -27.90 -21.73 16.63
CA ASN E 285 -27.20 -21.21 17.80
C ASN E 285 -27.31 -22.17 18.98
N ARG E 286 -28.48 -22.81 19.14
CA ARG E 286 -28.65 -23.77 20.22
C ARG E 286 -27.73 -24.97 20.03
N ALA E 287 -27.63 -25.48 18.80
CA ALA E 287 -26.72 -26.59 18.55
C ALA E 287 -25.27 -26.20 18.78
N MET E 288 -24.88 -25.01 18.34
CA MET E 288 -23.51 -24.56 18.57
C MET E 288 -23.23 -24.38 20.04
N LEU E 289 -24.21 -23.90 20.81
CA LEU E 289 -24.05 -23.78 22.25
C LEU E 289 -23.94 -25.14 22.90
N ASN E 290 -24.68 -26.12 22.39
CA ASN E 290 -24.55 -27.49 22.91
C ASN E 290 -23.14 -28.02 22.68
N THR E 291 -22.58 -27.77 21.50
CA THR E 291 -21.21 -28.22 21.24
C THR E 291 -20.19 -27.43 22.05
N LEU E 292 -20.50 -26.17 22.37
CA LEU E 292 -19.59 -25.36 23.18
C LEU E 292 -19.63 -25.76 24.64
N ASN E 293 -20.77 -26.27 25.13
CA ASN E 293 -20.92 -26.58 26.54
C ASN E 293 -20.14 -27.82 26.95
N VAL E 294 -19.74 -28.67 26.00
CA VAL E 294 -18.99 -29.87 26.36
C VAL E 294 -17.58 -29.49 26.82
N GLY E 295 -17.09 -28.32 26.40
CA GLY E 295 -15.80 -27.85 26.83
C GLY E 295 -14.68 -28.33 25.94
N PRO E 296 -13.59 -27.57 25.88
CA PRO E 296 -12.44 -28.00 25.08
C PRO E 296 -11.74 -29.19 25.71
N THR E 297 -11.12 -30.00 24.86
CA THR E 297 -10.32 -31.13 25.30
C THR E 297 -8.87 -30.68 25.39
N LEU E 298 -8.40 -30.42 26.60
CA LEU E 298 -7.05 -29.90 26.82
C LEU E 298 -6.07 -31.07 26.91
N ASP E 299 -5.34 -31.32 25.83
CA ASP E 299 -4.28 -32.31 25.84
C ASP E 299 -2.96 -31.61 26.11
N PRO E 300 -2.28 -31.94 27.21
CA PRO E 300 -0.95 -31.34 27.44
C PRO E 300 0.10 -32.00 26.58
N ARG E 301 1.37 -31.65 26.81
CA ARG E 301 2.53 -32.29 26.19
C ARG E 301 2.38 -32.46 24.68
N PHE E 302 1.89 -31.42 24.02
CA PHE E 302 1.96 -31.32 22.57
C PHE E 302 3.07 -30.37 22.19
N GLN E 303 3.77 -30.69 21.10
CA GLN E 303 4.99 -29.98 20.75
C GLN E 303 4.66 -28.68 20.02
N THR E 304 5.37 -27.61 20.40
CA THR E 304 5.16 -26.29 19.83
C THR E 304 6.33 -25.83 18.97
N TYR E 305 7.17 -26.76 18.54
CA TYR E 305 8.35 -26.43 17.74
C TYR E 305 8.73 -27.65 16.93
N ARG E 306 9.66 -27.44 15.98
CA ARG E 306 10.31 -28.54 15.30
C ARG E 306 11.77 -28.20 15.13
N TYR E 307 12.61 -29.23 15.13
CA TYR E 307 14.05 -29.08 15.12
C TYR E 307 14.56 -28.94 13.69
N LEU E 308 15.22 -27.83 13.39
CA LEU E 308 16.02 -27.73 12.18
C LEU E 308 17.47 -28.12 12.43
N ARG E 309 17.95 -27.93 13.67
CA ARG E 309 19.25 -28.43 14.09
C ARG E 309 19.11 -28.88 15.53
N THR E 310 19.17 -30.19 15.74
CA THR E 310 19.07 -30.76 17.07
C THR E 310 20.38 -30.54 17.84
N PRO E 311 20.33 -30.30 19.14
CA PRO E 311 21.56 -30.18 19.92
C PRO E 311 22.40 -31.44 19.85
N GLU E 312 23.71 -31.25 19.80
CA GLU E 312 24.67 -32.35 19.78
C GLU E 312 25.84 -32.01 20.68
N GLU E 313 26.60 -33.04 21.05
CA GLU E 313 27.78 -32.83 21.87
C GLU E 313 28.82 -32.03 21.09
N PRO E 314 29.33 -30.94 21.64
CA PRO E 314 30.37 -30.18 20.93
C PRO E 314 31.65 -31.00 20.79
N VAL E 315 32.38 -30.73 19.71
CA VAL E 315 33.63 -31.46 19.46
C VAL E 315 34.81 -30.75 20.12
N LYS E 316 34.75 -29.43 20.22
CA LYS E 316 35.83 -28.66 20.81
C LYS E 316 35.28 -27.67 21.83
N ARG E 317 36.08 -27.42 22.87
CA ARG E 317 35.69 -26.48 23.92
C ARG E 317 35.68 -25.05 23.38
N ASP E 318 34.76 -24.24 23.90
CA ASP E 318 34.71 -22.83 23.54
C ASP E 318 35.80 -22.04 24.24
N SER E 319 36.15 -22.43 25.47
CA SER E 319 37.16 -21.77 26.27
C SER E 319 38.07 -22.84 26.89
N PRO E 320 39.32 -22.48 27.23
CA PRO E 320 39.98 -21.19 27.05
C PRO E 320 40.74 -21.07 25.74
N ARG E 321 40.52 -21.99 24.79
CA ARG E 321 41.14 -22.00 23.46
C ARG E 321 42.65 -21.73 23.55
N ARG E 322 43.33 -22.70 24.17
CA ARG E 322 44.75 -22.62 24.50
C ARG E 322 45.62 -21.99 23.42
N ALA E 323 45.37 -22.33 22.15
CA ALA E 323 46.23 -21.84 21.07
C ALA E 323 46.18 -20.31 20.96
N PHE E 324 44.97 -19.75 21.02
CA PHE E 324 44.83 -18.30 20.92
C PHE E 324 45.50 -17.60 22.10
N LEU E 325 45.34 -18.15 23.30
CA LEU E 325 45.98 -17.56 24.47
C LEU E 325 47.49 -17.63 24.36
N MET E 326 48.03 -18.77 23.92
CA MET E 326 49.47 -18.88 23.71
C MET E 326 49.95 -17.83 22.71
N ILE E 327 49.26 -17.70 21.58
CA ILE E 327 49.70 -16.76 20.55
C ILE E 327 49.68 -15.34 21.08
N MET E 328 48.59 -14.95 21.74
CA MET E 328 48.45 -13.57 22.20
C MET E 328 49.45 -13.26 23.30
N TRP E 329 49.61 -14.15 24.27
CA TRP E 329 50.55 -13.89 25.36
C TRP E 329 51.99 -13.91 24.86
N GLY E 330 52.31 -14.78 23.91
CA GLY E 330 53.64 -14.77 23.33
C GLY E 330 53.92 -13.50 22.55
N ILE E 331 52.93 -13.01 21.81
CA ILE E 331 53.10 -11.76 21.09
C ILE E 331 53.32 -10.60 22.05
N VAL E 332 52.53 -10.55 23.13
CA VAL E 332 52.68 -9.48 24.11
C VAL E 332 54.06 -9.55 24.77
N GLY E 333 54.48 -10.76 25.17
CA GLY E 333 55.78 -10.91 25.78
C GLY E 333 56.92 -10.54 24.85
N GLY E 334 56.80 -10.92 23.57
CA GLY E 334 57.81 -10.54 22.60
C GLY E 334 57.89 -9.03 22.40
N LEU E 335 56.72 -8.38 22.34
CA LEU E 335 56.71 -6.93 22.17
C LEU E 335 57.35 -6.22 23.36
N ILE E 336 56.99 -6.63 24.58
CA ILE E 336 57.54 -5.96 25.75
C ILE E 336 59.03 -6.28 25.91
N GLY E 337 59.43 -7.50 25.53
CA GLY E 337 60.85 -7.83 25.56
C GLY E 337 61.66 -7.04 24.54
N ALA E 338 61.10 -6.83 23.35
CA ALA E 338 61.77 -5.98 22.36
C ALA E 338 61.88 -4.56 22.87
N GLY E 339 60.82 -4.05 23.51
CA GLY E 339 60.90 -2.73 24.10
C GLY E 339 61.98 -2.63 25.18
N VAL E 340 62.06 -3.65 26.03
CA VAL E 340 63.07 -3.66 27.09
C VAL E 340 64.48 -3.69 26.48
N ALA E 341 64.68 -4.53 25.46
CA ALA E 341 65.98 -4.60 24.80
C ALA E 341 66.35 -3.28 24.14
N LEU E 342 65.36 -2.62 23.52
CA LEU E 342 65.61 -1.31 22.94
C LEU E 342 66.00 -0.29 23.99
N THR E 343 65.32 -0.31 25.15
CA THR E 343 65.64 0.64 26.21
C THR E 343 67.00 0.37 26.83
N ARG E 344 67.53 -0.84 26.71
CA ARG E 344 68.84 -1.17 27.27
C ARG E 344 69.99 -0.79 26.37
N ARG E 345 69.72 -0.41 25.11
CA ARG E 345 70.81 -0.04 24.20
C ARG E 345 71.50 1.24 24.66
N CYS E 346 70.73 2.24 25.08
CA CYS E 346 71.31 3.50 25.54
C CYS E 346 71.74 3.45 27.00
N SER E 347 71.44 2.37 27.71
CA SER E 347 71.86 2.24 29.11
C SER E 347 73.36 2.02 29.24
N LYS E 348 74.04 1.66 28.16
CA LYS E 348 75.48 1.44 28.18
C LYS E 348 76.23 2.64 27.62
N LEU F 17 61.88 10.57 19.94
CA LEU F 17 61.39 10.02 21.19
C LEU F 17 62.41 9.07 21.80
N ASP F 18 63.10 9.52 22.85
CA ASP F 18 64.13 8.72 23.52
C ASP F 18 63.46 7.88 24.61
N ILE F 19 62.83 6.78 24.16
CA ILE F 19 62.17 5.87 25.09
C ILE F 19 63.19 5.16 25.97
N ARG F 20 64.42 4.96 25.46
CA ARG F 20 65.45 4.30 26.25
C ARG F 20 65.78 5.10 27.50
N GLY F 21 65.95 6.41 27.36
CA GLY F 21 66.10 7.26 28.52
C GLY F 21 64.85 7.35 29.37
N LEU F 22 63.68 7.29 28.72
CA LEU F 22 62.42 7.35 29.46
C LEU F 22 62.27 6.18 30.41
N PHE F 23 62.75 5.01 30.01
CA PHE F 23 62.70 3.84 30.89
C PHE F 23 63.51 4.09 32.16
N ARG F 24 64.71 4.65 32.02
CA ARG F 24 65.52 4.96 33.19
C ARG F 24 64.85 6.05 34.05
N THR F 25 64.24 7.04 33.41
CA THR F 25 63.56 8.10 34.16
C THR F 25 62.42 7.53 35.00
N LEU F 26 61.61 6.64 34.41
CA LEU F 26 60.51 6.06 35.17
C LEU F 26 61.00 5.06 36.21
N TRP F 27 62.11 4.38 35.94
CA TRP F 27 62.67 3.47 36.94
C TRP F 27 63.19 4.23 38.15
N ALA F 28 63.81 5.39 37.93
CA ALA F 28 64.38 6.14 39.04
C ALA F 28 63.29 6.67 39.98
N GLY F 29 62.17 7.13 39.44
CA GLY F 29 61.14 7.77 40.24
C GLY F 29 59.93 6.90 40.51
N LYS F 30 60.11 5.58 40.53
CA LYS F 30 58.99 4.67 40.72
C LYS F 30 58.36 4.82 42.10
N LEU F 31 59.14 5.16 43.11
CA LEU F 31 58.63 5.22 44.48
C LEU F 31 57.54 6.29 44.61
N TRP F 32 57.78 7.47 44.05
CA TRP F 32 56.78 8.54 44.10
C TRP F 32 55.51 8.13 43.37
N ILE F 33 55.66 7.49 42.21
CA ILE F 33 54.49 7.04 41.44
C ILE F 33 53.67 6.06 42.26
N ILE F 34 54.34 5.08 42.87
CA ILE F 34 53.63 4.07 43.66
C ILE F 34 52.94 4.71 44.85
N GLY F 35 53.63 5.61 45.56
CA GLY F 35 53.04 6.24 46.72
C GLY F 35 51.82 7.09 46.37
N MET F 36 51.92 7.89 45.31
CA MET F 36 50.79 8.72 44.92
C MET F 36 49.64 7.90 44.37
N GLY F 37 49.93 6.81 43.66
CA GLY F 37 48.87 5.91 43.24
C GLY F 37 48.15 5.27 44.41
N LEU F 38 48.90 4.87 45.44
CA LEU F 38 48.28 4.31 46.63
C LEU F 38 47.43 5.35 47.36
N ALA F 39 47.91 6.60 47.42
CA ALA F 39 47.12 7.66 48.03
C ALA F 39 45.82 7.90 47.25
N PHE F 40 45.90 7.89 45.92
CA PHE F 40 44.71 8.06 45.09
C PHE F 40 43.74 6.90 45.31
N ALA F 41 44.26 5.67 45.42
CA ALA F 41 43.41 4.52 45.70
C ALA F 41 42.73 4.65 47.06
N LEU F 42 43.45 5.15 48.06
CA LEU F 42 42.85 5.37 49.37
C LEU F 42 41.74 6.41 49.30
N ILE F 43 41.97 7.50 48.55
CA ILE F 43 40.94 8.51 48.37
C ILE F 43 39.71 7.91 47.70
N ALA F 44 39.92 7.07 46.68
CA ALA F 44 38.82 6.41 46.00
C ALA F 44 38.07 5.48 46.95
N LEU F 45 38.79 4.77 47.82
CA LEU F 45 38.15 3.92 48.82
C LEU F 45 37.27 4.74 49.75
N ALA F 46 37.78 5.89 50.22
CA ALA F 46 36.99 6.74 51.09
C ALA F 46 35.73 7.25 50.37
N TYR F 47 35.88 7.66 49.11
CA TYR F 47 34.72 8.13 48.36
C TYR F 47 33.70 7.02 48.14
N THR F 48 34.19 5.80 47.88
CA THR F 48 33.29 4.67 47.69
C THR F 48 32.50 4.37 48.96
N PHE F 49 33.18 4.38 50.11
CA PHE F 49 32.46 4.17 51.36
C PHE F 49 31.64 5.38 51.79
N PHE F 50 31.82 6.53 51.15
CA PHE F 50 31.02 7.72 51.45
C PHE F 50 29.85 7.89 50.49
N ALA F 51 29.59 6.92 49.62
CA ALA F 51 28.55 7.02 48.61
C ALA F 51 27.35 6.14 48.96
N ARG F 52 26.31 6.25 48.15
CA ARG F 52 25.09 5.48 48.35
C ARG F 52 25.19 4.11 47.67
N GLN F 53 24.38 3.17 48.16
CA GLN F 53 24.50 1.78 47.72
C GLN F 53 24.05 1.61 46.27
N GLU F 54 22.88 2.13 45.92
CA GLU F 54 22.38 2.17 44.54
C GLU F 54 22.33 0.77 43.92
N TRP F 55 21.45 -0.06 44.47
CA TRP F 55 21.12 -1.34 43.87
C TRP F 55 19.98 -1.16 42.87
N SER F 56 19.90 -2.07 41.90
CA SER F 56 18.94 -1.94 40.82
C SER F 56 18.35 -3.30 40.46
N SER F 57 17.08 -3.27 40.06
CA SER F 57 16.37 -4.47 39.62
C SER F 57 15.60 -4.16 38.34
N THR F 58 15.36 -5.20 37.54
CA THR F 58 14.78 -5.07 36.22
C THR F 58 13.57 -5.99 36.06
N ALA F 59 12.59 -5.54 35.29
CA ALA F 59 11.42 -6.32 34.94
C ALA F 59 11.13 -6.14 33.47
N ILE F 60 10.65 -7.21 32.84
CA ILE F 60 10.28 -7.20 31.43
C ILE F 60 8.87 -7.74 31.29
N THR F 61 8.00 -7.00 30.61
CA THR F 61 6.58 -7.30 30.52
C THR F 61 6.15 -7.45 29.08
N ASP F 62 4.96 -8.01 28.90
CA ASP F 62 4.35 -8.17 27.58
C ASP F 62 2.84 -8.04 27.72
N ARG F 63 2.14 -8.19 26.60
CA ARG F 63 0.70 -8.03 26.58
C ARG F 63 0.04 -9.11 27.46
N PRO F 64 -1.05 -8.77 28.13
CA PRO F 64 -1.74 -9.77 28.95
C PRO F 64 -2.46 -10.79 28.08
N THR F 65 -3.01 -11.80 28.75
CA THR F 65 -3.78 -12.84 28.08
C THR F 65 -5.25 -12.71 28.44
N VAL F 66 -6.07 -13.40 27.64
CA VAL F 66 -7.51 -13.38 27.83
C VAL F 66 -7.88 -13.90 29.23
N ASN F 67 -7.09 -14.82 29.76
CA ASN F 67 -7.45 -15.47 31.01
C ASN F 67 -7.41 -14.50 32.19
N MET F 68 -6.41 -13.61 32.24
CA MET F 68 -6.30 -12.69 33.36
C MET F 68 -6.87 -11.31 33.07
N LEU F 69 -7.65 -11.17 31.99
CA LEU F 69 -8.47 -9.99 31.79
C LEU F 69 -9.81 -10.10 32.50
N GLY F 70 -10.01 -11.17 33.26
CA GLY F 70 -11.23 -11.34 34.03
C GLY F 70 -12.45 -11.33 33.14
N GLY F 71 -13.53 -10.77 33.65
CA GLY F 71 -14.69 -10.53 32.81
C GLY F 71 -14.51 -9.38 31.85
N TYR F 72 -13.55 -8.49 32.11
CA TYR F 72 -13.43 -7.26 31.36
C TYR F 72 -13.41 -7.52 29.86
N TYR F 73 -12.54 -8.44 29.43
CA TYR F 73 -12.45 -8.82 28.04
C TYR F 73 -13.83 -9.01 27.42
N SER F 74 -14.62 -9.93 28.00
CA SER F 74 -15.94 -10.22 27.45
C SER F 74 -16.75 -8.94 27.31
N GLN F 75 -16.82 -8.15 28.38
CA GLN F 75 -17.56 -6.90 28.34
C GLN F 75 -17.11 -6.06 27.17
N GLN F 76 -15.80 -5.84 27.06
CA GLN F 76 -15.28 -5.03 25.96
C GLN F 76 -15.70 -5.60 24.62
N GLN F 77 -15.57 -6.93 24.47
CA GLN F 77 -15.95 -7.55 23.22
C GLN F 77 -17.40 -7.26 22.89
N PHE F 78 -18.28 -7.35 23.89
CA PHE F 78 -19.68 -7.03 23.67
C PHE F 78 -19.83 -5.66 23.05
N LEU F 79 -19.18 -4.66 23.64
CA LEU F 79 -19.29 -3.31 23.12
C LEU F 79 -18.78 -3.24 21.69
N ARG F 80 -17.68 -3.95 21.41
CA ARG F 80 -17.14 -3.92 20.06
C ARG F 80 -18.14 -4.44 19.05
N ASN F 81 -18.93 -5.46 19.43
CA ASN F 81 -19.99 -5.92 18.54
C ASN F 81 -20.99 -4.81 18.27
N LEU F 82 -21.40 -4.11 19.33
CA LEU F 82 -22.31 -2.99 19.14
C LEU F 82 -21.68 -1.89 18.31
N ASP F 83 -20.35 -1.88 18.19
CA ASP F 83 -19.66 -0.88 17.40
C ASP F 83 -19.41 -1.31 15.96
N VAL F 84 -19.70 -2.57 15.61
CA VAL F 84 -19.55 -3.00 14.22
C VAL F 84 -20.89 -3.16 13.51
N ARG F 85 -21.99 -3.32 14.25
CA ARG F 85 -23.32 -3.15 13.65
C ARG F 85 -23.59 -1.70 13.29
N SER F 86 -23.09 -0.76 14.10
CA SER F 86 -23.29 0.66 13.85
C SER F 86 -21.93 1.34 13.76
N ASN F 87 -21.75 2.17 12.73
CA ASN F 87 -20.52 2.89 12.42
C ASN F 87 -19.44 1.97 11.88
N MET F 88 -19.70 0.65 11.93
CA MET F 88 -18.82 -0.41 11.44
C MET F 88 -17.51 -0.51 12.21
N ALA F 89 -17.27 0.38 13.18
CA ALA F 89 -15.99 0.47 13.86
C ALA F 89 -14.82 0.41 12.88
N SER F 90 -13.85 -0.46 13.16
CA SER F 90 -12.75 -0.74 12.25
C SER F 90 -12.55 -2.24 12.19
N ALA F 91 -12.52 -2.78 10.96
CA ALA F 91 -12.29 -4.21 10.80
C ALA F 91 -10.91 -4.61 11.30
N ASP F 92 -9.90 -3.79 11.01
CA ASP F 92 -8.53 -4.04 11.43
C ASP F 92 -8.20 -3.08 12.57
N GLN F 93 -8.47 -3.52 13.80
CA GLN F 93 -8.22 -2.73 14.98
C GLN F 93 -7.44 -3.55 16.01
N PRO F 94 -6.69 -2.90 16.88
CA PRO F 94 -5.94 -3.64 17.89
C PRO F 94 -6.86 -4.41 18.83
N SER F 95 -6.37 -5.55 19.30
CA SER F 95 -7.17 -6.42 20.15
C SER F 95 -7.35 -5.80 21.53
N VAL F 96 -8.22 -6.44 22.34
CA VAL F 96 -8.49 -5.94 23.68
C VAL F 96 -7.23 -5.98 24.54
N MET F 97 -6.49 -7.08 24.47
CA MET F 97 -5.24 -7.17 25.23
C MET F 97 -4.22 -6.15 24.76
N ASP F 98 -4.23 -5.82 23.47
CA ASP F 98 -3.31 -4.79 22.96
C ASP F 98 -3.62 -3.44 23.59
N GLU F 99 -4.90 -3.07 23.68
CA GLU F 99 -5.28 -1.81 24.31
C GLU F 99 -4.98 -1.82 25.80
N ALA F 100 -5.23 -2.95 26.46
CA ALA F 100 -4.93 -3.05 27.88
C ALA F 100 -3.44 -2.88 28.13
N TYR F 101 -2.60 -3.52 27.31
CA TYR F 101 -1.16 -3.38 27.48
C TYR F 101 -0.69 -1.97 27.13
N LYS F 102 -1.32 -1.33 26.15
CA LYS F 102 -0.98 0.06 25.85
C LYS F 102 -1.26 0.97 27.04
N GLU F 103 -2.41 0.78 27.68
CA GLU F 103 -2.71 1.56 28.88
C GLU F 103 -1.74 1.24 30.01
N PHE F 104 -1.38 -0.04 30.16
CA PHE F 104 -0.43 -0.42 31.20
C PHE F 104 0.93 0.23 30.97
N VAL F 105 1.40 0.25 29.72
CA VAL F 105 2.68 0.87 29.41
C VAL F 105 2.62 2.37 29.67
N MET F 106 1.52 3.01 29.27
CA MET F 106 1.36 4.44 29.53
C MET F 106 1.39 4.74 31.03
N GLN F 107 0.77 3.88 31.83
CA GLN F 107 0.82 4.06 33.28
C GLN F 107 2.23 3.80 33.82
N LEU F 108 2.93 2.83 33.25
CA LEU F 108 4.29 2.51 33.70
C LEU F 108 5.23 3.69 33.48
N ALA F 109 5.17 4.30 32.30
CA ALA F 109 6.08 5.39 31.97
C ALA F 109 5.64 6.74 32.53
N SER F 110 4.46 6.82 33.15
CA SER F 110 3.93 8.10 33.57
C SER F 110 4.68 8.64 34.79
N TRP F 111 5.02 9.93 34.73
CA TRP F 111 5.65 10.59 35.87
C TRP F 111 4.73 10.62 37.08
N ASP F 112 3.44 10.86 36.84
CA ASP F 112 2.48 10.93 37.93
C ASP F 112 2.38 9.60 38.66
N THR F 113 2.40 8.49 37.92
CA THR F 113 2.32 7.18 38.55
C THR F 113 3.50 6.96 39.50
N ARG F 114 4.72 7.29 39.04
CA ARG F 114 5.88 7.14 39.90
C ARG F 114 5.79 8.06 41.11
N ARG F 115 5.30 9.27 40.92
CA ARG F 115 5.17 10.20 42.05
C ARG F 115 4.23 9.64 43.11
N GLU F 116 3.03 9.21 42.71
CA GLU F 116 2.08 8.68 43.69
C GLU F 116 2.61 7.40 44.32
N PHE F 117 3.24 6.53 43.53
CA PHE F 117 3.79 5.29 44.08
C PHE F 117 4.81 5.58 45.16
N TRP F 118 5.75 6.49 44.87
CA TRP F 118 6.75 6.84 45.88
C TRP F 118 6.11 7.50 47.08
N LEU F 119 5.06 8.30 46.87
CA LEU F 119 4.40 8.95 47.99
C LEU F 119 3.74 7.95 48.92
N GLN F 120 3.20 6.86 48.37
CA GLN F 120 2.46 5.90 49.19
C GLN F 120 3.34 4.80 49.78
N THR F 121 4.64 4.80 49.53
CA THR F 121 5.53 3.77 50.05
C THR F 121 6.15 4.18 51.38
N ASP F 122 6.44 3.19 52.22
CA ASP F 122 7.15 3.44 53.46
C ASP F 122 8.63 3.71 53.22
N TYR F 123 9.16 3.28 52.07
CA TYR F 123 10.55 3.55 51.74
C TYR F 123 10.81 5.05 51.67
N TYR F 124 9.89 5.80 51.05
CA TYR F 124 10.02 7.25 51.00
C TYR F 124 9.66 7.90 52.33
N LYS F 125 8.64 7.37 53.02
CA LYS F 125 8.20 7.97 54.26
C LYS F 125 9.29 7.91 55.33
N GLN F 126 10.01 6.79 55.41
CA GLN F 126 11.08 6.67 56.40
C GLN F 126 12.26 7.58 56.10
N ARG F 127 12.42 8.00 54.85
CA ARG F 127 13.52 8.87 54.47
C ARG F 127 13.16 10.35 54.51
N MET F 128 11.93 10.69 54.89
CA MET F 128 11.54 12.09 55.01
C MET F 128 12.18 12.70 56.26
N VAL F 129 12.62 13.95 56.12
CA VAL F 129 13.29 14.66 57.20
C VAL F 129 12.44 15.74 57.81
N GLY F 130 11.24 15.98 57.28
CA GLY F 130 10.36 17.01 57.79
C GLY F 130 10.53 18.37 57.15
N ASN F 131 11.54 18.57 56.32
CA ASN F 131 11.75 19.81 55.60
C ASN F 131 11.13 19.70 54.21
N SER F 132 10.26 20.65 53.88
CA SER F 132 9.49 20.54 52.64
C SER F 132 10.39 20.54 51.41
N LYS F 133 11.38 21.42 51.39
CA LYS F 133 12.28 21.47 50.24
C LYS F 133 13.10 20.19 50.11
N ALA F 134 13.65 19.70 51.21
CA ALA F 134 14.42 18.46 51.17
C ALA F 134 13.54 17.27 50.78
N ASP F 135 12.32 17.22 51.32
CA ASP F 135 11.41 16.12 50.96
C ASP F 135 11.06 16.17 49.48
N ALA F 136 10.81 17.37 48.94
CA ALA F 136 10.50 17.48 47.53
C ALA F 136 11.68 17.08 46.67
N ALA F 137 12.90 17.48 47.07
CA ALA F 137 14.09 17.08 46.32
C ALA F 137 14.27 15.57 46.35
N LEU F 138 14.06 14.95 47.51
CA LEU F 138 14.18 13.49 47.61
C LEU F 138 13.14 12.80 46.75
N LEU F 139 11.90 13.30 46.76
CA LEU F 139 10.85 12.71 45.93
C LEU F 139 11.20 12.82 44.45
N ASP F 140 11.70 13.98 44.03
CA ASP F 140 12.09 14.15 42.63
C ASP F 140 13.24 13.22 42.28
N GLU F 141 14.20 13.05 43.20
CA GLU F 141 15.32 12.15 42.94
C GLU F 141 14.87 10.71 42.78
N MET F 142 13.94 10.27 43.63
CA MET F 142 13.48 8.89 43.57
C MET F 142 12.51 8.65 42.42
N ILE F 143 11.84 9.69 41.92
CA ILE F 143 11.00 9.52 40.73
C ILE F 143 11.86 9.12 39.54
N ASN F 144 13.03 9.76 39.40
CA ASN F 144 13.95 9.42 38.33
C ASN F 144 14.61 8.06 38.53
N ASN F 145 14.48 7.46 39.70
CA ASN F 145 15.06 6.14 39.95
C ASN F 145 14.31 5.02 39.23
N ILE F 146 13.12 5.30 38.71
CA ILE F 146 12.36 4.33 37.93
C ILE F 146 12.47 4.74 36.46
N GLN F 147 13.08 3.89 35.65
CA GLN F 147 13.31 4.17 34.24
C GLN F 147 12.59 3.15 33.39
N PHE F 148 11.79 3.62 32.45
CA PHE F 148 11.06 2.76 31.52
C PHE F 148 11.75 2.83 30.16
N ILE F 149 12.14 1.68 29.64
CA ILE F 149 12.78 1.56 28.33
C ILE F 149 11.79 0.87 27.39
N PRO F 150 11.19 1.59 26.45
CA PRO F 150 10.25 0.95 25.52
C PRO F 150 10.95 -0.06 24.62
N GLY F 151 10.22 -1.13 24.29
CA GLY F 151 10.77 -2.17 23.45
C GLY F 151 10.65 -1.85 21.97
N ASP F 152 11.34 -2.67 21.17
CA ASP F 152 11.32 -2.56 19.72
C ASP F 152 11.04 -3.93 19.13
N PHE F 153 9.90 -4.06 18.44
CA PHE F 153 9.52 -5.35 17.88
C PHE F 153 10.42 -5.74 16.71
N THR F 154 11.03 -4.76 16.04
CA THR F 154 11.93 -5.07 14.94
C THR F 154 13.14 -5.86 15.42
N ARG F 155 13.70 -5.48 16.57
CA ARG F 155 14.82 -6.17 17.15
C ARG F 155 14.41 -7.28 18.12
N ALA F 156 13.11 -7.56 18.21
CA ALA F 156 12.57 -8.59 19.12
C ALA F 156 12.97 -8.32 20.56
N VAL F 157 12.93 -7.06 20.97
CA VAL F 157 13.18 -6.67 22.35
C VAL F 157 11.92 -6.04 22.92
N ASN F 158 11.59 -6.40 24.15
CA ASN F 158 10.35 -6.01 24.79
C ASN F 158 10.56 -4.82 25.71
N ASP F 159 9.45 -4.24 26.17
CA ASP F 159 9.51 -3.13 27.10
C ASP F 159 10.07 -3.60 28.44
N SER F 160 10.87 -2.74 29.06
CA SER F 160 11.48 -3.07 30.34
C SER F 160 11.34 -1.89 31.29
N VAL F 161 11.41 -2.19 32.58
CA VAL F 161 11.38 -1.17 33.62
C VAL F 161 12.44 -1.50 34.66
N LYS F 162 13.21 -0.49 35.06
CA LYS F 162 14.29 -0.66 36.01
C LYS F 162 14.06 0.26 37.21
N LEU F 163 14.23 -0.30 38.41
CA LEU F 163 14.05 0.44 39.64
C LEU F 163 15.34 0.42 40.45
N ILE F 164 15.69 1.56 41.03
CA ILE F 164 16.92 1.72 41.81
C ILE F 164 16.55 2.07 43.24
N ALA F 165 17.08 1.31 44.19
CA ALA F 165 16.88 1.57 45.60
C ALA F 165 18.21 1.49 46.34
N GLU F 166 18.17 1.55 47.67
CA GLU F 166 19.38 1.51 48.48
C GLU F 166 19.76 0.10 48.93
N THR F 167 18.92 -0.89 48.66
CA THR F 167 19.21 -2.26 49.08
C THR F 167 18.58 -3.22 48.07
N ALA F 168 19.20 -4.39 47.92
CA ALA F 168 18.70 -5.36 46.95
C ALA F 168 17.29 -5.85 47.27
N PRO F 169 16.95 -6.27 48.49
CA PRO F 169 15.55 -6.60 48.77
C PRO F 169 14.61 -5.44 48.51
N ASP F 170 15.04 -4.21 48.82
CA ASP F 170 14.22 -3.05 48.50
C ASP F 170 14.06 -2.90 46.99
N ALA F 171 15.15 -3.05 46.23
CA ALA F 171 15.07 -2.91 44.78
C ALA F 171 14.14 -3.95 44.17
N ASN F 172 14.03 -5.12 44.79
CA ASN F 172 13.13 -6.16 44.27
C ASN F 172 11.68 -5.87 44.67
N ASN F 173 11.44 -5.67 45.97
CA ASN F 173 10.09 -5.48 46.46
C ASN F 173 9.44 -4.23 45.89
N LEU F 174 10.19 -3.12 45.83
CA LEU F 174 9.64 -1.88 45.32
C LEU F 174 9.29 -2.00 43.84
N LEU F 175 10.12 -2.69 43.06
CA LEU F 175 9.79 -2.87 41.64
C LEU F 175 8.53 -3.73 41.48
N ARG F 176 8.41 -4.81 42.25
CA ARG F 176 7.21 -5.62 42.18
C ARG F 176 5.97 -4.80 42.54
N GLN F 177 6.06 -4.03 43.63
CA GLN F 177 4.94 -3.22 44.07
C GLN F 177 4.59 -2.14 43.05
N TYR F 178 5.60 -1.55 42.41
CA TYR F 178 5.34 -0.52 41.41
C TYR F 178 4.67 -1.09 40.17
N VAL F 179 5.09 -2.28 39.74
CA VAL F 179 4.44 -2.91 38.60
C VAL F 179 2.98 -3.23 38.94
N ALA F 180 2.74 -3.73 40.15
CA ALA F 180 1.37 -3.98 40.57
C ALA F 180 0.55 -2.69 40.63
N PHE F 181 1.18 -1.60 41.11
CA PHE F 181 0.52 -0.31 41.20
C PHE F 181 0.12 0.20 39.82
N ALA F 182 1.04 0.14 38.86
CA ALA F 182 0.74 0.59 37.51
C ALA F 182 -0.33 -0.27 36.86
N SER F 183 -0.28 -1.59 37.09
CA SER F 183 -1.32 -2.46 36.56
C SER F 183 -2.69 -2.13 37.13
N GLN F 184 -2.75 -1.86 38.43
CA GLN F 184 -4.02 -1.52 39.06
C GLN F 184 -4.56 -0.21 38.52
N ARG F 185 -3.69 0.79 38.34
CA ARG F 185 -4.14 2.06 37.78
C ARG F 185 -4.64 1.88 36.36
N ALA F 186 -3.94 1.09 35.55
CA ALA F 186 -4.39 0.83 34.19
C ALA F 186 -5.73 0.12 34.16
N ALA F 187 -5.92 -0.85 35.06
CA ALA F 187 -7.20 -1.55 35.13
C ALA F 187 -8.33 -0.60 35.52
N SER F 188 -8.08 0.29 36.48
CA SER F 188 -9.10 1.26 36.86
C SER F 188 -9.45 2.18 35.71
N HIS F 189 -8.44 2.66 34.98
CA HIS F 189 -8.70 3.53 33.84
C HIS F 189 -9.49 2.80 32.74
N LEU F 190 -9.14 1.54 32.49
CA LEU F 190 -9.87 0.76 31.49
C LEU F 190 -11.32 0.54 31.91
N ASN F 191 -11.55 0.30 33.20
CA ASN F 191 -12.92 0.15 33.68
C ASN F 191 -13.70 1.44 33.50
N ASP F 192 -13.08 2.58 33.80
CA ASP F 192 -13.76 3.86 33.60
C ASP F 192 -14.10 4.09 32.13
N GLU F 193 -13.16 3.77 31.23
CA GLU F 193 -13.42 3.93 29.80
C GLU F 193 -14.55 3.02 29.35
N LEU F 194 -14.57 1.78 29.84
CA LEU F 194 -15.64 0.85 29.49
C LEU F 194 -16.98 1.36 29.98
N LYS F 195 -17.04 1.88 31.20
CA LYS F 195 -18.28 2.41 31.73
C LYS F 195 -18.78 3.59 30.90
N GLY F 196 -17.86 4.49 30.52
CA GLY F 196 -18.28 5.62 29.70
C GLY F 196 -18.80 5.21 28.33
N ALA F 197 -18.10 4.27 27.67
CA ALA F 197 -18.56 3.78 26.38
C ALA F 197 -19.91 3.07 26.51
N TRP F 198 -20.09 2.31 27.59
CA TRP F 198 -21.36 1.64 27.83
C TRP F 198 -22.50 2.64 27.99
N ALA F 199 -22.26 3.71 28.75
CA ALA F 199 -23.28 4.74 28.92
C ALA F 199 -23.62 5.40 27.58
N ALA F 200 -22.61 5.70 26.77
CA ALA F 200 -22.88 6.29 25.47
C ALA F 200 -23.71 5.34 24.60
N ARG F 201 -23.35 4.05 24.61
CA ARG F 201 -24.08 3.08 23.81
C ARG F 201 -25.53 2.95 24.25
N THR F 202 -25.77 2.91 25.58
CA THR F 202 -27.15 2.76 26.02
C THR F 202 -27.97 4.01 25.74
N ILE F 203 -27.35 5.21 25.81
CA ILE F 203 -28.07 6.42 25.45
C ILE F 203 -28.46 6.38 23.97
N GLN F 204 -27.52 5.98 23.11
CA GLN F 204 -27.80 5.91 21.68
C GLN F 204 -28.89 4.89 21.38
N MET F 205 -28.84 3.73 22.04
CA MET F 205 -29.85 2.70 21.80
C MET F 205 -31.23 3.15 22.28
N LYS F 206 -31.29 3.85 23.41
CA LYS F 206 -32.56 4.38 23.88
C LYS F 206 -33.14 5.36 22.88
N ALA F 207 -32.30 6.26 22.34
CA ALA F 207 -32.78 7.20 21.34
C ALA F 207 -33.29 6.49 20.10
N GLN F 208 -32.56 5.46 19.65
CA GLN F 208 -32.97 4.72 18.46
C GLN F 208 -34.31 4.01 18.67
N VAL F 209 -34.50 3.41 19.84
CA VAL F 209 -35.76 2.74 20.15
C VAL F 209 -36.91 3.74 20.18
N LYS F 210 -36.67 4.92 20.77
CA LYS F 210 -37.69 5.96 20.79
C LYS F 210 -38.07 6.37 19.38
N ARG F 211 -37.07 6.55 18.50
CA ARG F 211 -37.37 6.92 17.12
C ARG F 211 -38.17 5.83 16.41
N GLN F 212 -37.83 4.57 16.63
CA GLN F 212 -38.57 3.47 16.02
C GLN F 212 -40.02 3.46 16.48
N GLU F 213 -40.24 3.67 17.78
CA GLU F 213 -41.60 3.73 18.30
C GLU F 213 -42.38 4.88 17.67
N GLU F 214 -41.74 6.05 17.53
CA GLU F 214 -42.40 7.19 16.91
C GLU F 214 -42.78 6.91 15.47
N VAL F 215 -41.88 6.29 14.71
CA VAL F 215 -42.17 5.96 13.31
C VAL F 215 -43.34 4.98 13.23
N ALA F 216 -43.33 3.95 14.07
CA ALA F 216 -44.42 2.98 14.05
C ALA F 216 -45.75 3.64 14.40
N LYS F 217 -45.75 4.54 15.39
CA LYS F 217 -46.98 5.22 15.74
C LYS F 217 -47.47 6.11 14.61
N ALA F 218 -46.57 6.78 13.91
CA ALA F 218 -46.97 7.61 12.78
C ALA F 218 -47.61 6.77 11.68
N ILE F 219 -47.01 5.63 11.36
CA ILE F 219 -47.57 4.75 10.33
C ILE F 219 -48.95 4.24 10.77
N TYR F 220 -49.07 3.85 12.04
CA TYR F 220 -50.34 3.36 12.55
C TYR F 220 -51.42 4.43 12.48
N ASP F 221 -51.09 5.66 12.83
CA ASP F 221 -52.06 6.75 12.76
C ASP F 221 -52.47 7.03 11.32
N ARG F 222 -51.52 7.00 10.39
CA ARG F 222 -51.86 7.19 8.98
C ARG F 222 -52.82 6.11 8.50
N ARG F 223 -52.56 4.86 8.87
CA ARG F 223 -53.46 3.78 8.46
C ARG F 223 -54.82 3.91 9.11
N MET F 224 -54.87 4.33 10.38
CA MET F 224 -56.14 4.64 11.04
C MET F 224 -56.95 5.64 10.23
N ASN F 225 -56.31 6.77 9.87
CA ASN F 225 -57.02 7.81 9.14
C ASN F 225 -57.49 7.31 7.79
N SER F 226 -56.65 6.55 7.08
CA SER F 226 -57.03 6.03 5.78
C SER F 226 -58.23 5.09 5.90
N ILE F 227 -58.22 4.22 6.90
CA ILE F 227 -59.33 3.29 7.09
C ILE F 227 -60.61 4.06 7.40
N GLU F 228 -60.52 5.08 8.27
CA GLU F 228 -61.71 5.85 8.61
C GLU F 228 -62.29 6.57 7.39
N GLN F 229 -61.42 7.19 6.58
CA GLN F 229 -61.90 7.88 5.40
C GLN F 229 -62.50 6.91 4.39
N ALA F 230 -61.88 5.75 4.21
CA ALA F 230 -62.42 4.75 3.30
C ALA F 230 -63.78 4.27 3.78
N LEU F 231 -63.94 4.06 5.08
CA LEU F 231 -65.22 3.63 5.63
C LEU F 231 -66.29 4.69 5.39
N LYS F 232 -65.95 5.96 5.63
CA LYS F 232 -66.92 7.03 5.40
C LYS F 232 -67.32 7.11 3.93
N ILE F 233 -66.35 6.99 3.03
CA ILE F 233 -66.65 7.06 1.60
C ILE F 233 -67.52 5.86 1.19
N ALA F 234 -67.22 4.67 1.70
CA ALA F 234 -68.01 3.50 1.37
C ALA F 234 -69.44 3.63 1.88
N GLU F 235 -69.61 4.17 3.09
CA GLU F 235 -70.96 4.38 3.60
C GLU F 235 -71.69 5.47 2.82
N GLN F 236 -70.95 6.42 2.24
CA GLN F 236 -71.59 7.46 1.43
C GLN F 236 -72.09 6.90 0.11
N HIS F 237 -71.33 5.99 -0.51
CA HIS F 237 -71.69 5.41 -1.79
C HIS F 237 -72.38 4.06 -1.65
N ASN F 238 -72.80 3.69 -0.43
CA ASN F 238 -73.49 2.43 -0.16
C ASN F 238 -72.79 1.25 -0.82
N ILE F 239 -71.47 1.16 -0.64
CA ILE F 239 -70.70 0.02 -1.11
C ILE F 239 -70.69 -0.99 0.05
N SER F 240 -71.75 -1.80 0.12
CA SER F 240 -71.89 -2.80 1.17
C SER F 240 -71.75 -4.22 0.63
N ARG F 241 -71.18 -4.37 -0.57
CA ARG F 241 -71.01 -5.69 -1.17
C ARG F 241 -69.99 -6.54 -0.44
N SER F 242 -69.22 -5.96 0.47
CA SER F 242 -68.21 -6.62 1.29
C SER F 242 -67.06 -7.22 0.49
N ALA F 243 -67.04 -7.03 -0.83
CA ALA F 243 -65.97 -7.58 -1.65
C ALA F 243 -65.99 -6.89 -3.01
N THR F 244 -64.86 -6.33 -3.39
CA THR F 244 -64.68 -5.77 -4.73
C THR F 244 -63.38 -6.18 -5.39
N ASP F 245 -62.37 -6.59 -4.63
CA ASP F 245 -61.08 -7.03 -5.17
C ASP F 245 -60.68 -8.33 -4.52
N VAL F 246 -59.93 -9.14 -5.27
CA VAL F 246 -59.45 -10.43 -4.79
C VAL F 246 -58.31 -10.31 -3.76
N PRO F 247 -57.40 -9.32 -3.83
CA PRO F 247 -56.32 -9.29 -2.85
C PRO F 247 -56.83 -9.05 -1.43
N ALA F 248 -55.95 -9.31 -0.47
CA ALA F 248 -56.28 -9.23 0.94
C ALA F 248 -56.25 -7.77 1.40
N GLU F 249 -56.25 -7.57 2.72
CA GLU F 249 -56.28 -6.21 3.29
C GLU F 249 -55.03 -5.42 2.98
N GLU F 250 -53.97 -6.06 2.48
CA GLU F 250 -52.72 -5.37 2.21
C GLU F 250 -52.79 -4.53 0.95
N LEU F 251 -53.80 -3.68 0.86
CA LEU F 251 -54.07 -2.72 -0.19
C LEU F 251 -53.46 -1.35 0.16
N PRO F 252 -53.11 -0.55 -0.84
CA PRO F 252 -52.68 0.81 -0.55
C PRO F 252 -53.80 1.64 0.06
N ASP F 253 -53.40 2.63 0.87
CA ASP F 253 -54.38 3.43 1.60
C ASP F 253 -55.36 4.12 0.66
N SER F 254 -54.94 4.43 -0.57
CA SER F 254 -55.83 5.05 -1.53
C SER F 254 -56.81 4.06 -2.16
N GLU F 255 -56.53 2.77 -2.08
CA GLU F 255 -57.38 1.74 -2.67
C GLU F 255 -58.17 0.97 -1.63
N MET F 256 -58.20 1.44 -0.38
CA MET F 256 -58.92 0.72 0.66
C MET F 256 -60.43 0.83 0.51
N PHE F 257 -60.92 1.69 -0.37
CA PHE F 257 -62.36 1.82 -0.57
C PHE F 257 -62.98 0.60 -1.24
N LEU F 258 -62.17 -0.27 -1.86
CA LEU F 258 -62.71 -1.43 -2.54
C LEU F 258 -63.03 -2.55 -1.54
N LEU F 259 -63.73 -2.19 -0.48
CA LEU F 259 -64.18 -3.13 0.53
C LEU F 259 -65.50 -2.63 1.10
N GLY F 260 -66.38 -3.55 1.46
CA GLY F 260 -67.67 -3.17 1.97
C GLY F 260 -67.58 -2.56 3.36
N ARG F 261 -68.70 -1.98 3.78
CA ARG F 261 -68.80 -1.49 5.15
C ARG F 261 -68.50 -2.56 6.19
N PRO F 262 -69.04 -3.79 6.10
CA PRO F 262 -68.66 -4.80 7.09
C PRO F 262 -67.18 -5.15 7.06
N MET F 263 -66.59 -5.32 5.88
CA MET F 263 -65.18 -5.66 5.80
C MET F 263 -64.30 -4.51 6.30
N LEU F 264 -64.65 -3.28 5.94
CA LEU F 264 -63.88 -2.13 6.41
C LEU F 264 -63.97 -1.98 7.93
N GLN F 265 -65.17 -2.19 8.49
CA GLN F 265 -65.32 -2.12 9.94
C GLN F 265 -64.54 -3.24 10.63
N ALA F 266 -64.56 -4.44 10.06
CA ALA F 266 -63.79 -5.54 10.62
C ALA F 266 -62.29 -5.24 10.59
N GLU F 267 -61.81 -4.67 9.48
CA GLU F 267 -60.40 -4.30 9.40
C GLU F 267 -60.06 -3.21 10.40
N LEU F 268 -60.96 -2.24 10.58
CA LEU F 268 -60.75 -1.19 11.57
C LEU F 268 -60.63 -1.78 12.97
N GLU F 269 -61.53 -2.69 13.32
CA GLU F 269 -61.48 -3.30 14.64
C GLU F 269 -60.23 -4.16 14.82
N ASN F 270 -59.86 -4.91 13.78
CA ASN F 270 -58.65 -5.74 13.85
C ASN F 270 -57.41 -4.88 14.05
N LEU F 271 -57.31 -3.77 13.33
CA LEU F 271 -56.13 -2.93 13.45
C LEU F 271 -56.12 -2.15 14.75
N GLN F 272 -57.30 -1.82 15.29
CA GLN F 272 -57.34 -1.23 16.63
C GLN F 272 -56.85 -2.23 17.67
N ALA F 273 -57.23 -3.51 17.51
CA ALA F 273 -56.75 -4.53 18.44
C ALA F 273 -55.26 -4.75 18.32
N VAL F 274 -54.74 -4.81 17.09
CA VAL F 274 -53.33 -5.13 16.88
C VAL F 274 -52.45 -3.99 17.40
N GLY F 275 -52.80 -2.75 17.07
CA GLY F 275 -51.99 -1.61 17.43
C GLY F 275 -50.86 -1.39 16.46
N PRO F 276 -49.91 -0.53 16.83
CA PRO F 276 -48.76 -0.27 15.94
C PRO F 276 -47.96 -1.54 15.68
N ALA F 277 -47.46 -1.67 14.46
CA ALA F 277 -46.72 -2.85 14.04
C ALA F 277 -45.23 -2.58 14.11
N PHE F 278 -44.50 -3.48 14.76
CA PHE F 278 -43.06 -3.37 14.91
C PHE F 278 -42.38 -4.52 14.19
N ASP F 279 -41.25 -4.23 13.55
CA ASP F 279 -40.48 -5.25 12.86
C ASP F 279 -39.58 -5.99 13.85
N LEU F 280 -38.83 -6.96 13.33
CA LEU F 280 -37.91 -7.72 14.17
C LEU F 280 -36.79 -6.84 14.70
N ASP F 281 -36.40 -5.81 13.94
CA ASP F 281 -35.33 -4.92 14.37
C ASP F 281 -35.69 -4.23 15.68
N TYR F 282 -36.96 -3.81 15.82
CA TYR F 282 -37.38 -3.15 17.05
C TYR F 282 -37.25 -4.07 18.25
N ASP F 283 -37.68 -5.33 18.11
CA ASP F 283 -37.60 -6.27 19.22
C ASP F 283 -36.15 -6.60 19.57
N GLN F 284 -35.30 -6.77 18.56
CA GLN F 284 -33.88 -7.01 18.82
C GLN F 284 -33.25 -5.82 19.52
N ASN F 285 -33.60 -4.61 19.11
CA ASN F 285 -33.11 -3.41 19.77
C ASN F 285 -33.59 -3.33 21.21
N ARG F 286 -34.84 -3.72 21.46
CA ARG F 286 -35.35 -3.73 22.83
C ARG F 286 -34.60 -4.72 23.70
N ALA F 287 -34.31 -5.91 23.17
CA ALA F 287 -33.56 -6.89 23.93
C ALA F 287 -32.15 -6.41 24.23
N MET F 288 -31.48 -5.83 23.23
CA MET F 288 -30.14 -5.30 23.45
C MET F 288 -30.16 -4.12 24.43
N LEU F 289 -31.23 -3.33 24.39
CA LEU F 289 -31.36 -2.22 25.34
C LEU F 289 -31.56 -2.72 26.76
N ASN F 290 -32.30 -3.81 26.93
CA ASN F 290 -32.42 -4.41 28.25
C ASN F 290 -31.06 -4.90 28.73
N THR F 291 -30.31 -5.55 27.84
CA THR F 291 -28.96 -6.01 28.21
C THR F 291 -28.07 -4.84 28.61
N LEU F 292 -28.13 -3.75 27.86
CA LEU F 292 -27.34 -2.56 28.20
C LEU F 292 -27.79 -1.95 29.52
N ASN F 293 -29.10 -1.89 29.75
CA ASN F 293 -29.62 -1.34 30.99
C ASN F 293 -29.26 -2.19 32.20
N VAL F 294 -28.97 -3.47 32.00
CA VAL F 294 -28.45 -4.28 33.10
C VAL F 294 -27.18 -3.66 33.66
N GLY F 295 -26.30 -3.19 32.78
CA GLY F 295 -25.10 -2.49 33.19
C GLY F 295 -23.87 -3.37 33.13
N PRO F 296 -22.70 -2.77 32.94
CA PRO F 296 -21.46 -3.54 32.89
C PRO F 296 -21.02 -3.94 34.28
N THR F 297 -20.43 -5.13 34.37
CA THR F 297 -19.86 -5.62 35.62
C THR F 297 -18.37 -5.24 35.64
N LEU F 298 -18.03 -4.27 36.47
CA LEU F 298 -16.68 -3.71 36.51
C LEU F 298 -15.83 -4.55 37.45
N ASP F 299 -14.93 -5.36 36.88
CA ASP F 299 -14.00 -6.15 37.66
C ASP F 299 -12.75 -5.32 37.96
N PRO F 300 -12.46 -5.01 39.22
CA PRO F 300 -11.26 -4.22 39.55
C PRO F 300 -10.03 -5.04 39.88
N ARG F 301 -10.06 -6.36 39.70
CA ARG F 301 -8.98 -7.25 40.11
C ARG F 301 -8.42 -8.03 38.93
N PHE F 302 -8.20 -7.37 37.80
CA PHE F 302 -7.58 -7.99 36.64
C PHE F 302 -6.31 -7.23 36.28
N GLN F 303 -5.30 -7.95 35.83
CA GLN F 303 -4.01 -7.37 35.51
C GLN F 303 -3.87 -7.21 34.00
N THR F 304 -3.05 -6.23 33.60
CA THR F 304 -2.95 -5.81 32.22
C THR F 304 -1.55 -6.06 31.65
N TYR F 305 -0.87 -7.09 32.15
CA TYR F 305 0.49 -7.39 31.73
C TYR F 305 0.78 -8.85 32.03
N ARG F 306 1.86 -9.35 31.43
CA ARG F 306 2.43 -10.63 31.80
C ARG F 306 3.93 -10.47 31.98
N TYR F 307 4.49 -11.25 32.90
CA TYR F 307 5.89 -11.13 33.28
C TYR F 307 6.75 -12.00 32.37
N LEU F 308 7.47 -11.36 31.44
CA LEU F 308 8.52 -12.07 30.73
C LEU F 308 9.77 -12.23 31.58
N ARG F 309 10.04 -11.24 32.43
CA ARG F 309 11.13 -11.32 33.40
C ARG F 309 10.65 -10.67 34.68
N THR F 310 10.42 -11.49 35.72
CA THR F 310 10.00 -10.99 37.01
C THR F 310 11.16 -10.33 37.74
N PRO F 311 10.92 -9.25 38.49
CA PRO F 311 12.01 -8.66 39.28
C PRO F 311 12.60 -9.65 40.26
N GLU F 312 13.91 -9.57 40.45
CA GLU F 312 14.63 -10.42 41.38
C GLU F 312 15.68 -9.58 42.10
N GLU F 313 16.14 -10.09 43.23
CA GLU F 313 17.16 -9.39 44.00
C GLU F 313 18.46 -9.32 43.22
N PRO F 314 19.04 -8.13 43.03
CA PRO F 314 20.32 -8.04 42.32
C PRO F 314 21.43 -8.69 43.11
N VAL F 315 22.45 -9.16 42.37
CA VAL F 315 23.57 -9.87 42.98
C VAL F 315 24.73 -8.91 43.20
N LYS F 316 24.83 -7.87 42.38
CA LYS F 316 25.94 -6.94 42.45
C LYS F 316 25.43 -5.50 42.45
N ARG F 317 26.21 -4.63 43.09
CA ARG F 317 25.87 -3.22 43.18
C ARG F 317 26.01 -2.55 41.81
N ASP F 318 25.14 -1.57 41.55
CA ASP F 318 25.28 -0.76 40.35
C ASP F 318 26.41 0.25 40.48
N SER F 319 26.50 0.91 41.65
CA SER F 319 27.51 1.93 41.90
C SER F 319 27.57 2.24 43.39
N PRO F 320 28.76 2.42 43.97
CA PRO F 320 30.09 2.42 43.34
C PRO F 320 30.59 1.02 43.03
N ARG F 321 31.32 0.86 41.93
CA ARG F 321 31.86 -0.45 41.58
C ARG F 321 33.04 -0.83 42.46
N ARG F 322 33.79 0.15 42.95
CA ARG F 322 34.97 -0.01 43.80
C ARG F 322 36.06 -0.83 43.15
N ALA F 323 35.91 -1.18 41.87
CA ALA F 323 36.95 -1.83 41.09
C ALA F 323 37.39 -0.99 39.91
N PHE F 324 36.45 -0.54 39.07
CA PHE F 324 36.79 0.36 37.98
C PHE F 324 37.31 1.69 38.50
N LEU F 325 36.70 2.20 39.57
CA LEU F 325 37.18 3.44 40.17
C LEU F 325 38.62 3.29 40.65
N MET F 326 38.92 2.18 41.33
CA MET F 326 40.29 1.92 41.76
C MET F 326 41.22 1.91 40.56
N ILE F 327 40.84 1.21 39.49
CA ILE F 327 41.72 1.05 38.33
C ILE F 327 42.03 2.40 37.71
N MET F 328 40.98 3.15 37.39
CA MET F 328 41.20 4.43 36.67
C MET F 328 41.88 5.45 37.60
N TRP F 329 41.49 5.57 38.86
CA TRP F 329 42.21 6.43 39.79
C TRP F 329 43.68 6.05 39.83
N GLY F 330 43.98 4.75 39.86
CA GLY F 330 45.36 4.32 39.90
C GLY F 330 46.13 4.70 38.65
N ILE F 331 45.51 4.54 37.47
CA ILE F 331 46.22 4.89 36.25
C ILE F 331 46.41 6.41 36.16
N VAL F 332 45.43 7.19 36.60
CA VAL F 332 45.59 8.65 36.61
C VAL F 332 46.74 9.04 37.54
N GLY F 333 46.76 8.48 38.75
CA GLY F 333 47.84 8.78 39.67
C GLY F 333 49.19 8.33 39.15
N GLY F 334 49.22 7.19 38.46
CA GLY F 334 50.48 6.71 37.91
C GLY F 334 51.01 7.61 36.81
N LEU F 335 50.13 8.06 35.91
CA LEU F 335 50.60 8.97 34.86
C LEU F 335 51.06 10.30 35.44
N ILE F 336 50.34 10.83 36.43
CA ILE F 336 50.76 12.10 37.03
C ILE F 336 52.07 11.94 37.78
N GLY F 337 52.25 10.80 38.46
CA GLY F 337 53.50 10.55 39.15
C GLY F 337 54.66 10.37 38.19
N ALA F 338 54.42 9.71 37.06
CA ALA F 338 55.46 9.59 36.04
C ALA F 338 55.86 10.96 35.50
N GLY F 339 54.88 11.83 35.26
CA GLY F 339 55.20 13.18 34.84
C GLY F 339 55.99 13.95 35.89
N VAL F 340 55.60 13.79 37.16
CA VAL F 340 56.32 14.46 38.25
C VAL F 340 57.76 13.97 38.34
N ALA F 341 57.96 12.65 38.22
CA ALA F 341 59.30 12.10 38.27
C ALA F 341 60.14 12.56 37.09
N LEU F 342 59.54 12.64 35.90
CA LEU F 342 60.25 13.15 34.73
C LEU F 342 60.67 14.59 34.94
N THR F 343 59.77 15.42 35.46
CA THR F 343 60.12 16.82 35.73
C THR F 343 61.22 16.93 36.78
N ARG F 344 61.14 16.10 37.82
CA ARG F 344 62.17 16.13 38.87
C ARG F 344 63.53 15.74 38.33
N ARG F 345 63.58 14.69 37.48
CA ARG F 345 64.86 14.27 36.93
C ARG F 345 65.39 15.29 35.94
N CYS F 346 64.51 15.94 35.18
CA CYS F 346 64.94 17.00 34.27
C CYS F 346 65.52 18.18 35.04
N SER F 347 64.89 18.54 36.16
CA SER F 347 65.37 19.66 36.96
C SER F 347 66.71 19.35 37.62
N LYS F 348 67.04 18.08 37.82
CA LYS F 348 68.30 17.70 38.44
C LYS F 348 69.48 17.95 37.49
N LEU G 17 61.54 16.08 -3.16
CA LEU G 17 62.05 15.52 -4.41
C LEU G 17 62.49 16.63 -5.36
N ASP G 18 63.42 16.29 -6.26
CA ASP G 18 63.96 17.23 -7.24
C ASP G 18 63.43 16.83 -8.62
N ILE G 19 62.30 17.42 -9.00
CA ILE G 19 61.71 17.11 -10.29
C ILE G 19 62.61 17.59 -11.43
N ARG G 20 63.16 18.80 -11.30
CA ARG G 20 64.05 19.31 -12.34
C ARG G 20 65.29 18.46 -12.49
N GLY G 21 65.89 18.04 -11.36
CA GLY G 21 67.05 17.17 -11.43
C GLY G 21 66.72 15.79 -11.97
N LEU G 22 65.57 15.25 -11.59
CA LEU G 22 65.18 13.92 -12.06
C LEU G 22 64.83 13.93 -13.54
N PHE G 23 64.38 15.08 -14.06
CA PHE G 23 64.00 15.14 -15.47
C PHE G 23 65.20 14.90 -16.39
N ARG G 24 66.36 15.43 -16.03
CA ARG G 24 67.55 15.30 -16.87
C ARG G 24 68.18 13.91 -16.79
N THR G 25 67.78 13.08 -15.84
CA THR G 25 68.37 11.76 -15.71
C THR G 25 68.05 10.86 -16.91
N LEU G 26 66.80 10.90 -17.37
CA LEU G 26 66.35 10.03 -18.46
C LEU G 26 66.60 10.64 -19.83
N TRP G 27 67.19 11.84 -19.90
CA TRP G 27 67.43 12.47 -21.19
C TRP G 27 68.42 11.66 -22.03
N ALA G 28 69.48 11.15 -21.40
CA ALA G 28 70.51 10.40 -22.09
C ALA G 28 70.25 8.90 -22.15
N GLY G 29 69.22 8.41 -21.45
CA GLY G 29 68.94 6.99 -21.43
C GLY G 29 67.79 6.58 -22.33
N LYS G 30 67.45 7.42 -23.30
CA LYS G 30 66.28 7.17 -24.15
C LYS G 30 66.49 5.97 -25.07
N LEU G 31 67.73 5.68 -25.45
CA LEU G 31 67.99 4.60 -26.39
C LEU G 31 67.59 3.24 -25.80
N TRP G 32 67.97 3.00 -24.54
CA TRP G 32 67.60 1.75 -23.88
C TRP G 32 66.09 1.65 -23.74
N ILE G 33 65.44 2.75 -23.39
CA ILE G 33 63.98 2.76 -23.26
C ILE G 33 63.32 2.39 -24.58
N ILE G 34 63.77 3.00 -25.67
CA ILE G 34 63.18 2.74 -26.98
C ILE G 34 63.40 1.29 -27.39
N GLY G 35 64.62 0.78 -27.22
CA GLY G 35 64.92 -0.59 -27.61
C GLY G 35 64.11 -1.60 -26.82
N MET G 36 64.04 -1.42 -25.50
CA MET G 36 63.31 -2.38 -24.68
C MET G 36 61.80 -2.27 -24.88
N GLY G 37 61.29 -1.06 -25.17
CA GLY G 37 59.90 -0.93 -25.54
C GLY G 37 59.56 -1.63 -26.84
N LEU G 38 60.46 -1.52 -27.83
CA LEU G 38 60.27 -2.27 -29.07
C LEU G 38 60.30 -3.78 -28.83
N ALA G 39 61.21 -4.23 -27.97
CA ALA G 39 61.23 -5.65 -27.62
C ALA G 39 59.93 -6.09 -26.95
N PHE G 40 59.41 -5.26 -26.04
CA PHE G 40 58.14 -5.58 -25.40
C PHE G 40 57.00 -5.62 -26.40
N ALA G 41 57.00 -4.70 -27.37
CA ALA G 41 55.97 -4.71 -28.41
C ALA G 41 56.06 -5.97 -29.25
N LEU G 42 57.28 -6.41 -29.58
CA LEU G 42 57.43 -7.65 -30.34
C LEU G 42 56.95 -8.84 -29.52
N ILE G 43 57.23 -8.86 -28.23
CA ILE G 43 56.74 -9.93 -27.36
C ILE G 43 55.21 -9.92 -27.34
N ALA G 44 54.62 -8.72 -27.30
CA ALA G 44 53.16 -8.61 -27.33
C ALA G 44 52.59 -9.15 -28.63
N LEU G 45 53.24 -8.84 -29.76
CA LEU G 45 52.80 -9.40 -31.04
C LEU G 45 52.87 -10.92 -31.03
N ALA G 46 53.96 -11.46 -30.50
CA ALA G 46 54.10 -12.92 -30.41
C ALA G 46 52.99 -13.52 -29.55
N TYR G 47 52.68 -12.89 -28.42
CA TYR G 47 51.62 -13.38 -27.56
C TYR G 47 50.26 -13.31 -28.25
N THR G 48 50.00 -12.24 -28.99
CA THR G 48 48.73 -12.12 -29.71
C THR G 48 48.60 -13.21 -30.76
N PHE G 49 49.69 -13.51 -31.47
CA PHE G 49 49.64 -14.57 -32.47
C PHE G 49 49.47 -15.96 -31.85
N PHE G 50 49.65 -16.10 -30.55
CA PHE G 50 49.53 -17.38 -29.88
C PHE G 50 48.21 -17.56 -29.14
N ALA G 51 47.27 -16.63 -29.29
CA ALA G 51 46.04 -16.65 -28.53
C ALA G 51 44.84 -16.96 -29.44
N ARG G 52 43.74 -17.34 -28.80
CA ARG G 52 42.51 -17.63 -29.53
C ARG G 52 41.85 -16.33 -29.98
N GLN G 53 41.05 -16.45 -31.04
CA GLN G 53 40.43 -15.27 -31.65
C GLN G 53 39.38 -14.65 -30.74
N GLU G 54 38.48 -15.47 -30.20
CA GLU G 54 37.48 -15.03 -29.22
C GLU G 54 36.59 -13.92 -29.79
N TRP G 55 35.83 -14.28 -30.81
CA TRP G 55 34.79 -13.40 -31.33
C TRP G 55 33.52 -13.53 -30.52
N SER G 56 32.72 -12.46 -30.50
CA SER G 56 31.55 -12.38 -29.64
C SER G 56 30.33 -11.91 -30.42
N SER G 57 29.16 -12.44 -30.06
CA SER G 57 27.90 -12.05 -30.65
C SER G 57 26.86 -11.83 -29.55
N THR G 58 25.90 -10.95 -29.82
CA THR G 58 24.94 -10.53 -28.81
C THR G 58 23.52 -10.63 -29.35
N ALA G 59 22.59 -10.99 -28.48
CA ALA G 59 21.17 -11.04 -28.81
C ALA G 59 20.37 -10.42 -27.67
N ILE G 60 19.28 -9.74 -28.02
CA ILE G 60 18.38 -9.13 -27.04
C ILE G 60 16.97 -9.59 -27.35
N THR G 61 16.28 -10.11 -26.34
CA THR G 61 14.99 -10.75 -26.51
C THR G 61 13.92 -10.03 -25.67
N ASP G 62 12.67 -10.40 -25.92
CA ASP G 62 11.53 -9.87 -25.18
C ASP G 62 10.42 -10.91 -25.19
N ARG G 63 9.29 -10.55 -24.58
CA ARG G 63 8.17 -11.48 -24.48
C ARG G 63 7.63 -11.81 -25.88
N PRO G 64 7.16 -13.03 -26.09
CA PRO G 64 6.59 -13.39 -27.39
C PRO G 64 5.27 -12.70 -27.64
N THR G 65 4.89 -12.64 -28.91
CA THR G 65 3.60 -12.13 -29.30
C THR G 65 2.53 -13.21 -29.13
N VAL G 66 1.26 -12.80 -29.22
CA VAL G 66 0.17 -13.75 -29.09
C VAL G 66 0.17 -14.74 -30.26
N ASN G 67 0.53 -14.27 -31.45
CA ASN G 67 0.47 -15.10 -32.64
C ASN G 67 1.53 -16.20 -32.66
N MET G 68 2.64 -16.03 -31.96
CA MET G 68 3.71 -17.00 -31.99
C MET G 68 3.61 -18.05 -30.89
N LEU G 69 2.59 -17.95 -30.04
CA LEU G 69 2.28 -18.99 -29.06
C LEU G 69 1.41 -20.09 -29.64
N GLY G 70 1.07 -19.99 -30.93
CA GLY G 70 0.28 -21.03 -31.58
C GLY G 70 -1.04 -21.23 -30.88
N GLY G 71 -1.45 -22.50 -30.78
CA GLY G 71 -2.63 -22.82 -30.01
C GLY G 71 -2.41 -22.75 -28.52
N TYR G 72 -1.16 -22.85 -28.07
CA TYR G 72 -0.88 -22.98 -26.64
C TYR G 72 -1.58 -21.90 -25.85
N TYR G 73 -1.39 -20.65 -26.25
CA TYR G 73 -2.04 -19.50 -25.62
C TYR G 73 -3.51 -19.80 -25.33
N SER G 74 -4.28 -20.11 -26.38
CA SER G 74 -5.70 -20.35 -26.19
C SER G 74 -5.94 -21.42 -25.14
N GLN G 75 -5.24 -22.56 -25.26
CA GLN G 75 -5.40 -23.63 -24.29
C GLN G 75 -5.17 -23.11 -22.88
N GLN G 76 -4.06 -22.41 -22.68
CA GLN G 76 -3.76 -21.89 -21.35
C GLN G 76 -4.89 -20.99 -20.87
N GLN G 77 -5.37 -20.10 -21.75
CA GLN G 77 -6.46 -19.21 -21.38
C GLN G 77 -7.65 -20.02 -20.88
N PHE G 78 -7.99 -21.10 -21.59
CA PHE G 78 -9.10 -21.93 -21.18
C PHE G 78 -8.93 -22.38 -19.73
N LEU G 79 -7.75 -22.91 -19.41
CA LEU G 79 -7.52 -23.37 -18.05
C LEU G 79 -7.68 -22.23 -17.06
N ARG G 80 -7.14 -21.05 -17.41
CA ARG G 80 -7.28 -19.91 -16.53
C ARG G 80 -8.75 -19.60 -16.26
N ASN G 81 -9.59 -19.71 -17.30
CA ASN G 81 -11.01 -19.50 -17.12
C ASN G 81 -11.55 -20.35 -15.98
N LEU G 82 -11.20 -21.64 -15.98
CA LEU G 82 -11.68 -22.53 -14.93
C LEU G 82 -11.17 -22.07 -13.57
N ASP G 83 -9.90 -21.68 -13.50
CA ASP G 83 -9.35 -21.21 -12.22
C ASP G 83 -10.04 -19.95 -11.74
N VAL G 84 -10.73 -19.24 -12.62
CA VAL G 84 -11.54 -18.11 -12.20
C VAL G 84 -12.94 -18.56 -11.81
N ARG G 85 -13.49 -19.53 -12.54
CA ARG G 85 -14.84 -20.01 -12.24
C ARG G 85 -14.89 -20.69 -10.88
N SER G 86 -13.91 -21.52 -10.58
CA SER G 86 -13.83 -22.22 -9.31
C SER G 86 -12.45 -22.03 -8.71
N ASN G 87 -12.38 -21.96 -7.39
CA ASN G 87 -11.13 -21.80 -6.65
C ASN G 87 -10.43 -20.50 -7.09
N MET G 88 -11.05 -19.38 -6.70
CA MET G 88 -10.62 -18.05 -7.11
C MET G 88 -9.11 -17.88 -6.97
N ALA G 89 -8.43 -17.67 -8.11
CA ALA G 89 -6.97 -17.55 -8.10
C ALA G 89 -6.46 -16.53 -9.10
N SER G 90 -7.32 -15.69 -9.69
CA SER G 90 -6.87 -14.75 -10.71
C SER G 90 -5.85 -13.77 -10.16
N ALA G 91 -6.30 -12.91 -9.23
CA ALA G 91 -5.41 -11.97 -8.53
C ALA G 91 -4.56 -11.18 -9.52
N ASP G 92 -5.18 -10.76 -10.63
CA ASP G 92 -4.52 -10.08 -11.74
C ASP G 92 -3.13 -10.66 -12.03
N GLN G 93 -3.12 -11.95 -12.33
CA GLN G 93 -1.88 -12.67 -12.57
C GLN G 93 -1.24 -12.21 -13.88
N PRO G 94 0.07 -12.42 -14.05
CA PRO G 94 0.72 -12.06 -15.31
C PRO G 94 0.16 -12.88 -16.47
N SER G 95 0.20 -12.28 -17.66
CA SER G 95 -0.38 -12.89 -18.84
C SER G 95 0.36 -14.17 -19.24
N VAL G 96 -0.22 -14.89 -20.19
CA VAL G 96 0.39 -16.13 -20.66
C VAL G 96 1.74 -15.85 -21.31
N MET G 97 1.83 -14.74 -22.04
CA MET G 97 3.10 -14.38 -22.67
C MET G 97 4.18 -14.11 -21.63
N ASP G 98 3.81 -13.48 -20.51
CA ASP G 98 4.78 -13.24 -19.44
C ASP G 98 5.31 -14.54 -18.87
N GLU G 99 4.44 -15.52 -18.63
CA GLU G 99 4.89 -16.80 -18.10
C GLU G 99 5.76 -17.54 -19.11
N ALA G 100 5.39 -17.51 -20.39
CA ALA G 100 6.19 -18.15 -21.41
C ALA G 100 7.58 -17.52 -21.49
N TYR G 101 7.64 -16.19 -21.44
CA TYR G 101 8.94 -15.52 -21.47
C TYR G 101 9.75 -15.78 -20.21
N LYS G 102 9.08 -15.90 -19.06
CA LYS G 102 9.79 -16.25 -17.84
C LYS G 102 10.42 -17.63 -17.95
N GLU G 103 9.69 -18.59 -18.50
CA GLU G 103 10.26 -19.92 -18.70
C GLU G 103 11.41 -19.87 -19.70
N PHE G 104 11.26 -19.09 -20.77
CA PHE G 104 12.33 -18.96 -21.75
C PHE G 104 13.59 -18.35 -21.14
N VAL G 105 13.42 -17.32 -20.30
CA VAL G 105 14.56 -16.70 -19.65
C VAL G 105 15.21 -17.65 -18.66
N MET G 106 14.40 -18.45 -17.96
CA MET G 106 14.95 -19.45 -17.05
C MET G 106 15.78 -20.48 -17.82
N GLN G 107 15.29 -20.90 -18.99
CA GLN G 107 16.05 -21.86 -19.80
C GLN G 107 17.30 -21.24 -20.39
N LEU G 108 17.25 -19.96 -20.75
CA LEU G 108 18.37 -19.32 -21.41
C LEU G 108 19.58 -19.22 -20.48
N ALA G 109 19.35 -18.87 -19.23
CA ALA G 109 20.42 -18.69 -18.26
C ALA G 109 20.84 -20.00 -17.58
N SER G 110 20.16 -21.10 -17.87
CA SER G 110 20.42 -22.35 -17.17
C SER G 110 21.77 -22.94 -17.58
N TRP G 111 22.53 -23.39 -16.58
CA TRP G 111 23.79 -24.08 -16.83
C TRP G 111 23.56 -25.38 -17.59
N ASP G 112 22.52 -26.12 -17.23
CA ASP G 112 22.23 -27.38 -17.89
C ASP G 112 21.87 -27.17 -19.36
N THR G 113 21.15 -26.10 -19.66
CA THR G 113 20.80 -25.81 -21.05
C THR G 113 22.04 -25.55 -21.88
N ARG G 114 22.97 -24.76 -21.37
CA ARG G 114 24.20 -24.50 -22.10
C ARG G 114 25.01 -25.77 -22.27
N ARG G 115 25.09 -26.60 -21.23
CA ARG G 115 25.84 -27.84 -21.33
C ARG G 115 25.25 -28.76 -22.40
N GLU G 116 23.93 -28.93 -22.39
CA GLU G 116 23.29 -29.81 -23.36
C GLU G 116 23.35 -29.23 -24.76
N PHE G 117 23.32 -27.90 -24.90
CA PHE G 117 23.46 -27.30 -26.22
C PHE G 117 24.87 -27.54 -26.78
N TRP G 118 25.89 -27.34 -25.95
CA TRP G 118 27.25 -27.55 -26.42
C TRP G 118 27.52 -29.02 -26.71
N LEU G 119 26.90 -29.93 -25.97
CA LEU G 119 27.19 -31.35 -26.16
C LEU G 119 26.73 -31.89 -27.51
N GLN G 120 25.86 -31.15 -28.23
CA GLN G 120 25.34 -31.63 -29.51
C GLN G 120 25.53 -30.61 -30.62
N THR G 121 26.45 -29.66 -30.46
CA THR G 121 26.50 -28.51 -31.35
C THR G 121 27.38 -28.71 -32.57
N ASP G 122 28.12 -29.83 -32.66
CA ASP G 122 28.97 -30.16 -33.81
C ASP G 122 30.15 -29.21 -33.93
N TYR G 123 30.19 -28.19 -33.06
CA TYR G 123 31.34 -27.31 -32.92
C TYR G 123 32.21 -27.71 -31.73
N TYR G 124 31.58 -28.28 -30.70
CA TYR G 124 32.31 -28.90 -29.61
C TYR G 124 32.85 -30.27 -30.01
N LYS G 125 32.08 -31.03 -30.78
CA LYS G 125 32.49 -32.37 -31.18
C LYS G 125 33.76 -32.35 -32.01
N GLN G 126 33.93 -31.33 -32.85
CA GLN G 126 35.15 -31.23 -33.66
C GLN G 126 36.38 -31.01 -32.79
N ARG G 127 36.23 -30.24 -31.71
CA ARG G 127 37.35 -29.97 -30.81
C ARG G 127 37.41 -30.97 -29.66
N MET G 128 37.38 -32.26 -29.99
CA MET G 128 37.49 -33.32 -29.01
C MET G 128 38.73 -34.14 -29.32
N VAL G 129 39.63 -34.26 -28.33
CA VAL G 129 40.88 -34.98 -28.52
C VAL G 129 40.79 -36.43 -28.07
N GLY G 130 39.64 -36.85 -27.54
CA GLY G 130 39.47 -38.20 -27.05
C GLY G 130 39.85 -38.40 -25.60
N ASN G 131 40.41 -37.39 -24.94
CA ASN G 131 40.76 -37.47 -23.53
C ASN G 131 39.63 -36.90 -22.70
N SER G 132 39.17 -37.67 -21.71
CA SER G 132 37.99 -37.29 -20.95
C SER G 132 38.22 -35.99 -20.18
N LYS G 133 39.38 -35.84 -19.55
CA LYS G 133 39.64 -34.65 -18.75
C LYS G 133 39.69 -33.40 -19.61
N ALA G 134 40.39 -33.47 -20.75
CA ALA G 134 40.47 -32.32 -21.64
C ALA G 134 39.11 -31.97 -22.22
N ASP G 135 38.33 -32.98 -22.60
CA ASP G 135 36.99 -32.74 -23.12
C ASP G 135 36.10 -32.08 -22.07
N ALA G 136 36.18 -32.53 -20.82
CA ALA G 136 35.39 -31.93 -19.76
C ALA G 136 35.81 -30.48 -19.52
N ALA G 137 37.13 -30.22 -19.53
CA ALA G 137 37.60 -28.85 -19.34
C ALA G 137 37.12 -27.94 -20.46
N LEU G 138 37.21 -28.42 -21.70
CA LEU G 138 36.75 -27.61 -22.84
C LEU G 138 35.24 -27.37 -22.76
N LEU G 139 34.48 -28.39 -22.37
CA LEU G 139 33.04 -28.23 -22.22
C LEU G 139 32.72 -27.19 -21.16
N ASP G 140 33.43 -27.22 -20.04
CA ASP G 140 33.22 -26.22 -18.99
C ASP G 140 33.55 -24.82 -19.49
N GLU G 141 34.66 -24.68 -20.22
CA GLU G 141 35.04 -23.37 -20.74
C GLU G 141 33.99 -22.84 -21.70
N MET G 142 33.48 -23.68 -22.60
CA MET G 142 32.50 -23.21 -23.56
C MET G 142 31.14 -22.97 -22.91
N ILE G 143 30.83 -23.70 -21.83
CA ILE G 143 29.63 -23.37 -21.05
C ILE G 143 29.78 -21.97 -20.46
N ASN G 144 30.96 -21.67 -19.92
CA ASN G 144 31.20 -20.33 -19.39
C ASN G 144 31.27 -19.28 -20.49
N ASN G 145 31.45 -19.68 -21.75
CA ASN G 145 31.48 -18.72 -22.84
C ASN G 145 30.14 -18.01 -23.01
N ILE G 146 29.03 -18.74 -22.87
CA ILE G 146 27.71 -18.15 -22.99
C ILE G 146 27.37 -17.43 -21.69
N GLN G 147 26.98 -16.16 -21.80
CA GLN G 147 26.66 -15.33 -20.65
C GLN G 147 25.28 -14.72 -20.82
N PHE G 148 24.51 -14.68 -19.74
CA PHE G 148 23.19 -14.08 -19.74
C PHE G 148 23.18 -12.88 -18.80
N ILE G 149 22.75 -11.74 -19.31
CA ILE G 149 22.66 -10.51 -18.55
C ILE G 149 21.18 -10.15 -18.40
N PRO G 150 20.58 -10.36 -17.24
CA PRO G 150 19.18 -9.97 -17.05
C PRO G 150 19.02 -8.46 -17.08
N GLY G 151 17.85 -8.03 -17.56
CA GLY G 151 17.54 -6.62 -17.64
C GLY G 151 16.49 -6.23 -16.63
N ASP G 152 16.53 -4.97 -16.21
CA ASP G 152 15.55 -4.40 -15.30
C ASP G 152 14.87 -3.24 -16.00
N PHE G 153 13.54 -3.17 -15.84
CA PHE G 153 12.73 -2.20 -16.57
C PHE G 153 12.95 -0.77 -16.12
N THR G 154 13.67 -0.54 -15.02
CA THR G 154 13.83 0.82 -14.50
C THR G 154 14.57 1.71 -15.48
N ARG G 155 15.65 1.22 -16.07
CA ARG G 155 16.39 1.98 -17.07
C ARG G 155 16.10 1.51 -18.49
N ALA G 156 15.02 0.76 -18.69
CA ALA G 156 14.58 0.31 -20.01
C ALA G 156 15.67 -0.50 -20.72
N VAL G 157 16.23 -1.47 -20.00
CA VAL G 157 17.19 -2.41 -20.56
C VAL G 157 16.59 -3.81 -20.47
N ASN G 158 16.65 -4.54 -21.58
CA ASN G 158 16.05 -5.86 -21.69
C ASN G 158 17.10 -6.94 -21.45
N ASP G 159 16.61 -8.17 -21.30
CA ASP G 159 17.50 -9.31 -21.11
C ASP G 159 18.35 -9.53 -22.36
N SER G 160 19.62 -9.82 -22.16
CA SER G 160 20.54 -10.02 -23.27
C SER G 160 21.34 -11.31 -23.05
N VAL G 161 21.80 -11.89 -24.15
CA VAL G 161 22.63 -13.08 -24.11
C VAL G 161 23.81 -12.88 -25.05
N LYS G 162 25.00 -13.19 -24.58
CA LYS G 162 26.24 -13.03 -25.35
C LYS G 162 26.92 -14.38 -25.48
N LEU G 163 27.33 -14.71 -26.71
CA LEU G 163 28.03 -15.94 -26.99
C LEU G 163 29.41 -15.64 -27.55
N ILE G 164 30.37 -16.51 -27.23
CA ILE G 164 31.75 -16.33 -27.64
C ILE G 164 32.20 -17.59 -28.38
N ALA G 165 32.77 -17.41 -29.57
CA ALA G 165 33.28 -18.50 -30.38
C ALA G 165 34.64 -18.11 -30.92
N GLU G 166 35.18 -18.95 -31.81
CA GLU G 166 36.50 -18.70 -32.38
C GLU G 166 36.45 -17.94 -33.69
N THR G 167 35.28 -17.84 -34.33
CA THR G 167 35.14 -17.09 -35.56
C THR G 167 33.81 -16.34 -35.53
N ALA G 168 33.74 -15.27 -36.32
CA ALA G 168 32.51 -14.48 -36.39
C ALA G 168 31.32 -15.28 -36.92
N PRO G 169 31.42 -16.01 -38.03
CA PRO G 169 30.26 -16.82 -38.45
C PRO G 169 29.84 -17.83 -37.40
N ASP G 170 30.81 -18.43 -36.71
CA ASP G 170 30.48 -19.34 -35.62
C ASP G 170 29.78 -18.59 -34.49
N ALA G 171 30.28 -17.42 -34.12
CA ALA G 171 29.67 -16.65 -33.05
C ALA G 171 28.23 -16.28 -33.37
N ASN G 172 27.93 -16.04 -34.64
CA ASN G 172 26.55 -15.71 -35.02
C ASN G 172 25.67 -16.95 -35.05
N ASN G 173 26.11 -17.98 -35.77
CA ASN G 173 25.28 -19.17 -35.95
C ASN G 173 25.04 -19.89 -34.63
N LEU G 174 26.07 -20.01 -33.80
CA LEU G 174 25.91 -20.70 -32.52
C LEU G 174 24.96 -19.95 -31.60
N LEU G 175 25.01 -18.62 -31.60
CA LEU G 175 24.06 -17.87 -30.77
C LEU G 175 22.64 -18.04 -31.27
N ARG G 176 22.43 -18.01 -32.59
CA ARG G 176 21.10 -18.25 -33.12
C ARG G 176 20.59 -19.63 -32.73
N GLN G 177 21.45 -20.65 -32.89
CA GLN G 177 21.06 -22.01 -32.57
C GLN G 177 20.77 -22.17 -31.08
N TYR G 178 21.56 -21.52 -30.23
CA TYR G 178 21.34 -21.62 -28.79
C TYR G 178 20.03 -20.97 -28.39
N VAL G 179 19.70 -19.82 -28.97
CA VAL G 179 18.43 -19.18 -28.66
C VAL G 179 17.28 -20.07 -29.10
N ALA G 180 17.38 -20.67 -30.29
CA ALA G 180 16.34 -21.60 -30.74
C ALA G 180 16.24 -22.80 -29.82
N PHE G 181 17.38 -23.32 -29.36
CA PHE G 181 17.41 -24.47 -28.47
C PHE G 181 16.72 -24.16 -27.15
N ALA G 182 17.03 -23.01 -26.56
CA ALA G 182 16.40 -22.61 -25.30
C ALA G 182 14.91 -22.40 -25.48
N SER G 183 14.51 -21.79 -26.61
CA SER G 183 13.08 -21.59 -26.86
C SER G 183 12.36 -22.91 -26.99
N GLN G 184 12.97 -23.88 -27.69
CA GLN G 184 12.33 -25.19 -27.84
C GLN G 184 12.21 -25.90 -26.50
N ARG G 185 13.24 -25.82 -25.66
CA ARG G 185 13.16 -26.42 -24.34
C ARG G 185 12.07 -25.77 -23.50
N ALA G 186 11.97 -24.44 -23.55
CA ALA G 186 10.93 -23.75 -22.81
C ALA G 186 9.54 -24.15 -23.31
N ALA G 187 9.38 -24.28 -24.62
CA ALA G 187 8.10 -24.70 -25.18
C ALA G 187 7.72 -26.10 -24.72
N SER G 188 8.69 -27.02 -24.71
CA SER G 188 8.42 -28.37 -24.24
C SER G 188 8.02 -28.38 -22.77
N HIS G 189 8.72 -27.60 -21.95
CA HIS G 189 8.39 -27.52 -20.54
C HIS G 189 7.00 -26.94 -20.33
N LEU G 190 6.65 -25.91 -21.11
CA LEU G 190 5.32 -25.32 -21.00
C LEU G 190 4.24 -26.31 -21.42
N ASN G 191 4.51 -27.11 -22.45
CA ASN G 191 3.54 -28.12 -22.85
C ASN G 191 3.35 -29.16 -21.76
N ASP G 192 4.44 -29.58 -21.11
CA ASP G 192 4.32 -30.52 -20.01
C ASP G 192 3.52 -29.93 -18.85
N GLU G 193 3.77 -28.66 -18.54
CA GLU G 193 3.00 -27.98 -17.49
C GLU G 193 1.52 -27.92 -17.84
N LEU G 194 1.21 -27.62 -19.11
CA LEU G 194 -0.17 -27.58 -19.55
C LEU G 194 -0.83 -28.96 -19.41
N LYS G 195 -0.12 -30.02 -19.78
CA LYS G 195 -0.66 -31.36 -19.60
C LYS G 195 -0.94 -31.66 -18.15
N GLY G 196 -0.01 -31.32 -17.26
CA GLY G 196 -0.22 -31.59 -15.84
C GLY G 196 -1.41 -30.84 -15.27
N ALA G 197 -1.50 -29.54 -15.59
CA ALA G 197 -2.63 -28.75 -15.11
C ALA G 197 -3.95 -29.25 -15.67
N TRP G 198 -3.96 -29.63 -16.95
CA TRP G 198 -5.17 -30.16 -17.55
C TRP G 198 -5.61 -31.45 -16.88
N ALA G 199 -4.67 -32.34 -16.60
CA ALA G 199 -5.00 -33.59 -15.92
C ALA G 199 -5.56 -33.33 -14.52
N ALA G 200 -4.92 -32.41 -13.78
CA ALA G 200 -5.42 -32.09 -12.45
C ALA G 200 -6.83 -31.52 -12.50
N ARG G 201 -7.08 -30.61 -13.45
CA ARG G 201 -8.41 -30.03 -13.58
C ARG G 201 -9.45 -31.08 -13.96
N THR G 202 -9.09 -32.00 -14.85
CA THR G 202 -10.00 -33.06 -15.24
C THR G 202 -10.34 -33.95 -14.04
N ILE G 203 -9.34 -34.28 -13.23
CA ILE G 203 -9.59 -35.10 -12.04
C ILE G 203 -10.52 -34.37 -11.09
N GLN G 204 -10.27 -33.07 -10.87
CA GLN G 204 -11.13 -32.30 -9.97
C GLN G 204 -12.56 -32.23 -10.48
N MET G 205 -12.74 -32.02 -11.78
CA MET G 205 -14.08 -31.93 -12.34
C MET G 205 -14.80 -33.28 -12.25
N LYS G 206 -14.08 -34.38 -12.49
CA LYS G 206 -14.70 -35.69 -12.35
C LYS G 206 -15.17 -35.93 -10.91
N ALA G 207 -14.33 -35.55 -9.94
CA ALA G 207 -14.72 -35.71 -8.54
C ALA G 207 -15.94 -34.87 -8.22
N GLN G 208 -15.98 -33.62 -8.71
CA GLN G 208 -17.11 -32.75 -8.45
C GLN G 208 -18.40 -33.31 -9.06
N VAL G 209 -18.32 -33.83 -10.29
CA VAL G 209 -19.49 -34.40 -10.93
C VAL G 209 -19.97 -35.63 -10.17
N LYS G 210 -19.05 -36.47 -9.70
CA LYS G 210 -19.44 -37.63 -8.92
C LYS G 210 -20.12 -37.22 -7.62
N ARG G 211 -19.60 -36.18 -6.96
CA ARG G 211 -20.23 -35.70 -5.73
C ARG G 211 -21.63 -35.17 -6.01
N GLN G 212 -21.81 -34.44 -7.12
CA GLN G 212 -23.14 -33.96 -7.47
C GLN G 212 -24.10 -35.12 -7.72
N GLU G 213 -23.64 -36.15 -8.42
CA GLU G 213 -24.48 -37.32 -8.66
C GLU G 213 -24.86 -38.00 -7.35
N GLU G 214 -23.90 -38.10 -6.42
CA GLU G 214 -24.19 -38.74 -5.13
C GLU G 214 -25.18 -37.94 -4.32
N VAL G 215 -25.07 -36.61 -4.35
CA VAL G 215 -26.02 -35.76 -3.64
C VAL G 215 -27.43 -35.93 -4.22
N ALA G 216 -27.54 -35.93 -5.54
CA ALA G 216 -28.84 -36.11 -6.18
C ALA G 216 -29.41 -37.48 -5.85
N LYS G 217 -28.55 -38.51 -5.83
CA LYS G 217 -29.02 -39.85 -5.48
C LYS G 217 -29.51 -39.91 -4.05
N ALA G 218 -28.83 -39.22 -3.13
CA ALA G 218 -29.27 -39.19 -1.74
C ALA G 218 -30.64 -38.53 -1.61
N ILE G 219 -30.83 -37.40 -2.29
CA ILE G 219 -32.13 -36.73 -2.24
C ILE G 219 -33.22 -37.63 -2.84
N TYR G 220 -32.92 -38.28 -3.96
CA TYR G 220 -33.88 -39.17 -4.60
C TYR G 220 -34.23 -40.34 -3.70
N ASP G 221 -33.24 -40.89 -3.00
CA ASP G 221 -33.49 -41.99 -2.08
C ASP G 221 -34.35 -41.54 -0.91
N ARG G 222 -34.11 -40.34 -0.40
CA ARG G 222 -34.95 -39.82 0.67
C ARG G 222 -36.40 -39.66 0.22
N ARG G 223 -36.60 -39.13 -0.98
CA ARG G 223 -37.96 -39.00 -1.50
C ARG G 223 -38.63 -40.35 -1.70
N MET G 224 -37.87 -41.33 -2.22
CA MET G 224 -38.40 -42.68 -2.39
C MET G 224 -38.81 -43.28 -1.06
N ASN G 225 -37.97 -43.10 -0.03
CA ASN G 225 -38.31 -43.64 1.30
C ASN G 225 -39.56 -42.98 1.85
N SER G 226 -39.68 -41.66 1.68
CA SER G 226 -40.87 -40.97 2.17
C SER G 226 -42.12 -41.48 1.48
N ILE G 227 -42.06 -41.66 0.15
CA ILE G 227 -43.23 -42.15 -0.58
C ILE G 227 -43.57 -43.57 -0.15
N GLU G 228 -42.56 -44.43 0.02
CA GLU G 228 -42.83 -45.81 0.43
C GLU G 228 -43.45 -45.86 1.82
N GLN G 229 -42.93 -45.05 2.75
CA GLN G 229 -43.51 -45.01 4.09
C GLN G 229 -44.94 -44.51 4.07
N ALA G 230 -45.21 -43.46 3.29
CA ALA G 230 -46.58 -42.95 3.19
C ALA G 230 -47.50 -44.01 2.62
N LEU G 231 -47.06 -44.71 1.57
CA LEU G 231 -47.88 -45.77 0.99
C LEU G 231 -48.16 -46.88 1.99
N LYS G 232 -47.14 -47.31 2.73
CA LYS G 232 -47.31 -48.39 3.69
C LYS G 232 -48.27 -47.99 4.79
N ILE G 233 -48.10 -46.79 5.35
CA ILE G 233 -48.97 -46.38 6.45
C ILE G 233 -50.40 -46.17 5.96
N ALA G 234 -50.56 -45.64 4.74
CA ALA G 234 -51.90 -45.45 4.20
C ALA G 234 -52.60 -46.78 3.98
N GLU G 235 -51.91 -47.76 3.38
CA GLU G 235 -52.54 -49.05 3.13
C GLU G 235 -52.80 -49.81 4.42
N GLN G 236 -51.98 -49.60 5.45
CA GLN G 236 -52.23 -50.27 6.72
C GLN G 236 -53.40 -49.63 7.45
N HIS G 237 -53.48 -48.30 7.43
CA HIS G 237 -54.51 -47.59 8.19
C HIS G 237 -55.88 -47.73 7.53
N ASN G 238 -55.94 -47.60 6.20
CA ASN G 238 -57.21 -47.54 5.50
C ASN G 238 -57.73 -48.92 5.11
N ILE G 239 -56.98 -49.66 4.31
CA ILE G 239 -57.46 -50.94 3.80
C ILE G 239 -57.56 -51.96 4.92
N SER G 240 -56.50 -52.08 5.73
CA SER G 240 -56.45 -53.14 6.73
C SER G 240 -57.35 -52.87 7.93
N ARG G 241 -57.37 -51.63 8.41
CA ARG G 241 -58.05 -51.29 9.66
C ARG G 241 -59.38 -50.59 9.45
N SER G 242 -59.85 -50.49 8.21
CA SER G 242 -61.11 -49.81 7.94
C SER G 242 -61.74 -50.41 6.69
N ALA G 243 -63.05 -50.18 6.55
CA ALA G 243 -63.78 -50.63 5.36
C ALA G 243 -63.64 -49.66 4.19
N THR G 244 -63.10 -48.47 4.40
CA THR G 244 -62.90 -47.53 3.32
C THR G 244 -61.88 -48.05 2.33
N ASP G 245 -62.18 -47.90 1.04
CA ASP G 245 -61.32 -48.41 -0.02
C ASP G 245 -61.64 -47.65 -1.30
N VAL G 246 -61.16 -48.17 -2.43
CA VAL G 246 -61.44 -47.53 -3.73
C VAL G 246 -62.93 -47.42 -4.02
N PRO G 247 -63.77 -48.44 -3.78
CA PRO G 247 -65.21 -48.30 -4.10
C PRO G 247 -65.94 -47.27 -3.25
N ALA G 248 -65.25 -46.55 -2.37
CA ALA G 248 -65.90 -45.49 -1.59
C ALA G 248 -66.21 -44.26 -2.43
N GLU G 249 -65.76 -44.21 -3.69
CA GLU G 249 -66.01 -43.10 -4.60
C GLU G 249 -65.40 -41.81 -4.10
N GLU G 250 -65.85 -40.67 -4.65
CA GLU G 250 -65.30 -39.35 -4.33
C GLU G 250 -63.81 -39.28 -4.65
N LEU G 251 -63.36 -40.04 -5.63
CA LEU G 251 -61.95 -40.04 -6.00
C LEU G 251 -61.46 -38.69 -6.53
N PRO G 252 -62.17 -38.00 -7.46
CA PRO G 252 -61.60 -36.77 -8.03
C PRO G 252 -61.39 -35.65 -7.02
N ASP G 253 -62.43 -35.26 -6.30
CA ASP G 253 -62.39 -34.09 -5.41
C ASP G 253 -62.83 -34.51 -4.00
N SER G 254 -61.86 -34.98 -3.20
CA SER G 254 -62.13 -35.23 -1.79
C SER G 254 -60.95 -34.85 -0.91
N GLU G 255 -60.02 -34.03 -1.41
CA GLU G 255 -58.85 -33.60 -0.66
C GLU G 255 -58.02 -34.78 -0.18
N MET G 256 -58.25 -35.21 1.06
CA MET G 256 -57.47 -36.30 1.64
C MET G 256 -57.65 -37.58 0.84
N PHE G 257 -58.90 -37.92 0.51
CA PHE G 257 -59.17 -39.15 -0.23
C PHE G 257 -58.66 -39.08 -1.67
N LEU G 258 -58.45 -37.88 -2.21
CA LEU G 258 -57.87 -37.78 -3.55
C LEU G 258 -56.46 -38.36 -3.59
N LEU G 259 -55.65 -38.05 -2.58
CA LEU G 259 -54.29 -38.59 -2.46
C LEU G 259 -54.40 -39.88 -1.66
N GLY G 260 -54.37 -41.01 -2.34
CA GLY G 260 -54.50 -42.30 -1.68
C GLY G 260 -53.59 -43.35 -2.27
N ARG G 261 -54.02 -44.60 -2.21
CA ARG G 261 -53.22 -45.69 -2.79
C ARG G 261 -52.95 -45.51 -4.28
N PRO G 262 -53.93 -45.19 -5.14
CA PRO G 262 -53.60 -45.05 -6.56
C PRO G 262 -52.64 -43.91 -6.85
N MET G 263 -52.89 -42.72 -6.27
CA MET G 263 -52.00 -41.58 -6.52
C MET G 263 -50.61 -41.84 -5.97
N LEU G 264 -50.52 -42.43 -4.77
CA LEU G 264 -49.20 -42.71 -4.19
C LEU G 264 -48.45 -43.74 -5.02
N GLN G 265 -49.14 -44.78 -5.49
CA GLN G 265 -48.49 -45.78 -6.33
C GLN G 265 -48.02 -45.18 -7.65
N ALA G 266 -48.84 -44.32 -8.25
CA ALA G 266 -48.44 -43.66 -9.49
C ALA G 266 -47.24 -42.76 -9.28
N GLU G 267 -47.21 -42.02 -8.16
CA GLU G 267 -46.06 -41.18 -7.85
C GLU G 267 -44.81 -42.04 -7.64
N LEU G 268 -44.96 -43.16 -6.95
CA LEU G 268 -43.82 -44.06 -6.73
C LEU G 268 -43.27 -44.56 -8.06
N GLU G 269 -44.15 -45.01 -8.95
CA GLU G 269 -43.70 -45.52 -10.24
C GLU G 269 -43.05 -44.42 -11.08
N ASN G 270 -43.64 -43.22 -11.07
CA ASN G 270 -43.08 -42.12 -11.85
C ASN G 270 -41.71 -41.72 -11.34
N LEU G 271 -41.54 -41.64 -10.02
CA LEU G 271 -40.23 -41.31 -9.46
C LEU G 271 -39.22 -42.40 -9.74
N GLN G 272 -39.64 -43.67 -9.70
CA GLN G 272 -38.73 -44.76 -10.04
C GLN G 272 -38.29 -44.68 -11.49
N ALA G 273 -39.21 -44.33 -12.38
CA ALA G 273 -38.88 -44.29 -13.81
C ALA G 273 -38.00 -43.08 -14.13
N VAL G 274 -38.31 -41.91 -13.59
CA VAL G 274 -37.59 -40.70 -13.96
C VAL G 274 -36.16 -40.75 -13.42
N GLY G 275 -36.00 -41.11 -12.15
CA GLY G 275 -34.68 -41.15 -11.54
C GLY G 275 -34.35 -39.86 -10.81
N PRO G 276 -33.10 -39.74 -10.35
CA PRO G 276 -32.70 -38.54 -9.61
C PRO G 276 -32.79 -37.29 -10.47
N ALA G 277 -33.06 -36.16 -9.81
CA ALA G 277 -33.23 -34.87 -10.47
C ALA G 277 -31.93 -34.07 -10.39
N PHE G 278 -31.50 -33.53 -11.52
CA PHE G 278 -30.29 -32.74 -11.62
C PHE G 278 -30.62 -31.31 -12.02
N ASP G 279 -29.77 -30.39 -11.58
CA ASP G 279 -29.96 -28.98 -11.84
C ASP G 279 -29.12 -28.55 -13.05
N LEU G 280 -29.17 -27.24 -13.34
CA LEU G 280 -28.41 -26.70 -14.47
C LEU G 280 -26.91 -26.79 -14.22
N ASP G 281 -26.48 -26.63 -12.96
CA ASP G 281 -25.06 -26.71 -12.65
C ASP G 281 -24.48 -28.07 -13.00
N TYR G 282 -25.24 -29.14 -12.75
CA TYR G 282 -24.77 -30.47 -13.09
C TYR G 282 -24.56 -30.63 -14.59
N ASP G 283 -25.51 -30.13 -15.39
CA ASP G 283 -25.37 -30.25 -16.84
C ASP G 283 -24.21 -29.40 -17.35
N GLN G 284 -24.02 -28.20 -16.80
CA GLN G 284 -22.88 -27.38 -17.21
C GLN G 284 -21.57 -28.04 -16.85
N ASN G 285 -21.48 -28.64 -15.66
CA ASN G 285 -20.28 -29.36 -15.27
C ASN G 285 -20.05 -30.57 -16.17
N ARG G 286 -21.13 -31.26 -16.57
CA ARG G 286 -20.98 -32.39 -17.46
C ARG G 286 -20.45 -31.96 -18.82
N ALA G 287 -20.96 -30.85 -19.36
CA ALA G 287 -20.45 -30.36 -20.63
C ALA G 287 -18.99 -29.93 -20.52
N MET G 288 -18.64 -29.26 -19.43
CA MET G 288 -17.24 -28.86 -19.25
C MET G 288 -16.33 -30.06 -19.11
N LEU G 289 -16.80 -31.11 -18.44
CA LEU G 289 -16.03 -32.34 -18.33
C LEU G 289 -15.89 -33.02 -19.68
N ASN G 290 -16.93 -32.95 -20.51
CA ASN G 290 -16.83 -33.50 -21.87
C ASN G 290 -15.76 -32.75 -22.66
N THR G 291 -15.72 -31.43 -22.55
CA THR G 291 -14.68 -30.68 -23.25
C THR G 291 -13.30 -30.92 -22.66
N LEU G 292 -13.22 -31.21 -21.36
CA LEU G 292 -11.94 -31.50 -20.74
C LEU G 292 -11.42 -32.88 -21.10
N ASN G 293 -12.31 -33.83 -21.37
CA ASN G 293 -11.90 -35.20 -21.63
C ASN G 293 -11.24 -35.37 -22.99
N VAL G 294 -11.44 -34.43 -23.92
CA VAL G 294 -10.81 -34.56 -25.23
C VAL G 294 -9.30 -34.36 -25.12
N GLY G 295 -8.85 -33.67 -24.08
CA GLY G 295 -7.43 -33.48 -23.85
C GLY G 295 -6.90 -32.25 -24.56
N PRO G 296 -5.83 -31.68 -24.03
CA PRO G 296 -5.21 -30.51 -24.68
C PRO G 296 -4.52 -30.91 -25.97
N THR G 297 -4.47 -29.96 -26.90
CA THR G 297 -3.76 -30.14 -28.17
C THR G 297 -2.36 -29.58 -28.00
N LEU G 298 -1.38 -30.46 -27.82
CA LEU G 298 0.00 -30.05 -27.56
C LEU G 298 0.71 -29.84 -28.90
N ASP G 299 0.86 -28.58 -29.30
CA ASP G 299 1.64 -28.25 -30.48
C ASP G 299 3.05 -27.89 -30.05
N PRO G 300 4.07 -28.63 -30.48
CA PRO G 300 5.44 -28.23 -30.15
C PRO G 300 5.91 -27.08 -31.02
N ARG G 301 7.19 -26.74 -30.91
CA ARG G 301 7.85 -25.76 -31.78
C ARG G 301 7.05 -24.47 -31.94
N PHE G 302 6.51 -23.98 -30.83
CA PHE G 302 5.98 -22.62 -30.77
C PHE G 302 6.97 -21.73 -30.06
N GLN G 303 7.08 -20.48 -30.52
CA GLN G 303 8.13 -19.60 -30.07
C GLN G 303 7.76 -18.94 -28.74
N THR G 304 8.72 -18.89 -27.82
CA THR G 304 8.52 -18.34 -26.49
C THR G 304 9.27 -17.03 -26.29
N TYR G 305 9.69 -16.38 -27.37
CA TYR G 305 10.45 -15.15 -27.28
C TYR G 305 10.24 -14.36 -28.57
N ARG G 306 10.70 -13.11 -28.55
CA ARG G 306 10.80 -12.33 -29.77
C ARG G 306 12.10 -11.54 -29.72
N TYR G 307 12.66 -11.29 -30.90
CA TYR G 307 13.97 -10.67 -31.02
C TYR G 307 13.85 -9.15 -31.01
N LEU G 308 14.50 -8.51 -30.05
CA LEU G 308 14.72 -7.07 -30.13
C LEU G 308 16.04 -6.73 -30.78
N ARG G 309 17.02 -7.64 -30.68
CA ARG G 309 18.28 -7.53 -31.41
C ARG G 309 18.68 -8.94 -31.80
N THR G 310 18.60 -9.22 -33.10
CA THR G 310 18.98 -10.53 -33.62
C THR G 310 20.51 -10.66 -33.65
N PRO G 311 21.05 -11.84 -33.38
CA PRO G 311 22.50 -12.03 -33.49
C PRO G 311 23.00 -11.74 -34.89
N GLU G 312 24.18 -11.14 -34.96
CA GLU G 312 24.84 -10.83 -36.22
C GLU G 312 26.32 -11.13 -36.11
N GLU G 313 26.98 -11.24 -37.25
CA GLU G 313 28.42 -11.48 -37.25
C GLU G 313 29.15 -10.27 -36.69
N PRO G 314 30.02 -10.45 -35.70
CA PRO G 314 30.77 -9.31 -35.17
C PRO G 314 31.70 -8.73 -36.23
N VAL G 315 31.92 -7.42 -36.12
CA VAL G 315 32.80 -6.74 -37.08
C VAL G 315 34.25 -6.80 -36.63
N LYS G 316 34.48 -6.78 -35.31
CA LYS G 316 35.83 -6.81 -34.76
C LYS G 316 35.94 -7.87 -33.67
N ARG G 317 37.14 -8.45 -33.56
CA ARG G 317 37.38 -9.47 -32.55
C ARG G 317 37.39 -8.85 -31.16
N ASP G 318 36.93 -9.63 -30.17
CA ASP G 318 36.97 -9.18 -28.79
C ASP G 318 38.38 -9.30 -28.21
N SER G 319 39.13 -10.29 -28.64
CA SER G 319 40.49 -10.55 -28.17
C SER G 319 41.37 -10.83 -29.38
N PRO G 320 42.69 -10.59 -29.26
CA PRO G 320 43.42 -10.03 -28.12
C PRO G 320 43.59 -8.52 -28.20
N ARG G 321 42.81 -7.83 -29.04
CA ARG G 321 42.82 -6.38 -29.21
C ARG G 321 44.25 -5.83 -29.27
N ARG G 322 44.96 -6.18 -30.35
CA ARG G 322 46.38 -5.88 -30.53
C ARG G 322 46.79 -4.48 -30.08
N ALA G 323 45.97 -3.46 -30.38
CA ALA G 323 46.35 -2.09 -30.08
C ALA G 323 46.52 -1.88 -28.58
N PHE G 324 45.57 -2.38 -27.78
CA PHE G 324 45.65 -2.20 -26.34
C PHE G 324 46.86 -2.92 -25.77
N LEU G 325 47.14 -4.14 -26.26
CA LEU G 325 48.30 -4.88 -25.78
C LEU G 325 49.60 -4.16 -26.14
N MET G 326 49.69 -3.65 -27.37
CA MET G 326 50.85 -2.86 -27.76
C MET G 326 51.05 -1.67 -26.84
N ILE G 327 49.97 -0.91 -26.60
CA ILE G 327 50.09 0.29 -25.78
C ILE G 327 50.53 -0.07 -24.37
N MET G 328 49.90 -1.07 -23.76
CA MET G 328 50.21 -1.42 -22.37
C MET G 328 51.62 -1.97 -22.24
N TRP G 329 52.02 -2.88 -23.14
CA TRP G 329 53.37 -3.45 -23.06
C TRP G 329 54.43 -2.40 -23.35
N GLY G 330 54.17 -1.50 -24.30
CA GLY G 330 55.11 -0.42 -24.56
C GLY G 330 55.25 0.52 -23.37
N ILE G 331 54.14 0.83 -22.71
CA ILE G 331 54.19 1.68 -21.51
C ILE G 331 54.99 1.00 -20.41
N VAL G 332 54.75 -0.30 -20.19
CA VAL G 332 55.48 -1.02 -19.16
C VAL G 332 56.98 -1.06 -19.49
N GLY G 333 57.31 -1.35 -20.74
CA GLY G 333 58.71 -1.39 -21.15
C GLY G 333 59.39 -0.04 -21.01
N GLY G 334 58.68 1.03 -21.38
CA GLY G 334 59.23 2.36 -21.21
C GLY G 334 59.47 2.72 -19.75
N LEU G 335 58.52 2.36 -18.89
CA LEU G 335 58.68 2.64 -17.46
C LEU G 335 59.88 1.89 -16.88
N ILE G 336 60.00 0.60 -17.19
CA ILE G 336 61.10 -0.17 -16.62
C ILE G 336 62.43 0.27 -17.23
N GLY G 337 62.43 0.67 -18.51
CA GLY G 337 63.64 1.20 -19.11
C GLY G 337 64.07 2.52 -18.50
N ALA G 338 63.11 3.40 -18.20
CA ALA G 338 63.43 4.64 -17.52
C ALA G 338 63.98 4.37 -16.13
N GLY G 339 63.39 3.40 -15.42
CA GLY G 339 63.94 3.02 -14.13
C GLY G 339 65.37 2.50 -14.23
N VAL G 340 65.63 1.66 -15.23
CA VAL G 340 66.98 1.12 -15.42
C VAL G 340 67.97 2.25 -15.73
N ALA G 341 67.57 3.18 -16.61
CA ALA G 341 68.45 4.30 -16.94
C ALA G 341 68.71 5.18 -15.72
N LEU G 342 67.69 5.39 -14.89
CA LEU G 342 67.88 6.15 -13.67
C LEU G 342 68.84 5.45 -12.73
N THR G 343 68.73 4.12 -12.60
CA THR G 343 69.61 3.38 -11.72
C THR G 343 71.05 3.35 -12.23
N ARG G 344 71.27 3.57 -13.53
CA ARG G 344 72.61 3.57 -14.09
C ARG G 344 73.32 4.90 -13.95
N ARG G 345 72.62 5.97 -13.55
CA ARG G 345 73.26 7.27 -13.42
C ARG G 345 74.29 7.27 -12.29
N CYS G 346 73.95 6.66 -11.15
CA CYS G 346 74.87 6.59 -10.02
C CYS G 346 75.87 5.45 -10.13
N SER G 347 75.71 4.58 -11.12
CA SER G 347 76.66 3.48 -11.30
C SER G 347 78.01 3.95 -11.81
N LYS G 348 78.10 5.18 -12.31
CA LYS G 348 79.35 5.73 -12.81
C LYS G 348 79.98 6.66 -11.78
N LEU H 17 65.31 8.47 -1.33
CA LEU H 17 65.31 7.07 -1.76
C LEU H 17 66.31 6.85 -2.89
N ASP H 18 67.44 6.22 -2.56
CA ASP H 18 68.50 5.97 -3.54
C ASP H 18 68.22 4.63 -4.22
N ILE H 19 67.29 4.67 -5.18
CA ILE H 19 66.95 3.46 -5.92
C ILE H 19 68.11 3.02 -6.80
N ARG H 20 68.95 3.97 -7.25
CA ARG H 20 70.09 3.62 -8.08
C ARG H 20 71.05 2.70 -7.35
N GLY H 21 71.37 3.02 -6.09
CA GLY H 21 72.14 2.11 -5.27
C GLY H 21 71.39 0.83 -4.93
N LEU H 22 70.07 0.93 -4.78
CA LEU H 22 69.27 -0.25 -4.45
C LEU H 22 69.35 -1.28 -5.57
N PHE H 23 69.39 -0.84 -6.82
CA PHE H 23 69.53 -1.77 -7.93
C PHE H 23 70.83 -2.55 -7.83
N ARG H 24 71.94 -1.88 -7.52
CA ARG H 24 73.20 -2.58 -7.34
C ARG H 24 73.16 -3.53 -6.15
N THR H 25 72.51 -3.11 -5.06
CA THR H 25 72.40 -3.97 -3.89
C THR H 25 71.65 -5.25 -4.21
N LEU H 26 70.52 -5.13 -4.93
CA LEU H 26 69.76 -6.33 -5.27
C LEU H 26 70.47 -7.17 -6.33
N TRP H 27 71.23 -6.53 -7.22
CA TRP H 27 71.99 -7.30 -8.21
C TRP H 27 73.09 -8.10 -7.55
N ALA H 28 73.75 -7.54 -6.53
CA ALA H 28 74.85 -8.24 -5.88
C ALA H 28 74.38 -9.49 -5.15
N GLY H 29 73.23 -9.41 -4.48
CA GLY H 29 72.76 -10.50 -3.65
C GLY H 29 71.65 -11.33 -4.26
N LYS H 30 71.60 -11.40 -5.60
CA LYS H 30 70.52 -12.12 -6.26
C LYS H 30 70.56 -13.62 -5.98
N LEU H 31 71.76 -14.18 -5.78
CA LEU H 31 71.89 -15.63 -5.59
C LEU H 31 71.16 -16.09 -4.34
N TRP H 32 71.33 -15.37 -3.22
CA TRP H 32 70.64 -15.73 -1.99
C TRP H 32 69.13 -15.63 -2.14
N ILE H 33 68.67 -14.58 -2.83
CA ILE H 33 67.23 -14.41 -3.04
C ILE H 33 66.68 -15.58 -3.85
N ILE H 34 67.36 -15.95 -4.92
CA ILE H 34 66.90 -17.05 -5.76
C ILE H 34 66.89 -18.36 -4.98
N GLY H 35 67.96 -18.63 -4.22
CA GLY H 35 68.03 -19.86 -3.47
C GLY H 35 66.94 -19.97 -2.42
N MET H 36 66.72 -18.89 -1.67
CA MET H 36 65.69 -18.92 -0.63
C MET H 36 64.29 -18.98 -1.23
N GLY H 37 64.06 -18.32 -2.37
CA GLY H 37 62.79 -18.46 -3.04
C GLY H 37 62.54 -19.88 -3.51
N LEU H 38 63.57 -20.54 -4.03
CA LEU H 38 63.42 -21.93 -4.45
C LEU H 38 63.15 -22.84 -3.25
N ALA H 39 63.82 -22.58 -2.12
CA ALA H 39 63.55 -23.36 -0.91
C ALA H 39 62.11 -23.16 -0.44
N PHE H 40 61.62 -21.92 -0.49
CA PHE H 40 60.24 -21.65 -0.10
C PHE H 40 59.27 -22.35 -1.05
N ALA H 41 59.58 -22.36 -2.35
CA ALA H 41 58.73 -23.07 -3.31
C ALA H 41 58.73 -24.57 -3.03
N LEU H 42 59.88 -25.14 -2.66
CA LEU H 42 59.93 -26.55 -2.32
C LEU H 42 59.10 -26.84 -1.08
N ILE H 43 59.17 -25.96 -0.07
CA ILE H 43 58.35 -26.13 1.12
C ILE H 43 56.86 -26.09 0.76
N ALA H 44 56.48 -25.16 -0.12
CA ALA H 44 55.10 -25.06 -0.56
C ALA H 44 54.67 -26.32 -1.31
N LEU H 45 55.57 -26.88 -2.13
CA LEU H 45 55.27 -28.12 -2.83
C LEU H 45 55.02 -29.25 -1.84
N ALA H 46 55.87 -29.35 -0.82
CA ALA H 46 55.67 -30.39 0.19
C ALA H 46 54.34 -30.21 0.92
N TYR H 47 54.01 -28.97 1.28
CA TYR H 47 52.74 -28.72 1.96
C TYR H 47 51.55 -29.05 1.06
N THR H 48 51.67 -28.73 -0.23
CA THR H 48 50.59 -29.04 -1.17
C THR H 48 50.38 -30.54 -1.29
N PHE H 49 51.47 -31.30 -1.40
CA PHE H 49 51.32 -32.75 -1.44
C PHE H 49 50.98 -33.36 -0.09
N PHE H 50 51.07 -32.60 1.00
CA PHE H 50 50.68 -33.08 2.31
C PHE H 50 49.26 -32.68 2.70
N ALA H 51 48.50 -32.10 1.78
CA ALA H 51 47.17 -31.60 2.07
C ALA H 51 46.11 -32.50 1.44
N ARG H 52 44.85 -32.18 1.74
CA ARG H 52 43.72 -32.94 1.22
C ARG H 52 43.29 -32.41 -0.15
N GLN H 53 42.61 -33.27 -0.91
CA GLN H 53 42.29 -32.96 -2.30
C GLN H 53 41.25 -31.85 -2.41
N GLU H 54 40.15 -31.97 -1.67
CA GLU H 54 39.13 -30.92 -1.55
C GLU H 54 38.58 -30.51 -2.92
N TRP H 55 37.89 -31.46 -3.56
CA TRP H 55 37.13 -31.17 -4.76
C TRP H 55 35.72 -30.71 -4.38
N SER H 56 35.10 -29.95 -5.27
CA SER H 56 33.79 -29.36 -4.98
C SER H 56 32.89 -29.41 -6.19
N SER H 57 31.59 -29.57 -5.93
CA SER H 57 30.57 -29.57 -6.97
C SER H 57 29.39 -28.70 -6.54
N THR H 58 28.67 -28.18 -7.53
CA THR H 58 27.61 -27.20 -7.30
C THR H 58 26.32 -27.65 -7.98
N ALA H 59 25.20 -27.30 -7.35
CA ALA H 59 23.87 -27.55 -7.90
C ALA H 59 23.02 -26.32 -7.69
N ILE H 60 22.14 -26.05 -8.66
CA ILE H 60 21.22 -24.92 -8.59
C ILE H 60 19.81 -25.43 -8.85
N THR H 61 18.89 -25.10 -7.96
CA THR H 61 17.53 -25.64 -7.99
C THR H 61 16.51 -24.51 -8.07
N ASP H 62 15.28 -24.90 -8.40
CA ASP H 62 14.16 -23.97 -8.46
C ASP H 62 12.89 -24.71 -8.03
N ARG H 63 11.77 -24.00 -8.05
CA ARG H 63 10.50 -24.57 -7.62
C ARG H 63 10.11 -25.73 -8.53
N PRO H 64 9.47 -26.76 -7.98
CA PRO H 64 9.04 -27.88 -8.82
C PRO H 64 7.85 -27.49 -9.69
N THR H 65 7.47 -28.40 -10.56
CA THR H 65 6.34 -28.21 -11.45
C THR H 65 5.19 -29.13 -11.03
N VAL H 66 4.02 -28.82 -11.56
CA VAL H 66 2.82 -29.59 -11.25
C VAL H 66 2.99 -31.04 -11.67
N ASN H 67 3.77 -31.29 -12.72
CA ASN H 67 3.86 -32.64 -13.27
C ASN H 67 4.56 -33.60 -12.32
N MET H 68 5.62 -33.15 -11.64
CA MET H 68 6.34 -34.03 -10.74
C MET H 68 5.94 -33.87 -9.28
N LEU H 69 4.82 -33.20 -9.00
CA LEU H 69 4.21 -33.25 -7.69
C LEU H 69 3.29 -34.45 -7.52
N GLY H 70 3.26 -35.33 -8.52
CA GLY H 70 2.47 -36.54 -8.44
C GLY H 70 1.01 -36.24 -8.22
N GLY H 71 0.35 -37.10 -7.45
CA GLY H 71 -0.99 -36.79 -7.00
C GLY H 71 -1.04 -35.74 -5.92
N TYR H 72 0.08 -35.49 -5.23
CA TYR H 72 0.08 -34.65 -4.05
C TYR H 72 -0.58 -33.30 -4.34
N TYR H 73 -0.15 -32.64 -5.42
CA TYR H 73 -0.72 -31.38 -5.83
C TYR H 73 -2.24 -31.40 -5.75
N SER H 74 -2.85 -32.34 -6.49
CA SER H 74 -4.31 -32.42 -6.54
C SER H 74 -4.87 -32.50 -5.12
N GLN H 75 -4.35 -33.43 -4.32
CA GLN H 75 -4.81 -33.57 -2.94
C GLN H 75 -4.77 -32.25 -2.22
N GLN H 76 -3.61 -31.59 -2.27
CA GLN H 76 -3.47 -30.30 -1.58
C GLN H 76 -4.51 -29.32 -2.09
N GLN H 77 -4.68 -29.25 -3.41
CA GLN H 77 -5.65 -28.33 -3.97
C GLN H 77 -7.04 -28.60 -3.41
N PHE H 78 -7.41 -29.89 -3.31
CA PHE H 78 -8.71 -30.23 -2.74
C PHE H 78 -8.86 -29.60 -1.37
N LEU H 79 -7.86 -29.78 -0.50
CA LEU H 79 -7.96 -29.22 0.84
C LEU H 79 -8.09 -27.70 0.79
N ARG H 80 -7.36 -27.07 -0.13
CA ARG H 80 -7.44 -25.61 -0.24
C ARG H 80 -8.84 -25.17 -0.57
N ASN H 81 -9.56 -25.93 -1.41
CA ASN H 81 -10.95 -25.60 -1.67
C ASN H 81 -11.77 -25.67 -0.39
N LEU H 82 -11.58 -26.73 0.38
CA LEU H 82 -12.28 -26.83 1.66
C LEU H 82 -11.88 -25.71 2.61
N ASP H 83 -10.75 -25.06 2.36
CA ASP H 83 -10.31 -23.95 3.19
C ASP H 83 -10.77 -22.60 2.70
N VAL H 84 -11.37 -22.51 1.51
CA VAL H 84 -11.90 -21.23 1.04
C VAL H 84 -13.41 -21.15 1.15
N ARG H 85 -14.11 -22.28 1.23
CA ARG H 85 -15.51 -22.28 1.63
C ARG H 85 -15.65 -21.93 3.11
N SER H 86 -14.72 -22.37 3.95
CA SER H 86 -14.74 -22.10 5.38
C SER H 86 -13.46 -21.38 5.78
N ASN H 87 -13.61 -20.30 6.54
CA ASN H 87 -12.52 -19.43 7.01
C ASN H 87 -11.95 -18.60 5.87
N MET H 88 -12.38 -18.87 4.64
CA MET H 88 -11.99 -18.16 3.42
C MET H 88 -10.52 -18.34 3.08
N ALA H 89 -9.73 -19.02 3.92
CA ALA H 89 -8.28 -19.12 3.77
C ALA H 89 -7.68 -17.76 3.46
N SER H 90 -6.85 -17.69 2.42
CA SER H 90 -6.29 -16.44 1.93
C SER H 90 -6.41 -16.44 0.41
N ALA H 91 -6.98 -15.37 -0.14
CA ALA H 91 -7.09 -15.25 -1.59
C ALA H 91 -5.72 -15.17 -2.24
N ASP H 92 -4.80 -14.42 -1.64
CA ASP H 92 -3.44 -14.27 -2.15
C ASP H 92 -2.51 -15.06 -1.25
N GLN H 93 -2.30 -16.33 -1.61
CA GLN H 93 -1.44 -17.22 -0.86
C GLN H 93 -0.46 -17.91 -1.80
N PRO H 94 0.70 -18.33 -1.30
CA PRO H 94 1.67 -19.02 -2.16
C PRO H 94 1.11 -20.31 -2.72
N SER H 95 1.56 -20.64 -3.93
CA SER H 95 1.05 -21.83 -4.61
C SER H 95 1.58 -23.10 -3.95
N VAL H 96 1.04 -24.24 -4.39
CA VAL H 96 1.45 -25.52 -3.83
C VAL H 96 2.93 -25.78 -4.10
N MET H 97 3.37 -25.52 -5.33
CA MET H 97 4.79 -25.70 -5.65
C MET H 97 5.67 -24.75 -4.85
N ASP H 98 5.18 -23.56 -4.54
CA ASP H 98 5.95 -22.63 -3.71
C ASP H 98 6.17 -23.20 -2.32
N GLU H 99 5.12 -23.77 -1.71
CA GLU H 99 5.28 -24.37 -0.39
C GLU H 99 6.17 -25.60 -0.44
N ALA H 100 6.03 -26.41 -1.48
CA ALA H 100 6.89 -27.58 -1.63
C ALA H 100 8.35 -27.18 -1.74
N TYR H 101 8.64 -26.15 -2.54
CA TYR H 101 10.01 -25.70 -2.68
C TYR H 101 10.53 -25.05 -1.40
N LYS H 102 9.66 -24.37 -0.66
CA LYS H 102 10.07 -23.82 0.63
C LYS H 102 10.48 -24.93 1.59
N GLU H 103 9.69 -26.00 1.64
CA GLU H 103 10.06 -27.14 2.48
C GLU H 103 11.36 -27.79 2.00
N PHE H 104 11.52 -27.90 0.68
CA PHE H 104 12.75 -28.49 0.13
C PHE H 104 13.96 -27.66 0.51
N VAL H 105 13.86 -26.33 0.41
CA VAL H 105 14.97 -25.46 0.77
C VAL H 105 15.28 -25.58 2.26
N MET H 106 14.25 -25.61 3.09
CA MET H 106 14.45 -25.78 4.53
C MET H 106 15.16 -27.09 4.84
N GLN H 107 14.81 -28.15 4.13
CA GLN H 107 15.50 -29.43 4.31
C GLN H 107 16.94 -29.36 3.80
N LEU H 108 17.15 -28.65 2.69
CA LEU H 108 18.50 -28.52 2.13
C LEU H 108 19.44 -27.82 3.10
N ALA H 109 18.99 -26.73 3.69
CA ALA H 109 19.84 -25.95 4.58
C ALA H 109 19.92 -26.51 6.00
N SER H 110 19.15 -27.55 6.31
CA SER H 110 19.08 -28.02 7.68
C SER H 110 20.35 -28.77 8.08
N TRP H 111 20.84 -28.45 9.28
CA TRP H 111 22.00 -29.16 9.82
C TRP H 111 21.69 -30.64 10.05
N ASP H 112 20.48 -30.93 10.53
CA ASP H 112 20.11 -32.30 10.80
C ASP H 112 20.09 -33.14 9.53
N THR H 113 19.61 -32.56 8.42
CA THR H 113 19.59 -33.28 7.16
C THR H 113 21.00 -33.68 6.73
N ARG H 114 21.95 -32.74 6.81
CA ARG H 114 23.32 -33.04 6.45
C ARG H 114 23.91 -34.09 7.39
N ARG H 115 23.59 -34.01 8.67
CA ARG H 115 24.11 -34.99 9.63
C ARG H 115 23.63 -36.40 9.27
N GLU H 116 22.32 -36.57 9.08
CA GLU H 116 21.80 -37.90 8.75
C GLU H 116 22.33 -38.38 7.40
N PHE H 117 22.40 -37.48 6.42
CA PHE H 117 22.91 -37.87 5.11
C PHE H 117 24.33 -38.40 5.21
N TRP H 118 25.20 -37.67 5.91
CA TRP H 118 26.57 -38.13 6.07
C TRP H 118 26.63 -39.42 6.87
N LEU H 119 25.74 -39.59 7.85
CA LEU H 119 25.73 -40.82 8.64
C LEU H 119 25.37 -42.03 7.79
N GLN H 120 24.47 -41.86 6.82
CA GLN H 120 24.00 -42.99 6.03
C GLN H 120 24.84 -43.27 4.79
N THR H 121 25.90 -42.51 4.54
CA THR H 121 26.73 -42.71 3.36
C THR H 121 27.91 -43.62 3.67
N ASP H 122 28.36 -44.35 2.66
CA ASP H 122 29.56 -45.16 2.78
C ASP H 122 30.82 -44.31 2.76
N TYR H 123 30.73 -43.09 2.21
CA TYR H 123 31.87 -42.19 2.20
C TYR H 123 32.33 -41.88 3.62
N TYR H 124 31.38 -41.62 4.53
CA TYR H 124 31.72 -41.38 5.92
C TYR H 124 32.07 -42.67 6.65
N LYS H 125 31.37 -43.77 6.34
CA LYS H 125 31.60 -45.02 7.03
C LYS H 125 33.02 -45.54 6.77
N GLN H 126 33.50 -45.43 5.54
CA GLN H 126 34.85 -45.90 5.23
C GLN H 126 35.93 -45.05 5.88
N ARG H 127 35.61 -43.81 6.25
CA ARG H 127 36.58 -42.93 6.88
C ARG H 127 36.52 -42.97 8.40
N MET H 128 35.65 -43.79 8.98
CA MET H 128 35.59 -43.93 10.43
C MET H 128 36.79 -44.74 10.92
N VAL H 129 37.34 -44.31 12.07
CA VAL H 129 38.51 -44.95 12.64
C VAL H 129 38.19 -45.75 13.88
N GLY H 130 36.94 -45.75 14.35
CA GLY H 130 36.55 -46.47 15.53
C GLY H 130 36.66 -45.69 16.82
N ASN H 131 37.25 -44.50 16.80
CA ASN H 131 37.33 -43.64 17.98
C ASN H 131 36.18 -42.66 17.97
N SER H 132 35.42 -42.62 19.06
CA SER H 132 34.19 -41.83 19.08
C SER H 132 34.47 -40.34 18.89
N LYS H 133 35.50 -39.83 19.56
CA LYS H 133 35.82 -38.41 19.42
C LYS H 133 36.27 -38.08 18.00
N ALA H 134 37.15 -38.90 17.43
CA ALA H 134 37.60 -38.66 16.07
C ALA H 134 36.46 -38.78 15.07
N ASP H 135 35.59 -39.78 15.25
CA ASP H 135 34.45 -39.94 14.36
C ASP H 135 33.51 -38.73 14.45
N ALA H 136 33.27 -38.23 15.66
CA ALA H 136 32.41 -37.07 15.82
C ALA H 136 33.04 -35.84 15.18
N ALA H 137 34.36 -35.67 15.34
CA ALA H 137 35.03 -34.53 14.71
C ALA H 137 34.95 -34.63 13.19
N LEU H 138 35.15 -35.83 12.64
CA LEU H 138 35.04 -36.01 11.19
C LEU H 138 33.64 -35.72 10.70
N LEU H 139 32.63 -36.20 11.43
CA LEU H 139 31.24 -35.93 11.04
C LEU H 139 30.94 -34.44 11.06
N ASP H 140 31.41 -33.74 12.10
CA ASP H 140 31.19 -32.30 12.17
C ASP H 140 31.91 -31.59 11.03
N GLU H 141 33.12 -32.04 10.68
CA GLU H 141 33.86 -31.43 9.58
C GLU H 141 33.15 -31.61 8.26
N MET H 142 32.60 -32.81 8.02
CA MET H 142 31.93 -33.07 6.75
C MET H 142 30.54 -32.45 6.69
N ILE H 143 29.91 -32.18 7.82
CA ILE H 143 28.63 -31.46 7.80
C ILE H 143 28.83 -30.07 7.23
N ASN H 144 29.92 -29.40 7.63
CA ASN H 144 30.22 -28.08 7.10
C ASN H 144 30.67 -28.11 5.64
N ASN H 145 30.95 -29.29 5.09
CA ASN H 145 31.35 -29.40 3.69
C ASN H 145 30.19 -29.17 2.73
N ILE H 146 28.95 -29.16 3.22
CA ILE H 146 27.78 -28.85 2.41
C ILE H 146 27.33 -27.44 2.77
N GLN H 147 27.38 -26.53 1.80
CA GLN H 147 27.04 -25.14 2.02
C GLN H 147 25.87 -24.76 1.14
N PHE H 148 24.83 -24.20 1.75
CA PHE H 148 23.65 -23.73 1.02
C PHE H 148 23.69 -22.21 0.95
N ILE H 149 23.62 -21.69 -0.27
CA ILE H 149 23.62 -20.25 -0.53
C ILE H 149 22.23 -19.87 -1.03
N PRO H 150 21.41 -19.19 -0.23
CA PRO H 150 20.08 -18.80 -0.68
C PRO H 150 20.15 -17.80 -1.82
N GLY H 151 19.18 -17.90 -2.73
CA GLY H 151 19.13 -17.01 -3.87
C GLY H 151 18.46 -15.69 -3.56
N ASP H 152 18.60 -14.76 -4.50
CA ASP H 152 17.98 -13.44 -4.42
C ASP H 152 17.26 -13.16 -5.72
N PHE H 153 15.93 -13.01 -5.63
CA PHE H 153 15.13 -12.78 -6.83
C PHE H 153 15.37 -11.39 -7.41
N THR H 154 15.80 -10.44 -6.57
CA THR H 154 16.07 -9.10 -7.07
C THR H 154 17.23 -9.11 -8.07
N ARG H 155 18.27 -9.87 -7.78
CA ARG H 155 19.41 -10.01 -8.67
C ARG H 155 19.26 -11.15 -9.66
N ALA H 156 18.08 -11.81 -9.67
CA ALA H 156 17.82 -12.94 -10.57
C ALA H 156 18.83 -14.07 -10.38
N VAL H 157 19.17 -14.34 -9.12
CA VAL H 157 20.06 -15.44 -8.76
C VAL H 157 19.27 -16.42 -7.90
N ASN H 158 19.44 -17.70 -8.18
CA ASN H 158 18.67 -18.76 -7.53
C ASN H 158 19.45 -19.40 -6.39
N ASP H 159 18.76 -20.21 -5.62
CA ASP H 159 19.40 -20.93 -4.52
C ASP H 159 20.39 -21.96 -5.06
N SER H 160 21.50 -22.11 -4.36
CA SER H 160 22.53 -23.05 -4.78
C SER H 160 23.01 -23.85 -3.59
N VAL H 161 23.57 -25.03 -3.87
CA VAL H 161 24.15 -25.88 -2.85
C VAL H 161 25.48 -26.42 -3.37
N LYS H 162 26.50 -26.37 -2.53
CA LYS H 162 27.84 -26.80 -2.88
C LYS H 162 28.30 -27.89 -1.93
N LEU H 163 28.86 -28.96 -2.49
CA LEU H 163 29.35 -30.08 -1.71
C LEU H 163 30.84 -30.28 -1.97
N ILE H 164 31.59 -30.56 -0.90
CA ILE H 164 33.03 -30.74 -0.98
C ILE H 164 33.37 -32.15 -0.54
N ALA H 165 34.12 -32.87 -1.37
CA ALA H 165 34.58 -34.21 -1.06
C ALA H 165 36.06 -34.34 -1.39
N GLU H 166 36.60 -35.55 -1.30
CA GLU H 166 38.01 -35.78 -1.57
C GLU H 166 38.30 -36.17 -3.01
N THR H 167 37.28 -36.37 -3.83
CA THR H 167 37.47 -36.76 -5.21
C THR H 167 36.33 -36.20 -6.05
N ALA H 168 36.61 -35.92 -7.33
CA ALA H 168 35.59 -35.34 -8.19
C ALA H 168 34.39 -36.25 -8.39
N PRO H 169 34.54 -37.54 -8.72
CA PRO H 169 33.35 -38.40 -8.76
C PRO H 169 32.60 -38.44 -7.45
N ASP H 170 33.32 -38.43 -6.33
CA ASP H 170 32.66 -38.36 -5.04
C ASP H 170 31.90 -37.05 -4.87
N ALA H 171 32.52 -35.93 -5.25
CA ALA H 171 31.86 -34.64 -5.11
C ALA H 171 30.60 -34.56 -5.96
N ASN H 172 30.56 -35.28 -7.09
CA ASN H 172 29.37 -35.28 -7.93
C ASN H 172 28.30 -36.21 -7.36
N ASN H 173 28.66 -37.47 -7.10
CA ASN H 173 27.70 -38.46 -6.64
C ASN H 173 27.10 -38.08 -5.30
N LEU H 174 27.93 -37.62 -4.36
CA LEU H 174 27.43 -37.26 -3.05
C LEU H 174 26.47 -36.08 -3.12
N LEU H 175 26.76 -35.09 -3.96
CA LEU H 175 25.84 -33.96 -4.10
C LEU H 175 24.51 -34.42 -4.70
N ARG H 176 24.55 -35.27 -5.72
CA ARG H 176 23.30 -35.78 -6.29
C ARG H 176 22.49 -36.54 -5.24
N GLN H 177 23.17 -37.41 -4.48
CA GLN H 177 22.49 -38.20 -3.46
C GLN H 177 21.93 -37.31 -2.35
N TYR H 178 22.66 -36.26 -1.98
CA TYR H 178 22.18 -35.37 -0.93
C TYR H 178 20.96 -34.58 -1.38
N VAL H 179 20.95 -34.12 -2.64
CA VAL H 179 19.78 -33.42 -3.14
C VAL H 179 18.58 -34.36 -3.17
N ALA H 180 18.79 -35.60 -3.60
CA ALA H 180 17.70 -36.58 -3.57
C ALA H 180 17.22 -36.84 -2.14
N PHE H 181 18.16 -36.92 -1.19
CA PHE H 181 17.83 -37.14 0.21
C PHE H 181 16.98 -36.02 0.76
N ALA H 182 17.39 -34.77 0.51
CA ALA H 182 16.63 -33.62 0.99
C ALA H 182 15.25 -33.56 0.34
N SER H 183 15.17 -33.87 -0.96
CA SER H 183 13.87 -33.89 -1.62
C SER H 183 12.95 -34.95 -1.02
N GLN H 184 13.49 -36.13 -0.73
CA GLN H 184 12.68 -37.19 -0.13
C GLN H 184 12.19 -36.80 1.25
N ARG H 185 13.06 -36.18 2.06
CA ARG H 185 12.64 -35.74 3.38
C ARG H 185 11.57 -34.67 3.28
N ALA H 186 11.71 -33.73 2.36
CA ALA H 186 10.69 -32.71 2.17
C ALA H 186 9.37 -33.30 1.73
N ALA H 187 9.41 -34.29 0.83
CA ALA H 187 8.19 -34.95 0.39
C ALA H 187 7.50 -35.67 1.55
N SER H 188 8.29 -36.36 2.39
CA SER H 188 7.70 -37.03 3.55
C SER H 188 7.06 -36.04 4.50
N HIS H 189 7.73 -34.92 4.76
CA HIS H 189 7.16 -33.91 5.65
C HIS H 189 5.88 -33.32 5.07
N LEU H 190 5.87 -33.06 3.76
CA LEU H 190 4.66 -32.53 3.13
C LEU H 190 3.52 -33.53 3.20
N ASN H 191 3.81 -34.82 3.02
CA ASN H 191 2.77 -35.83 3.15
C ASN H 191 2.22 -35.86 4.56
N ASP H 192 3.09 -35.77 5.57
CA ASP H 192 2.62 -35.75 6.95
C ASP H 192 1.73 -34.54 7.22
N GLU H 193 2.13 -33.37 6.71
CA GLU H 193 1.32 -32.16 6.89
C GLU H 193 -0.04 -32.31 6.22
N LEU H 194 -0.04 -32.88 5.01
CA LEU H 194 -1.30 -33.09 4.30
C LEU H 194 -2.22 -34.04 5.07
N LYS H 195 -1.65 -35.12 5.61
CA LYS H 195 -2.44 -36.06 6.38
C LYS H 195 -3.03 -35.40 7.62
N GLY H 196 -2.23 -34.59 8.32
CA GLY H 196 -2.75 -33.91 9.50
C GLY H 196 -3.87 -32.93 9.17
N ALA H 197 -3.69 -32.13 8.11
CA ALA H 197 -4.72 -31.20 7.70
C ALA H 197 -5.99 -31.93 7.27
N TRP H 198 -5.82 -33.07 6.57
CA TRP H 198 -6.97 -33.87 6.16
C TRP H 198 -7.74 -34.39 7.36
N ALA H 199 -7.02 -34.87 8.38
CA ALA H 199 -7.69 -35.35 9.59
C ALA H 199 -8.45 -34.22 10.29
N ALA H 200 -7.84 -33.04 10.37
CA ALA H 200 -8.53 -31.91 10.98
C ALA H 200 -9.79 -31.56 10.20
N ARG H 201 -9.69 -31.54 8.86
CA ARG H 201 -10.85 -31.21 8.04
C ARG H 201 -11.97 -32.22 8.20
N THR H 202 -11.63 -33.52 8.23
CA THR H 202 -12.69 -34.52 8.37
C THR H 202 -13.33 -34.48 9.74
N ILE H 203 -12.54 -34.17 10.79
CA ILE H 203 -13.14 -34.02 12.12
C ILE H 203 -14.11 -32.85 12.13
N GLN H 204 -13.71 -31.72 11.54
CA GLN H 204 -14.57 -30.55 11.51
C GLN H 204 -15.84 -30.83 10.72
N MET H 205 -15.72 -31.51 9.58
CA MET H 205 -16.89 -31.80 8.76
C MET H 205 -17.84 -32.76 9.48
N LYS H 206 -17.30 -33.75 10.19
CA LYS H 206 -18.14 -34.65 10.96
C LYS H 206 -18.91 -33.89 12.02
N ALA H 207 -18.24 -32.97 12.73
CA ALA H 207 -18.93 -32.17 13.73
C ALA H 207 -20.03 -31.32 13.12
N GLN H 208 -19.75 -30.71 11.95
CA GLN H 208 -20.74 -29.87 11.29
C GLN H 208 -21.96 -30.68 10.86
N VAL H 209 -21.73 -31.88 10.33
CA VAL H 209 -22.84 -32.74 9.91
C VAL H 209 -23.68 -33.15 11.13
N LYS H 210 -23.02 -33.47 12.24
CA LYS H 210 -23.74 -33.81 13.46
C LYS H 210 -24.62 -32.65 13.92
N ARG H 211 -24.07 -31.42 13.88
CA ARG H 211 -24.85 -30.26 14.28
C ARG H 211 -26.05 -30.05 13.36
N GLN H 212 -25.86 -30.24 12.06
CA GLN H 212 -26.97 -30.09 11.12
C GLN H 212 -28.07 -31.11 11.40
N GLU H 213 -27.68 -32.35 11.66
CA GLU H 213 -28.65 -33.38 12.00
C GLU H 213 -29.42 -33.02 13.27
N GLU H 214 -28.71 -32.52 14.28
CA GLU H 214 -29.37 -32.13 15.53
C GLU H 214 -30.37 -31.00 15.30
N VAL H 215 -29.99 -30.00 14.50
CA VAL H 215 -30.90 -28.88 14.22
C VAL H 215 -32.14 -29.38 13.49
N ALA H 216 -31.95 -30.24 12.48
CA ALA H 216 -33.09 -30.77 11.74
C ALA H 216 -34.02 -31.56 12.65
N LYS H 217 -33.44 -32.38 13.55
CA LYS H 217 -34.28 -33.14 14.46
C LYS H 217 -35.05 -32.23 15.41
N ALA H 218 -34.42 -31.16 15.88
CA ALA H 218 -35.11 -30.22 16.75
C ALA H 218 -36.29 -29.57 16.05
N ILE H 219 -36.08 -29.14 14.80
CA ILE H 219 -37.17 -28.53 14.04
C ILE H 219 -38.29 -29.54 13.81
N TYR H 220 -37.93 -30.78 13.47
CA TYR H 220 -38.93 -31.81 13.24
C TYR H 220 -39.74 -32.09 14.50
N ASP H 221 -39.09 -32.16 15.65
CA ASP H 221 -39.80 -32.38 16.90
C ASP H 221 -40.73 -31.23 17.24
N ARG H 222 -40.27 -29.99 17.01
CA ARG H 222 -41.15 -28.85 17.25
C ARG H 222 -42.38 -28.90 16.36
N ARG H 223 -42.21 -29.25 15.09
CA ARG H 223 -43.37 -29.35 14.19
C ARG H 223 -44.29 -30.49 14.60
N MET H 224 -43.72 -31.62 15.04
CA MET H 224 -44.52 -32.71 15.60
C MET H 224 -45.40 -32.22 16.73
N ASN H 225 -44.80 -31.53 17.70
CA ASN H 225 -45.56 -31.05 18.86
C ASN H 225 -46.64 -30.07 18.43
N SER H 226 -46.32 -29.15 17.51
CA SER H 226 -47.30 -28.18 17.06
C SER H 226 -48.48 -28.87 16.37
N ILE H 227 -48.19 -29.86 15.53
CA ILE H 227 -49.26 -30.58 14.84
C ILE H 227 -50.13 -31.31 15.85
N GLU H 228 -49.52 -31.97 16.84
CA GLU H 228 -50.30 -32.69 17.83
C GLU H 228 -51.21 -31.76 18.63
N GLN H 229 -50.67 -30.61 19.06
CA GLN H 229 -51.48 -29.67 19.81
C GLN H 229 -52.61 -29.10 18.96
N ALA H 230 -52.32 -28.79 17.70
CA ALA H 230 -53.36 -28.28 16.81
C ALA H 230 -54.45 -29.32 16.61
N LEU H 231 -54.07 -30.59 16.45
CA LEU H 231 -55.06 -31.65 16.29
C LEU H 231 -55.93 -31.78 17.54
N LYS H 232 -55.32 -31.73 18.72
CA LYS H 232 -56.08 -31.82 19.95
C LYS H 232 -57.06 -30.65 20.08
N ILE H 233 -56.60 -29.43 19.76
CA ILE H 233 -57.46 -28.26 19.86
C ILE H 233 -58.61 -28.36 18.86
N ALA H 234 -58.32 -28.82 17.64
CA ALA H 234 -59.37 -28.96 16.64
C ALA H 234 -60.40 -29.99 17.06
N GLU H 235 -59.95 -31.11 17.64
CA GLU H 235 -60.90 -32.11 18.12
C GLU H 235 -61.69 -31.60 19.32
N GLN H 236 -61.12 -30.66 20.09
CA GLN H 236 -61.84 -30.10 21.22
C GLN H 236 -62.95 -29.16 20.75
N HIS H 237 -62.70 -28.40 19.69
CA HIS H 237 -63.67 -27.44 19.16
C HIS H 237 -64.45 -27.98 17.97
N ASN H 238 -64.36 -29.29 17.72
CA ASN H 238 -65.10 -29.95 16.65
C ASN H 238 -64.92 -29.26 15.29
N ILE H 239 -63.72 -28.77 15.01
CA ILE H 239 -63.41 -28.16 13.72
C ILE H 239 -63.07 -29.32 12.78
N SER H 240 -64.10 -29.86 12.13
CA SER H 240 -63.93 -30.96 11.19
C SER H 240 -64.27 -30.56 9.76
N ARG H 241 -64.32 -29.25 9.49
CA ARG H 241 -64.66 -28.77 8.15
C ARG H 241 -63.59 -29.09 7.12
N SER H 242 -62.40 -29.53 7.55
CA SER H 242 -61.27 -29.93 6.72
C SER H 242 -60.70 -28.78 5.91
N ALA H 243 -61.21 -27.55 6.06
CA ALA H 243 -60.71 -26.42 5.31
C ALA H 243 -61.19 -25.14 5.97
N THR H 244 -60.24 -24.26 6.31
CA THR H 244 -60.55 -22.94 6.82
C THR H 244 -59.73 -21.83 6.16
N ASP H 245 -58.59 -22.15 5.56
CA ASP H 245 -57.75 -21.17 4.88
C ASP H 245 -57.33 -21.72 3.52
N VAL H 246 -57.13 -20.81 2.57
CA VAL H 246 -56.71 -21.17 1.22
C VAL H 246 -55.25 -21.61 1.14
N PRO H 247 -54.30 -21.08 1.93
CA PRO H 247 -52.91 -21.52 1.77
C PRO H 247 -52.72 -22.99 2.12
N ALA H 248 -51.58 -23.53 1.70
CA ALA H 248 -51.26 -24.94 1.88
C ALA H 248 -50.78 -25.20 3.30
N GLU H 249 -50.20 -26.37 3.52
CA GLU H 249 -49.75 -26.77 4.86
C GLU H 249 -48.63 -25.89 5.39
N GLU H 250 -48.02 -25.07 4.55
CA GLU H 250 -46.89 -24.24 4.98
C GLU H 250 -47.36 -23.05 5.81
N LEU H 251 -48.14 -23.32 6.84
CA LEU H 251 -48.67 -22.38 7.82
C LEU H 251 -47.75 -22.32 9.03
N PRO H 252 -47.73 -21.19 9.75
CA PRO H 252 -46.98 -21.15 11.00
C PRO H 252 -47.58 -22.09 12.04
N ASP H 253 -46.72 -22.56 12.94
CA ASP H 253 -47.15 -23.55 13.93
C ASP H 253 -48.30 -23.04 14.78
N SER H 254 -48.39 -21.72 14.99
CA SER H 254 -49.49 -21.16 15.77
C SER H 254 -50.79 -21.08 14.97
N GLU H 255 -50.73 -21.17 13.65
CA GLU H 255 -51.91 -21.08 12.79
C GLU H 255 -52.31 -22.41 12.21
N MET H 256 -51.73 -23.52 12.69
CA MET H 256 -52.05 -24.83 12.14
C MET H 256 -53.44 -25.31 12.53
N PHE H 257 -54.10 -24.63 13.46
CA PHE H 257 -55.44 -25.03 13.87
C PHE H 257 -56.48 -24.79 12.78
N LEU H 258 -56.17 -23.98 11.77
CA LEU H 258 -57.15 -23.70 10.71
C LEU H 258 -57.19 -24.83 9.70
N LEU H 259 -57.31 -26.06 10.20
CA LEU H 259 -57.44 -27.25 9.38
C LEU H 259 -58.29 -28.25 10.15
N GLY H 260 -59.09 -29.02 9.42
CA GLY H 260 -59.96 -29.98 10.06
C GLY H 260 -59.18 -31.15 10.64
N ARG H 261 -59.90 -31.94 11.44
CA ARG H 261 -59.32 -33.18 11.96
C ARG H 261 -58.79 -34.09 10.86
N PRO H 262 -59.52 -34.35 9.76
CA PRO H 262 -58.93 -35.19 8.71
C PRO H 262 -57.69 -34.59 8.08
N MET H 263 -57.70 -33.30 7.77
CA MET H 263 -56.52 -32.67 7.17
C MET H 263 -55.34 -32.65 8.13
N LEU H 264 -55.59 -32.35 9.41
CA LEU H 264 -54.51 -32.36 10.39
C LEU H 264 -53.94 -33.75 10.57
N GLN H 265 -54.80 -34.77 10.61
CA GLN H 265 -54.31 -36.15 10.73
C GLN H 265 -53.51 -36.55 9.49
N ALA H 266 -53.96 -36.15 8.30
CA ALA H 266 -53.23 -36.45 7.08
C ALA H 266 -51.86 -35.78 7.08
N GLU H 267 -51.80 -34.52 7.54
CA GLU H 267 -50.52 -33.83 7.63
C GLU H 267 -49.61 -34.50 8.65
N LEU H 268 -50.17 -34.94 9.78
CA LEU H 268 -49.38 -35.65 10.78
C LEU H 268 -48.78 -36.92 10.20
N GLU H 269 -49.59 -37.70 9.49
CA GLU H 269 -49.09 -38.93 8.89
C GLU H 269 -48.05 -38.66 7.82
N ASN H 270 -48.28 -37.64 6.99
CA ASN H 270 -47.32 -37.28 5.95
C ASN H 270 -45.99 -36.87 6.55
N LEU H 271 -46.02 -36.07 7.61
CA LEU H 271 -44.77 -35.61 8.21
C LEU H 271 -44.07 -36.71 8.99
N GLN H 272 -44.85 -37.65 9.55
CA GLN H 272 -44.22 -38.83 10.15
C GLN H 272 -43.52 -39.66 9.10
N ALA H 273 -44.13 -39.80 7.91
CA ALA H 273 -43.49 -40.55 6.83
C ALA H 273 -42.24 -39.84 6.32
N VAL H 274 -42.31 -38.51 6.14
CA VAL H 274 -41.20 -37.77 5.56
C VAL H 274 -40.01 -37.77 6.51
N GLY H 275 -40.25 -37.50 7.79
CA GLY H 275 -39.18 -37.39 8.76
C GLY H 275 -38.55 -36.02 8.74
N PRO H 276 -37.39 -35.88 9.41
CA PRO H 276 -36.71 -34.57 9.42
C PRO H 276 -36.32 -34.13 8.02
N ALA H 277 -36.41 -32.84 7.78
CA ALA H 277 -36.13 -32.26 6.47
C ALA H 277 -34.73 -31.68 6.45
N PHE H 278 -33.96 -32.05 5.44
CA PHE H 278 -32.59 -31.59 5.26
C PHE H 278 -32.49 -30.76 3.99
N ASP H 279 -31.70 -29.69 4.05
CA ASP H 279 -31.49 -28.85 2.89
C ASP H 279 -30.39 -29.44 2.01
N LEU H 280 -30.11 -28.75 0.89
CA LEU H 280 -29.06 -29.20 -0.01
C LEU H 280 -27.69 -29.14 0.64
N ASP H 281 -27.49 -28.19 1.56
CA ASP H 281 -26.20 -28.06 2.24
C ASP H 281 -25.85 -29.33 3.01
N TYR H 282 -26.85 -29.94 3.66
CA TYR H 282 -26.59 -31.16 4.41
C TYR H 282 -26.13 -32.29 3.50
N ASP H 283 -26.78 -32.46 2.35
CA ASP H 283 -26.40 -33.52 1.43
C ASP H 283 -25.02 -33.27 0.82
N GLN H 284 -24.73 -32.02 0.48
CA GLN H 284 -23.39 -31.69 -0.03
C GLN H 284 -22.33 -31.96 1.03
N ASN H 285 -22.61 -31.61 2.28
CA ASN H 285 -21.68 -31.89 3.37
C ASN H 285 -21.49 -33.39 3.55
N ARG H 286 -22.57 -34.17 3.42
CA ARG H 286 -22.45 -35.62 3.53
C ARG H 286 -21.58 -36.19 2.43
N ALA H 287 -21.75 -35.70 1.20
CA ALA H 287 -20.91 -36.18 0.10
C ALA H 287 -19.44 -35.82 0.31
N MET H 288 -19.18 -34.58 0.73
CA MET H 288 -17.81 -34.18 1.01
C MET H 288 -17.23 -34.96 2.17
N LEU H 289 -18.05 -35.31 3.16
CA LEU H 289 -17.57 -36.10 4.28
C LEU H 289 -17.24 -37.52 3.85
N ASN H 290 -18.01 -38.08 2.92
CA ASN H 290 -17.65 -39.38 2.37
C ASN H 290 -16.32 -39.31 1.63
N THR H 291 -16.14 -38.25 0.83
CA THR H 291 -14.87 -38.08 0.14
C THR H 291 -13.71 -37.96 1.12
N LEU H 292 -13.89 -37.20 2.19
CA LEU H 292 -12.85 -37.07 3.20
C LEU H 292 -12.58 -38.39 3.91
N ASN H 293 -13.64 -39.14 4.22
CA ASN H 293 -13.49 -40.43 4.88
C ASN H 293 -12.80 -41.45 4.00
N VAL H 294 -12.84 -41.27 2.69
CA VAL H 294 -12.05 -42.13 1.80
C VAL H 294 -10.57 -42.06 2.17
N GLY H 295 -10.08 -40.85 2.46
CA GLY H 295 -8.73 -40.66 2.91
C GLY H 295 -7.80 -40.18 1.81
N PRO H 296 -6.75 -39.47 2.17
CA PRO H 296 -5.79 -38.99 1.18
C PRO H 296 -4.88 -40.10 0.71
N THR H 297 -4.52 -40.05 -0.57
CA THR H 297 -3.56 -40.99 -1.14
C THR H 297 -2.17 -40.37 -1.05
N LEU H 298 -1.35 -40.88 -0.15
CA LEU H 298 -0.04 -40.31 0.13
C LEU H 298 0.97 -40.89 -0.84
N ASP H 299 1.40 -40.08 -1.81
CA ASP H 299 2.42 -40.48 -2.76
C ASP H 299 3.80 -40.16 -2.19
N PRO H 300 4.65 -41.15 -1.92
CA PRO H 300 5.99 -40.87 -1.37
C PRO H 300 7.09 -40.74 -2.42
N ARG H 301 6.76 -40.72 -3.71
CA ARG H 301 7.75 -40.73 -4.78
C ARG H 301 7.61 -39.51 -5.67
N PHE H 302 7.43 -38.33 -5.08
CA PHE H 302 7.40 -37.08 -5.83
C PHE H 302 8.51 -36.16 -5.33
N GLN H 303 9.09 -35.40 -6.25
CA GLN H 303 10.20 -34.52 -5.93
C GLN H 303 9.72 -33.09 -5.82
N THR H 304 10.44 -32.30 -5.02
CA THR H 304 10.01 -30.96 -4.65
C THR H 304 10.97 -29.89 -5.18
N TYR H 305 11.62 -30.16 -6.31
CA TYR H 305 12.60 -29.24 -6.87
C TYR H 305 12.75 -29.54 -8.36
N ARG H 306 13.36 -28.60 -9.07
CA ARG H 306 13.81 -28.82 -10.43
C ARG H 306 15.25 -28.35 -10.56
N TYR H 307 16.00 -29.03 -11.42
CA TYR H 307 17.43 -28.78 -11.57
C TYR H 307 17.66 -27.69 -12.60
N LEU H 308 18.02 -26.49 -12.13
CA LEU H 308 18.53 -25.47 -13.04
C LEU H 308 19.98 -25.75 -13.42
N ARG H 309 20.75 -26.31 -12.50
CA ARG H 309 22.12 -26.75 -12.77
C ARG H 309 22.34 -28.05 -12.02
N THR H 310 22.45 -29.15 -12.77
CA THR H 310 22.69 -30.46 -12.17
C THR H 310 24.14 -30.57 -11.74
N PRO H 311 24.44 -31.25 -10.63
CA PRO H 311 25.83 -31.46 -10.24
C PRO H 311 26.61 -32.21 -11.32
N GLU H 312 27.87 -31.82 -11.49
CA GLU H 312 28.76 -32.46 -12.45
C GLU H 312 30.15 -32.59 -11.82
N GLU H 313 30.94 -33.47 -12.39
CA GLU H 313 32.29 -33.68 -11.89
C GLU H 313 33.13 -32.43 -12.08
N PRO H 314 33.77 -31.91 -11.03
CA PRO H 314 34.62 -30.73 -11.20
C PRO H 314 35.84 -31.05 -12.04
N VAL H 315 36.35 -30.01 -12.71
CA VAL H 315 37.48 -30.15 -13.62
C VAL H 315 38.77 -29.79 -12.90
N LYS H 316 38.69 -28.91 -11.91
CA LYS H 316 39.87 -28.43 -11.21
C LYS H 316 39.66 -28.51 -9.70
N ARG H 317 40.77 -28.68 -8.99
CA ARG H 317 40.74 -28.76 -7.54
C ARG H 317 40.40 -27.40 -6.92
N ASP H 318 39.67 -27.43 -5.81
CA ASP H 318 39.44 -26.20 -5.05
C ASP H 318 40.67 -25.77 -4.28
N SER H 319 41.35 -26.71 -3.64
CA SER H 319 42.53 -26.43 -2.82
C SER H 319 43.27 -27.73 -2.50
N PRO H 320 44.60 -27.74 -2.55
CA PRO H 320 45.53 -26.63 -2.82
C PRO H 320 45.60 -26.27 -4.29
N ARG H 321 45.76 -24.99 -4.61
CA ARG H 321 45.87 -24.58 -6.00
C ARG H 321 47.22 -24.93 -6.60
N ARG H 322 48.27 -24.97 -5.77
CA ARG H 322 49.65 -25.27 -6.14
C ARG H 322 50.21 -24.30 -7.17
N ALA H 323 49.47 -23.24 -7.50
CA ALA H 323 49.96 -22.17 -8.35
C ALA H 323 49.99 -20.83 -7.63
N PHE H 324 48.88 -20.42 -7.02
CA PHE H 324 48.88 -19.20 -6.22
C PHE H 324 49.78 -19.33 -5.00
N LEU H 325 49.78 -20.51 -4.37
CA LEU H 325 50.67 -20.74 -3.24
C LEU H 325 52.13 -20.59 -3.66
N MET H 326 52.49 -21.19 -4.80
CA MET H 326 53.85 -21.03 -5.32
C MET H 326 54.17 -19.56 -5.52
N ILE H 327 53.26 -18.82 -6.15
CA ILE H 327 53.52 -17.42 -6.50
C ILE H 327 53.77 -16.60 -5.24
N MET H 328 52.83 -16.67 -4.30
CA MET H 328 52.93 -15.82 -3.10
C MET H 328 54.10 -16.27 -2.21
N TRP H 329 54.31 -17.57 -2.01
CA TRP H 329 55.49 -18.03 -1.29
C TRP H 329 56.76 -17.50 -1.94
N GLY H 330 56.81 -17.52 -3.28
CA GLY H 330 57.99 -17.03 -3.96
C GLY H 330 58.21 -15.54 -3.77
N ILE H 331 57.13 -14.75 -3.82
CA ILE H 331 57.30 -13.31 -3.63
C ILE H 331 57.69 -13.01 -2.19
N VAL H 332 57.14 -13.74 -1.22
CA VAL H 332 57.53 -13.54 0.17
C VAL H 332 59.02 -13.87 0.35
N GLY H 333 59.45 -15.02 -0.18
CA GLY H 333 60.85 -15.38 -0.08
C GLY H 333 61.75 -14.40 -0.79
N GLY H 334 61.30 -13.87 -1.93
CA GLY H 334 62.10 -12.89 -2.65
C GLY H 334 62.27 -11.59 -1.89
N LEU H 335 61.18 -11.10 -1.28
CA LEU H 335 61.30 -9.86 -0.50
C LEU H 335 62.19 -10.07 0.73
N ILE H 336 62.05 -11.22 1.40
CA ILE H 336 62.89 -11.46 2.57
C ILE H 336 64.35 -11.62 2.16
N GLY H 337 64.61 -12.27 1.02
CA GLY H 337 65.98 -12.40 0.54
C GLY H 337 66.57 -11.07 0.13
N ALA H 338 65.76 -10.21 -0.48
CA ALA H 338 66.23 -8.86 -0.82
C ALA H 338 66.60 -8.09 0.44
N GLY H 339 65.77 -8.19 1.48
CA GLY H 339 66.11 -7.54 2.74
C GLY H 339 67.39 -8.10 3.35
N VAL H 340 67.55 -9.42 3.29
CA VAL H 340 68.76 -10.05 3.82
C VAL H 340 70.00 -9.59 3.06
N ALA H 341 69.90 -9.52 1.74
CA ALA H 341 71.03 -9.07 0.92
C ALA H 341 71.35 -7.61 1.21
N LEU H 342 70.32 -6.77 1.38
CA LEU H 342 70.55 -5.37 1.72
C LEU H 342 71.26 -5.24 3.06
N THR H 343 70.82 -6.02 4.06
CA THR H 343 71.48 -5.98 5.37
C THR H 343 72.92 -6.46 5.27
N ARG H 344 73.15 -7.52 4.50
CA ARG H 344 74.51 -8.05 4.33
C ARG H 344 75.43 -7.03 3.67
N ARG H 345 74.94 -6.35 2.63
CA ARG H 345 75.77 -5.35 1.96
C ARG H 345 76.00 -4.14 2.85
N CYS H 346 75.00 -3.76 3.64
CA CYS H 346 75.19 -2.65 4.58
C CYS H 346 76.22 -2.99 5.64
N SER H 347 76.19 -4.24 6.14
CA SER H 347 77.16 -4.66 7.15
C SER H 347 78.58 -4.73 6.60
N LYS H 348 78.74 -4.90 5.29
CA LYS H 348 80.06 -4.97 4.68
C LYS H 348 80.74 -3.61 4.69
#